data_9KHK
#
_entry.id   9KHK
#
_cell.length_a   1.00
_cell.length_b   1.00
_cell.length_c   1.00
_cell.angle_alpha   90.00
_cell.angle_beta   90.00
_cell.angle_gamma   90.00
#
_symmetry.space_group_name_H-M   'P 1'
#
loop_
_entity.id
_entity.type
_entity.pdbx_description
1 polymer 'Short transient receptor potential channel 5'
2 non-polymer PHOSPHATIDYLETHANOLAMINE
3 non-polymer '(2S)-3-(hexadecanoyloxy)-2-[(9Z)-octadec-9-enoyloxy]propyl 2-(trimethylammonio)ethyl phosphate'
4 non-polymer 'CHOLESTEROL HEMISUCCINATE'
5 non-polymer 'ZINC ION'
6 non-polymer 'CALCIUM ION'
7 non-polymer '(2S)-2-(hexadecanoyloxy)-3-hydroxypropyl (9Z)-octadec-9-enoate'
#
_entity_poly.entity_id   1
_entity_poly.type   'polypeptide(L)'
_entity_poly.pdbx_seq_one_letter_code
;MAQLYYKKVNYSPYRDRIPLQIVRAETELSAEEKAFLNAVEKGDYATVKQALQEAEIYYNVNINCMDPLGRSALLIAIEN
ENLEIMELLLNHSVYVGDALLYAIRKEVVGAVELLLSYRRPSGEKQVPTLMMDTQFSEFTPDITPIMLAAHTNNYEIIKL
LVQKRVTIPRPHQIRCNCVECVSSSEVDSLRHSRSRLNIYKALASPSLIALSSEDPILTAFRLGWELKELSKVENEFKAE
YEELSQQCKLFAKDLLDQARSSRELEIILNHRDDHSEELDPQKYHDLAKLKVAIKYHQKEFVAQPNCQQLLATLWYDGFP
GWRRKHWVVKLLTCMTIGFLFPMLSIAYLISPRSNLGLFIKKPFIKFICHTASYLTFLFMLLLASQHIVRTDLHVQGPPP
TVVEWMILPWVLGFIWGEIKEMWDGGFTEYIHDWWNLMDFAMNSLYLATISLKIVAYVKYNGSRPREEWEMWHPTLIAEA
LFAISNILSSLRLISLFTANSHLGPLQISLGRMLLDILKFLFIYCLVLLAFANGLNQLYFYYETRAIDEPNNCKGIRCEK
QNNAFSTLFETLQSLFWSVFGLLNLYVTNVKARHEFTEFVGATMFGTYNVISLVVLLNMLIAMMNNSYQLIADHADIEWK
FARTKLWMSYFDEGGTLPPPFNIIPSPKSFLYLGNWFNNTFCPKRDPDGRRRRRNLRSFTERNADSLIQNQHYQEVIRNL
VKRYVAAMIRNSKTHEGLTEENFKELKQDISSFRYEVLDLLGNRKSRLEVLFQ
;
_entity_poly.pdbx_strand_id   A,B,D,C
#
loop_
_chem_comp.id
_chem_comp.type
_chem_comp.name
_chem_comp.formula
CA non-polymer 'CALCIUM ION' 'Ca 2'
POV non-polymer '(2S)-3-(hexadecanoyloxy)-2-[(9Z)-octadec-9-enoyloxy]propyl 2-(trimethylammonio)ethyl phosphate' 'C42 H82 N O8 P'
PTY non-polymer PHOSPHATIDYLETHANOLAMINE 'C40 H80 N O8 P'
Y01 non-polymer 'CHOLESTEROL HEMISUCCINATE' 'C31 H50 O4'
YZY non-polymer '(2S)-2-(hexadecanoyloxy)-3-hydroxypropyl (9Z)-octadec-9-enoate' 'C37 H70 O5'
ZN non-polymer 'ZINC ION' 'Zn 2'
#
# COMPACT_ATOMS: atom_id res chain seq x y z
N ARG A 17 -6.06 27.49 -40.86
CA ARG A 17 -5.04 26.63 -41.44
C ARG A 17 -3.69 27.07 -40.84
N ILE A 18 -3.03 26.16 -40.14
CA ILE A 18 -1.83 26.45 -39.36
C ILE A 18 -0.62 26.38 -40.29
N PRO A 19 0.01 27.49 -40.62
CA PRO A 19 1.19 27.44 -41.51
C PRO A 19 2.41 26.87 -40.80
N LEU A 20 2.68 25.58 -41.02
CA LEU A 20 3.84 24.94 -40.42
C LEU A 20 5.08 25.24 -41.25
N GLN A 21 6.10 25.79 -40.61
CA GLN A 21 7.34 26.15 -41.27
C GLN A 21 8.48 25.97 -40.27
N ILE A 22 9.65 26.52 -40.60
CA ILE A 22 10.82 26.48 -39.74
C ILE A 22 11.00 27.86 -39.13
N VAL A 23 11.08 27.92 -37.81
CA VAL A 23 11.30 29.19 -37.12
C VAL A 23 12.79 29.45 -36.90
N ARG A 24 13.53 28.44 -36.47
CA ARG A 24 14.98 28.53 -36.30
C ARG A 24 15.64 27.70 -37.38
N ALA A 25 16.28 28.37 -38.33
CA ALA A 25 16.85 27.72 -39.50
C ALA A 25 18.36 27.56 -39.33
N GLU A 26 18.86 26.36 -39.62
CA GLU A 26 20.28 26.05 -39.54
C GLU A 26 20.92 26.28 -40.91
N THR A 27 22.16 25.84 -41.06
CA THR A 27 22.87 26.01 -42.32
C THR A 27 22.50 24.90 -43.31
N GLU A 28 22.78 25.16 -44.58
CA GLU A 28 22.48 24.20 -45.64
C GLU A 28 23.56 23.11 -45.68
N LEU A 29 23.29 22.08 -46.47
CA LEU A 29 24.16 20.91 -46.56
C LEU A 29 24.02 20.33 -47.96
N SER A 30 24.39 19.05 -48.10
CA SER A 30 24.29 18.25 -49.34
C SER A 30 25.36 18.61 -50.36
N ALA A 31 26.50 19.13 -49.93
CA ALA A 31 27.65 19.33 -50.79
C ALA A 31 28.56 18.11 -50.70
N GLU A 32 29.80 18.23 -51.19
CA GLU A 32 30.79 17.18 -50.97
C GLU A 32 31.09 17.01 -49.48
N GLU A 33 31.01 18.10 -48.72
CA GLU A 33 31.21 18.03 -47.28
C GLU A 33 30.13 17.20 -46.59
N LYS A 34 28.92 17.13 -47.15
CA LYS A 34 27.91 16.22 -46.63
C LYS A 34 28.03 14.83 -47.26
N ALA A 35 28.53 14.77 -48.49
CA ALA A 35 28.75 13.48 -49.14
C ALA A 35 29.72 12.63 -48.32
N PHE A 36 30.80 13.24 -47.85
CA PHE A 36 31.78 12.44 -47.12
C PHE A 36 31.34 12.16 -45.68
N LEU A 37 30.50 13.02 -45.08
CA LEU A 37 29.84 12.63 -43.84
C LEU A 37 28.96 11.40 -44.03
N ASN A 38 28.11 11.38 -45.04
CA ASN A 38 27.28 10.19 -45.21
C ASN A 38 28.10 8.98 -45.63
N ALA A 39 29.23 9.19 -46.30
CA ALA A 39 30.15 8.07 -46.57
C ALA A 39 30.69 7.49 -45.25
N VAL A 40 31.12 8.36 -44.34
CA VAL A 40 31.59 7.90 -43.03
C VAL A 40 30.46 7.20 -42.28
N GLU A 41 29.23 7.71 -42.42
CA GLU A 41 28.07 7.06 -41.80
C GLU A 41 27.88 5.66 -42.35
N LYS A 42 28.04 5.49 -43.67
CA LYS A 42 28.01 4.15 -44.25
C LYS A 42 29.11 3.27 -43.66
N GLY A 43 30.31 3.82 -43.52
CA GLY A 43 31.38 3.15 -42.83
C GLY A 43 32.24 2.23 -43.68
N ASP A 44 31.96 2.10 -44.96
CA ASP A 44 32.80 1.30 -45.84
C ASP A 44 34.20 1.91 -45.93
N TYR A 45 35.20 1.14 -45.50
CA TYR A 45 36.54 1.70 -45.33
C TYR A 45 37.14 2.19 -46.64
N ALA A 46 37.03 1.38 -47.70
CA ALA A 46 37.65 1.76 -48.98
C ALA A 46 36.99 3.01 -49.54
N THR A 47 35.66 3.07 -49.54
CA THR A 47 34.96 4.23 -50.07
C THR A 47 35.25 5.47 -49.24
N VAL A 48 35.26 5.35 -47.92
CA VAL A 48 35.55 6.49 -47.06
C VAL A 48 36.97 7.00 -47.32
N LYS A 49 37.93 6.08 -47.42
CA LYS A 49 39.33 6.48 -47.64
C LYS A 49 39.49 7.18 -48.98
N GLN A 50 38.90 6.61 -50.04
CA GLN A 50 39.05 7.21 -51.36
C GLN A 50 38.36 8.56 -51.44
N ALA A 51 37.17 8.69 -50.85
CA ALA A 51 36.48 9.98 -50.85
C ALA A 51 37.26 11.02 -50.06
N LEU A 52 37.79 10.63 -48.90
CA LEU A 52 38.55 11.57 -48.08
C LEU A 52 39.83 12.02 -48.77
N GLN A 53 40.56 11.10 -49.41
CA GLN A 53 41.79 11.49 -50.09
C GLN A 53 41.48 12.34 -51.31
N GLU A 54 40.40 12.04 -52.04
CA GLU A 54 40.01 12.88 -53.17
C GLU A 54 39.65 14.28 -52.71
N ALA A 55 38.90 14.39 -51.61
CA ALA A 55 38.53 15.71 -51.10
C ALA A 55 39.75 16.46 -50.61
N GLU A 56 40.70 15.77 -49.97
CA GLU A 56 41.91 16.42 -49.50
C GLU A 56 42.76 16.93 -50.66
N ILE A 57 42.85 16.15 -51.75
CA ILE A 57 43.58 16.60 -52.93
C ILE A 57 42.86 17.79 -53.57
N TYR A 58 41.54 17.75 -53.61
CA TYR A 58 40.78 18.85 -54.21
C TYR A 58 40.89 20.13 -53.39
N TYR A 59 41.02 20.01 -52.07
CA TYR A 59 41.19 21.15 -51.17
C TYR A 59 40.01 22.12 -51.27
N ASN A 60 38.80 21.58 -51.15
CA ASN A 60 37.59 22.40 -51.21
C ASN A 60 36.52 21.97 -50.21
N VAL A 61 36.87 21.14 -49.23
CA VAL A 61 35.92 20.65 -48.23
C VAL A 61 36.45 20.99 -46.85
N ASN A 62 35.57 20.86 -45.86
CA ASN A 62 35.89 21.07 -44.45
C ASN A 62 35.54 19.81 -43.65
N ILE A 63 35.72 19.90 -42.34
CA ILE A 63 35.42 18.78 -41.44
C ILE A 63 34.57 19.27 -40.28
N ASN A 64 34.04 20.49 -40.39
CA ASN A 64 33.25 21.11 -39.33
C ASN A 64 31.75 20.94 -39.53
N CYS A 65 31.33 20.22 -40.56
CA CYS A 65 29.91 20.07 -40.84
C CYS A 65 29.22 19.24 -39.76
N MET A 66 27.92 19.51 -39.57
CA MET A 66 27.13 18.88 -38.52
C MET A 66 25.84 18.35 -39.13
N ASP A 67 25.45 17.14 -38.73
CA ASP A 67 24.23 16.55 -39.23
C ASP A 67 23.01 17.15 -38.54
N PRO A 68 21.82 17.01 -39.12
CA PRO A 68 20.62 17.55 -38.46
C PRO A 68 20.33 16.95 -37.10
N LEU A 69 20.79 15.74 -36.82
CA LEU A 69 20.51 15.08 -35.54
C LEU A 69 21.53 15.45 -34.46
N GLY A 70 22.57 16.20 -34.79
CA GLY A 70 23.56 16.61 -33.81
C GLY A 70 24.76 15.71 -33.68
N ARG A 71 25.13 14.99 -34.74
CA ARG A 71 26.29 14.11 -34.74
C ARG A 71 27.21 14.44 -35.91
N SER A 72 28.49 14.20 -35.71
CA SER A 72 29.50 14.40 -36.74
C SER A 72 30.11 13.04 -37.10
N ALA A 73 31.16 13.07 -37.93
CA ALA A 73 31.81 11.84 -38.34
C ALA A 73 32.42 11.11 -37.15
N LEU A 74 33.12 11.85 -36.28
CA LEU A 74 33.74 11.24 -35.12
C LEU A 74 32.70 10.74 -34.13
N LEU A 75 31.61 11.49 -33.95
CA LEU A 75 30.55 11.05 -33.04
C LEU A 75 29.86 9.80 -33.56
N ILE A 76 29.63 9.72 -34.87
CA ILE A 76 29.02 8.53 -35.45
C ILE A 76 29.96 7.34 -35.37
N ALA A 77 31.27 7.57 -35.51
CA ALA A 77 32.24 6.51 -35.27
C ALA A 77 32.23 6.05 -33.82
N ILE A 78 32.05 7.00 -32.89
CA ILE A 78 31.93 6.66 -31.47
C ILE A 78 30.72 5.75 -31.26
N GLU A 79 29.58 6.12 -31.85
CA GLU A 79 28.35 5.35 -31.63
C GLU A 79 28.41 3.98 -32.29
N ASN A 80 28.99 3.91 -33.50
CA ASN A 80 29.03 2.65 -34.23
C ASN A 80 30.10 1.70 -33.73
N GLU A 81 31.12 2.21 -33.04
CA GLU A 81 32.20 1.42 -32.47
C GLU A 81 32.93 0.62 -33.56
N ASN A 82 33.62 1.38 -34.41
CA ASN A 82 34.42 0.81 -35.49
C ASN A 82 35.85 1.35 -35.37
N LEU A 83 36.76 0.51 -34.88
CA LEU A 83 38.12 0.95 -34.63
C LEU A 83 38.86 1.32 -35.91
N GLU A 84 38.58 0.63 -37.01
CA GLU A 84 39.25 0.94 -38.27
C GLU A 84 38.88 2.32 -38.78
N ILE A 85 37.57 2.63 -38.83
CA ILE A 85 37.17 3.96 -39.24
C ILE A 85 37.63 4.99 -38.22
N MET A 86 37.72 4.60 -36.95
CA MET A 86 38.24 5.50 -35.92
C MET A 86 39.67 5.92 -36.22
N GLU A 87 40.55 4.95 -36.43
CA GLU A 87 41.95 5.28 -36.69
C GLU A 87 42.11 5.98 -38.03
N LEU A 88 41.31 5.62 -39.03
CA LEU A 88 41.37 6.33 -40.31
C LEU A 88 41.01 7.80 -40.15
N LEU A 89 39.90 8.08 -39.47
CA LEU A 89 39.47 9.46 -39.28
C LEU A 89 40.48 10.24 -38.44
N LEU A 90 41.02 9.61 -37.39
CA LEU A 90 41.96 10.33 -36.53
C LEU A 90 43.28 10.59 -37.23
N ASN A 91 43.74 9.65 -38.07
CA ASN A 91 44.94 9.89 -38.85
C ASN A 91 44.70 10.82 -40.03
N HIS A 92 43.45 11.06 -40.40
CA HIS A 92 43.12 12.03 -41.43
C HIS A 92 43.03 13.46 -40.88
N SER A 93 43.36 13.66 -39.60
CA SER A 93 43.43 14.98 -38.98
C SER A 93 42.06 15.66 -38.97
N VAL A 94 41.08 14.96 -38.40
CA VAL A 94 39.76 15.54 -38.15
C VAL A 94 39.81 16.30 -36.83
N TYR A 95 38.76 17.07 -36.53
CA TYR A 95 38.71 17.80 -35.28
C TYR A 95 38.70 16.84 -34.11
N VAL A 96 39.40 17.20 -33.04
CA VAL A 96 39.61 16.33 -31.90
C VAL A 96 38.96 16.84 -30.61
N GLY A 97 38.45 18.07 -30.61
CA GLY A 97 37.87 18.65 -29.42
C GLY A 97 36.73 17.84 -28.82
N ASP A 98 36.82 17.56 -27.52
CA ASP A 98 35.84 16.82 -26.72
C ASP A 98 35.74 15.35 -27.12
N ALA A 99 36.47 14.90 -28.15
CA ALA A 99 36.36 13.52 -28.59
C ALA A 99 36.78 12.54 -27.51
N LEU A 100 37.79 12.90 -26.71
CA LEU A 100 38.19 12.05 -25.59
C LEU A 100 37.05 11.90 -24.60
N LEU A 101 36.36 12.99 -24.28
CA LEU A 101 35.23 12.92 -23.36
C LEU A 101 34.10 12.06 -23.95
N TYR A 102 33.79 12.25 -25.24
CA TYR A 102 32.76 11.42 -25.86
C TYR A 102 33.13 9.95 -25.84
N ALA A 103 34.39 9.62 -26.08
CA ALA A 103 34.80 8.21 -26.05
C ALA A 103 34.72 7.64 -24.64
N ILE A 104 35.23 8.37 -23.65
CA ILE A 104 35.18 7.91 -22.26
C ILE A 104 33.74 7.69 -21.83
N ARG A 105 32.86 8.61 -22.22
CA ARG A 105 31.45 8.52 -21.85
C ARG A 105 30.73 7.42 -22.63
N LYS A 106 31.19 7.10 -23.84
CA LYS A 106 30.68 5.94 -24.55
C LYS A 106 31.18 4.64 -23.95
N GLU A 107 32.27 4.69 -23.19
CA GLU A 107 32.81 3.54 -22.47
C GLU A 107 33.28 2.43 -23.43
N VAL A 108 34.22 2.80 -24.31
CA VAL A 108 34.91 1.84 -25.16
C VAL A 108 36.42 2.02 -24.99
N VAL A 109 37.07 0.97 -24.48
CA VAL A 109 38.46 1.08 -24.05
C VAL A 109 39.39 1.24 -25.25
N GLY A 110 39.12 0.50 -26.34
CA GLY A 110 39.98 0.59 -27.51
C GLY A 110 40.04 1.98 -28.08
N ALA A 111 38.87 2.60 -28.29
CA ALA A 111 38.87 3.94 -28.85
C ALA A 111 39.31 4.99 -27.83
N VAL A 112 39.07 4.76 -26.54
CA VAL A 112 39.62 5.66 -25.53
C VAL A 112 41.14 5.67 -25.61
N GLU A 113 41.75 4.50 -25.69
CA GLU A 113 43.21 4.41 -25.81
C GLU A 113 43.69 5.03 -27.12
N LEU A 114 42.97 4.77 -28.22
CA LEU A 114 43.37 5.33 -29.51
C LEU A 114 43.33 6.86 -29.48
N LEU A 115 42.27 7.44 -28.89
CA LEU A 115 42.17 8.89 -28.82
C LEU A 115 43.22 9.47 -27.89
N LEU A 116 43.52 8.78 -26.78
CA LEU A 116 44.57 9.26 -25.89
C LEU A 116 45.93 9.23 -26.57
N SER A 117 46.17 8.23 -27.41
CA SER A 117 47.42 8.14 -28.16
C SER A 117 47.43 9.04 -29.39
N TYR A 118 46.28 9.58 -29.78
CA TYR A 118 46.16 10.49 -30.94
C TYR A 118 46.62 9.81 -32.22
N GLN A 135 31.61 25.64 -30.65
CA GLN A 135 30.66 24.75 -31.28
C GLN A 135 29.62 24.25 -30.28
N PHE A 136 28.76 23.35 -30.71
CA PHE A 136 27.74 22.77 -29.86
C PHE A 136 28.28 21.51 -29.21
N SER A 137 28.25 21.46 -27.87
CA SER A 137 28.69 20.30 -27.13
C SER A 137 27.69 20.02 -26.01
N GLU A 138 27.36 18.74 -25.83
CA GLU A 138 26.46 18.32 -24.77
C GLU A 138 27.17 18.09 -23.44
N PHE A 139 28.36 18.66 -23.26
CA PHE A 139 29.15 18.50 -22.05
C PHE A 139 29.34 19.84 -21.38
N THR A 140 29.19 19.86 -20.06
CA THR A 140 29.40 21.07 -19.29
C THR A 140 30.88 21.48 -19.38
N PRO A 141 31.16 22.78 -19.52
CA PRO A 141 32.56 23.21 -19.66
C PRO A 141 33.45 22.84 -18.48
N ASP A 142 32.88 22.61 -17.29
CA ASP A 142 33.70 22.25 -16.14
C ASP A 142 34.07 20.77 -16.11
N ILE A 143 33.58 19.97 -17.05
CA ILE A 143 33.81 18.53 -17.04
C ILE A 143 35.23 18.25 -17.51
N THR A 144 35.95 17.45 -16.71
CA THR A 144 37.29 16.94 -16.96
C THR A 144 37.21 15.46 -17.33
N PRO A 145 38.15 14.94 -18.13
CA PRO A 145 38.12 13.49 -18.42
C PRO A 145 38.12 12.61 -17.16
N ILE A 146 38.93 12.95 -16.15
CA ILE A 146 38.94 12.16 -14.93
C ILE A 146 37.61 12.31 -14.20
N MET A 147 37.02 13.50 -14.21
CA MET A 147 35.73 13.70 -13.58
C MET A 147 34.64 12.86 -14.25
N LEU A 148 34.65 12.81 -15.59
CA LEU A 148 33.67 12.00 -16.31
C LEU A 148 33.90 10.51 -16.07
N ALA A 149 35.16 10.09 -16.00
CA ALA A 149 35.44 8.69 -15.70
C ALA A 149 34.94 8.32 -14.30
N ALA A 150 35.15 9.22 -13.32
CA ALA A 150 34.64 8.97 -11.99
C ALA A 150 33.12 8.95 -11.96
N HIS A 151 32.48 9.84 -12.72
CA HIS A 151 31.03 9.85 -12.80
C HIS A 151 30.49 8.54 -13.35
N THR A 152 31.11 8.04 -14.43
CA THR A 152 30.65 6.82 -15.07
C THR A 152 31.03 5.57 -14.30
N ASN A 153 32.04 5.64 -13.42
CA ASN A 153 32.42 4.55 -12.54
C ASN A 153 32.85 3.31 -13.34
N ASN A 154 33.91 3.48 -14.13
CA ASN A 154 34.52 2.41 -14.89
C ASN A 154 35.94 2.19 -14.37
N TYR A 155 36.18 1.01 -13.79
CA TYR A 155 37.45 0.76 -13.12
C TYR A 155 38.62 0.82 -14.10
N GLU A 156 38.48 0.18 -15.26
CA GLU A 156 39.59 0.08 -16.20
C GLU A 156 39.99 1.46 -16.73
N ILE A 157 39.01 2.23 -17.23
CA ILE A 157 39.33 3.54 -17.77
C ILE A 157 39.75 4.51 -16.67
N ILE A 158 39.20 4.35 -15.47
CA ILE A 158 39.62 5.19 -14.35
C ILE A 158 41.10 4.95 -14.04
N LYS A 159 41.51 3.68 -14.01
CA LYS A 159 42.92 3.37 -13.77
C LYS A 159 43.79 3.86 -14.93
N LEU A 160 43.31 3.71 -16.17
CA LEU A 160 44.09 4.16 -17.32
C LEU A 160 44.30 5.67 -17.28
N LEU A 161 43.28 6.43 -16.86
CA LEU A 161 43.43 7.87 -16.76
C LEU A 161 44.29 8.27 -15.56
N VAL A 162 44.13 7.57 -14.44
CA VAL A 162 44.84 7.93 -13.22
C VAL A 162 46.29 7.49 -13.22
N GLN A 163 46.69 6.61 -14.14
CA GLN A 163 48.10 6.26 -14.24
C GLN A 163 48.95 7.46 -14.60
N LYS A 164 48.37 8.44 -15.30
CA LYS A 164 48.99 9.73 -15.49
C LYS A 164 48.71 10.63 -14.29
N ARG A 165 49.57 11.62 -14.10
CA ARG A 165 49.47 12.52 -12.95
C ARG A 165 48.32 13.50 -13.19
N VAL A 166 47.12 13.07 -12.84
CA VAL A 166 45.91 13.89 -12.95
C VAL A 166 45.38 14.12 -11.55
N THR A 167 44.78 15.30 -11.36
CA THR A 167 44.37 15.76 -10.04
C THR A 167 42.96 16.33 -10.10
N ILE A 168 42.45 16.71 -8.93
CA ILE A 168 41.08 17.20 -8.79
C ILE A 168 41.11 18.43 -7.89
N PRO A 169 40.35 19.48 -8.19
CA PRO A 169 40.31 20.66 -7.31
C PRO A 169 39.67 20.34 -5.95
N ARG A 170 39.97 21.21 -4.97
CA ARG A 170 39.32 21.17 -3.65
C ARG A 170 38.07 22.04 -3.63
N PRO A 171 36.90 21.53 -3.15
CA PRO A 171 35.75 22.39 -2.89
C PRO A 171 36.10 22.94 -1.50
N HIS A 172 35.68 24.16 -1.19
CA HIS A 172 36.05 24.79 0.12
C HIS A 172 35.15 24.28 1.25
N GLN A 173 35.46 24.65 2.51
CA GLN A 173 34.65 24.22 3.68
C GLN A 173 33.16 24.53 3.48
N ILE A 174 32.30 23.93 4.30
CA ILE A 174 30.86 24.05 4.06
C ILE A 174 30.41 25.50 4.16
N ARG A 175 30.88 26.22 5.18
CA ARG A 175 30.42 27.61 5.41
C ARG A 175 31.53 28.60 5.07
N CYS A 176 32.23 28.39 3.95
CA CYS A 176 33.39 29.27 3.62
C CYS A 176 32.86 30.67 3.28
N ASN A 177 33.46 31.69 3.89
CA ASN A 177 33.08 33.10 3.60
C ASN A 177 34.27 33.80 2.93
N CYS A 178 35.23 33.05 2.41
CA CYS A 178 36.47 33.65 1.85
C CYS A 178 36.16 34.46 0.59
N VAL A 179 37.02 35.40 0.22
CA VAL A 179 36.75 36.30 -0.94
C VAL A 179 36.58 35.47 -2.21
N GLU A 180 37.40 34.43 -2.41
CA GLU A 180 37.32 33.66 -3.68
C GLU A 180 35.93 33.02 -3.80
N CYS A 181 35.43 32.41 -2.72
CA CYS A 181 34.09 31.76 -2.75
C CYS A 181 32.99 32.80 -2.95
N VAL A 182 33.06 33.93 -2.24
CA VAL A 182 32.01 34.98 -2.34
C VAL A 182 32.02 35.57 -3.76
N SER A 183 33.22 35.78 -4.31
CA SER A 183 33.33 36.38 -5.67
C SER A 183 32.79 35.42 -6.72
N SER A 184 33.17 34.14 -6.65
CA SER A 184 32.73 33.17 -7.64
C SER A 184 31.22 32.96 -7.57
N SER A 185 30.66 32.99 -6.37
CA SER A 185 29.20 32.91 -6.24
C SER A 185 28.52 34.17 -6.78
N GLU A 186 29.17 35.32 -6.65
CA GLU A 186 28.57 36.57 -7.12
C GLU A 186 28.54 36.64 -8.64
N VAL A 187 29.64 36.25 -9.30
CA VAL A 187 29.66 36.33 -10.77
C VAL A 187 28.68 35.34 -11.38
N ASP A 188 28.61 34.13 -10.83
CA ASP A 188 27.70 33.10 -11.34
C ASP A 188 27.50 32.06 -10.25
N SER A 189 26.26 31.94 -9.76
CA SER A 189 25.97 31.03 -8.66
C SER A 189 25.55 29.65 -9.14
N LEU A 190 24.80 29.58 -10.25
CA LEU A 190 24.40 28.28 -10.79
C LEU A 190 25.60 27.46 -11.20
N ARG A 191 26.56 28.09 -11.89
CA ARG A 191 27.77 27.38 -12.30
C ARG A 191 28.58 26.94 -11.09
N HIS A 192 28.64 27.78 -10.05
CA HIS A 192 29.36 27.41 -8.84
C HIS A 192 28.74 26.20 -8.17
N SER A 193 27.41 26.20 -8.02
CA SER A 193 26.73 25.07 -7.41
C SER A 193 26.91 23.79 -8.24
N ARG A 194 26.81 23.92 -9.56
CA ARG A 194 27.01 22.76 -10.43
C ARG A 194 28.43 22.22 -10.31
N SER A 195 29.42 23.10 -10.25
CA SER A 195 30.80 22.66 -10.13
C SER A 195 31.03 21.95 -8.80
N ARG A 196 30.47 22.48 -7.71
CA ARG A 196 30.60 21.82 -6.42
C ARG A 196 29.96 20.43 -6.45
N LEU A 197 28.75 20.34 -7.01
CA LEU A 197 28.05 19.06 -7.07
C LEU A 197 28.82 18.06 -7.91
N ASN A 198 29.36 18.49 -9.05
CA ASN A 198 30.11 17.60 -9.92
C ASN A 198 31.39 17.13 -9.24
N ILE A 199 32.08 18.04 -8.54
CA ILE A 199 33.30 17.67 -7.84
C ILE A 199 33.01 16.61 -6.78
N TYR A 200 31.94 16.82 -6.00
CA TYR A 200 31.62 15.85 -4.96
C TYR A 200 31.14 14.52 -5.54
N LYS A 201 30.40 14.57 -6.66
CA LYS A 201 29.96 13.34 -7.31
C LYS A 201 31.14 12.55 -7.85
N ALA A 202 32.15 13.25 -8.38
CA ALA A 202 33.36 12.56 -8.84
C ALA A 202 34.15 12.00 -7.66
N LEU A 203 34.20 12.74 -6.55
CA LEU A 203 34.97 12.28 -5.40
C LEU A 203 34.32 11.09 -4.70
N ALA A 204 32.99 10.98 -4.77
CA ALA A 204 32.27 9.92 -4.08
C ALA A 204 32.15 8.64 -4.90
N SER A 205 33.07 8.40 -5.84
CA SER A 205 33.00 7.21 -6.67
C SER A 205 33.62 6.02 -5.95
N PRO A 206 32.93 4.86 -5.89
CA PRO A 206 33.52 3.70 -5.22
C PRO A 206 34.84 3.25 -5.84
N SER A 207 34.97 3.32 -7.16
CA SER A 207 36.23 2.93 -7.79
C SER A 207 37.34 3.94 -7.48
N LEU A 208 37.01 5.23 -7.54
CA LEU A 208 37.99 6.26 -7.21
C LEU A 208 38.34 6.26 -5.73
N ILE A 209 37.54 5.59 -4.90
CA ILE A 209 37.94 5.35 -3.51
C ILE A 209 38.78 4.09 -3.39
N ALA A 210 38.47 3.05 -4.18
CA ALA A 210 39.28 1.84 -4.18
C ALA A 210 40.71 2.15 -4.59
N LEU A 211 40.89 2.98 -5.61
CA LEU A 211 42.22 3.47 -5.96
C LEU A 211 42.50 4.78 -5.25
N SER A 212 43.80 5.08 -5.10
CA SER A 212 44.26 6.37 -4.57
C SER A 212 43.68 6.66 -3.18
N SER A 213 43.67 5.65 -2.32
CA SER A 213 43.19 5.84 -0.95
C SER A 213 43.82 4.79 -0.05
N GLU A 214 44.41 5.22 1.06
CA GLU A 214 45.04 4.29 1.98
C GLU A 214 44.01 3.54 2.83
N ASP A 215 42.97 4.24 3.28
CA ASP A 215 41.92 3.64 4.11
C ASP A 215 40.57 3.89 3.45
N PRO A 216 40.14 3.00 2.56
CA PRO A 216 38.84 3.21 1.88
C PRO A 216 37.67 3.26 2.83
N ILE A 217 37.69 2.47 3.91
CA ILE A 217 36.56 2.45 4.84
C ILE A 217 36.42 3.79 5.54
N LEU A 218 37.52 4.31 6.08
CA LEU A 218 37.48 5.61 6.75
C LEU A 218 37.14 6.72 5.77
N THR A 219 37.68 6.63 4.54
CA THR A 219 37.35 7.63 3.52
C THR A 219 35.86 7.63 3.21
N ALA A 220 35.26 6.45 3.08
CA ALA A 220 33.83 6.36 2.82
C ALA A 220 33.02 6.89 3.99
N PHE A 221 33.44 6.59 5.23
CA PHE A 221 32.75 7.13 6.40
C PHE A 221 32.74 8.64 6.38
N ARG A 222 33.91 9.25 6.20
CA ARG A 222 34.02 10.71 6.22
C ARG A 222 33.25 11.33 5.06
N LEU A 223 33.33 10.72 3.87
CA LEU A 223 32.64 11.26 2.71
C LEU A 223 31.13 11.21 2.90
N GLY A 224 30.61 10.10 3.43
CA GLY A 224 29.19 10.01 3.69
C GLY A 224 28.72 11.03 4.72
N TRP A 225 29.51 11.20 5.79
CA TRP A 225 29.15 12.23 6.78
C TRP A 225 29.14 13.62 6.17
N GLU A 226 30.16 13.94 5.36
CA GLU A 226 30.24 15.25 4.75
C GLU A 226 29.09 15.49 3.77
N LEU A 227 28.72 14.48 2.99
CA LEU A 227 27.63 14.65 2.05
C LEU A 227 26.29 14.79 2.77
N LYS A 228 26.10 14.04 3.87
CA LYS A 228 24.88 14.18 4.65
C LYS A 228 24.79 15.58 5.25
N GLU A 229 25.92 16.13 5.70
CA GLU A 229 25.91 17.51 6.21
C GLU A 229 25.64 18.50 5.09
N LEU A 230 26.20 18.26 3.90
CA LEU A 230 25.98 19.17 2.77
C LEU A 230 24.54 19.17 2.31
N SER A 231 23.84 18.04 2.45
CA SER A 231 22.46 17.97 1.98
C SER A 231 21.58 18.99 2.67
N LYS A 232 21.75 19.20 3.98
CA LYS A 232 20.93 20.16 4.69
C LYS A 232 21.25 21.60 4.28
N VAL A 233 22.52 21.91 4.07
CA VAL A 233 22.91 23.27 3.71
C VAL A 233 22.41 23.60 2.31
N GLU A 234 22.57 22.67 1.36
CA GLU A 234 22.07 22.87 -0.01
C GLU A 234 20.64 22.37 -0.05
N ASN A 235 19.69 23.28 0.24
CA ASN A 235 18.29 22.89 0.33
C ASN A 235 17.74 22.49 -1.04
N GLU A 236 18.12 23.21 -2.09
CA GLU A 236 17.59 22.91 -3.42
C GLU A 236 18.10 21.56 -3.93
N PHE A 237 19.38 21.27 -3.70
CA PHE A 237 19.99 20.01 -4.12
C PHE A 237 20.13 19.12 -2.90
N LYS A 238 19.12 18.28 -2.65
CA LYS A 238 19.08 17.39 -1.51
C LYS A 238 19.13 15.92 -1.90
N ALA A 239 18.34 15.53 -2.91
CA ALA A 239 18.27 14.12 -3.29
C ALA A 239 19.61 13.61 -3.82
N GLU A 240 20.32 14.44 -4.58
CA GLU A 240 21.60 14.02 -5.13
C GLU A 240 22.60 13.74 -4.02
N TYR A 241 22.72 14.65 -3.04
CA TYR A 241 23.65 14.45 -1.94
C TYR A 241 23.23 13.26 -1.08
N GLU A 242 21.93 13.09 -0.86
CA GLU A 242 21.46 11.94 -0.08
C GLU A 242 21.79 10.63 -0.77
N GLU A 243 21.59 10.56 -2.09
CA GLU A 243 21.91 9.34 -2.82
C GLU A 243 23.42 9.10 -2.86
N LEU A 244 24.22 10.16 -2.90
CA LEU A 244 25.68 9.97 -2.83
C LEU A 244 26.10 9.41 -1.48
N SER A 245 25.51 9.92 -0.40
CA SER A 245 25.81 9.39 0.93
C SER A 245 25.38 7.93 1.04
N GLN A 246 24.19 7.60 0.50
CA GLN A 246 23.74 6.21 0.52
C GLN A 246 24.67 5.31 -0.28
N GLN A 247 25.17 5.81 -1.42
CA GLN A 247 26.11 5.03 -2.22
C GLN A 247 27.41 4.79 -1.46
N CYS A 248 27.89 5.80 -0.74
CA CYS A 248 29.10 5.62 0.07
C CYS A 248 28.89 4.57 1.15
N LYS A 249 27.75 4.64 1.84
CA LYS A 249 27.45 3.66 2.88
C LYS A 249 27.36 2.25 2.29
N LEU A 250 26.70 2.12 1.14
CA LEU A 250 26.58 0.82 0.50
C LEU A 250 27.95 0.28 0.08
N PHE A 251 28.83 1.15 -0.41
CA PHE A 251 30.17 0.73 -0.78
C PHE A 251 30.94 0.23 0.44
N ALA A 252 30.83 0.95 1.56
CA ALA A 252 31.51 0.51 2.78
C ALA A 252 30.99 -0.86 3.23
N LYS A 253 29.66 -1.04 3.22
CA LYS A 253 29.10 -2.33 3.62
C LYS A 253 29.54 -3.45 2.69
N ASP A 254 29.55 -3.19 1.38
CA ASP A 254 29.96 -4.21 0.43
C ASP A 254 31.43 -4.57 0.58
N LEU A 255 32.26 -3.56 0.88
CA LEU A 255 33.68 -3.84 1.13
C LEU A 255 33.85 -4.70 2.38
N LEU A 256 33.08 -4.42 3.43
CA LEU A 256 33.14 -5.26 4.63
C LEU A 256 32.64 -6.68 4.35
N ASP A 257 31.69 -6.82 3.42
CA ASP A 257 31.08 -8.13 3.17
C ASP A 257 32.09 -9.16 2.67
N GLN A 258 33.19 -8.72 2.07
CA GLN A 258 34.12 -9.65 1.43
C GLN A 258 35.08 -10.32 2.40
N ALA A 259 35.07 -9.95 3.68
CA ALA A 259 35.91 -10.62 4.66
C ALA A 259 35.52 -12.09 4.78
N ARG A 260 36.52 -12.97 4.75
CA ARG A 260 36.25 -14.41 4.73
C ARG A 260 37.04 -15.15 5.81
N SER A 261 37.39 -14.48 6.91
CA SER A 261 38.02 -15.18 8.02
C SER A 261 37.86 -14.34 9.28
N SER A 262 37.81 -15.03 10.42
CA SER A 262 37.68 -14.36 11.70
C SER A 262 38.90 -13.47 11.98
N ARG A 263 40.09 -13.92 11.58
CA ARG A 263 41.29 -13.12 11.78
C ARG A 263 41.21 -11.81 11.00
N GLU A 264 40.82 -11.88 9.72
CA GLU A 264 40.65 -10.66 8.93
C GLU A 264 39.57 -9.77 9.53
N LEU A 265 38.47 -10.37 9.99
CA LEU A 265 37.38 -9.58 10.56
C LEU A 265 37.84 -8.82 11.80
N GLU A 266 38.56 -9.49 12.71
CA GLU A 266 39.00 -8.82 13.92
C GLU A 266 40.08 -7.80 13.61
N ILE A 267 40.95 -8.07 12.63
CA ILE A 267 41.95 -7.08 12.24
C ILE A 267 41.27 -5.81 11.73
N ILE A 268 40.26 -5.98 10.87
CA ILE A 268 39.55 -4.82 10.33
C ILE A 268 38.84 -4.06 11.45
N LEU A 269 38.17 -4.79 12.34
CA LEU A 269 37.39 -4.14 13.38
C LEU A 269 38.24 -3.55 14.50
N ASN A 270 39.50 -3.97 14.62
CA ASN A 270 40.37 -3.49 15.68
C ASN A 270 41.46 -2.55 15.20
N HIS A 271 41.60 -2.34 13.88
CA HIS A 271 42.61 -1.40 13.39
C HIS A 271 42.31 0.00 13.88
N ARG A 272 43.37 0.71 14.29
CA ARG A 272 43.25 2.07 14.77
C ARG A 272 44.36 2.92 14.17
N ASP A 273 44.10 4.22 14.07
CA ASP A 273 45.09 5.16 13.53
C ASP A 273 44.81 6.58 13.99
N ASP A 286 39.96 -1.56 22.31
CA ASP A 286 39.69 -2.37 21.13
C ASP A 286 38.44 -1.88 20.42
N LEU A 287 38.20 -2.43 19.22
CA LEU A 287 37.02 -2.09 18.41
C LEU A 287 36.97 -0.59 18.10
N ALA A 288 38.13 0.00 17.80
CA ALA A 288 38.19 1.43 17.49
C ALA A 288 37.43 1.73 16.20
N LYS A 289 37.59 0.88 15.18
CA LYS A 289 36.86 1.10 13.94
C LYS A 289 35.36 0.94 14.14
N LEU A 290 34.95 -0.01 14.98
CA LEU A 290 33.53 -0.16 15.30
C LEU A 290 32.99 1.07 16.02
N LYS A 291 33.78 1.62 16.95
CA LYS A 291 33.37 2.85 17.63
C LYS A 291 33.23 4.00 16.66
N VAL A 292 34.18 4.12 15.72
CA VAL A 292 34.11 5.18 14.72
C VAL A 292 32.87 5.01 13.84
N ALA A 293 32.58 3.77 13.43
CA ALA A 293 31.40 3.50 12.62
C ALA A 293 30.12 3.83 13.36
N ILE A 294 30.08 3.52 14.66
CA ILE A 294 28.91 3.87 15.46
C ILE A 294 28.77 5.39 15.56
N LYS A 295 29.89 6.09 15.73
CA LYS A 295 29.86 7.55 15.79
C LYS A 295 29.35 8.15 14.49
N TYR A 296 29.75 7.58 13.36
CA TYR A 296 29.40 8.12 12.05
C TYR A 296 28.05 7.62 11.54
N HIS A 297 27.30 6.89 12.37
CA HIS A 297 25.95 6.43 12.03
C HIS A 297 25.95 5.54 10.79
N GLN A 298 26.79 4.50 10.83
CA GLN A 298 26.87 3.51 9.75
C GLN A 298 26.07 2.28 10.19
N LYS A 299 24.74 2.42 10.11
CA LYS A 299 23.84 1.33 10.60
C LYS A 299 23.96 0.07 9.75
N GLU A 300 24.11 0.21 8.43
CA GLU A 300 24.27 -0.96 7.58
C GLU A 300 25.59 -1.67 7.86
N PHE A 301 26.65 -0.90 8.08
CA PHE A 301 27.95 -1.49 8.43
C PHE A 301 27.88 -2.20 9.78
N VAL A 302 27.19 -1.60 10.75
CA VAL A 302 27.13 -2.16 12.09
C VAL A 302 26.29 -3.44 12.10
N ALA A 303 25.18 -3.46 11.37
CA ALA A 303 24.25 -4.57 11.39
C ALA A 303 24.68 -5.74 10.50
N GLN A 304 25.95 -5.82 10.13
CA GLN A 304 26.42 -6.95 9.33
C GLN A 304 26.35 -8.24 10.16
N PRO A 305 25.99 -9.36 9.54
CA PRO A 305 25.91 -10.62 10.31
C PRO A 305 27.21 -11.03 10.97
N ASN A 306 28.34 -10.84 10.30
CA ASN A 306 29.63 -11.23 10.89
C ASN A 306 29.97 -10.36 12.10
N CYS A 307 29.78 -9.05 11.97
CA CYS A 307 30.03 -8.15 13.09
C CYS A 307 29.09 -8.45 14.25
N GLN A 308 27.82 -8.74 13.95
CA GLN A 308 26.87 -9.09 15.00
C GLN A 308 27.25 -10.39 15.69
N GLN A 309 27.75 -11.37 14.92
CA GLN A 309 28.19 -12.62 15.52
C GLN A 309 29.39 -12.41 16.44
N LEU A 310 30.36 -11.59 16.00
CA LEU A 310 31.51 -11.29 16.85
C LEU A 310 31.06 -10.55 18.11
N LEU A 311 30.14 -9.59 17.98
CA LEU A 311 29.66 -8.87 19.14
C LEU A 311 28.92 -9.78 20.11
N ALA A 312 28.13 -10.72 19.58
CA ALA A 312 27.45 -11.67 20.44
C ALA A 312 28.43 -12.59 21.15
N THR A 313 29.48 -13.01 20.45
CA THR A 313 30.52 -13.82 21.09
C THR A 313 31.18 -13.06 22.22
N LEU A 314 31.49 -11.77 22.01
CA LEU A 314 32.07 -10.97 23.07
C LEU A 314 31.09 -10.74 24.21
N TRP A 315 29.80 -10.60 23.90
CA TRP A 315 28.80 -10.30 24.92
C TRP A 315 28.53 -11.51 25.81
N TYR A 316 28.41 -12.69 25.22
CA TYR A 316 28.15 -13.92 25.98
C TYR A 316 29.48 -14.59 26.36
N ASP A 317 30.28 -13.85 27.13
CA ASP A 317 31.61 -14.33 27.50
C ASP A 317 31.54 -15.50 28.47
N GLY A 318 30.75 -15.36 29.53
CA GLY A 318 30.72 -16.41 30.55
C GLY A 318 30.06 -17.69 30.07
N PHE A 319 28.96 -17.57 29.33
CA PHE A 319 28.19 -18.72 28.91
C PHE A 319 28.52 -19.06 27.47
N PRO A 320 29.09 -20.24 27.18
CA PRO A 320 29.35 -20.62 25.80
C PRO A 320 28.26 -21.44 25.13
N GLY A 321 27.30 -21.94 25.90
CA GLY A 321 26.18 -22.69 25.34
C GLY A 321 24.88 -21.94 25.42
N TRP A 322 24.97 -20.61 25.55
CA TRP A 322 23.77 -19.79 25.68
C TRP A 322 22.91 -19.86 24.42
N ARG A 323 23.54 -20.05 23.25
CA ARG A 323 22.77 -20.18 22.02
C ARG A 323 21.88 -21.41 22.04
N ARG A 324 22.42 -22.54 22.51
CA ARG A 324 21.69 -23.79 22.59
C ARG A 324 21.28 -24.04 24.04
N LYS A 325 20.16 -23.40 24.43
CA LYS A 325 19.63 -23.56 25.78
C LYS A 325 18.12 -23.39 25.74
N HIS A 326 17.47 -23.94 26.74
CA HIS A 326 16.01 -23.85 26.84
C HIS A 326 15.60 -22.51 27.44
N TRP A 327 14.38 -22.09 27.12
CA TRP A 327 13.84 -20.85 27.69
C TRP A 327 13.73 -20.96 29.20
N VAL A 328 13.32 -22.13 29.71
CA VAL A 328 13.16 -22.30 31.15
C VAL A 328 14.51 -22.19 31.86
N VAL A 329 15.55 -22.83 31.32
CA VAL A 329 16.85 -22.77 31.98
C VAL A 329 17.47 -21.39 31.84
N LYS A 330 17.23 -20.71 30.72
CA LYS A 330 17.68 -19.33 30.59
C LYS A 330 17.03 -18.44 31.65
N LEU A 331 15.72 -18.60 31.84
CA LEU A 331 15.02 -17.81 32.84
C LEU A 331 15.52 -18.13 34.25
N LEU A 332 15.72 -19.41 34.54
CA LEU A 332 16.20 -19.82 35.85
C LEU A 332 17.59 -19.24 36.13
N THR A 333 18.50 -19.30 35.15
CA THR A 333 19.81 -18.74 35.38
C THR A 333 19.76 -17.21 35.46
N CYS A 334 18.81 -16.58 34.76
CA CYS A 334 18.66 -15.14 34.87
C CYS A 334 18.31 -14.73 36.30
N MET A 335 17.29 -15.35 36.89
CA MET A 335 17.00 -15.07 38.29
C MET A 335 18.15 -15.48 39.22
N THR A 336 18.82 -16.61 38.95
CA THR A 336 19.85 -17.04 39.88
C THR A 336 21.08 -16.15 39.83
N ILE A 337 21.29 -15.41 38.75
CA ILE A 337 22.39 -14.44 38.74
C ILE A 337 21.92 -13.08 39.25
N GLY A 338 20.66 -12.71 38.97
CA GLY A 338 20.18 -11.42 39.43
C GLY A 338 19.92 -11.36 40.93
N PHE A 339 19.71 -12.52 41.56
CA PHE A 339 19.41 -12.52 42.99
C PHE A 339 20.65 -12.23 43.84
N LEU A 340 21.83 -12.64 43.37
CA LEU A 340 23.06 -12.50 44.14
C LEU A 340 23.88 -11.27 43.75
N PHE A 341 23.22 -10.22 43.26
CA PHE A 341 23.97 -9.01 42.89
C PHE A 341 24.69 -8.36 44.07
N PRO A 342 24.11 -8.24 45.28
CA PRO A 342 24.90 -7.61 46.35
C PRO A 342 26.07 -8.46 46.80
N MET A 343 25.90 -9.79 46.83
CA MET A 343 27.01 -10.67 47.16
C MET A 343 28.12 -10.55 46.14
N LEU A 344 27.77 -10.53 44.85
CA LEU A 344 28.79 -10.38 43.82
C LEU A 344 29.50 -9.03 43.90
N SER A 345 28.74 -7.96 44.15
CA SER A 345 29.35 -6.65 44.28
C SER A 345 30.30 -6.59 45.47
N ILE A 346 29.90 -7.15 46.60
CA ILE A 346 30.76 -7.17 47.78
C ILE A 346 32.00 -8.01 47.53
N ALA A 347 31.85 -9.15 46.86
CA ALA A 347 33.00 -9.99 46.55
C ALA A 347 33.99 -9.27 45.64
N TYR A 348 33.49 -8.58 44.62
CA TYR A 348 34.38 -7.82 43.75
C TYR A 348 35.06 -6.69 44.50
N LEU A 349 34.32 -6.00 45.38
CA LEU A 349 34.90 -4.90 46.14
C LEU A 349 36.00 -5.38 47.07
N ILE A 350 35.80 -6.55 47.70
CA ILE A 350 36.79 -7.06 48.64
C ILE A 350 38.00 -7.62 47.89
N SER A 351 37.77 -8.59 47.00
CA SER A 351 38.84 -9.26 46.27
C SER A 351 38.61 -9.09 44.77
N PRO A 352 39.22 -8.07 44.15
CA PRO A 352 39.07 -7.91 42.69
C PRO A 352 39.66 -9.05 41.89
N ARG A 353 40.61 -9.80 42.45
CA ARG A 353 41.26 -10.92 41.76
C ARG A 353 40.91 -12.19 42.52
N SER A 354 39.81 -12.83 42.13
CA SER A 354 39.36 -14.06 42.75
C SER A 354 38.37 -14.73 41.81
N ASN A 355 37.92 -15.93 42.19
CA ASN A 355 36.94 -16.65 41.39
C ASN A 355 35.64 -15.87 41.28
N LEU A 356 35.18 -15.31 42.38
CA LEU A 356 33.97 -14.49 42.39
C LEU A 356 34.26 -13.03 42.05
N GLY A 357 35.52 -12.59 42.13
CA GLY A 357 35.82 -11.20 41.83
C GLY A 357 35.62 -10.85 40.37
N LEU A 358 36.10 -11.71 39.47
CA LEU A 358 36.04 -11.44 38.04
C LEU A 358 34.72 -11.89 37.41
N PHE A 359 33.81 -12.47 38.20
CA PHE A 359 32.54 -12.91 37.65
C PHE A 359 31.62 -11.74 37.26
N ILE A 360 31.91 -10.54 37.76
CA ILE A 360 31.10 -9.36 37.43
C ILE A 360 31.68 -8.58 36.26
N LYS A 361 32.93 -8.85 35.85
CA LYS A 361 33.53 -8.16 34.72
C LYS A 361 32.82 -8.48 33.41
N LYS A 362 32.11 -9.59 33.34
CA LYS A 362 31.43 -9.96 32.10
C LYS A 362 30.28 -9.00 31.82
N PRO A 363 30.12 -8.54 30.57
CA PRO A 363 29.08 -7.55 30.27
C PRO A 363 27.67 -8.02 30.59
N PHE A 364 27.36 -9.28 30.31
CA PHE A 364 26.01 -9.78 30.59
C PHE A 364 25.73 -9.80 32.09
N ILE A 365 26.71 -10.25 32.89
CA ILE A 365 26.53 -10.26 34.34
C ILE A 365 26.39 -8.84 34.87
N LYS A 366 27.19 -7.90 34.32
CA LYS A 366 27.08 -6.52 34.75
C LYS A 366 25.72 -5.94 34.44
N PHE A 367 25.20 -6.22 33.23
CA PHE A 367 23.88 -5.75 32.86
C PHE A 367 22.80 -6.33 33.77
N ILE A 368 22.89 -7.62 34.07
CA ILE A 368 21.90 -8.25 34.94
C ILE A 368 21.96 -7.63 36.33
N CYS A 369 23.17 -7.39 36.86
CA CYS A 369 23.30 -6.79 38.18
C CYS A 369 22.71 -5.39 38.22
N HIS A 370 22.99 -4.59 37.18
CA HIS A 370 22.45 -3.23 37.14
C HIS A 370 20.92 -3.25 37.06
N THR A 371 20.37 -4.15 36.24
CA THR A 371 18.92 -4.26 36.13
C THR A 371 18.30 -4.68 37.46
N ALA A 372 18.91 -5.64 38.15
CA ALA A 372 18.40 -6.07 39.45
C ALA A 372 18.47 -4.95 40.47
N SER A 373 19.55 -4.16 40.46
CA SER A 373 19.65 -3.03 41.38
C SER A 373 18.57 -2.01 41.11
N TYR A 374 18.31 -1.70 39.83
CA TYR A 374 17.25 -0.75 39.51
C TYR A 374 15.88 -1.27 39.90
N LEU A 375 15.64 -2.57 39.72
CA LEU A 375 14.38 -3.16 40.12
C LEU A 375 14.20 -3.10 41.64
N THR A 376 15.29 -3.33 42.39
CA THR A 376 15.22 -3.22 43.85
C THR A 376 14.92 -1.78 44.26
N PHE A 377 15.53 -0.80 43.59
CA PHE A 377 15.25 0.59 43.88
C PHE A 377 13.78 0.93 43.61
N LEU A 378 13.24 0.44 42.49
CA LEU A 378 11.84 0.69 42.18
C LEU A 378 10.91 0.01 43.20
N PHE A 379 11.28 -1.19 43.66
CA PHE A 379 10.49 -1.86 44.69
C PHE A 379 10.51 -1.08 45.99
N MET A 380 11.66 -0.52 46.35
CA MET A 380 11.74 0.33 47.54
C MET A 380 10.86 1.57 47.38
N LEU A 381 10.89 2.18 46.20
CA LEU A 381 10.02 3.34 45.94
C LEU A 381 8.55 2.97 46.08
N LEU A 382 8.17 1.79 45.57
CA LEU A 382 6.78 1.35 45.70
C LEU A 382 6.42 1.08 47.16
N LEU A 383 7.34 0.48 47.91
CA LEU A 383 7.08 0.20 49.32
C LEU A 383 6.99 1.47 50.15
N ALA A 384 7.64 2.55 49.70
CA ALA A 384 7.60 3.80 50.43
C ALA A 384 6.17 4.35 50.56
N SER A 385 5.38 4.22 49.50
CA SER A 385 4.04 4.80 49.51
C SER A 385 3.09 4.03 50.41
N GLN A 386 3.32 2.74 50.61
CA GLN A 386 2.46 1.92 51.46
C GLN A 386 2.63 2.28 52.93
N ASP A 392 3.26 8.73 61.20
CA ASP A 392 2.35 9.83 61.48
C ASP A 392 2.39 10.88 60.38
N LEU A 393 1.21 11.34 59.96
CA LEU A 393 1.10 12.35 58.91
C LEU A 393 0.61 13.69 59.44
N HIS A 394 0.62 13.88 60.76
CA HIS A 394 0.10 15.09 61.38
C HIS A 394 1.19 16.05 61.83
N VAL A 395 2.46 15.73 61.59
CA VAL A 395 3.58 16.55 62.05
C VAL A 395 4.03 17.47 60.94
N GLN A 396 4.61 18.61 61.33
CA GLN A 396 5.12 19.60 60.39
C GLN A 396 6.61 19.38 60.21
N GLY A 397 7.02 18.93 59.04
CA GLY A 397 8.41 18.68 58.75
C GLY A 397 8.98 17.53 59.57
N PRO A 398 8.52 16.31 59.29
CA PRO A 398 8.96 15.15 60.07
C PRO A 398 10.36 14.72 59.65
N PRO A 399 11.09 14.03 60.53
CA PRO A 399 12.38 13.48 60.13
C PRO A 399 12.19 12.35 59.12
N PRO A 400 13.17 12.10 58.27
CA PRO A 400 13.03 11.02 57.28
C PRO A 400 12.90 9.66 57.94
N THR A 401 12.11 8.79 57.32
CA THR A 401 11.87 7.46 57.84
C THR A 401 12.92 6.48 57.33
N VAL A 402 12.77 5.21 57.72
CA VAL A 402 13.75 4.19 57.36
C VAL A 402 13.77 3.97 55.84
N VAL A 403 12.59 4.00 55.21
CA VAL A 403 12.53 3.78 53.77
C VAL A 403 13.29 4.88 53.03
N GLU A 404 13.10 6.14 53.42
CA GLU A 404 13.85 7.23 52.81
C GLU A 404 15.33 7.14 53.13
N TRP A 405 15.68 6.67 54.34
CA TRP A 405 17.09 6.49 54.69
C TRP A 405 17.76 5.48 53.76
N MET A 406 17.06 4.39 53.43
CA MET A 406 17.61 3.43 52.48
C MET A 406 17.58 3.96 51.05
N ILE A 407 16.61 4.82 50.73
CA ILE A 407 16.47 5.31 49.33
C ILE A 407 17.57 6.34 49.03
N LEU A 408 18.04 7.08 50.04
CA LEU A 408 19.02 8.17 49.80
C LEU A 408 20.34 7.67 49.18
N PRO A 409 20.99 6.56 49.61
CA PRO A 409 22.26 6.13 48.99
C PRO A 409 22.10 5.84 47.49
N TRP A 410 21.00 5.20 47.10
CA TRP A 410 20.75 4.92 45.66
C TRP A 410 20.65 6.23 44.89
N VAL A 411 19.93 7.21 45.43
CA VAL A 411 19.74 8.53 44.74
C VAL A 411 21.09 9.23 44.61
N LEU A 412 21.90 9.21 45.67
CA LEU A 412 23.24 9.85 45.63
C LEU A 412 24.11 9.13 44.59
N GLY A 413 24.04 7.79 44.54
CA GLY A 413 24.84 7.02 43.59
C GLY A 413 24.46 7.34 42.17
N PHE A 414 23.16 7.48 41.90
CA PHE A 414 22.68 7.85 40.56
C PHE A 414 23.28 9.18 40.12
N ILE A 415 23.27 10.17 41.01
CA ILE A 415 23.81 11.48 40.66
C ILE A 415 25.32 11.38 40.39
N TRP A 416 26.03 10.63 41.24
CA TRP A 416 27.48 10.48 41.07
C TRP A 416 27.80 9.81 39.74
N GLY A 417 27.08 8.74 39.40
CA GLY A 417 27.30 8.08 38.13
C GLY A 417 26.96 8.99 36.95
N GLU A 418 25.95 9.84 37.11
CA GLU A 418 25.57 10.79 36.02
C GLU A 418 26.72 11.78 35.75
N ILE A 419 27.23 12.44 36.79
CA ILE A 419 28.27 13.50 36.56
C ILE A 419 29.54 12.87 35.97
N LYS A 420 29.92 11.67 36.42
CA LYS A 420 31.17 11.04 35.91
C LYS A 420 31.01 10.84 34.39
N GLU A 421 29.85 10.37 33.95
CA GLU A 421 29.62 10.08 32.50
C GLU A 421 29.65 11.38 31.69
N MET A 422 29.05 12.48 32.19
CA MET A 422 29.13 13.76 31.44
C MET A 422 30.59 14.24 31.39
N TRP A 423 31.33 14.10 32.50
CA TRP A 423 32.75 14.50 32.53
C TRP A 423 33.56 13.65 31.54
N ASP A 424 33.26 12.35 31.48
CA ASP A 424 34.03 11.44 30.59
C ASP A 424 33.52 11.59 29.15
N GLY A 425 32.21 11.65 28.95
CA GLY A 425 31.71 11.71 27.59
C GLY A 425 31.83 13.08 26.94
N GLY A 426 31.35 14.12 27.62
CA GLY A 426 31.28 15.45 27.04
C GLY A 426 29.85 15.90 26.82
N PHE A 427 29.71 17.19 26.54
CA PHE A 427 28.39 17.80 26.45
C PHE A 427 27.60 17.24 25.26
N THR A 428 28.23 17.14 24.09
CA THR A 428 27.53 16.69 22.90
C THR A 428 27.07 15.24 23.04
N GLU A 429 27.97 14.36 23.51
CA GLU A 429 27.62 12.96 23.70
C GLU A 429 26.56 12.81 24.78
N TYR A 430 26.62 13.64 25.83
CA TYR A 430 25.62 13.58 26.89
C TYR A 430 24.25 13.98 26.39
N ILE A 431 24.16 15.03 25.56
CA ILE A 431 22.87 15.51 25.09
C ILE A 431 22.35 14.74 23.89
N HIS A 432 23.20 13.97 23.20
CA HIS A 432 22.72 13.22 22.05
C HIS A 432 21.86 12.02 22.42
N ASP A 433 21.99 11.51 23.65
CA ASP A 433 21.26 10.30 24.03
C ASP A 433 19.78 10.56 24.24
N TRP A 434 19.42 11.77 24.68
CA TRP A 434 18.03 12.19 24.91
C TRP A 434 17.39 11.45 26.08
N TRP A 435 18.08 10.47 26.65
CA TRP A 435 17.69 9.87 27.92
C TRP A 435 18.33 10.59 29.10
N ASN A 436 19.52 11.16 28.87
CA ASN A 436 20.18 11.95 29.90
C ASN A 436 19.34 13.16 30.30
N LEU A 437 18.48 13.65 29.41
CA LEU A 437 17.56 14.72 29.79
C LEU A 437 16.62 14.27 30.89
N MET A 438 16.00 13.10 30.73
CA MET A 438 15.12 12.58 31.76
C MET A 438 15.90 12.25 33.04
N ASP A 439 17.11 11.71 32.89
CA ASP A 439 17.94 11.43 34.07
C ASP A 439 18.23 12.71 34.85
N PHE A 440 18.61 13.78 34.14
CA PHE A 440 18.91 15.05 34.79
C PHE A 440 17.66 15.64 35.44
N ALA A 441 16.52 15.56 34.77
CA ALA A 441 15.28 16.06 35.36
C ALA A 441 14.95 15.31 36.64
N MET A 442 15.06 13.98 36.63
CA MET A 442 14.76 13.19 37.82
C MET A 442 15.73 13.51 38.95
N ASN A 443 17.02 13.63 38.65
CA ASN A 443 17.99 13.93 39.69
C ASN A 443 17.78 15.32 40.27
N SER A 444 17.47 16.31 39.42
CA SER A 444 17.19 17.65 39.92
C SER A 444 15.95 17.67 40.79
N LEU A 445 14.91 16.93 40.39
CA LEU A 445 13.70 16.86 41.21
C LEU A 445 13.98 16.22 42.56
N TYR A 446 14.79 15.16 42.57
CA TYR A 446 15.16 14.53 43.84
C TYR A 446 15.96 15.47 44.73
N LEU A 447 16.90 16.21 44.14
CA LEU A 447 17.68 17.17 44.92
C LEU A 447 16.79 18.26 45.50
N ALA A 448 15.85 18.77 44.70
CA ALA A 448 14.91 19.77 45.19
C ALA A 448 14.04 19.21 46.32
N THR A 449 13.61 17.96 46.19
CA THR A 449 12.82 17.33 47.24
C THR A 449 13.62 17.25 48.54
N ILE A 450 14.87 16.82 48.44
CA ILE A 450 15.70 16.70 49.65
C ILE A 450 15.92 18.07 50.29
N SER A 451 16.20 19.07 49.46
CA SER A 451 16.43 20.42 49.99
C SER A 451 15.18 20.97 50.67
N LEU A 452 14.01 20.78 50.04
CA LEU A 452 12.77 21.26 50.63
C LEU A 452 12.46 20.54 51.94
N LYS A 453 12.71 19.22 51.98
CA LYS A 453 12.48 18.47 53.21
C LYS A 453 13.38 18.96 54.34
N ILE A 454 14.66 19.20 54.04
CA ILE A 454 15.57 19.66 55.08
C ILE A 454 15.19 21.06 55.53
N VAL A 455 14.73 21.91 54.61
CA VAL A 455 14.31 23.26 54.98
C VAL A 455 13.08 23.21 55.87
N ALA A 456 12.11 22.36 55.53
CA ALA A 456 10.91 22.23 56.37
C ALA A 456 11.26 21.69 57.75
N TYR A 457 12.16 20.71 57.82
CA TYR A 457 12.56 20.16 59.11
C TYR A 457 13.25 21.22 59.95
N VAL A 458 14.11 22.04 59.34
CA VAL A 458 14.80 23.07 60.10
C VAL A 458 13.82 24.14 60.58
N LYS A 459 12.89 24.54 59.73
CA LYS A 459 12.02 25.68 60.04
C LYS A 459 10.86 25.27 60.96
N TYR A 460 10.00 24.38 60.49
CA TYR A 460 8.76 24.06 61.19
C TYR A 460 8.98 22.92 62.18
N ASN A 461 8.38 23.07 63.37
CA ASN A 461 8.50 22.05 64.40
C ASN A 461 7.19 21.81 65.15
N GLY A 462 6.07 22.38 64.69
CA GLY A 462 4.81 22.23 65.37
C GLY A 462 4.02 21.03 64.88
N SER A 463 2.77 20.95 65.33
CA SER A 463 1.84 19.87 64.97
C SER A 463 0.49 20.51 64.67
N ARG A 464 0.26 20.80 63.39
CA ARG A 464 -0.96 21.41 62.91
C ARG A 464 -1.55 20.58 61.78
N PRO A 465 -2.87 20.60 61.61
CA PRO A 465 -3.48 19.74 60.58
C PRO A 465 -3.29 20.28 59.17
N ARG A 466 -3.27 19.34 58.22
CA ARG A 466 -3.14 19.73 56.82
C ARG A 466 -4.34 20.53 56.34
N GLU A 467 -5.50 20.36 56.98
CA GLU A 467 -6.66 21.19 56.66
C GLU A 467 -6.44 22.65 57.03
N GLU A 468 -5.48 22.94 57.92
CA GLU A 468 -5.12 24.30 58.26
C GLU A 468 -3.80 24.75 57.66
N TRP A 469 -2.98 23.82 57.17
CA TRP A 469 -1.74 24.19 56.49
C TRP A 469 -2.04 25.03 55.25
N GLU A 470 -1.08 25.88 54.89
CA GLU A 470 -1.21 26.73 53.72
C GLU A 470 -1.00 25.91 52.44
N MET A 471 -1.36 26.54 51.31
CA MET A 471 -1.27 25.86 50.02
C MET A 471 0.15 25.78 49.49
N TRP A 472 1.05 26.68 49.91
CA TRP A 472 2.44 26.69 49.46
C TRP A 472 3.38 26.13 50.51
N HIS A 473 2.97 25.08 51.21
CA HIS A 473 3.79 24.53 52.27
C HIS A 473 4.97 23.76 51.69
N PRO A 474 6.16 23.90 52.27
CA PRO A 474 7.32 23.14 51.76
C PRO A 474 7.11 21.64 51.80
N THR A 475 6.40 21.14 52.81
CA THR A 475 6.14 19.71 52.88
C THR A 475 5.29 19.25 51.69
N LEU A 476 4.22 19.99 51.40
CA LEU A 476 3.36 19.63 50.27
C LEU A 476 4.11 19.71 48.95
N ILE A 477 4.95 20.75 48.80
CA ILE A 477 5.75 20.86 47.58
C ILE A 477 6.69 19.67 47.46
N ALA A 478 7.29 19.25 48.58
CA ALA A 478 8.20 18.11 48.55
C ALA A 478 7.49 16.82 48.17
N GLU A 479 6.28 16.61 48.70
CA GLU A 479 5.53 15.41 48.34
C GLU A 479 5.15 15.42 46.85
N ALA A 480 4.75 16.58 46.33
CA ALA A 480 4.42 16.66 44.90
C ALA A 480 5.65 16.34 44.05
N LEU A 481 6.80 16.93 44.40
CA LEU A 481 8.02 16.66 43.64
C LEU A 481 8.42 15.19 43.75
N PHE A 482 8.23 14.59 44.92
CA PHE A 482 8.55 13.18 45.09
C PHE A 482 7.65 12.31 44.22
N ALA A 483 6.36 12.64 44.12
CA ALA A 483 5.48 11.87 43.26
C ALA A 483 5.89 11.99 41.79
N ILE A 484 6.24 13.20 41.36
CA ILE A 484 6.70 13.38 39.98
C ILE A 484 7.98 12.59 39.73
N SER A 485 8.89 12.61 40.70
CA SER A 485 10.12 11.84 40.58
C SER A 485 9.85 10.34 40.49
N ASN A 486 8.89 9.86 41.28
CA ASN A 486 8.52 8.45 41.19
C ASN A 486 7.98 8.11 39.81
N ILE A 487 7.13 8.97 39.26
CA ILE A 487 6.60 8.74 37.91
C ILE A 487 7.74 8.65 36.90
N LEU A 488 8.67 9.61 36.95
CA LEU A 488 9.77 9.62 36.00
C LEU A 488 10.67 8.39 36.15
N SER A 489 10.98 8.03 37.40
CA SER A 489 11.85 6.87 37.64
C SER A 489 11.21 5.58 37.16
N SER A 490 9.89 5.44 37.37
CA SER A 490 9.20 4.26 36.86
C SER A 490 9.14 4.26 35.34
N LEU A 491 9.01 5.44 34.72
CA LEU A 491 9.01 5.51 33.26
C LEU A 491 10.39 5.29 32.66
N ARG A 492 11.45 5.39 33.46
CA ARG A 492 12.80 5.19 32.94
C ARG A 492 13.03 3.76 32.45
N LEU A 493 12.19 2.80 32.86
CA LEU A 493 12.41 1.39 32.53
C LEU A 493 12.21 1.07 31.06
N ILE A 494 11.71 2.00 30.25
CA ILE A 494 11.43 1.72 28.84
C ILE A 494 12.71 1.41 28.08
N SER A 495 13.83 2.01 28.48
CA SER A 495 15.09 1.88 27.74
C SER A 495 15.64 0.46 27.74
N LEU A 496 15.13 -0.42 28.60
CA LEU A 496 15.62 -1.80 28.65
C LEU A 496 14.95 -2.70 27.62
N PHE A 497 13.99 -2.19 26.85
CA PHE A 497 13.31 -3.01 25.85
C PHE A 497 14.19 -3.30 24.64
N THR A 498 15.27 -2.54 24.45
CA THR A 498 16.13 -2.76 23.29
C THR A 498 16.90 -4.07 23.36
N ALA A 499 17.09 -4.62 24.55
CA ALA A 499 17.80 -5.88 24.71
C ALA A 499 16.96 -7.08 24.32
N ASN A 500 15.66 -6.91 24.10
CA ASN A 500 14.77 -8.00 23.73
C ASN A 500 14.54 -8.01 22.22
N SER A 501 14.30 -9.21 21.69
CA SER A 501 14.11 -9.36 20.25
C SER A 501 12.73 -8.91 19.79
N HIS A 502 11.72 -9.01 20.66
CA HIS A 502 10.35 -8.74 20.25
C HIS A 502 9.91 -7.30 20.48
N LEU A 503 10.52 -6.59 21.42
CA LEU A 503 10.07 -5.26 21.79
C LEU A 503 10.93 -4.13 21.24
N GLY A 504 12.15 -4.43 20.79
CA GLY A 504 13.07 -3.43 20.30
C GLY A 504 12.57 -2.66 19.10
N PRO A 505 12.22 -3.38 18.01
CA PRO A 505 11.67 -2.68 16.83
C PRO A 505 10.41 -1.89 17.14
N LEU A 506 9.55 -2.42 18.01
CA LEU A 506 8.34 -1.71 18.39
C LEU A 506 8.66 -0.39 19.07
N GLN A 507 9.58 -0.47 20.05
CA GLN A 507 10.01 0.75 20.79
C GLN A 507 10.65 1.71 19.79
N ILE A 508 11.46 1.18 18.87
CA ILE A 508 12.16 2.04 17.86
C ILE A 508 11.08 2.69 16.98
N SER A 509 10.06 1.95 16.58
CA SER A 509 8.97 2.48 15.73
C SER A 509 8.20 3.57 16.48
N LEU A 510 7.91 3.34 17.77
CA LEU A 510 7.17 4.33 18.59
C LEU A 510 8.01 5.60 18.70
N GLY A 511 9.32 5.45 18.90
CA GLY A 511 10.21 6.61 19.02
C GLY A 511 10.24 7.43 17.75
N ARG A 512 10.24 6.77 16.60
CA ARG A 512 10.22 7.49 15.29
C ARG A 512 8.92 8.29 15.14
N MET A 513 7.79 7.74 15.60
CA MET A 513 6.47 8.41 15.41
C MET A 513 6.30 9.61 16.36
N LEU A 514 6.96 9.62 17.52
CA LEU A 514 6.91 10.77 18.43
C LEU A 514 7.13 12.09 17.69
N LEU A 515 7.91 12.08 16.62
CA LEU A 515 8.15 13.32 15.86
C LEU A 515 6.88 13.83 15.19
N ASP A 516 6.11 12.92 14.58
CA ASP A 516 4.84 13.33 13.98
C ASP A 516 3.86 13.80 15.05
N ILE A 517 3.88 13.15 16.21
CA ILE A 517 3.06 13.64 17.34
C ILE A 517 3.42 15.08 17.66
N LEU A 518 4.71 15.36 17.81
CA LEU A 518 5.16 16.71 18.13
C LEU A 518 4.77 17.70 17.03
N LYS A 519 4.79 17.27 15.78
CA LYS A 519 4.44 18.19 14.68
C LYS A 519 2.95 18.53 14.71
N PHE A 520 2.09 17.55 15.03
CA PHE A 520 0.66 17.84 15.07
C PHE A 520 0.27 18.66 16.29
N LEU A 521 1.05 18.54 17.38
CA LEU A 521 0.74 19.29 18.59
C LEU A 521 0.68 20.80 18.35
N PHE A 522 1.49 21.32 17.43
CA PHE A 522 1.49 22.76 17.17
C PHE A 522 0.15 23.23 16.60
N ILE A 523 -0.35 22.52 15.58
CA ILE A 523 -1.64 22.88 15.00
C ILE A 523 -2.75 22.76 16.03
N TYR A 524 -2.72 21.68 16.82
CA TYR A 524 -3.76 21.54 17.84
C TYR A 524 -3.71 22.68 18.84
N CYS A 525 -2.50 23.09 19.25
CA CYS A 525 -2.36 24.18 20.21
C CYS A 525 -2.87 25.49 19.63
N LEU A 526 -2.59 25.75 18.35
CA LEU A 526 -3.07 26.99 17.73
C LEU A 526 -4.60 27.02 17.71
N VAL A 527 -5.23 25.91 17.31
CA VAL A 527 -6.69 25.86 17.28
C VAL A 527 -7.27 26.05 18.68
N LEU A 528 -6.68 25.38 19.67
CA LEU A 528 -7.16 25.49 21.04
C LEU A 528 -7.04 26.92 21.55
N LEU A 529 -5.91 27.58 21.26
CA LEU A 529 -5.73 28.95 21.71
C LEU A 529 -6.77 29.88 21.08
N ALA A 530 -7.01 29.72 19.79
CA ALA A 530 -8.02 30.56 19.13
C ALA A 530 -9.39 30.39 19.77
N PHE A 531 -9.84 29.14 19.92
CA PHE A 531 -11.18 28.91 20.44
C PHE A 531 -11.29 29.32 21.91
N ALA A 532 -10.22 29.13 22.69
CA ALA A 532 -10.25 29.56 24.09
C ALA A 532 -10.32 31.07 24.19
N ASN A 533 -9.57 31.79 23.35
CA ASN A 533 -9.66 33.25 23.33
C ASN A 533 -11.09 33.69 23.04
N GLY A 534 -11.70 33.10 22.01
CA GLY A 534 -13.07 33.49 21.67
C GLY A 534 -14.05 33.22 22.79
N LEU A 535 -13.99 32.01 23.36
CA LEU A 535 -14.94 31.64 24.40
C LEU A 535 -14.76 32.49 25.65
N ASN A 536 -13.52 32.77 26.05
CA ASN A 536 -13.30 33.62 27.20
C ASN A 536 -13.80 35.03 26.96
N GLN A 537 -13.53 35.58 25.76
CA GLN A 537 -14.05 36.91 25.43
C GLN A 537 -15.57 36.96 25.50
N LEU A 538 -16.23 35.87 25.09
CA LEU A 538 -17.69 35.87 25.14
C LEU A 538 -18.21 35.73 26.56
N TYR A 539 -17.61 34.84 27.36
CA TYR A 539 -18.21 34.41 28.62
C TYR A 539 -17.63 35.09 29.86
N PHE A 540 -16.65 35.97 29.72
CA PHE A 540 -16.01 36.53 30.91
C PHE A 540 -16.88 37.55 31.64
N TYR A 541 -18.03 37.93 31.09
CA TYR A 541 -18.89 38.93 31.73
C TYR A 541 -19.60 38.39 32.96
N TYR A 542 -19.92 37.09 33.00
CA TYR A 542 -20.79 36.52 34.02
C TYR A 542 -20.02 35.73 35.07
N GLU A 543 -18.84 36.21 35.48
CA GLU A 543 -18.09 35.54 36.53
C GLU A 543 -18.81 35.65 37.87
N THR A 544 -18.81 34.56 38.62
CA THR A 544 -19.45 34.50 39.93
C THR A 544 -18.44 34.07 40.99
N ARG A 545 -18.67 34.53 42.22
CA ARG A 545 -17.79 34.20 43.32
C ARG A 545 -18.07 32.79 43.85
N ALA A 546 -17.09 32.23 44.55
CA ALA A 546 -17.20 30.87 45.06
C ALA A 546 -18.19 30.76 46.21
N ILE A 547 -18.52 31.87 46.87
CA ILE A 547 -19.45 31.82 48.00
C ILE A 547 -20.85 31.47 47.53
N ASP A 548 -21.26 31.98 46.37
CA ASP A 548 -22.60 31.76 45.87
C ASP A 548 -22.83 30.33 45.36
N GLU A 549 -21.76 29.54 45.21
CA GLU A 549 -21.90 28.19 44.69
C GLU A 549 -22.41 27.25 45.78
N PRO A 550 -23.11 26.18 45.38
CA PRO A 550 -23.72 25.29 46.39
C PRO A 550 -22.74 24.70 47.39
N ASN A 551 -21.54 24.31 46.94
CA ASN A 551 -20.57 23.66 47.81
C ASN A 551 -19.30 24.48 47.98
N ASN A 552 -19.37 25.80 47.73
CA ASN A 552 -18.20 26.68 47.80
C ASN A 552 -17.08 26.20 46.89
N CYS A 553 -17.43 25.63 45.75
CA CYS A 553 -16.49 25.08 44.80
C CYS A 553 -16.64 25.82 43.48
N LYS A 554 -15.52 26.30 42.93
CA LYS A 554 -15.50 27.03 41.68
C LYS A 554 -14.60 26.30 40.68
N GLY A 555 -15.09 26.16 39.45
CA GLY A 555 -14.31 25.51 38.41
C GLY A 555 -15.01 24.31 37.81
N ILE A 556 -14.23 23.46 37.12
CA ILE A 556 -14.79 22.28 36.47
C ILE A 556 -14.45 20.99 37.22
N ARG A 557 -13.62 21.05 38.25
CA ARG A 557 -13.28 19.88 39.05
C ARG A 557 -14.22 19.66 40.21
N CYS A 558 -15.44 20.21 40.15
CA CYS A 558 -16.46 20.01 41.16
C CYS A 558 -17.66 19.31 40.52
N GLU A 559 -18.56 18.81 41.38
CA GLU A 559 -19.80 18.23 40.88
C GLU A 559 -20.66 19.28 40.19
N LYS A 560 -20.75 20.47 40.78
CA LYS A 560 -21.44 21.61 40.16
C LYS A 560 -20.44 22.32 39.27
N GLN A 561 -20.29 21.84 38.04
CA GLN A 561 -19.36 22.43 37.09
C GLN A 561 -19.84 23.83 36.71
N ASN A 562 -19.06 24.85 37.06
CA ASN A 562 -19.44 26.23 36.86
C ASN A 562 -18.20 27.06 36.56
N ASN A 563 -18.43 28.23 35.97
CA ASN A 563 -17.37 29.18 35.62
C ASN A 563 -16.31 28.51 34.74
N ALA A 564 -16.76 27.70 33.78
CA ALA A 564 -15.84 26.99 32.90
C ALA A 564 -15.08 27.94 31.99
N PHE A 565 -15.72 29.04 31.57
CA PHE A 565 -15.10 30.00 30.67
C PHE A 565 -14.98 31.39 31.28
N SER A 566 -14.93 31.47 32.62
CA SER A 566 -14.84 32.78 33.27
C SER A 566 -13.45 33.38 33.13
N THR A 567 -12.42 32.54 33.18
CA THR A 567 -11.04 32.98 33.04
C THR A 567 -10.37 32.23 31.90
N LEU A 568 -9.25 32.79 31.42
CA LEU A 568 -8.54 32.18 30.30
C LEU A 568 -7.95 30.82 30.69
N PHE A 569 -7.39 30.71 31.89
CA PHE A 569 -6.83 29.44 32.34
C PHE A 569 -7.91 28.36 32.44
N GLU A 570 -9.07 28.71 33.01
CA GLU A 570 -10.16 27.75 33.11
C GLU A 570 -10.71 27.40 31.74
N THR A 571 -10.74 28.37 30.81
CA THR A 571 -11.16 28.06 29.45
C THR A 571 -10.22 27.08 28.78
N LEU A 572 -8.91 27.26 28.96
CA LEU A 572 -7.94 26.32 28.41
C LEU A 572 -8.13 24.94 29.01
N GLN A 573 -8.31 24.86 30.33
CA GLN A 573 -8.50 23.56 30.97
C GLN A 573 -9.77 22.87 30.49
N SER A 574 -10.87 23.63 30.35
CA SER A 574 -12.12 23.05 29.88
C SER A 574 -12.01 22.58 28.45
N LEU A 575 -11.37 23.36 27.58
CA LEU A 575 -11.21 22.94 26.19
C LEU A 575 -10.30 21.73 26.08
N PHE A 576 -9.32 21.61 26.98
CA PHE A 576 -8.49 20.40 26.98
C PHE A 576 -9.29 19.19 27.43
N TRP A 577 -10.06 19.33 28.51
CA TRP A 577 -10.84 18.21 29.03
C TRP A 577 -12.02 17.85 28.14
N SER A 578 -12.41 18.73 27.22
CA SER A 578 -13.52 18.43 26.32
C SER A 578 -13.17 17.36 25.30
N VAL A 579 -11.89 17.11 25.07
CA VAL A 579 -11.48 16.10 24.08
C VAL A 579 -11.89 14.70 24.56
N PHE A 580 -11.79 14.45 25.86
CA PHE A 580 -12.10 13.14 26.41
C PHE A 580 -13.54 13.03 26.89
N GLY A 581 -14.37 14.05 26.67
CA GLY A 581 -15.77 13.98 27.05
C GLY A 581 -16.04 14.08 28.53
N LEU A 582 -15.14 14.68 29.29
CA LEU A 582 -15.31 14.83 30.73
C LEU A 582 -15.92 16.17 31.11
N LEU A 583 -16.33 16.98 30.13
CA LEU A 583 -16.98 18.26 30.38
C LEU A 583 -18.45 18.14 30.03
N ASN A 584 -19.32 18.60 30.94
CA ASN A 584 -20.75 18.49 30.75
C ASN A 584 -21.25 19.56 29.78
N LEU A 585 -22.54 19.50 29.47
CA LEU A 585 -23.13 20.37 28.47
C LEU A 585 -23.78 21.61 29.07
N TYR A 586 -24.14 21.59 30.35
CA TYR A 586 -24.79 22.74 30.97
C TYR A 586 -23.81 23.83 31.39
N VAL A 587 -22.51 23.63 31.17
CA VAL A 587 -21.54 24.68 31.48
C VAL A 587 -21.69 25.88 30.57
N THR A 588 -22.33 25.71 29.41
CA THR A 588 -22.60 26.81 28.49
C THR A 588 -23.95 27.46 28.79
N ASN A 589 -24.15 27.84 30.05
CA ASN A 589 -25.39 28.45 30.49
C ASN A 589 -25.07 29.55 31.50
N VAL A 590 -25.98 30.52 31.58
CA VAL A 590 -25.85 31.64 32.50
C VAL A 590 -27.10 31.74 33.35
N LYS A 591 -26.96 32.38 34.52
CA LYS A 591 -28.09 32.55 35.42
C LYS A 591 -29.16 33.44 34.81
N ALA A 592 -28.76 34.43 34.02
CA ALA A 592 -29.72 35.29 33.34
C ALA A 592 -30.29 34.57 32.11
N ARG A 593 -31.37 35.14 31.57
CA ARG A 593 -32.05 34.55 30.42
C ARG A 593 -31.56 35.19 29.11
N HIS A 594 -30.28 34.98 28.84
CA HIS A 594 -29.66 35.46 27.60
C HIS A 594 -29.56 34.28 26.63
N GLU A 595 -30.70 33.98 26.00
CA GLU A 595 -30.77 32.81 25.13
C GLU A 595 -29.87 32.98 23.91
N PHE A 596 -29.76 34.20 23.39
CA PHE A 596 -28.87 34.44 22.25
C PHE A 596 -27.42 34.15 22.61
N THR A 597 -26.98 34.65 23.78
CA THR A 597 -25.61 34.41 24.21
C THR A 597 -25.37 32.92 24.46
N GLU A 598 -26.34 32.25 25.08
CA GLU A 598 -26.20 30.81 25.32
C GLU A 598 -26.10 30.03 24.02
N PHE A 599 -26.92 30.39 23.03
CA PHE A 599 -26.87 29.71 21.74
C PHE A 599 -25.55 29.96 21.03
N VAL A 600 -25.04 31.19 21.09
CA VAL A 600 -23.76 31.49 20.45
C VAL A 600 -22.64 30.70 21.11
N GLY A 601 -22.64 30.64 22.44
CA GLY A 601 -21.63 29.85 23.13
C GLY A 601 -21.72 28.36 22.80
N ALA A 602 -22.95 27.83 22.73
CA ALA A 602 -23.12 26.43 22.36
C ALA A 602 -22.64 26.17 20.94
N THR A 603 -22.89 27.11 20.03
CA THR A 603 -22.40 26.96 18.65
C THR A 603 -20.88 26.96 18.59
N MET A 604 -20.23 27.86 19.34
CA MET A 604 -18.77 27.85 19.40
C MET A 604 -18.25 26.53 19.96
N PHE A 605 -18.87 26.05 21.03
CA PHE A 605 -18.43 24.79 21.64
C PHE A 605 -18.59 23.63 20.67
N GLY A 606 -19.72 23.57 19.96
CA GLY A 606 -19.94 22.51 19.00
C GLY A 606 -18.96 22.56 17.84
N THR A 607 -18.67 23.77 17.34
CA THR A 607 -17.70 23.91 16.26
C THR A 607 -16.32 23.45 16.71
N TYR A 608 -15.91 23.84 17.92
CA TYR A 608 -14.62 23.38 18.44
C TYR A 608 -14.58 21.87 18.57
N ASN A 609 -15.65 21.28 19.10
CA ASN A 609 -15.70 19.83 19.25
C ASN A 609 -15.59 19.13 17.91
N VAL A 610 -16.33 19.61 16.91
CA VAL A 610 -16.28 19.00 15.58
C VAL A 610 -14.87 19.08 15.02
N ILE A 611 -14.27 20.28 15.05
CA ILE A 611 -12.95 20.47 14.46
C ILE A 611 -11.91 19.61 15.18
N SER A 612 -11.99 19.53 16.51
CA SER A 612 -10.96 18.82 17.26
C SER A 612 -11.10 17.30 17.14
N LEU A 613 -12.33 16.78 17.18
CA LEU A 613 -12.53 15.33 17.25
C LEU A 613 -12.76 14.69 15.89
N VAL A 614 -13.65 15.25 15.08
CA VAL A 614 -14.01 14.60 13.78
C VAL A 614 -12.92 14.81 12.74
N VAL A 615 -12.32 16.01 12.67
CA VAL A 615 -11.35 16.29 11.57
C VAL A 615 -9.90 16.06 12.01
N LEU A 616 -9.41 16.77 13.04
CA LEU A 616 -7.97 16.68 13.42
C LEU A 616 -7.59 15.29 13.92
N LEU A 617 -8.41 14.65 14.75
CA LEU A 617 -8.03 13.34 15.33
C LEU A 617 -7.92 12.29 14.23
N ASN A 618 -8.88 12.29 13.29
CA ASN A 618 -8.86 11.32 12.16
C ASN A 618 -7.64 11.57 11.27
N MET A 619 -7.29 12.84 11.06
CA MET A 619 -6.11 13.19 10.21
C MET A 619 -4.82 12.67 10.85
N LEU A 620 -4.69 12.75 12.17
CA LEU A 620 -3.49 12.20 12.86
C LEU A 620 -3.37 10.72 12.54
N ILE A 621 -4.48 9.97 12.60
CA ILE A 621 -4.44 8.53 12.37
C ILE A 621 -3.89 8.22 10.98
N ALA A 622 -4.36 8.95 9.96
CA ALA A 622 -3.86 8.73 8.61
C ALA A 622 -2.36 8.98 8.53
N MET A 623 -1.88 10.02 9.20
CA MET A 623 -0.45 10.30 9.21
C MET A 623 0.33 9.18 9.89
N MET A 624 -0.19 8.65 11.00
CA MET A 624 0.48 7.54 11.67
C MET A 624 0.59 6.32 10.76
N ASN A 625 -0.49 5.97 10.07
CA ASN A 625 -0.41 4.84 9.14
C ASN A 625 0.60 5.09 8.03
N ASN A 626 0.56 6.28 7.42
CA ASN A 626 1.49 6.56 6.32
C ASN A 626 2.93 6.53 6.80
N SER A 627 3.19 7.04 8.01
CA SER A 627 4.55 7.04 8.54
C SER A 627 5.00 5.62 8.89
N TYR A 628 4.14 4.84 9.53
CA TYR A 628 4.52 3.49 9.96
C TYR A 628 4.75 2.58 8.78
N GLN A 629 4.01 2.77 7.68
CA GLN A 629 4.25 1.95 6.46
C GLN A 629 5.71 2.06 6.07
N LEU A 630 6.24 3.28 5.98
CA LEU A 630 7.64 3.46 5.61
C LEU A 630 8.59 3.09 6.76
N ILE A 631 8.14 3.24 7.99
CA ILE A 631 9.00 2.98 9.15
C ILE A 631 9.31 1.49 9.27
N ALA A 632 8.33 0.63 8.97
CA ALA A 632 8.47 -0.80 9.21
C ALA A 632 9.54 -1.46 8.35
N ASP A 633 10.09 -0.77 7.35
CA ASP A 633 11.05 -1.39 6.45
C ASP A 633 12.39 -1.64 7.12
N HIS A 634 12.91 -0.65 7.84
CA HIS A 634 14.25 -0.70 8.41
C HIS A 634 14.24 -0.96 9.92
N ALA A 635 13.16 -1.57 10.44
CA ALA A 635 13.06 -1.80 11.86
C ALA A 635 14.20 -2.67 12.37
N ASP A 636 14.55 -3.72 11.60
CA ASP A 636 15.63 -4.60 12.02
C ASP A 636 16.96 -3.86 12.11
N ILE A 637 17.24 -3.01 11.12
CA ILE A 637 18.51 -2.29 11.11
C ILE A 637 18.58 -1.31 12.28
N GLU A 638 17.52 -0.54 12.50
CA GLU A 638 17.50 0.39 13.62
C GLU A 638 17.63 -0.33 14.96
N TRP A 639 16.90 -1.43 15.13
CA TRP A 639 16.96 -2.16 16.39
C TRP A 639 18.35 -2.73 16.62
N LYS A 640 18.98 -3.25 15.56
CA LYS A 640 20.32 -3.82 15.72
C LYS A 640 21.34 -2.74 16.04
N PHE A 641 21.20 -1.55 15.43
CA PHE A 641 22.10 -0.45 15.78
C PHE A 641 21.93 -0.04 17.24
N ALA A 642 20.69 0.07 17.70
CA ALA A 642 20.43 0.45 19.08
C ALA A 642 20.98 -0.60 20.05
N ARG A 643 20.78 -1.88 19.73
CA ARG A 643 21.26 -2.94 20.60
C ARG A 643 22.79 -3.01 20.61
N THR A 644 23.42 -2.73 19.47
CA THR A 644 24.88 -2.67 19.43
C THR A 644 25.40 -1.55 20.32
N LYS A 645 24.76 -0.37 20.26
CA LYS A 645 25.16 0.72 21.14
C LYS A 645 24.98 0.34 22.61
N LEU A 646 23.84 -0.28 22.95
CA LEU A 646 23.60 -0.67 24.33
C LEU A 646 24.61 -1.72 24.81
N TRP A 647 24.97 -2.66 23.93
CA TRP A 647 25.95 -3.68 24.29
C TRP A 647 27.32 -3.05 24.51
N MET A 648 27.75 -2.18 23.59
CA MET A 648 29.06 -1.54 23.75
C MET A 648 29.08 -0.56 24.91
N SER A 649 27.92 -0.14 25.42
CA SER A 649 27.89 0.71 26.61
C SER A 649 28.38 -0.01 27.87
N TYR A 650 28.51 -1.34 27.84
CA TYR A 650 28.91 -2.12 29.00
C TYR A 650 30.30 -2.73 28.85
N PHE A 651 31.02 -2.42 27.77
CA PHE A 651 32.33 -3.03 27.54
C PHE A 651 33.46 -2.32 28.29
N ASP A 652 33.25 -1.07 28.70
CA ASP A 652 34.32 -0.32 29.33
C ASP A 652 34.60 -0.84 30.74
N GLU A 653 35.82 -0.58 31.21
CA GLU A 653 36.23 -1.03 32.53
C GLU A 653 35.63 -0.17 33.64
N GLY A 654 35.45 1.12 33.36
CA GLY A 654 34.88 2.04 34.37
C GLY A 654 33.46 1.70 34.76
N GLY A 655 33.03 2.06 35.97
CA GLY A 655 31.64 1.84 36.42
C GLY A 655 31.22 0.38 36.44
N THR A 656 32.11 -0.54 36.83
CA THR A 656 31.73 -1.97 36.95
C THR A 656 30.68 -2.17 38.04
N LEU A 657 30.82 -1.48 39.18
CA LEU A 657 29.89 -1.67 40.33
C LEU A 657 28.51 -1.06 40.08
N PRO A 658 27.43 -1.64 40.64
CA PRO A 658 26.06 -1.10 40.51
C PRO A 658 25.91 0.20 41.33
N PRO A 659 24.88 1.05 41.11
CA PRO A 659 24.73 2.35 41.82
C PRO A 659 24.79 2.44 43.35
N PRO A 660 24.19 1.55 44.18
CA PRO A 660 24.29 1.71 45.64
C PRO A 660 25.75 1.62 46.09
N PHE A 661 26.53 0.69 45.52
CA PHE A 661 27.95 0.50 45.92
C PHE A 661 28.87 1.44 45.13
N ASN A 662 28.34 2.10 44.11
CA ASN A 662 29.18 2.99 43.25
C ASN A 662 29.74 4.14 44.10
N ILE A 663 28.90 4.74 44.94
CA ILE A 663 29.34 5.90 45.78
C ILE A 663 30.41 5.45 46.78
N ILE A 664 30.26 4.26 47.37
CA ILE A 664 31.23 3.77 48.40
C ILE A 664 32.49 3.27 47.69
N SER A 706 54.41 -0.08 16.50
CA SER A 706 53.04 -0.21 16.04
C SER A 706 52.92 0.01 14.53
N LEU A 707 53.52 -0.89 13.76
CA LEU A 707 53.49 -0.80 12.30
C LEU A 707 53.06 -2.13 11.70
N ILE A 708 53.29 -3.23 12.43
CA ILE A 708 52.87 -4.55 11.97
C ILE A 708 51.36 -4.59 11.78
N GLN A 709 50.62 -3.96 12.70
CA GLN A 709 49.18 -3.87 12.56
C GLN A 709 48.79 -3.11 11.29
N ASN A 710 49.51 -2.03 10.99
CA ASN A 710 49.23 -1.27 9.77
C ASN A 710 49.49 -2.10 8.52
N GLN A 711 50.60 -2.85 8.50
CA GLN A 711 50.89 -3.71 7.35
C GLN A 711 49.81 -4.78 7.18
N HIS A 712 49.40 -5.41 8.29
CA HIS A 712 48.35 -6.42 8.21
C HIS A 712 47.04 -5.83 7.69
N TYR A 713 46.68 -4.65 8.18
CA TYR A 713 45.46 -3.99 7.71
C TYR A 713 45.56 -3.66 6.22
N GLN A 714 46.73 -3.20 5.77
CA GLN A 714 46.90 -2.90 4.36
C GLN A 714 46.75 -4.14 3.50
N GLU A 715 47.34 -5.26 3.94
CA GLU A 715 47.22 -6.50 3.17
C GLU A 715 45.76 -6.97 3.09
N VAL A 716 45.06 -6.93 4.23
CA VAL A 716 43.66 -7.35 4.25
C VAL A 716 42.82 -6.43 3.37
N ILE A 717 43.10 -5.13 3.40
CA ILE A 717 42.36 -4.18 2.58
C ILE A 717 42.61 -4.45 1.10
N ARG A 718 43.84 -4.78 0.74
CA ARG A 718 44.14 -5.12 -0.66
C ARG A 718 43.35 -6.34 -1.10
N ASN A 719 43.33 -7.37 -0.26
CA ASN A 719 42.57 -8.59 -0.61
C ASN A 719 41.09 -8.28 -0.77
N LEU A 720 40.53 -7.50 0.17
CA LEU A 720 39.12 -7.16 0.09
C LEU A 720 38.80 -6.34 -1.15
N VAL A 721 39.70 -5.41 -1.51
CA VAL A 721 39.50 -4.59 -2.69
C VAL A 721 39.51 -5.46 -3.95
N LYS A 722 40.44 -6.41 -4.02
CA LYS A 722 40.48 -7.30 -5.18
C LYS A 722 39.19 -8.10 -5.30
N ARG A 723 38.73 -8.67 -4.17
CA ARG A 723 37.50 -9.47 -4.21
C ARG A 723 36.30 -8.61 -4.61
N TYR A 724 36.20 -7.39 -4.06
CA TYR A 724 35.10 -6.50 -4.38
C TYR A 724 35.12 -6.10 -5.85
N VAL A 725 36.31 -5.82 -6.38
CA VAL A 725 36.42 -5.45 -7.80
C VAL A 725 35.98 -6.60 -8.68
N ALA A 726 36.40 -7.83 -8.36
CA ALA A 726 35.96 -8.98 -9.14
C ALA A 726 34.45 -9.14 -9.09
N ALA A 727 33.87 -9.02 -7.88
CA ALA A 727 32.43 -9.21 -7.74
C ALA A 727 31.65 -8.14 -8.49
N MET A 728 32.10 -6.90 -8.45
CA MET A 728 31.37 -5.84 -9.14
C MET A 728 31.57 -5.90 -10.66
N ILE A 729 32.74 -6.33 -11.13
CA ILE A 729 32.91 -6.59 -12.55
C ILE A 729 31.93 -7.67 -13.00
N ARG A 730 31.77 -8.73 -12.18
CA ARG A 730 30.83 -9.78 -12.55
C ARG A 730 29.40 -9.28 -12.54
N ASN A 731 29.04 -8.47 -11.54
CA ASN A 731 27.69 -7.91 -11.51
C ASN A 731 27.44 -6.99 -12.70
N SER A 732 28.48 -6.33 -13.21
CA SER A 732 28.34 -5.60 -14.46
C SER A 732 28.16 -6.57 -15.63
N LYS A 733 28.82 -7.72 -15.56
CA LYS A 733 28.68 -8.75 -16.59
C LYS A 733 27.42 -9.61 -16.41
N THR A 734 26.75 -9.51 -15.26
CA THR A 734 25.55 -10.31 -15.05
C THR A 734 24.44 -9.91 -16.03
N HIS A 735 24.25 -8.62 -16.25
CA HIS A 735 23.29 -8.14 -17.24
C HIS A 735 23.94 -8.24 -18.62
N GLU A 736 23.28 -7.66 -19.63
CA GLU A 736 23.68 -7.71 -21.04
C GLU A 736 24.19 -9.09 -21.44
N GLY A 737 23.50 -10.14 -20.99
CA GLY A 737 23.93 -11.50 -21.27
C GLY A 737 23.95 -11.85 -22.74
N LEU A 738 23.18 -11.13 -23.57
CA LEU A 738 23.17 -11.33 -25.01
C LEU A 738 24.32 -10.55 -25.66
N THR A 739 25.55 -10.95 -25.29
CA THR A 739 26.73 -10.30 -25.81
C THR A 739 26.86 -10.54 -27.32
N GLU A 740 27.53 -9.61 -27.99
CA GLU A 740 27.65 -9.67 -29.44
C GLU A 740 29.09 -9.41 -29.88
N GLU A 741 29.26 -9.18 -31.19
CA GLU A 741 30.56 -8.88 -31.81
C GLU A 741 31.46 -10.11 -31.84
N ASN A 742 31.04 -11.20 -31.19
CA ASN A 742 31.75 -12.46 -31.35
C ASN A 742 31.58 -13.01 -32.75
N PHE A 743 30.38 -12.87 -33.32
CA PHE A 743 30.17 -13.26 -34.70
C PHE A 743 30.94 -12.35 -35.65
N LYS A 744 31.00 -11.06 -35.34
CA LYS A 744 31.73 -10.12 -36.18
C LYS A 744 33.22 -10.43 -36.19
N GLU A 745 33.79 -10.72 -35.02
CA GLU A 745 35.21 -11.04 -34.94
C GLU A 745 35.52 -12.34 -35.68
N LEU A 746 34.68 -13.36 -35.51
CA LEU A 746 34.90 -14.62 -36.20
C LEU A 746 34.71 -14.46 -37.71
N LYS A 747 33.70 -13.70 -38.12
CA LYS A 747 33.47 -13.48 -39.55
C LYS A 747 34.64 -12.73 -40.18
N GLN A 748 35.18 -11.74 -39.47
CA GLN A 748 36.35 -11.02 -39.97
C GLN A 748 37.56 -11.93 -40.09
N ASP A 749 37.73 -12.83 -39.12
CA ASP A 749 38.89 -13.73 -39.14
C ASP A 749 38.78 -14.73 -40.29
N ILE A 750 37.61 -15.36 -40.45
CA ILE A 750 37.47 -16.35 -41.51
C ILE A 750 37.50 -15.70 -42.89
N SER A 751 37.00 -14.47 -43.01
CA SER A 751 37.08 -13.76 -44.28
C SER A 751 38.52 -13.45 -44.65
N SER A 752 39.33 -13.04 -43.67
CA SER A 752 40.75 -12.80 -43.92
C SER A 752 41.47 -14.08 -44.30
N PHE A 753 41.15 -15.18 -43.62
CA PHE A 753 41.74 -16.47 -43.97
C PHE A 753 41.33 -16.91 -45.37
N ARG A 754 40.05 -16.69 -45.72
CA ARG A 754 39.60 -17.00 -47.08
C ARG A 754 40.29 -16.12 -48.11
N TYR A 755 40.48 -14.85 -47.79
CA TYR A 755 41.14 -13.90 -48.68
C TYR A 755 42.61 -14.26 -48.88
N ARG B 17 44.80 20.71 -4.53
CA ARG B 17 44.93 19.86 -5.69
C ARG B 17 45.19 18.43 -5.19
N ILE B 18 44.29 17.52 -5.52
CA ILE B 18 44.27 16.16 -4.98
C ILE B 18 45.22 15.30 -5.82
N PRO B 19 46.37 14.88 -5.29
CA PRO B 19 47.29 14.06 -6.07
C PRO B 19 46.77 12.63 -6.25
N LEU B 20 46.15 12.34 -7.39
CA LEU B 20 45.64 11.00 -7.67
C LEU B 20 46.78 10.12 -8.16
N GLN B 21 46.98 9.00 -7.49
CA GLN B 21 48.04 8.05 -7.82
C GLN B 21 47.55 6.65 -7.50
N ILE B 22 48.46 5.69 -7.47
CA ILE B 22 48.17 4.31 -7.13
C ILE B 22 48.70 4.04 -5.73
N VAL B 23 47.84 3.56 -4.85
CA VAL B 23 48.25 3.24 -3.48
C VAL B 23 48.69 1.78 -3.37
N ARG B 24 47.94 0.86 -3.98
CA ARG B 24 48.29 -0.55 -4.01
C ARG B 24 48.70 -0.90 -5.44
N ALA B 25 49.99 -1.16 -5.64
CA ALA B 25 50.54 -1.38 -6.97
C ALA B 25 50.74 -2.87 -7.21
N GLU B 26 50.30 -3.34 -8.37
CA GLU B 26 50.46 -4.73 -8.76
C GLU B 26 51.75 -4.89 -9.57
N THR B 27 51.93 -6.05 -10.19
CA THR B 27 53.12 -6.32 -10.98
C THR B 27 52.99 -5.73 -12.38
N GLU B 28 54.12 -5.59 -13.05
CA GLU B 28 54.15 -5.05 -14.40
C GLU B 28 53.77 -6.13 -15.41
N LEU B 29 53.58 -5.70 -16.65
CA LEU B 29 53.13 -6.59 -17.72
C LEU B 29 53.68 -6.07 -19.04
N SER B 30 53.05 -6.47 -20.15
CA SER B 30 53.36 -6.04 -21.52
C SER B 30 54.62 -6.70 -22.08
N ALA B 31 54.98 -7.89 -21.58
CA ALA B 31 56.05 -8.68 -22.15
C ALA B 31 55.45 -9.66 -23.16
N GLU B 32 56.23 -10.67 -23.56
CA GLU B 32 55.66 -11.75 -24.37
C GLU B 32 54.60 -12.52 -23.60
N GLU B 33 54.76 -12.61 -22.27
CA GLU B 33 53.76 -13.25 -21.43
C GLU B 33 52.43 -12.52 -21.44
N LYS B 34 52.43 -11.20 -21.66
CA LYS B 34 51.18 -10.47 -21.88
C LYS B 34 50.75 -10.50 -23.33
N ALA B 35 51.71 -10.59 -24.25
CA ALA B 35 51.39 -10.70 -25.67
C ALA B 35 50.55 -11.93 -25.93
N PHE B 36 50.91 -13.06 -25.33
CA PHE B 36 50.16 -14.28 -25.62
C PHE B 36 48.84 -14.33 -24.85
N LEU B 37 48.75 -13.66 -23.69
CA LEU B 37 47.42 -13.46 -23.08
C LEU B 37 46.50 -12.66 -23.99
N ASN B 38 46.96 -11.53 -24.54
CA ASN B 38 46.05 -10.79 -25.41
C ASN B 38 45.80 -11.51 -26.72
N ALA B 39 46.73 -12.37 -27.16
CA ALA B 39 46.44 -13.23 -28.31
C ALA B 39 45.31 -14.20 -27.99
N VAL B 40 45.36 -14.83 -26.81
CA VAL B 40 44.28 -15.71 -26.39
C VAL B 40 42.96 -14.93 -26.28
N GLU B 41 43.04 -13.70 -25.78
CA GLU B 41 41.86 -12.85 -25.71
C GLU B 41 41.26 -12.61 -27.09
N LYS B 42 42.12 -12.35 -28.08
CA LYS B 42 41.64 -12.23 -29.45
C LYS B 42 40.98 -13.53 -29.91
N GLY B 43 41.58 -14.67 -29.58
CA GLY B 43 40.96 -15.95 -29.81
C GLY B 43 41.21 -16.57 -31.17
N ASP B 44 41.94 -15.90 -32.05
CA ASP B 44 42.26 -16.48 -33.35
C ASP B 44 43.13 -17.73 -33.15
N TYR B 45 42.62 -18.88 -33.61
CA TYR B 45 43.24 -20.15 -33.28
C TYR B 45 44.66 -20.26 -33.85
N ALA B 46 44.84 -19.90 -35.12
CA ALA B 46 46.15 -20.05 -35.74
C ALA B 46 47.19 -19.16 -35.07
N THR B 47 46.84 -17.90 -34.82
CA THR B 47 47.77 -16.98 -34.18
C THR B 47 48.09 -17.42 -32.76
N VAL B 48 47.07 -17.86 -32.00
CA VAL B 48 47.31 -18.32 -30.64
C VAL B 48 48.22 -19.53 -30.64
N LYS B 49 47.98 -20.49 -31.53
CA LYS B 49 48.78 -21.70 -31.58
C LYS B 49 50.23 -21.38 -31.95
N GLN B 50 50.42 -20.53 -32.96
CA GLN B 50 51.79 -20.21 -33.39
C GLN B 50 52.54 -19.43 -32.31
N ALA B 51 51.86 -18.48 -31.65
CA ALA B 51 52.52 -17.73 -30.58
C ALA B 51 52.85 -18.64 -29.40
N LEU B 52 51.94 -19.54 -29.04
CA LEU B 52 52.19 -20.44 -27.92
C LEU B 52 53.34 -21.39 -28.22
N GLN B 53 53.39 -21.95 -29.43
CA GLN B 53 54.47 -22.88 -29.75
C GLN B 53 55.80 -22.14 -29.85
N GLU B 54 55.80 -20.91 -30.38
CA GLU B 54 57.03 -20.13 -30.42
C GLU B 54 57.53 -19.81 -29.02
N ALA B 55 56.62 -19.43 -28.12
CA ALA B 55 57.01 -19.15 -26.74
C ALA B 55 57.51 -20.41 -26.04
N GLU B 56 56.88 -21.56 -26.30
CA GLU B 56 57.33 -22.81 -25.69
C GLU B 56 58.71 -23.20 -26.19
N ILE B 57 58.98 -23.01 -27.47
CA ILE B 57 60.32 -23.29 -28.00
C ILE B 57 61.34 -22.32 -27.40
N TYR B 58 60.97 -21.05 -27.26
CA TYR B 58 61.89 -20.06 -26.70
C TYR B 58 62.18 -20.33 -25.23
N TYR B 59 61.22 -20.88 -24.49
CA TYR B 59 61.39 -21.23 -23.08
C TYR B 59 61.75 -20.00 -22.24
N ASN B 60 60.95 -18.94 -22.38
CA ASN B 60 61.20 -17.73 -21.63
C ASN B 60 59.91 -17.06 -21.15
N VAL B 61 58.78 -17.76 -21.19
CA VAL B 61 57.49 -17.22 -20.78
C VAL B 61 56.89 -18.12 -19.71
N ASN B 62 55.86 -17.61 -19.05
CA ASN B 62 55.10 -18.34 -18.04
C ASN B 62 53.62 -18.35 -18.43
N ILE B 63 52.80 -18.93 -17.55
CA ILE B 63 51.36 -19.00 -17.77
C ILE B 63 50.62 -18.54 -16.52
N ASN B 64 51.35 -17.91 -15.59
CA ASN B 64 50.78 -17.46 -14.33
C ASN B 64 50.39 -15.98 -14.35
N CYS B 65 50.50 -15.32 -15.50
CA CYS B 65 50.21 -13.90 -15.57
C CYS B 65 48.71 -13.64 -15.39
N MET B 66 48.39 -12.46 -14.89
CA MET B 66 47.01 -12.09 -14.56
C MET B 66 46.72 -10.72 -15.14
N ASP B 67 45.54 -10.57 -15.75
CA ASP B 67 45.15 -9.30 -16.33
C ASP B 67 44.72 -8.32 -15.24
N PRO B 68 44.69 -7.01 -15.54
CA PRO B 68 44.24 -6.04 -14.53
C PRO B 68 42.82 -6.24 -14.07
N LEU B 69 41.95 -6.85 -14.87
CA LEU B 69 40.56 -7.06 -14.50
C LEU B 69 40.32 -8.33 -13.70
N GLY B 70 41.35 -9.14 -13.49
CA GLY B 70 41.21 -10.35 -12.71
C GLY B 70 40.87 -11.60 -13.49
N ARG B 71 41.25 -11.68 -14.77
CA ARG B 71 41.00 -12.84 -15.60
C ARG B 71 42.30 -13.32 -16.23
N SER B 72 42.37 -14.61 -16.49
CA SER B 72 43.51 -15.24 -17.15
C SER B 72 43.05 -15.80 -18.50
N ALA B 73 43.95 -16.52 -19.17
CA ALA B 73 43.62 -17.11 -20.46
C ALA B 73 42.48 -18.12 -20.33
N LEU B 74 42.56 -19.00 -19.34
CA LEU B 74 41.51 -20.00 -19.14
C LEU B 74 40.20 -19.36 -18.72
N LEU B 75 40.26 -18.33 -17.88
CA LEU B 75 39.03 -17.65 -17.47
C LEU B 75 38.37 -16.92 -18.65
N ILE B 76 39.18 -16.30 -19.50
CA ILE B 76 38.63 -15.63 -20.67
C ILE B 76 38.07 -16.65 -21.66
N ALA B 77 38.70 -17.81 -21.77
CA ALA B 77 38.11 -18.89 -22.58
C ALA B 77 36.79 -19.36 -21.99
N ILE B 78 36.71 -19.43 -20.65
CA ILE B 78 35.46 -19.77 -19.98
C ILE B 78 34.37 -18.77 -20.35
N GLU B 79 34.69 -17.47 -20.28
CA GLU B 79 33.69 -16.44 -20.52
C GLU B 79 33.28 -16.40 -21.99
N ASN B 80 34.23 -16.56 -22.90
CA ASN B 80 33.94 -16.46 -24.32
C ASN B 80 33.28 -17.71 -24.89
N GLU B 81 33.42 -18.86 -24.21
CA GLU B 81 32.80 -20.12 -24.61
C GLU B 81 33.26 -20.52 -26.02
N ASN B 82 34.54 -20.85 -26.10
CA ASN B 82 35.16 -21.32 -27.34
C ASN B 82 35.83 -22.66 -27.07
N LEU B 83 35.20 -23.75 -27.54
CA LEU B 83 35.71 -25.08 -27.24
C LEU B 83 37.05 -25.35 -27.90
N GLU B 84 37.30 -24.78 -29.07
CA GLU B 84 38.57 -25.01 -29.76
C GLU B 84 39.72 -24.37 -28.98
N ILE B 85 39.59 -23.11 -28.59
CA ILE B 85 40.63 -22.49 -27.79
C ILE B 85 40.73 -23.18 -26.42
N MET B 86 39.61 -23.69 -25.92
CA MET B 86 39.62 -24.43 -24.66
C MET B 86 40.52 -25.65 -24.75
N GLU B 87 40.27 -26.51 -25.75
CA GLU B 87 41.07 -27.72 -25.89
C GLU B 87 42.52 -27.40 -26.24
N LEU B 88 42.76 -26.35 -27.03
CA LEU B 88 44.13 -25.95 -27.33
C LEU B 88 44.87 -25.55 -26.07
N LEU B 89 44.27 -24.69 -25.24
CA LEU B 89 44.91 -24.24 -24.01
C LEU B 89 45.13 -25.40 -23.05
N LEU B 90 44.13 -26.28 -22.93
CA LEU B 90 44.26 -27.39 -21.98
C LEU B 90 45.31 -28.40 -22.43
N ASN B 91 45.42 -28.64 -23.74
CA ASN B 91 46.46 -29.52 -24.25
C ASN B 91 47.82 -28.86 -24.26
N HIS B 92 47.87 -27.53 -24.14
CA HIS B 92 49.14 -26.82 -24.01
C HIS B 92 49.66 -26.79 -22.58
N SER B 93 48.99 -27.50 -21.66
CA SER B 93 49.44 -27.65 -20.28
C SER B 93 49.49 -26.31 -19.55
N VAL B 94 48.35 -25.61 -19.56
CA VAL B 94 48.18 -24.40 -18.75
C VAL B 94 47.77 -24.81 -17.35
N TYR B 95 47.76 -23.85 -16.42
CA TYR B 95 47.35 -24.14 -15.06
C TYR B 95 45.89 -24.58 -15.03
N VAL B 96 45.58 -25.55 -14.17
CA VAL B 96 44.26 -26.18 -14.14
C VAL B 96 43.52 -25.92 -12.83
N GLY B 97 44.17 -25.35 -11.83
CA GLY B 97 43.54 -25.12 -10.54
C GLY B 97 42.28 -24.30 -10.59
N ASP B 98 41.21 -24.81 -9.98
CA ASP B 98 39.88 -24.20 -9.89
C ASP B 98 39.17 -24.10 -11.23
N ALA B 99 39.81 -24.49 -12.34
CA ALA B 99 39.18 -24.34 -13.65
C ALA B 99 37.91 -25.17 -13.75
N LEU B 100 37.88 -26.34 -13.13
CA LEU B 100 36.65 -27.14 -13.11
C LEU B 100 35.52 -26.38 -12.41
N LEU B 101 35.82 -25.74 -11.28
CA LEU B 101 34.80 -24.97 -10.59
C LEU B 101 34.34 -23.78 -11.42
N TYR B 102 35.27 -23.08 -12.06
CA TYR B 102 34.87 -21.96 -12.93
C TYR B 102 34.00 -22.43 -14.08
N ALA B 103 34.32 -23.57 -14.68
CA ALA B 103 33.49 -24.08 -15.78
C ALA B 103 32.11 -24.50 -15.30
N ILE B 104 32.03 -25.23 -14.18
CA ILE B 104 30.75 -25.66 -13.64
C ILE B 104 29.88 -24.45 -13.31
N ARG B 105 30.50 -23.42 -12.73
CA ARG B 105 29.79 -22.21 -12.34
C ARG B 105 29.41 -21.37 -13.55
N LYS B 106 30.18 -21.44 -14.65
CA LYS B 106 29.78 -20.82 -15.90
C LYS B 106 28.65 -21.59 -16.57
N GLU B 107 28.46 -22.86 -16.22
CA GLU B 107 27.36 -23.69 -16.71
C GLU B 107 27.45 -23.90 -18.22
N VAL B 108 28.57 -24.49 -18.65
CA VAL B 108 28.74 -24.94 -20.02
C VAL B 108 29.16 -26.41 -20.01
N VAL B 109 28.30 -27.26 -20.57
CA VAL B 109 28.48 -28.71 -20.42
C VAL B 109 29.68 -29.20 -21.21
N GLY B 110 29.89 -28.66 -22.42
CA GLY B 110 31.00 -29.11 -23.24
C GLY B 110 32.34 -28.87 -22.56
N ALA B 111 32.56 -27.65 -22.06
CA ALA B 111 33.83 -27.37 -21.40
C ALA B 111 33.93 -28.03 -20.03
N VAL B 112 32.80 -28.23 -19.34
CA VAL B 112 32.83 -29.00 -18.10
C VAL B 112 33.34 -30.41 -18.38
N GLU B 113 32.81 -31.05 -19.41
CA GLU B 113 33.24 -32.40 -19.77
C GLU B 113 34.70 -32.40 -20.21
N LEU B 114 35.09 -31.40 -20.99
CA LEU B 114 36.48 -31.32 -21.46
C LEU B 114 37.45 -31.17 -20.29
N LEU B 115 37.11 -30.32 -19.32
CA LEU B 115 37.98 -30.12 -18.16
C LEU B 115 38.00 -31.37 -17.28
N LEU B 116 36.87 -32.05 -17.15
CA LEU B 116 36.85 -33.29 -16.38
C LEU B 116 37.70 -34.36 -17.04
N SER B 117 37.71 -34.40 -18.37
CA SER B 117 38.53 -35.35 -19.11
C SER B 117 39.99 -34.91 -19.22
N TYR B 118 40.28 -33.66 -18.88
CA TYR B 118 41.64 -33.11 -18.92
C TYR B 118 42.24 -33.20 -20.33
N GLN B 135 47.20 -18.29 -5.11
CA GLN B 135 46.78 -17.25 -6.05
C GLN B 135 45.45 -16.63 -5.61
N PHE B 136 44.93 -15.74 -6.45
CA PHE B 136 43.65 -15.08 -6.18
C PHE B 136 42.52 -15.90 -6.80
N SER B 137 41.56 -16.29 -5.98
CA SER B 137 40.40 -17.04 -6.44
C SER B 137 39.15 -16.47 -5.78
N GLU B 138 38.09 -16.31 -6.58
CA GLU B 138 36.82 -15.82 -6.08
C GLU B 138 35.94 -16.93 -5.51
N PHE B 139 36.53 -18.06 -5.14
CA PHE B 139 35.80 -19.21 -4.62
C PHE B 139 36.26 -19.50 -3.20
N THR B 140 35.30 -19.76 -2.32
CA THR B 140 35.62 -20.12 -0.95
C THR B 140 36.36 -21.45 -0.92
N PRO B 141 37.39 -21.58 -0.07
CA PRO B 141 38.17 -22.83 -0.05
C PRO B 141 37.36 -24.07 0.29
N ASP B 142 36.21 -23.92 0.96
CA ASP B 142 35.40 -25.09 1.31
C ASP B 142 34.53 -25.57 0.16
N ILE B 143 34.52 -24.85 -0.97
CA ILE B 143 33.63 -25.19 -2.08
C ILE B 143 34.18 -26.41 -2.81
N THR B 144 33.31 -27.40 -3.02
CA THR B 144 33.54 -28.64 -3.76
C THR B 144 32.80 -28.55 -5.10
N PRO B 145 33.29 -29.22 -6.15
CA PRO B 145 32.53 -29.22 -7.42
C PRO B 145 31.09 -29.68 -7.28
N ILE B 146 30.84 -30.73 -6.50
CA ILE B 146 29.46 -31.20 -6.31
C ILE B 146 28.66 -30.16 -5.54
N MET B 147 29.29 -29.50 -4.56
CA MET B 147 28.60 -28.46 -3.80
C MET B 147 28.22 -27.29 -4.70
N LEU B 148 29.11 -26.89 -5.60
CA LEU B 148 28.82 -25.79 -6.51
C LEU B 148 27.74 -26.19 -7.51
N ALA B 149 27.78 -27.44 -7.99
CA ALA B 149 26.73 -27.91 -8.89
C ALA B 149 25.37 -27.91 -8.20
N ALA B 150 25.33 -28.33 -6.93
CA ALA B 150 24.07 -28.30 -6.18
C ALA B 150 23.62 -26.87 -5.94
N HIS B 151 24.55 -25.96 -5.67
CA HIS B 151 24.20 -24.55 -5.49
C HIS B 151 23.58 -23.97 -6.75
N THR B 152 24.18 -24.26 -7.90
CA THR B 152 23.70 -23.71 -9.16
C THR B 152 22.45 -24.41 -9.68
N ASN B 153 22.18 -25.63 -9.21
CA ASN B 153 20.95 -26.36 -9.53
C ASN B 153 20.82 -26.61 -11.03
N ASN B 154 21.79 -27.35 -11.57
CA ASN B 154 21.79 -27.77 -12.96
C ASN B 154 21.68 -29.29 -13.01
N TYR B 155 20.59 -29.80 -13.55
CA TYR B 155 20.31 -31.23 -13.52
C TYR B 155 21.37 -32.02 -14.28
N GLU B 156 21.73 -31.57 -15.48
CA GLU B 156 22.65 -32.33 -16.32
C GLU B 156 24.02 -32.43 -15.69
N ILE B 157 24.60 -31.30 -15.27
CA ILE B 157 25.94 -31.32 -14.68
C ILE B 157 25.91 -31.99 -13.32
N ILE B 158 24.80 -31.86 -12.58
CA ILE B 158 24.69 -32.55 -11.29
C ILE B 158 24.74 -34.06 -11.50
N LYS B 159 24.01 -34.56 -12.50
CA LYS B 159 24.04 -35.98 -12.80
C LYS B 159 25.42 -36.41 -13.30
N LEU B 160 26.06 -35.58 -14.12
CA LEU B 160 27.37 -35.92 -14.65
C LEU B 160 28.40 -36.01 -13.52
N LEU B 161 28.31 -35.14 -12.54
CA LEU B 161 29.23 -35.19 -11.40
C LEU B 161 28.89 -36.35 -10.46
N VAL B 162 27.60 -36.61 -10.25
CA VAL B 162 27.18 -37.64 -9.30
C VAL B 162 27.31 -39.04 -9.86
N GLN B 163 27.49 -39.20 -11.17
CA GLN B 163 27.74 -40.54 -11.72
C GLN B 163 29.02 -41.12 -11.16
N LYS B 164 29.97 -40.27 -10.79
CA LYS B 164 31.14 -40.71 -10.04
C LYS B 164 30.80 -40.75 -8.55
N ARG B 165 31.57 -41.55 -7.81
CA ARG B 165 31.32 -41.75 -6.38
C ARG B 165 31.79 -40.52 -5.63
N VAL B 166 30.93 -39.52 -5.54
CA VAL B 166 31.20 -38.28 -4.81
C VAL B 166 30.22 -38.20 -3.65
N THR B 167 30.68 -37.61 -2.55
CA THR B 167 29.94 -37.60 -1.30
C THR B 167 29.95 -36.20 -0.70
N ILE B 168 29.23 -36.06 0.42
CA ILE B 168 29.07 -34.76 1.09
C ILE B 168 29.24 -34.98 2.59
N PRO B 169 29.92 -34.09 3.30
CA PRO B 169 30.06 -34.24 4.76
C PRO B 169 28.73 -34.09 5.48
N ARG B 170 28.68 -34.60 6.73
CA ARG B 170 27.55 -34.42 7.63
C ARG B 170 27.75 -33.17 8.49
N PRO B 171 26.74 -32.25 8.59
CA PRO B 171 26.81 -31.19 9.58
C PRO B 171 26.28 -31.90 10.83
N HIS B 172 26.74 -31.52 12.02
CA HIS B 172 26.35 -32.22 13.27
C HIS B 172 24.97 -31.77 13.75
N GLN B 173 24.41 -32.43 14.78
CA GLN B 173 23.07 -32.08 15.33
C GLN B 173 22.99 -30.58 15.66
N ILE B 174 21.77 -30.06 15.87
CA ILE B 174 21.61 -28.62 16.03
C ILE B 174 22.36 -28.11 17.25
N ARG B 175 22.25 -28.84 18.37
CA ARG B 175 22.87 -28.35 19.64
C ARG B 175 24.07 -29.22 19.99
N CYS B 176 24.91 -29.56 19.00
CA CYS B 176 26.05 -30.47 19.29
C CYS B 176 27.06 -29.77 20.21
N ASN B 177 27.48 -30.44 21.27
CA ASN B 177 28.49 -29.88 22.20
C ASN B 177 29.75 -30.74 22.13
N CYS B 178 29.89 -31.55 21.08
CA CYS B 178 31.04 -32.50 20.99
C CYS B 178 32.36 -31.74 20.84
N VAL B 179 33.48 -32.38 21.18
CA VAL B 179 34.80 -31.68 21.16
C VAL B 179 35.11 -31.19 19.73
N GLU B 180 34.79 -31.98 18.71
CA GLU B 180 35.16 -31.57 17.32
C GLU B 180 34.43 -30.26 16.97
N CYS B 181 33.13 -30.17 17.29
CA CYS B 181 32.35 -28.95 16.98
C CYS B 181 32.86 -27.76 17.80
N VAL B 182 33.12 -27.97 19.09
CA VAL B 182 33.57 -26.85 19.98
C VAL B 182 34.95 -26.38 19.52
N SER B 183 35.83 -27.32 19.14
CA SER B 183 37.20 -26.96 18.71
C SER B 183 37.16 -26.18 17.39
N SER B 184 36.38 -26.67 16.42
CA SER B 184 36.31 -26.01 15.12
C SER B 184 35.70 -24.63 15.23
N SER B 185 34.71 -24.46 16.11
CA SER B 185 34.16 -23.14 16.35
C SER B 185 35.15 -22.22 17.05
N GLU B 186 36.01 -22.80 17.91
CA GLU B 186 36.98 -21.98 18.64
C GLU B 186 38.08 -21.48 17.72
N VAL B 187 38.60 -22.32 16.83
CA VAL B 187 39.69 -21.88 15.97
C VAL B 187 39.18 -20.84 14.97
N ASP B 188 37.99 -21.04 14.41
CA ASP B 188 37.42 -20.09 13.47
C ASP B 188 35.92 -20.33 13.41
N SER B 189 35.14 -19.32 13.83
CA SER B 189 33.69 -19.46 13.89
C SER B 189 33.00 -19.01 12.60
N LEU B 190 33.53 -17.96 11.95
CA LEU B 190 32.94 -17.51 10.70
C LEU B 190 33.04 -18.58 9.62
N ARG B 191 34.21 -19.22 9.51
CA ARG B 191 34.37 -20.30 8.53
C ARG B 191 33.47 -21.47 8.85
N HIS B 192 33.31 -21.80 10.13
CA HIS B 192 32.43 -22.89 10.54
C HIS B 192 30.98 -22.60 10.13
N SER B 193 30.50 -21.38 10.43
CA SER B 193 29.13 -21.03 10.07
C SER B 193 28.94 -21.03 8.57
N ARG B 194 29.92 -20.51 7.82
CA ARG B 194 29.82 -20.51 6.37
C ARG B 194 29.79 -21.94 5.82
N SER B 195 30.62 -22.82 6.37
CA SER B 195 30.63 -24.21 5.91
C SER B 195 29.30 -24.89 6.18
N ARG B 196 28.72 -24.67 7.36
CA ARG B 196 27.42 -25.25 7.67
C ARG B 196 26.36 -24.73 6.71
N LEU B 197 26.34 -23.42 6.47
CA LEU B 197 25.35 -22.84 5.57
C LEU B 197 25.50 -23.37 4.16
N ASN B 198 26.74 -23.49 3.67
CA ASN B 198 26.98 -24.00 2.34
C ASN B 198 26.57 -25.46 2.21
N ILE B 199 26.86 -26.26 3.25
CA ILE B 199 26.47 -27.67 3.23
C ILE B 199 24.97 -27.80 3.15
N TYR B 200 24.25 -27.02 3.97
CA TYR B 200 22.78 -27.12 3.96
C TYR B 200 22.20 -26.59 2.66
N LYS B 201 22.79 -25.54 2.10
CA LYS B 201 22.33 -25.01 0.83
C LYS B 201 22.53 -26.02 -0.30
N ALA B 202 23.64 -26.75 -0.27
CA ALA B 202 23.86 -27.80 -1.27
C ALA B 202 22.89 -28.96 -1.05
N LEU B 203 22.60 -29.30 0.20
CA LEU B 203 21.72 -30.43 0.48
C LEU B 203 20.28 -30.13 0.13
N ALA B 204 19.88 -28.85 0.20
CA ALA B 204 18.48 -28.47 -0.04
C ALA B 204 18.19 -28.20 -1.52
N SER B 205 18.95 -28.79 -2.43
CA SER B 205 18.74 -28.55 -3.85
C SER B 205 17.63 -29.45 -4.38
N PRO B 206 16.65 -28.92 -5.10
CA PRO B 206 15.58 -29.77 -5.65
C PRO B 206 16.09 -30.85 -6.58
N SER B 207 17.10 -30.56 -7.40
CA SER B 207 17.65 -31.58 -8.28
C SER B 207 18.40 -32.64 -7.49
N LEU B 208 19.21 -32.22 -6.51
CA LEU B 208 19.92 -33.17 -5.67
C LEU B 208 18.98 -33.98 -4.78
N ILE B 209 17.73 -33.53 -4.62
CA ILE B 209 16.72 -34.36 -3.98
C ILE B 209 16.05 -35.29 -4.99
N ALA B 210 15.84 -34.82 -6.22
CA ALA B 210 15.28 -35.68 -7.26
C ALA B 210 16.17 -36.88 -7.51
N LEU B 211 17.48 -36.67 -7.56
CA LEU B 211 18.43 -37.78 -7.62
C LEU B 211 18.87 -38.17 -6.21
N SER B 212 19.33 -39.42 -6.09
CA SER B 212 19.93 -39.93 -4.85
C SER B 212 18.99 -39.80 -3.66
N SER B 213 17.72 -40.14 -3.86
CA SER B 213 16.74 -40.10 -2.77
C SER B 213 15.61 -41.06 -3.08
N GLU B 214 15.29 -41.93 -2.13
CA GLU B 214 14.21 -42.89 -2.34
C GLU B 214 12.84 -42.24 -2.21
N ASP B 215 12.67 -41.33 -1.24
CA ASP B 215 11.40 -40.66 -0.99
C ASP B 215 11.64 -39.15 -1.02
N PRO B 216 11.56 -38.53 -2.20
CA PRO B 216 11.80 -37.08 -2.28
C PRO B 216 10.83 -36.25 -1.45
N ILE B 217 9.57 -36.67 -1.36
CA ILE B 217 8.58 -35.90 -0.61
C ILE B 217 8.92 -35.89 0.87
N LEU B 218 9.20 -37.06 1.44
CA LEU B 218 9.57 -37.13 2.85
C LEU B 218 10.89 -36.41 3.11
N THR B 219 11.84 -36.54 2.18
CA THR B 219 13.12 -35.84 2.32
C THR B 219 12.90 -34.33 2.36
N ALA B 220 12.04 -33.81 1.47
CA ALA B 220 11.76 -32.38 1.45
C ALA B 220 11.06 -31.95 2.74
N PHE B 221 10.12 -32.75 3.22
CA PHE B 221 9.45 -32.43 4.49
C PHE B 221 10.46 -32.30 5.62
N ARG B 222 11.32 -33.31 5.79
CA ARG B 222 12.27 -33.30 6.89
C ARG B 222 13.29 -32.17 6.72
N LEU B 223 13.74 -31.92 5.49
CA LEU B 223 14.71 -30.85 5.26
C LEU B 223 14.11 -29.48 5.57
N GLY B 224 12.87 -29.25 5.15
CA GLY B 224 12.21 -27.99 5.47
C GLY B 224 12.03 -27.80 6.97
N TRP B 225 11.62 -28.86 7.67
CA TRP B 225 11.48 -28.76 9.12
C TRP B 225 12.83 -28.45 9.78
N GLU B 226 13.89 -29.14 9.34
CA GLU B 226 15.21 -28.92 9.94
C GLU B 226 15.71 -27.51 9.67
N LEU B 227 15.51 -26.99 8.46
CA LEU B 227 15.95 -25.64 8.15
C LEU B 227 15.16 -24.60 8.92
N LYS B 228 13.85 -24.82 9.09
CA LYS B 228 13.05 -23.90 9.89
C LYS B 228 13.51 -23.90 11.33
N GLU B 229 13.87 -25.07 11.87
CA GLU B 229 14.41 -25.12 13.22
C GLU B 229 15.78 -24.42 13.30
N LEU B 230 16.62 -24.60 12.28
CA LEU B 230 17.93 -23.98 12.26
C LEU B 230 17.85 -22.45 12.19
N SER B 231 16.81 -21.93 11.54
CA SER B 231 16.70 -20.48 11.39
C SER B 231 16.63 -19.78 12.74
N LYS B 232 15.90 -20.34 13.70
CA LYS B 232 15.79 -19.72 15.01
C LYS B 232 17.11 -19.78 15.78
N VAL B 233 17.82 -20.89 15.69
CA VAL B 233 19.08 -21.04 16.41
C VAL B 233 20.13 -20.10 15.85
N GLU B 234 20.24 -20.03 14.52
CA GLU B 234 21.18 -19.12 13.88
C GLU B 234 20.47 -17.78 13.69
N ASN B 235 20.60 -16.91 14.70
CA ASN B 235 19.89 -15.64 14.68
C ASN B 235 20.41 -14.72 13.58
N GLU B 236 21.74 -14.69 13.39
CA GLU B 236 22.31 -13.79 12.39
C GLU B 236 21.94 -14.23 10.98
N PHE B 237 21.95 -15.53 10.71
CA PHE B 237 21.60 -16.07 9.40
C PHE B 237 20.20 -16.66 9.50
N LYS B 238 19.20 -15.83 9.17
CA LYS B 238 17.80 -16.23 9.24
C LYS B 238 17.13 -16.27 7.87
N ALA B 239 17.35 -15.23 7.05
CA ALA B 239 16.68 -15.14 5.76
C ALA B 239 17.09 -16.28 4.83
N GLU B 240 18.37 -16.65 4.86
CA GLU B 240 18.85 -17.73 4.00
C GLU B 240 18.17 -19.06 4.34
N TYR B 241 18.12 -19.40 5.64
CA TYR B 241 17.48 -20.64 6.05
C TYR B 241 15.98 -20.61 5.77
N GLU B 242 15.34 -19.46 5.98
CA GLU B 242 13.91 -19.34 5.69
C GLU B 242 13.63 -19.54 4.21
N GLU B 243 14.46 -18.94 3.34
CA GLU B 243 14.26 -19.11 1.91
C GLU B 243 14.57 -20.54 1.46
N LEU B 244 15.52 -21.21 2.12
CA LEU B 244 15.76 -22.62 1.80
C LEU B 244 14.57 -23.48 2.18
N SER B 245 13.97 -23.24 3.35
CA SER B 245 12.78 -23.97 3.74
C SER B 245 11.62 -23.71 2.78
N GLN B 246 11.45 -22.45 2.38
CA GLN B 246 10.40 -22.13 1.41
C GLN B 246 10.64 -22.83 0.08
N GLN B 247 11.90 -22.89 -0.35
CA GLN B 247 12.23 -23.59 -1.59
C GLN B 247 11.91 -25.08 -1.48
N CYS B 248 12.20 -25.69 -0.34
CA CYS B 248 11.86 -27.10 -0.14
C CYS B 248 10.36 -27.32 -0.19
N LYS B 249 9.59 -26.45 0.47
CA LYS B 249 8.14 -26.57 0.43
C LYS B 249 7.60 -26.42 -0.98
N LEU B 250 8.14 -25.44 -1.73
CA LEU B 250 7.69 -25.23 -3.10
C LEU B 250 8.03 -26.42 -3.98
N PHE B 251 9.21 -27.03 -3.78
CA PHE B 251 9.56 -28.22 -4.54
C PHE B 251 8.61 -29.37 -4.24
N ALA B 252 8.26 -29.56 -2.96
CA ALA B 252 7.31 -30.62 -2.63
C ALA B 252 5.95 -30.37 -3.28
N LYS B 253 5.46 -29.14 -3.23
CA LYS B 253 4.17 -28.83 -3.85
C LYS B 253 4.22 -29.03 -5.35
N ASP B 254 5.30 -28.61 -6.00
CA ASP B 254 5.42 -28.78 -7.45
C ASP B 254 5.51 -30.24 -7.83
N LEU B 255 6.19 -31.05 -7.01
CA LEU B 255 6.24 -32.48 -7.28
C LEU B 255 4.85 -33.11 -7.15
N LEU B 256 4.07 -32.69 -6.15
CA LEU B 256 2.71 -33.18 -6.03
C LEU B 256 1.84 -32.73 -7.20
N ASP B 257 2.12 -31.55 -7.76
CA ASP B 257 1.27 -31.00 -8.81
C ASP B 257 1.23 -31.87 -10.06
N GLN B 258 2.26 -32.70 -10.28
CA GLN B 258 2.37 -33.45 -11.53
C GLN B 258 1.52 -34.71 -11.56
N ALA B 259 0.86 -35.07 -10.46
CA ALA B 259 -0.02 -36.24 -10.47
C ALA B 259 -1.18 -36.01 -11.43
N ARG B 260 -1.46 -37.01 -12.27
CA ARG B 260 -2.46 -36.86 -13.32
C ARG B 260 -3.47 -38.00 -13.31
N SER B 261 -3.70 -38.63 -12.16
CA SER B 261 -4.75 -39.63 -12.07
C SER B 261 -5.14 -39.81 -10.61
N SER B 262 -6.40 -40.18 -10.39
CA SER B 262 -6.90 -40.41 -9.04
C SER B 262 -6.16 -41.57 -8.39
N ARG B 263 -5.84 -42.61 -9.16
CA ARG B 263 -5.11 -43.75 -8.61
C ARG B 263 -3.73 -43.33 -8.11
N GLU B 264 -2.99 -42.56 -8.92
CA GLU B 264 -1.69 -42.06 -8.49
C GLU B 264 -1.84 -41.16 -7.27
N LEU B 265 -2.86 -40.31 -7.26
CA LEU B 265 -3.06 -39.40 -6.13
C LEU B 265 -3.30 -40.16 -4.84
N GLU B 266 -4.18 -41.17 -4.87
CA GLU B 266 -4.45 -41.92 -3.65
C GLU B 266 -3.26 -42.78 -3.25
N ILE B 267 -2.50 -43.31 -4.21
CA ILE B 267 -1.30 -44.06 -3.87
C ILE B 267 -0.31 -43.16 -3.13
N ILE B 268 -0.09 -41.95 -3.66
CA ILE B 268 0.83 -41.01 -3.03
C ILE B 268 0.35 -40.64 -1.63
N LEU B 269 -0.95 -40.33 -1.50
CA LEU B 269 -1.48 -39.87 -0.22
C LEU B 269 -1.64 -40.98 0.80
N ASN B 270 -1.64 -42.25 0.37
CA ASN B 270 -1.82 -43.38 1.28
C ASN B 270 -0.54 -44.18 1.52
N HIS B 271 0.55 -43.90 0.80
CA HIS B 271 1.79 -44.61 1.04
C HIS B 271 2.28 -44.38 2.47
N ARG B 272 2.76 -45.44 3.09
CA ARG B 272 3.28 -45.39 4.46
C ARG B 272 4.57 -46.19 4.54
N ASP B 273 5.42 -45.82 5.48
CA ASP B 273 6.69 -46.50 5.69
C ASP B 273 7.22 -46.27 7.11
N ASP B 286 -5.32 -44.93 7.04
CA ASP B 286 -5.10 -44.36 5.72
C ASP B 286 -4.62 -42.91 5.82
N LEU B 287 -4.22 -42.35 4.67
CA LEU B 287 -3.76 -40.96 4.59
C LEU B 287 -2.58 -40.70 5.53
N ALA B 288 -1.66 -41.66 5.60
CA ALA B 288 -0.50 -41.49 6.47
C ALA B 288 0.39 -40.36 5.99
N LYS B 289 0.60 -40.25 4.67
CA LYS B 289 1.40 -39.15 4.14
C LYS B 289 0.73 -37.81 4.38
N LEU B 290 -0.60 -37.76 4.28
CA LEU B 290 -1.32 -36.52 4.59
C LEU B 290 -1.18 -36.15 6.05
N LYS B 291 -1.24 -37.15 6.94
CA LYS B 291 -1.04 -36.88 8.37
C LYS B 291 0.36 -36.35 8.63
N VAL B 292 1.37 -36.94 7.97
CA VAL B 292 2.74 -36.48 8.14
C VAL B 292 2.89 -35.04 7.64
N ALA B 293 2.28 -34.74 6.49
CA ALA B 293 2.35 -33.39 5.95
C ALA B 293 1.66 -32.38 6.87
N ILE B 294 0.54 -32.78 7.47
CA ILE B 294 -0.13 -31.90 8.44
C ILE B 294 0.75 -31.68 9.65
N LYS B 295 1.42 -32.74 10.12
CA LYS B 295 2.31 -32.62 11.26
C LYS B 295 3.48 -31.68 10.97
N TYR B 296 4.01 -31.75 9.75
CA TYR B 296 5.18 -30.96 9.36
C TYR B 296 4.83 -29.57 8.87
N HIS B 297 3.55 -29.16 8.97
CA HIS B 297 3.10 -27.82 8.61
C HIS B 297 3.39 -27.51 7.14
N GLN B 298 2.93 -28.40 6.25
CA GLN B 298 3.06 -28.19 4.81
C GLN B 298 1.72 -27.67 4.29
N LYS B 299 1.48 -26.38 4.54
CA LYS B 299 0.18 -25.77 4.17
C LYS B 299 -0.01 -25.70 2.66
N GLU B 300 1.05 -25.43 1.90
CA GLU B 300 0.92 -25.39 0.45
C GLU B 300 0.64 -26.79 -0.11
N PHE B 301 1.29 -27.81 0.44
CA PHE B 301 1.02 -29.18 0.03
C PHE B 301 -0.41 -29.60 0.38
N VAL B 302 -0.89 -29.21 1.56
CA VAL B 302 -2.21 -29.62 2.00
C VAL B 302 -3.30 -28.93 1.17
N ALA B 303 -3.10 -27.64 0.85
CA ALA B 303 -4.13 -26.86 0.18
C ALA B 303 -4.14 -27.06 -1.34
N GLN B 304 -3.58 -28.17 -1.83
CA GLN B 304 -3.61 -28.44 -3.26
C GLN B 304 -5.05 -28.73 -3.70
N PRO B 305 -5.46 -28.28 -4.89
CA PRO B 305 -6.84 -28.53 -5.33
C PRO B 305 -7.19 -30.01 -5.41
N ASN B 306 -6.28 -30.86 -5.88
CA ASN B 306 -6.59 -32.29 -5.98
C ASN B 306 -6.77 -32.92 -4.61
N CYS B 307 -5.87 -32.60 -3.67
CA CYS B 307 -6.00 -33.12 -2.31
C CYS B 307 -7.27 -32.62 -1.66
N GLN B 308 -7.62 -31.36 -1.88
CA GLN B 308 -8.85 -30.81 -1.31
C GLN B 308 -10.08 -31.49 -1.92
N GLN B 309 -10.04 -31.79 -3.21
CA GLN B 309 -11.15 -32.50 -3.85
C GLN B 309 -11.31 -33.90 -3.29
N LEU B 310 -10.19 -34.61 -3.09
CA LEU B 310 -10.26 -35.95 -2.50
C LEU B 310 -10.79 -35.88 -1.06
N LEU B 311 -10.34 -34.88 -0.30
CA LEU B 311 -10.81 -34.73 1.08
C LEU B 311 -12.30 -34.41 1.12
N ALA B 312 -12.77 -33.57 0.19
CA ALA B 312 -14.19 -33.26 0.13
C ALA B 312 -15.00 -34.49 -0.26
N THR B 313 -14.49 -35.31 -1.18
CA THR B 313 -15.17 -36.54 -1.54
C THR B 313 -15.28 -37.47 -0.34
N LEU B 314 -14.20 -37.60 0.44
CA LEU B 314 -14.25 -38.42 1.64
C LEU B 314 -15.18 -37.83 2.70
N TRP B 315 -15.25 -36.50 2.79
CA TRP B 315 -16.05 -35.85 3.83
C TRP B 315 -17.53 -35.96 3.53
N TYR B 316 -17.93 -35.76 2.28
CA TYR B 316 -19.33 -35.86 1.88
C TYR B 316 -19.66 -37.28 1.41
N ASP B 317 -19.50 -38.22 2.35
CA ASP B 317 -19.68 -39.63 2.01
C ASP B 317 -21.14 -39.96 1.76
N GLY B 318 -22.03 -39.53 2.67
CA GLY B 318 -23.43 -39.90 2.54
C GLY B 318 -24.13 -39.23 1.37
N PHE B 319 -23.84 -37.94 1.15
CA PHE B 319 -24.53 -37.17 0.13
C PHE B 319 -23.65 -37.05 -1.10
N PRO B 320 -24.04 -37.60 -2.25
CA PRO B 320 -23.25 -37.44 -3.46
C PRO B 320 -23.62 -36.25 -4.35
N GLY B 321 -24.77 -35.62 -4.09
CA GLY B 321 -25.18 -34.45 -4.84
C GLY B 321 -25.13 -33.19 -4.02
N TRP B 322 -24.32 -33.21 -2.95
CA TRP B 322 -24.22 -32.05 -2.07
C TRP B 322 -23.62 -30.85 -2.80
N ARG B 323 -22.74 -31.09 -3.78
CA ARG B 323 -22.19 -29.98 -4.55
C ARG B 323 -23.27 -29.25 -5.33
N ARG B 324 -24.19 -30.00 -5.96
CA ARG B 324 -25.27 -29.41 -6.75
C ARG B 324 -26.55 -29.50 -5.93
N LYS B 325 -26.73 -28.52 -5.04
CA LYS B 325 -27.93 -28.45 -4.21
C LYS B 325 -28.22 -27.00 -3.88
N HIS B 326 -29.48 -26.74 -3.55
CA HIS B 326 -29.90 -25.39 -3.20
C HIS B 326 -29.56 -25.08 -1.74
N TRP B 327 -29.40 -23.79 -1.45
CA TRP B 327 -29.16 -23.37 -0.07
C TRP B 327 -30.33 -23.75 0.84
N VAL B 328 -31.55 -23.61 0.34
CA VAL B 328 -32.72 -23.93 1.16
C VAL B 328 -32.76 -25.41 1.50
N VAL B 329 -32.50 -26.28 0.51
CA VAL B 329 -32.57 -27.71 0.78
C VAL B 329 -31.39 -28.15 1.63
N LYS B 330 -30.22 -27.51 1.47
CA LYS B 330 -29.10 -27.81 2.35
C LYS B 330 -29.44 -27.46 3.79
N LEU B 331 -30.05 -26.29 3.99
CA LEU B 331 -30.45 -25.87 5.34
C LEU B 331 -31.49 -26.81 5.92
N LEU B 332 -32.48 -27.21 5.11
CA LEU B 332 -33.53 -28.10 5.57
C LEU B 332 -32.95 -29.45 5.98
N THR B 333 -32.05 -30.01 5.17
CA THR B 333 -31.46 -31.29 5.53
C THR B 333 -30.53 -31.15 6.74
N CYS B 334 -29.90 -29.97 6.92
CA CYS B 334 -29.07 -29.76 8.10
C CYS B 334 -29.91 -29.84 9.37
N MET B 335 -31.03 -29.11 9.43
CA MET B 335 -31.91 -29.26 10.58
C MET B 335 -32.49 -30.66 10.70
N THR B 336 -32.85 -31.30 9.58
CA THR B 336 -33.50 -32.60 9.70
C THR B 336 -32.52 -33.69 10.14
N ILE B 337 -31.21 -33.48 9.98
CA ILE B 337 -30.27 -34.45 10.52
C ILE B 337 -29.89 -34.06 11.95
N GLY B 338 -29.79 -32.76 12.24
CA GLY B 338 -29.41 -32.35 13.59
C GLY B 338 -30.49 -32.57 14.62
N PHE B 339 -31.75 -32.65 14.19
CA PHE B 339 -32.84 -32.82 15.16
C PHE B 339 -32.90 -34.24 15.72
N LEU B 340 -32.50 -35.24 14.93
CA LEU B 340 -32.60 -36.64 15.35
C LEU B 340 -31.29 -37.19 15.90
N PHE B 341 -30.44 -36.35 16.47
CA PHE B 341 -29.18 -36.84 17.03
C PHE B 341 -29.37 -37.83 18.17
N PRO B 342 -30.31 -37.66 19.13
CA PRO B 342 -30.42 -38.70 20.17
C PRO B 342 -30.96 -40.01 19.63
N MET B 343 -31.90 -39.96 18.68
CA MET B 343 -32.39 -41.18 18.07
C MET B 343 -31.27 -41.91 17.32
N LEU B 344 -30.46 -41.16 16.57
CA LEU B 344 -29.35 -41.79 15.86
C LEU B 344 -28.33 -42.39 16.82
N SER B 345 -28.01 -41.67 17.90
CA SER B 345 -27.07 -42.18 18.89
C SER B 345 -27.59 -43.46 19.54
N ILE B 346 -28.87 -43.48 19.90
CA ILE B 346 -29.46 -44.66 20.52
C ILE B 346 -29.47 -45.83 19.54
N ALA B 347 -29.79 -45.55 18.27
CA ALA B 347 -29.80 -46.61 17.26
C ALA B 347 -28.41 -47.20 17.08
N TYR B 348 -27.39 -46.35 17.02
CA TYR B 348 -26.02 -46.87 16.90
C TYR B 348 -25.62 -47.67 18.13
N LEU B 349 -26.00 -47.18 19.32
CA LEU B 349 -25.64 -47.89 20.55
C LEU B 349 -26.30 -49.26 20.62
N ILE B 350 -27.55 -49.36 20.16
CA ILE B 350 -28.26 -50.63 20.23
C ILE B 350 -27.77 -51.57 19.14
N SER B 351 -27.84 -51.15 17.89
CA SER B 351 -27.45 -51.99 16.75
C SER B 351 -26.36 -51.29 15.95
N PRO B 352 -25.10 -51.59 16.23
CA PRO B 352 -24.01 -50.98 15.44
C PRO B 352 -24.03 -51.37 13.98
N ARG B 353 -24.62 -52.51 13.63
CA ARG B 353 -24.69 -52.98 12.24
C ARG B 353 -26.16 -52.99 11.83
N SER B 354 -26.61 -51.88 11.27
CA SER B 354 -27.99 -51.74 10.80
C SER B 354 -28.05 -50.56 9.84
N ASN B 355 -29.23 -50.35 9.25
CA ASN B 355 -29.41 -49.22 8.35
C ASN B 355 -29.20 -47.89 9.05
N LEU B 356 -29.73 -47.77 10.27
CA LEU B 356 -29.54 -46.57 11.07
C LEU B 356 -28.28 -46.61 11.90
N GLY B 357 -27.68 -47.79 12.10
CA GLY B 357 -26.48 -47.89 12.90
C GLY B 357 -25.28 -47.21 12.27
N LEU B 358 -25.07 -47.45 10.97
CA LEU B 358 -23.92 -46.91 10.26
C LEU B 358 -24.15 -45.51 9.72
N PHE B 359 -25.34 -44.93 9.93
CA PHE B 359 -25.60 -43.58 9.44
C PHE B 359 -24.82 -42.52 10.21
N ILE B 360 -24.31 -42.85 11.40
CA ILE B 360 -23.54 -41.90 12.19
C ILE B 360 -22.04 -42.01 11.94
N LYS B 361 -21.59 -43.08 11.28
CA LYS B 361 -20.17 -43.24 10.98
C LYS B 361 -19.66 -42.18 10.02
N LYS B 362 -20.53 -41.57 9.24
CA LYS B 362 -20.11 -40.57 8.28
C LYS B 362 -19.61 -39.32 9.00
N PRO B 363 -18.48 -38.75 8.56
CA PRO B 363 -17.92 -37.59 9.29
C PRO B 363 -18.85 -36.39 9.35
N PHE B 364 -19.57 -36.10 8.27
CA PHE B 364 -20.48 -34.96 8.27
C PHE B 364 -21.62 -35.16 9.27
N ILE B 365 -22.20 -36.37 9.29
CA ILE B 365 -23.27 -36.67 10.23
C ILE B 365 -22.75 -36.60 11.66
N LYS B 366 -21.53 -37.11 11.90
CA LYS B 366 -20.95 -37.04 13.24
C LYS B 366 -20.74 -35.59 13.68
N PHE B 367 -20.24 -34.75 12.77
CA PHE B 367 -20.04 -33.34 13.08
C PHE B 367 -21.36 -32.65 13.40
N ILE B 368 -22.40 -32.93 12.60
CA ILE B 368 -23.70 -32.32 12.84
C ILE B 368 -24.26 -32.76 14.18
N CYS B 369 -24.11 -34.05 14.51
CA CYS B 369 -24.61 -34.55 15.79
C CYS B 369 -23.89 -33.91 16.96
N HIS B 370 -22.56 -33.79 16.87
CA HIS B 370 -21.81 -33.15 17.94
C HIS B 370 -22.20 -31.68 18.11
N THR B 371 -22.37 -30.97 16.99
CA THR B 371 -22.78 -29.57 17.06
C THR B 371 -24.17 -29.43 17.68
N ALA B 372 -25.10 -30.31 17.32
CA ALA B 372 -26.43 -30.25 17.90
C ALA B 372 -26.40 -30.56 19.38
N SER B 373 -25.57 -31.51 19.80
CA SER B 373 -25.45 -31.82 21.23
C SER B 373 -24.89 -30.63 21.99
N TYR B 374 -23.88 -29.97 21.44
CA TYR B 374 -23.32 -28.79 22.12
C TYR B 374 -24.34 -27.66 22.18
N LEU B 375 -25.13 -27.48 21.12
CA LEU B 375 -26.16 -26.44 21.14
C LEU B 375 -27.23 -26.75 22.17
N THR B 376 -27.60 -28.03 22.31
CA THR B 376 -28.56 -28.42 23.35
C THR B 376 -28.00 -28.16 24.73
N PHE B 377 -26.71 -28.45 24.94
CA PHE B 377 -26.08 -28.16 26.24
C PHE B 377 -26.10 -26.66 26.54
N LEU B 378 -25.79 -25.84 25.53
CA LEU B 378 -25.82 -24.40 25.73
C LEU B 378 -27.23 -23.89 26.01
N PHE B 379 -28.22 -24.47 25.35
CA PHE B 379 -29.61 -24.10 25.62
C PHE B 379 -30.02 -24.48 27.04
N MET B 380 -29.56 -25.63 27.52
CA MET B 380 -29.83 -26.01 28.91
C MET B 380 -29.15 -25.04 29.88
N LEU B 381 -27.91 -24.64 29.58
CA LEU B 381 -27.24 -23.66 30.42
C LEU B 381 -27.99 -22.34 30.44
N LEU B 382 -28.50 -21.90 29.29
CA LEU B 382 -29.29 -20.66 29.25
C LEU B 382 -30.58 -20.81 30.04
N LEU B 383 -31.25 -21.96 29.93
CA LEU B 383 -32.49 -22.19 30.66
C LEU B 383 -32.26 -22.26 32.16
N ALA B 384 -31.06 -22.64 32.58
CA ALA B 384 -30.76 -22.74 34.01
C ALA B 384 -30.90 -21.40 34.71
N SER B 385 -30.47 -20.32 34.06
CA SER B 385 -30.48 -19.01 34.70
C SER B 385 -31.90 -18.45 34.85
N GLN B 386 -32.81 -18.84 33.97
CA GLN B 386 -34.18 -18.35 34.03
C GLN B 386 -34.92 -18.94 35.22
N ASP B 392 -36.33 -21.65 45.27
CA ASP B 392 -36.07 -20.79 46.42
C ASP B 392 -34.60 -20.41 46.49
N LEU B 393 -34.34 -19.13 46.75
CA LEU B 393 -32.98 -18.60 46.85
C LEU B 393 -32.62 -18.21 48.29
N HIS B 394 -33.41 -18.62 49.27
CA HIS B 394 -33.21 -18.23 50.66
C HIS B 394 -32.58 -19.33 51.50
N VAL B 395 -32.25 -20.48 50.91
CA VAL B 395 -31.74 -21.62 51.65
C VAL B 395 -30.22 -21.63 51.57
N GLN B 396 -29.59 -22.22 52.58
CA GLN B 396 -28.13 -22.32 52.64
C GLN B 396 -27.71 -23.71 52.15
N GLY B 397 -27.08 -23.75 50.99
CA GLY B 397 -26.64 -25.00 50.40
C GLY B 397 -27.81 -25.87 49.98
N PRO B 398 -28.54 -25.46 48.95
CA PRO B 398 -29.72 -26.20 48.51
C PRO B 398 -29.30 -27.42 47.70
N PRO B 399 -30.16 -28.45 47.64
CA PRO B 399 -29.87 -29.58 46.76
C PRO B 399 -29.96 -29.17 45.31
N PRO B 400 -29.24 -29.85 44.42
CA PRO B 400 -29.29 -29.48 43.00
C PRO B 400 -30.69 -29.68 42.42
N THR B 401 -31.04 -28.81 41.48
CA THR B 401 -32.35 -28.83 40.85
C THR B 401 -32.33 -29.74 39.62
N VAL B 402 -33.48 -29.83 38.94
CA VAL B 402 -33.60 -30.71 37.79
C VAL B 402 -32.69 -30.27 36.65
N VAL B 403 -32.55 -28.95 36.45
CA VAL B 403 -31.71 -28.45 35.38
C VAL B 403 -30.26 -28.87 35.61
N GLU B 404 -29.77 -28.71 36.85
CA GLU B 404 -28.41 -29.14 37.16
C GLU B 404 -28.27 -30.66 37.07
N TRP B 405 -29.32 -31.40 37.43
CA TRP B 405 -29.28 -32.85 37.30
C TRP B 405 -29.10 -33.28 35.85
N MET B 406 -29.79 -32.59 34.92
CA MET B 406 -29.58 -32.90 33.50
C MET B 406 -28.25 -32.37 33.00
N ILE B 407 -27.73 -31.29 33.59
CA ILE B 407 -26.46 -30.66 33.09
C ILE B 407 -25.28 -31.54 33.50
N LEU B 408 -25.37 -32.25 34.63
CA LEU B 408 -24.21 -33.02 35.14
C LEU B 408 -23.72 -34.11 34.18
N PRO B 409 -24.56 -34.95 33.52
CA PRO B 409 -24.05 -35.97 32.60
C PRO B 409 -23.23 -35.39 31.44
N TRP B 410 -23.68 -34.27 30.88
CA TRP B 410 -22.94 -33.59 29.78
C TRP B 410 -21.56 -33.17 30.30
N VAL B 411 -21.51 -32.58 31.50
CA VAL B 411 -20.22 -32.08 32.06
C VAL B 411 -19.28 -33.27 32.31
N LEU B 412 -19.81 -34.37 32.85
CA LEU B 412 -18.97 -35.58 33.10
C LEU B 412 -18.48 -36.12 31.77
N GLY B 413 -19.33 -36.14 30.74
CA GLY B 413 -18.95 -36.65 29.41
C GLY B 413 -17.85 -35.82 28.81
N PHE B 414 -17.94 -34.49 28.94
CA PHE B 414 -16.90 -33.60 28.44
C PHE B 414 -15.55 -33.92 29.06
N ILE B 415 -15.52 -34.11 30.38
CA ILE B 415 -14.27 -34.42 31.06
C ILE B 415 -13.72 -35.77 30.59
N TRP B 416 -14.59 -36.77 30.45
CA TRP B 416 -14.15 -38.09 30.02
C TRP B 416 -13.58 -38.03 28.61
N GLY B 417 -14.24 -37.33 27.70
CA GLY B 417 -13.71 -37.18 26.36
C GLY B 417 -12.40 -36.42 26.33
N GLU B 418 -12.23 -35.45 27.24
CA GLU B 418 -10.97 -34.68 27.30
C GLU B 418 -9.80 -35.60 27.70
N ILE B 419 -9.94 -36.36 28.79
CA ILE B 419 -8.81 -37.20 29.28
C ILE B 419 -8.43 -38.26 28.24
N LYS B 420 -9.43 -38.86 27.56
CA LYS B 420 -9.12 -39.91 26.58
C LYS B 420 -8.24 -39.31 25.47
N GLU B 421 -8.57 -38.11 25.01
CA GLU B 421 -7.80 -37.46 23.90
C GLU B 421 -6.37 -37.12 24.36
N MET B 422 -6.18 -36.64 25.60
CA MET B 422 -4.79 -36.38 26.07
C MET B 422 -4.02 -37.71 26.17
N TRP B 423 -4.69 -38.76 26.65
CA TRP B 423 -4.04 -40.10 26.77
C TRP B 423 -3.67 -40.60 25.38
N ASP B 424 -4.56 -40.42 24.40
CA ASP B 424 -4.31 -40.93 23.03
C ASP B 424 -3.35 -39.99 22.29
N GLY B 425 -3.55 -38.67 22.41
CA GLY B 425 -2.70 -37.77 21.67
C GLY B 425 -1.32 -37.57 22.27
N GLY B 426 -1.25 -37.26 23.54
CA GLY B 426 0.01 -36.91 24.20
C GLY B 426 0.04 -35.45 24.61
N PHE B 427 1.04 -35.13 25.43
CA PHE B 427 1.14 -33.80 26.02
C PHE B 427 1.36 -32.72 24.96
N THR B 428 2.31 -32.96 24.05
CA THR B 428 2.64 -31.95 23.05
C THR B 428 1.47 -31.68 22.11
N GLU B 429 0.83 -32.74 21.62
CA GLU B 429 -0.33 -32.57 20.74
C GLU B 429 -1.49 -31.92 21.48
N TYR B 430 -1.66 -32.25 22.77
CA TYR B 430 -2.72 -31.64 23.55
C TYR B 430 -2.50 -30.15 23.74
N ILE B 431 -1.26 -29.73 24.02
CA ILE B 431 -0.99 -28.32 24.27
C ILE B 431 -0.81 -27.52 23.00
N HIS B 432 -0.59 -28.16 21.86
CA HIS B 432 -0.40 -27.41 20.61
C HIS B 432 -1.69 -26.80 20.09
N ASP B 433 -2.85 -27.34 20.47
CA ASP B 433 -4.11 -26.86 19.91
C ASP B 433 -4.51 -25.51 20.47
N TRP B 434 -4.13 -25.22 21.72
CA TRP B 434 -4.41 -23.95 22.40
C TRP B 434 -5.91 -23.76 22.68
N TRP B 435 -6.74 -24.68 22.21
CA TRP B 435 -8.14 -24.75 22.64
C TRP B 435 -8.31 -25.67 23.83
N ASN B 436 -7.44 -26.67 23.93
CA ASN B 436 -7.46 -27.57 25.09
C ASN B 436 -7.19 -26.81 26.38
N LEU B 437 -6.49 -25.67 26.30
CA LEU B 437 -6.32 -24.85 27.49
C LEU B 437 -7.65 -24.33 28.01
N MET B 438 -8.48 -23.79 27.11
CA MET B 438 -9.81 -23.32 27.52
C MET B 438 -10.68 -24.48 27.96
N ASP B 439 -10.58 -25.63 27.29
CA ASP B 439 -11.36 -26.79 27.70
C ASP B 439 -10.99 -27.23 29.12
N PHE B 440 -9.68 -27.27 29.41
CA PHE B 440 -9.22 -27.66 30.73
C PHE B 440 -9.65 -26.65 31.79
N ALA B 441 -9.56 -25.36 31.47
CA ALA B 441 -10.00 -24.34 32.42
C ALA B 441 -11.49 -24.48 32.73
N MET B 442 -12.30 -24.68 31.70
CA MET B 442 -13.74 -24.84 31.91
C MET B 442 -14.05 -26.08 32.73
N ASN B 443 -13.39 -27.20 32.43
CA ASN B 443 -13.65 -28.43 33.17
C ASN B 443 -13.20 -28.30 34.63
N SER B 444 -12.06 -27.66 34.87
CA SER B 444 -11.61 -27.46 36.24
C SER B 444 -12.56 -26.55 37.00
N LEU B 445 -13.06 -25.50 36.34
CA LEU B 445 -14.02 -24.61 37.00
C LEU B 445 -15.31 -25.36 37.34
N TYR B 446 -15.78 -26.21 36.43
CA TYR B 446 -16.98 -27.01 36.71
C TYR B 446 -16.75 -27.96 37.87
N LEU B 447 -15.59 -28.62 37.90
CA LEU B 447 -15.28 -29.52 39.00
C LEU B 447 -15.23 -28.78 40.33
N ALA B 448 -14.61 -27.60 40.35
CA ALA B 448 -14.57 -26.80 41.56
C ALA B 448 -15.96 -26.38 41.99
N THR B 449 -16.82 -26.02 41.03
CA THR B 449 -18.19 -25.65 41.35
C THR B 449 -18.93 -26.82 42.00
N ILE B 450 -18.80 -28.02 41.43
CA ILE B 450 -19.47 -29.18 41.98
C ILE B 450 -18.96 -29.48 43.39
N SER B 451 -17.64 -29.41 43.58
CA SER B 451 -17.07 -29.69 44.89
C SER B 451 -17.55 -28.68 45.93
N LEU B 452 -17.56 -27.39 45.56
CA LEU B 452 -18.02 -26.37 46.51
C LEU B 452 -19.49 -26.54 46.83
N LYS B 453 -20.31 -26.89 45.84
CA LYS B 453 -21.73 -27.12 46.08
C LYS B 453 -21.94 -28.29 47.04
N ILE B 454 -21.22 -29.39 46.83
CA ILE B 454 -21.38 -30.54 47.70
C ILE B 454 -20.89 -30.21 49.12
N VAL B 455 -19.82 -29.42 49.23
CA VAL B 455 -19.31 -29.04 50.54
C VAL B 455 -20.33 -28.16 51.27
N ALA B 456 -20.92 -27.20 50.56
CA ALA B 456 -21.94 -26.34 51.17
C ALA B 456 -23.16 -27.15 51.60
N TYR B 457 -23.59 -28.09 50.76
CA TYR B 457 -24.73 -28.92 51.12
C TYR B 457 -24.45 -29.76 52.35
N VAL B 458 -23.24 -30.32 52.44
CA VAL B 458 -22.88 -31.13 53.61
C VAL B 458 -22.80 -30.28 54.87
N LYS B 459 -22.21 -29.09 54.77
CA LYS B 459 -21.95 -28.28 55.96
C LYS B 459 -23.18 -27.52 56.41
N TYR B 460 -23.69 -26.62 55.57
CA TYR B 460 -24.73 -25.68 55.96
C TYR B 460 -26.11 -26.29 55.71
N ASN B 461 -27.02 -26.09 56.67
CA ASN B 461 -28.38 -26.61 56.55
C ASN B 461 -29.43 -25.61 57.04
N GLY B 462 -29.05 -24.38 57.36
CA GLY B 462 -29.98 -23.39 57.87
C GLY B 462 -30.66 -22.59 56.77
N SER B 463 -31.37 -21.55 57.19
CA SER B 463 -32.09 -20.65 56.29
C SER B 463 -31.85 -19.22 56.77
N ARG B 464 -30.83 -18.58 56.22
CA ARG B 464 -30.45 -17.23 56.56
C ARG B 464 -30.37 -16.38 55.30
N PRO B 465 -30.61 -15.08 55.40
CA PRO B 465 -30.64 -14.25 54.19
C PRO B 465 -29.24 -13.94 53.67
N ARG B 466 -29.17 -13.73 52.35
CA ARG B 466 -27.90 -13.38 51.72
C ARG B 466 -27.38 -12.04 52.21
N GLU B 467 -28.27 -11.16 52.66
CA GLU B 467 -27.84 -9.89 53.25
C GLU B 467 -27.08 -10.11 54.56
N GLU B 468 -27.24 -11.26 55.19
CA GLU B 468 -26.49 -11.62 56.39
C GLU B 468 -25.40 -12.64 56.13
N TRP B 469 -25.42 -13.33 55.00
CA TRP B 469 -24.35 -14.26 54.66
C TRP B 469 -23.02 -13.53 54.55
N GLU B 470 -21.94 -14.26 54.81
CA GLU B 470 -20.60 -13.70 54.72
C GLU B 470 -20.17 -13.55 53.25
N MET B 471 -19.08 -12.82 53.05
CA MET B 471 -18.60 -12.54 51.71
C MET B 471 -17.86 -13.73 51.08
N TRP B 472 -17.33 -14.63 51.90
CA TRP B 472 -16.60 -15.81 51.41
C TRP B 472 -17.44 -17.07 51.52
N HIS B 473 -18.72 -16.98 51.23
CA HIS B 473 -19.59 -18.14 51.37
C HIS B 473 -19.36 -19.13 50.23
N PRO B 474 -19.32 -20.44 50.53
CA PRO B 474 -19.14 -21.42 49.46
C PRO B 474 -20.20 -21.35 48.39
N THR B 475 -21.45 -21.04 48.76
CA THR B 475 -22.51 -20.91 47.77
C THR B 475 -22.21 -19.78 46.80
N LEU B 476 -21.83 -18.61 47.33
CA LEU B 476 -21.53 -17.48 46.46
C LEU B 476 -20.33 -17.78 45.56
N ILE B 477 -19.29 -18.43 46.12
CA ILE B 477 -18.15 -18.80 45.30
C ILE B 477 -18.58 -19.75 44.19
N ALA B 478 -19.45 -20.70 44.49
CA ALA B 478 -19.92 -21.64 43.49
C ALA B 478 -20.70 -20.93 42.38
N GLU B 479 -21.55 -19.98 42.74
CA GLU B 479 -22.30 -19.24 41.72
C GLU B 479 -21.37 -18.42 40.84
N ALA B 480 -20.36 -17.79 41.43
CA ALA B 480 -19.40 -17.02 40.62
C ALA B 480 -18.65 -17.93 39.66
N LEU B 481 -18.19 -19.09 40.14
CA LEU B 481 -17.48 -20.03 39.28
C LEU B 481 -18.40 -20.55 38.18
N PHE B 482 -19.67 -20.77 38.51
CA PHE B 482 -20.63 -21.24 37.50
C PHE B 482 -20.84 -20.19 36.42
N ALA B 483 -20.92 -18.92 36.81
CA ALA B 483 -21.07 -17.86 35.82
C ALA B 483 -19.85 -17.78 34.91
N ILE B 484 -18.65 -17.89 35.48
CA ILE B 484 -17.44 -17.86 34.66
C ILE B 484 -17.41 -19.07 33.72
N SER B 485 -17.82 -20.24 34.22
CA SER B 485 -17.89 -21.43 33.37
C SER B 485 -18.88 -21.25 32.22
N ASN B 486 -20.02 -20.61 32.50
CA ASN B 486 -20.98 -20.35 31.45
C ASN B 486 -20.41 -19.43 30.39
N ILE B 487 -19.69 -18.38 30.81
CA ILE B 487 -19.05 -17.48 29.86
C ILE B 487 -18.08 -18.25 28.97
N LEU B 488 -17.22 -19.07 29.59
CA LEU B 488 -16.23 -19.81 28.82
C LEU B 488 -16.89 -20.80 27.85
N SER B 489 -17.91 -21.53 28.33
CA SER B 489 -18.58 -22.51 27.48
C SER B 489 -19.27 -21.84 26.30
N SER B 490 -19.89 -20.68 26.52
CA SER B 490 -20.51 -19.95 25.41
C SER B 490 -19.45 -19.42 24.45
N LEU B 491 -18.27 -19.01 24.96
CA LEU B 491 -17.21 -18.55 24.09
C LEU B 491 -16.53 -19.68 23.33
N ARG B 492 -16.73 -20.93 23.75
CA ARG B 492 -16.12 -22.06 23.05
C ARG B 492 -16.64 -22.24 21.63
N LEU B 493 -17.79 -21.63 21.30
CA LEU B 493 -18.42 -21.84 20.00
C LEU B 493 -17.65 -21.22 18.83
N ILE B 494 -16.62 -20.41 19.11
CA ILE B 494 -15.91 -19.74 18.02
C ILE B 494 -15.20 -20.73 17.11
N SER B 495 -14.77 -21.86 17.66
CA SER B 495 -13.98 -22.83 16.90
C SER B 495 -14.76 -23.46 15.74
N LEU B 496 -16.08 -23.33 15.70
CA LEU B 496 -16.88 -23.91 14.63
C LEU B 496 -16.93 -23.02 13.38
N PHE B 497 -16.33 -21.83 13.42
CA PHE B 497 -16.36 -20.94 12.27
C PHE B 497 -15.45 -21.40 11.14
N THR B 498 -14.51 -22.30 11.43
CA THR B 498 -13.58 -22.77 10.39
C THR B 498 -14.28 -23.62 9.33
N ALA B 499 -15.42 -24.23 9.66
CA ALA B 499 -16.15 -25.04 8.70
C ALA B 499 -16.90 -24.22 7.66
N ASN B 500 -17.00 -22.91 7.86
CA ASN B 500 -17.71 -22.03 6.93
C ASN B 500 -16.73 -21.34 5.99
N SER B 501 -17.21 -21.03 4.79
CA SER B 501 -16.36 -20.41 3.78
C SER B 501 -16.14 -18.92 4.03
N HIS B 502 -17.09 -18.24 4.67
CA HIS B 502 -17.03 -16.80 4.82
C HIS B 502 -16.37 -16.35 6.12
N LEU B 503 -16.39 -17.17 7.16
CA LEU B 503 -15.91 -16.76 8.47
C LEU B 503 -14.54 -17.31 8.83
N GLY B 504 -14.07 -18.35 8.14
CA GLY B 504 -12.81 -18.99 8.44
C GLY B 504 -11.60 -18.08 8.32
N PRO B 505 -11.41 -17.47 7.15
CA PRO B 505 -10.29 -16.52 6.99
C PRO B 505 -10.36 -15.36 7.97
N LEU B 506 -11.56 -14.87 8.26
CA LEU B 506 -11.70 -13.78 9.23
C LEU B 506 -11.22 -14.21 10.61
N GLN B 507 -11.70 -15.38 11.04
CA GLN B 507 -11.30 -15.92 12.36
C GLN B 507 -9.78 -16.15 12.34
N ILE B 508 -9.25 -16.67 11.24
CA ILE B 508 -7.79 -16.94 11.13
C ILE B 508 -7.05 -15.60 11.23
N SER B 509 -7.55 -14.56 10.56
CA SER B 509 -6.91 -13.21 10.59
C SER B 509 -6.95 -12.65 12.01
N LEU B 510 -8.09 -12.80 12.69
CA LEU B 510 -8.22 -12.28 14.08
C LEU B 510 -7.23 -13.01 14.97
N GLY B 511 -7.09 -14.32 14.79
CA GLY B 511 -6.17 -15.12 15.61
C GLY B 511 -4.73 -14.69 15.42
N ARG B 512 -4.36 -14.36 14.18
CA ARG B 512 -2.98 -13.89 13.89
C ARG B 512 -2.73 -12.55 14.59
N MET B 513 -3.72 -11.66 14.64
CA MET B 513 -3.53 -10.31 15.22
C MET B 513 -3.47 -10.36 16.76
N LEU B 514 -4.08 -11.35 17.42
CA LEU B 514 -3.98 -11.49 18.87
C LEU B 514 -2.54 -11.37 19.36
N LEU B 515 -1.56 -11.76 18.54
CA LEU B 515 -0.16 -11.66 18.95
C LEU B 515 0.27 -10.20 19.10
N ASP B 516 -0.10 -9.35 18.15
CA ASP B 516 0.22 -7.93 18.27
C ASP B 516 -0.50 -7.31 19.45
N ILE B 517 -1.74 -7.74 19.71
CA ILE B 517 -2.45 -7.29 20.91
C ILE B 517 -1.63 -7.62 22.16
N LEU B 518 -1.17 -8.87 22.26
CA LEU B 518 -0.38 -9.29 23.41
C LEU B 518 0.91 -8.50 23.52
N LYS B 519 1.53 -8.16 22.38
CA LYS B 519 2.78 -7.42 22.43
C LYS B 519 2.57 -5.99 22.93
N PHE B 520 1.46 -5.35 22.53
CA PHE B 520 1.20 -3.98 22.99
C PHE B 520 0.78 -3.93 24.45
N LEU B 521 0.17 -5.02 24.95
CA LEU B 521 -0.29 -5.06 26.33
C LEU B 521 0.85 -4.80 27.33
N PHE B 522 2.07 -5.24 27.00
CA PHE B 522 3.19 -5.05 27.91
C PHE B 522 3.52 -3.58 28.11
N ILE B 523 3.62 -2.83 27.01
CA ILE B 523 3.90 -1.40 27.10
C ILE B 523 2.78 -0.68 27.83
N TYR B 524 1.53 -1.04 27.52
CA TYR B 524 0.42 -0.40 28.22
C TYR B 524 0.49 -0.66 29.72
N CYS B 525 0.81 -1.91 30.10
CA CYS B 525 0.89 -2.25 31.52
C CYS B 525 2.01 -1.50 32.21
N LEU B 526 3.16 -1.34 31.55
CA LEU B 526 4.25 -0.59 32.16
C LEU B 526 3.85 0.86 32.40
N VAL B 527 3.23 1.50 31.40
CA VAL B 527 2.81 2.90 31.57
C VAL B 527 1.78 3.02 32.69
N LEU B 528 0.81 2.09 32.73
CA LEU B 528 -0.21 2.12 33.76
C LEU B 528 0.40 1.95 35.15
N LEU B 529 1.36 1.03 35.30
CA LEU B 529 1.99 0.82 36.59
C LEU B 529 2.74 2.07 37.04
N ALA B 530 3.47 2.71 36.13
CA ALA B 530 4.20 3.92 36.49
C ALA B 530 3.25 5.01 36.99
N PHE B 531 2.19 5.29 36.20
CA PHE B 531 1.29 6.38 36.57
C PHE B 531 0.50 6.06 37.83
N ALA B 532 0.14 4.79 38.03
CA ALA B 532 -0.56 4.39 39.25
C ALA B 532 0.32 4.55 40.47
N ASN B 533 1.60 4.15 40.36
CA ASN B 533 2.53 4.35 41.46
C ASN B 533 2.62 5.84 41.82
N GLY B 534 2.79 6.69 40.81
CA GLY B 534 2.88 8.12 41.10
C GLY B 534 1.64 8.68 41.75
N LEU B 535 0.48 8.35 41.20
CA LEU B 535 -0.78 8.89 41.73
C LEU B 535 -1.05 8.40 43.14
N ASN B 536 -0.78 7.12 43.42
CA ASN B 536 -0.97 6.61 44.77
C ASN B 536 -0.01 7.28 45.76
N GLN B 537 1.25 7.44 45.36
CA GLN B 537 2.21 8.12 46.22
C GLN B 537 1.76 9.54 46.54
N LEU B 538 1.15 10.22 45.56
CA LEU B 538 0.70 11.58 45.81
C LEU B 538 -0.54 11.62 46.69
N TYR B 539 -1.51 10.73 46.45
CA TYR B 539 -2.85 10.88 47.02
C TYR B 539 -3.11 9.99 48.23
N PHE B 540 -2.15 9.16 48.66
CA PHE B 540 -2.44 8.23 49.74
C PHE B 540 -2.54 8.90 51.12
N TYR B 541 -2.23 10.19 51.22
CA TYR B 541 -2.27 10.87 52.51
C TYR B 541 -3.69 11.12 53.01
N TYR B 542 -4.65 11.32 52.10
CA TYR B 542 -5.99 11.77 52.47
C TYR B 542 -7.03 10.65 52.41
N GLU B 543 -6.67 9.46 52.86
CA GLU B 543 -7.62 8.35 52.92
C GLU B 543 -8.69 8.62 53.96
N THR B 544 -9.94 8.30 53.63
CA THR B 544 -11.08 8.50 54.51
C THR B 544 -11.81 7.18 54.71
N ARG B 545 -12.44 7.04 55.88
CA ARG B 545 -13.17 5.83 56.20
C ARG B 545 -14.54 5.82 55.52
N ALA B 546 -15.12 4.63 55.40
CA ALA B 546 -16.40 4.47 54.73
C ALA B 546 -17.56 5.04 55.53
N ILE B 547 -17.39 5.23 56.83
CA ILE B 547 -18.48 5.75 57.67
C ILE B 547 -18.78 7.20 57.31
N ASP B 548 -17.74 7.99 57.02
CA ASP B 548 -17.93 9.40 56.73
C ASP B 548 -18.56 9.65 55.36
N GLU B 549 -18.67 8.64 54.51
CA GLU B 549 -19.23 8.83 53.19
C GLU B 549 -20.75 8.90 53.25
N PRO B 550 -21.38 9.60 52.29
CA PRO B 550 -22.84 9.80 52.37
C PRO B 550 -23.64 8.51 52.41
N ASN B 551 -23.24 7.49 51.65
CA ASN B 551 -24.00 6.24 51.56
C ASN B 551 -23.21 5.04 52.10
N ASN B 552 -22.20 5.29 52.94
CA ASN B 552 -21.34 4.24 53.48
C ASN B 552 -20.69 3.43 52.36
N CYS B 553 -20.38 4.08 51.24
CA CYS B 553 -19.79 3.43 50.09
C CYS B 553 -18.42 4.06 49.82
N LYS B 554 -17.41 3.21 49.66
CA LYS B 554 -16.05 3.65 49.41
C LYS B 554 -15.56 3.05 48.09
N GLY B 555 -14.94 3.88 47.26
CA GLY B 555 -14.41 3.43 46.00
C GLY B 555 -14.98 4.18 44.81
N ILE B 556 -14.82 3.60 43.61
CA ILE B 556 -15.30 4.24 42.38
C ILE B 556 -16.58 3.59 41.85
N ARG B 557 -17.03 2.48 42.43
CA ARG B 557 -18.24 1.81 42.00
C ARG B 557 -19.48 2.32 42.72
N CYS B 558 -19.42 3.54 43.28
CA CYS B 558 -20.55 4.18 43.93
C CYS B 558 -20.90 5.46 43.18
N GLU B 559 -22.08 5.99 43.50
CA GLU B 559 -22.48 7.28 42.93
C GLU B 559 -21.55 8.40 43.41
N LYS B 560 -21.21 8.39 44.69
CA LYS B 560 -20.23 9.32 45.25
C LYS B 560 -18.85 8.70 45.07
N GLN B 561 -18.26 8.92 43.90
CA GLN B 561 -16.95 8.38 43.60
C GLN B 561 -15.91 9.07 44.48
N ASN B 562 -15.26 8.28 45.34
CA ASN B 562 -14.33 8.81 46.33
C ASN B 562 -13.22 7.80 46.56
N ASN B 563 -12.10 8.30 47.11
CA ASN B 563 -10.94 7.47 47.43
C ASN B 563 -10.45 6.69 46.20
N ALA B 564 -10.44 7.37 45.05
CA ALA B 564 -10.03 6.71 43.81
C ALA B 564 -8.54 6.36 43.83
N PHE B 565 -7.72 7.17 44.48
CA PHE B 565 -6.27 6.95 44.53
C PHE B 565 -5.77 6.74 45.96
N SER B 566 -6.64 6.28 46.86
CA SER B 566 -6.22 6.09 48.26
C SER B 566 -5.33 4.87 48.40
N THR B 567 -5.62 3.81 47.65
CA THR B 567 -4.83 2.58 47.68
C THR B 567 -4.34 2.24 46.29
N LEU B 568 -3.31 1.39 46.23
CA LEU B 568 -2.73 1.02 44.94
C LEU B 568 -3.72 0.25 44.08
N PHE B 569 -4.47 -0.68 44.68
CA PHE B 569 -5.46 -1.44 43.92
C PHE B 569 -6.54 -0.53 43.34
N GLU B 570 -7.04 0.40 44.15
CA GLU B 570 -8.05 1.34 43.66
C GLU B 570 -7.48 2.25 42.59
N THR B 571 -6.21 2.65 42.73
CA THR B 571 -5.57 3.46 41.69
C THR B 571 -5.47 2.70 40.38
N LEU B 572 -5.09 1.42 40.44
CA LEU B 572 -5.06 0.61 39.23
C LEU B 572 -6.43 0.49 38.59
N GLN B 573 -7.46 0.24 39.42
CA GLN B 573 -8.81 0.12 38.88
C GLN B 573 -9.28 1.43 38.24
N SER B 574 -9.01 2.56 38.89
CA SER B 574 -9.42 3.85 38.35
C SER B 574 -8.69 4.16 37.05
N LEU B 575 -7.39 3.89 36.99
CA LEU B 575 -6.65 4.14 35.76
C LEU B 575 -7.10 3.22 34.64
N PHE B 576 -7.52 2.00 34.97
CA PHE B 576 -8.08 1.12 33.95
C PHE B 576 -9.41 1.65 33.44
N TRP B 577 -10.30 2.05 34.35
CA TRP B 577 -11.62 2.53 33.95
C TRP B 577 -11.57 3.90 33.29
N SER B 578 -10.46 4.63 33.43
CA SER B 578 -10.35 5.93 32.80
C SER B 578 -10.22 5.85 31.28
N VAL B 579 -9.86 4.69 30.75
CA VAL B 579 -9.72 4.55 29.31
C VAL B 579 -11.07 4.67 28.61
N PHE B 580 -12.12 4.15 29.24
CA PHE B 580 -13.47 4.16 28.67
C PHE B 580 -14.28 5.36 29.11
N GLY B 581 -13.70 6.30 29.85
CA GLY B 581 -14.40 7.49 30.25
C GLY B 581 -15.45 7.30 31.31
N LEU B 582 -15.34 6.25 32.13
CA LEU B 582 -16.29 5.97 33.18
C LEU B 582 -15.86 6.54 34.54
N LEU B 583 -14.76 7.28 34.58
CA LEU B 583 -14.29 7.93 35.80
C LEU B 583 -14.54 9.42 35.71
N ASN B 584 -15.12 9.98 36.77
CA ASN B 584 -15.48 11.39 36.79
C ASN B 584 -14.23 12.25 37.04
N LEU B 585 -14.43 13.57 36.98
CA LEU B 585 -13.32 14.51 37.10
C LEU B 585 -13.12 15.03 38.52
N TYR B 586 -14.14 14.96 39.38
CA TYR B 586 -14.00 15.47 40.73
C TYR B 586 -13.31 14.49 41.67
N VAL B 587 -12.91 13.31 41.19
CA VAL B 587 -12.17 12.38 42.03
C VAL B 587 -10.79 12.91 42.37
N THR B 588 -10.27 13.86 41.60
CA THR B 588 -8.98 14.49 41.88
C THR B 588 -9.15 15.72 42.77
N ASN B 589 -9.84 15.54 43.90
CA ASN B 589 -10.12 16.62 44.83
C ASN B 589 -10.00 16.09 46.25
N VAL B 590 -9.69 16.99 47.17
CA VAL B 590 -9.56 16.67 48.58
C VAL B 590 -10.46 17.59 49.39
N LYS B 591 -10.80 17.13 50.59
CA LYS B 591 -11.66 17.94 51.47
C LYS B 591 -10.94 19.21 51.92
N ALA B 592 -9.63 19.15 52.09
CA ALA B 592 -8.86 20.34 52.44
C ALA B 592 -8.64 21.22 51.21
N ARG B 593 -8.20 22.45 51.46
CA ARG B 593 -7.97 23.42 50.39
C ARG B 593 -6.51 23.41 49.95
N HIS B 594 -6.07 22.26 49.43
CA HIS B 594 -4.72 22.11 48.90
C HIS B 594 -4.79 22.22 47.38
N GLU B 595 -4.88 23.47 46.92
CA GLU B 595 -5.04 23.74 45.49
C GLU B 595 -3.82 23.27 44.70
N PHE B 596 -2.62 23.42 45.26
CA PHE B 596 -1.42 22.96 44.59
C PHE B 596 -1.45 21.46 44.39
N THR B 597 -1.80 20.71 45.43
CA THR B 597 -1.88 19.26 45.32
C THR B 597 -2.95 18.85 44.32
N GLU B 598 -4.11 19.51 44.36
CA GLU B 598 -5.18 19.19 43.42
C GLU B 598 -4.74 19.45 41.98
N PHE B 599 -4.05 20.56 41.74
CA PHE B 599 -3.58 20.87 40.39
C PHE B 599 -2.53 19.86 39.92
N VAL B 600 -1.63 19.45 40.81
CA VAL B 600 -0.61 18.47 40.43
C VAL B 600 -1.27 17.14 40.09
N GLY B 601 -2.25 16.72 40.90
CA GLY B 601 -2.96 15.49 40.58
C GLY B 601 -3.72 15.56 39.28
N ALA B 602 -4.37 16.70 39.01
CA ALA B 602 -5.08 16.87 37.75
C ALA B 602 -4.12 16.85 36.57
N THR B 603 -2.93 17.44 36.73
CA THR B 603 -1.94 17.41 35.66
C THR B 603 -1.46 15.98 35.40
N MET B 604 -1.21 15.21 36.45
CA MET B 604 -0.83 13.81 36.27
C MET B 604 -1.94 13.04 35.55
N PHE B 605 -3.19 13.24 35.96
CA PHE B 605 -4.30 12.54 35.34
C PHE B 605 -4.43 12.91 33.86
N GLY B 606 -4.29 14.20 33.54
CA GLY B 606 -4.38 14.62 32.15
C GLY B 606 -3.25 14.07 31.30
N THR B 607 -2.03 14.04 31.86
CA THR B 607 -0.90 13.48 31.12
C THR B 607 -1.12 11.99 30.85
N TYR B 608 -1.60 11.25 31.86
CA TYR B 608 -1.89 9.84 31.66
C TYR B 608 -2.97 9.64 30.60
N ASN B 609 -4.04 10.45 30.65
CA ASN B 609 -5.10 10.33 29.67
C ASN B 609 -4.58 10.60 28.26
N VAL B 610 -3.78 11.65 28.09
CA VAL B 610 -3.23 11.97 26.77
C VAL B 610 -2.38 10.82 26.26
N ILE B 611 -1.45 10.33 27.10
CA ILE B 611 -0.54 9.29 26.66
C ILE B 611 -1.30 8.01 26.31
N SER B 612 -2.31 7.66 27.11
CA SER B 612 -3.01 6.40 26.90
C SER B 612 -3.95 6.46 25.70
N LEU B 613 -4.67 7.57 25.52
CA LEU B 613 -5.72 7.63 24.51
C LEU B 613 -5.25 8.22 23.18
N VAL B 614 -4.57 9.36 23.23
CA VAL B 614 -4.20 10.06 21.96
C VAL B 614 -3.01 9.36 21.29
N VAL B 615 -2.02 8.91 22.06
CA VAL B 615 -0.79 8.36 21.42
C VAL B 615 -0.82 6.83 21.31
N LEU B 616 -0.94 6.11 22.42
CA LEU B 616 -0.86 4.62 22.37
C LEU B 616 -2.01 3.99 21.59
N LEU B 617 -3.24 4.45 21.78
CA LEU B 617 -4.40 3.81 21.09
C LEU B 617 -4.29 3.98 19.58
N ASN B 618 -3.90 5.18 19.13
CA ASN B 618 -3.73 5.45 17.67
C ASN B 618 -2.60 4.59 17.11
N MET B 619 -1.52 4.42 17.87
CA MET B 619 -0.36 3.60 17.42
C MET B 619 -0.78 2.14 17.23
N LEU B 620 -1.61 1.60 18.12
CA LEU B 620 -2.12 0.21 17.97
C LEU B 620 -2.83 0.07 16.62
N ILE B 621 -3.67 1.06 16.26
CA ILE B 621 -4.44 0.99 15.03
C ILE B 621 -3.52 0.88 13.82
N ALA B 622 -2.46 1.69 13.79
CA ALA B 622 -1.51 1.63 12.69
C ALA B 622 -0.87 0.26 12.59
N MET B 623 -0.51 -0.33 13.73
CA MET B 623 0.07 -1.66 13.73
C MET B 623 -0.92 -2.70 13.20
N MET B 624 -2.19 -2.59 13.59
CA MET B 624 -3.19 -3.53 13.09
C MET B 624 -3.32 -3.44 11.58
N ASN B 625 -3.37 -2.22 11.02
CA ASN B 625 -3.44 -2.09 9.57
C ASN B 625 -2.21 -2.68 8.90
N ASN B 626 -1.02 -2.36 9.41
CA ASN B 626 0.20 -2.87 8.78
C ASN B 626 0.26 -4.40 8.84
N SER B 627 -0.18 -4.98 9.96
CA SER B 627 -0.16 -6.43 10.08
C SER B 627 -1.20 -7.08 9.18
N TYR B 628 -2.42 -6.52 9.13
CA TYR B 628 -3.48 -7.12 8.33
C TYR B 628 -3.18 -7.03 6.84
N GLN B 629 -2.51 -5.98 6.41
CA GLN B 629 -2.12 -5.87 4.98
C GLN B 629 -1.35 -7.14 4.58
N LEU B 630 -0.33 -7.51 5.36
CA LEU B 630 0.43 -8.71 5.05
C LEU B 630 -0.34 -9.99 5.35
N ILE B 631 -1.24 -9.95 6.33
CA ILE B 631 -1.96 -11.14 6.74
C ILE B 631 -2.94 -11.58 5.65
N ALA B 632 -3.57 -10.63 4.97
CA ALA B 632 -4.63 -10.95 4.02
C ALA B 632 -4.15 -11.74 2.81
N ASP B 633 -2.84 -11.89 2.61
CA ASP B 633 -2.34 -12.55 1.41
C ASP B 633 -2.61 -14.06 1.45
N HIS B 634 -2.30 -14.71 2.58
CA HIS B 634 -2.36 -16.16 2.70
C HIS B 634 -3.59 -16.64 3.47
N ALA B 635 -4.65 -15.83 3.51
CA ALA B 635 -5.84 -16.20 4.27
C ALA B 635 -6.44 -17.51 3.76
N ASP B 636 -6.49 -17.68 2.44
CA ASP B 636 -7.05 -18.90 1.86
C ASP B 636 -6.24 -20.12 2.28
N ILE B 637 -4.91 -20.03 2.23
CA ILE B 637 -4.06 -21.17 2.58
C ILE B 637 -4.23 -21.52 4.06
N GLU B 638 -4.19 -20.52 4.94
CA GLU B 638 -4.37 -20.79 6.36
C GLU B 638 -5.74 -21.38 6.66
N TRP B 639 -6.79 -20.83 6.05
CA TRP B 639 -8.13 -21.36 6.30
C TRP B 639 -8.27 -22.79 5.80
N LYS B 640 -7.69 -23.08 4.64
CA LYS B 640 -7.78 -24.43 4.10
C LYS B 640 -7.01 -25.43 4.98
N PHE B 641 -5.85 -25.02 5.50
CA PHE B 641 -5.12 -25.89 6.41
C PHE B 641 -5.93 -26.16 7.68
N ALA B 642 -6.52 -25.11 8.25
CA ALA B 642 -7.32 -25.28 9.46
C ALA B 642 -8.52 -26.17 9.20
N ARG B 643 -9.20 -25.98 8.06
CA ARG B 643 -10.37 -26.80 7.75
C ARG B 643 -9.97 -28.24 7.47
N THR B 644 -8.81 -28.47 6.86
CA THR B 644 -8.34 -29.83 6.66
C THR B 644 -8.08 -30.52 7.99
N LYS B 645 -7.45 -29.80 8.93
CA LYS B 645 -7.24 -30.38 10.26
C LYS B 645 -8.57 -30.70 10.93
N LEU B 646 -9.53 -29.78 10.86
CA LEU B 646 -10.83 -30.00 11.48
C LEU B 646 -11.55 -31.19 10.85
N TRP B 647 -11.46 -31.33 9.53
CA TRP B 647 -12.09 -32.45 8.85
C TRP B 647 -11.45 -33.77 9.25
N MET B 648 -10.11 -33.83 9.26
CA MET B 648 -9.42 -35.06 9.64
C MET B 648 -9.59 -35.37 11.11
N SER B 649 -10.01 -34.41 11.93
CA SER B 649 -10.30 -34.69 13.33
C SER B 649 -11.51 -35.60 13.53
N TYR B 650 -12.32 -35.81 12.48
CA TYR B 650 -13.52 -36.62 12.58
C TYR B 650 -13.43 -37.93 11.81
N PHE B 651 -12.27 -38.25 11.24
CA PHE B 651 -12.13 -39.46 10.44
C PHE B 651 -11.86 -40.71 11.28
N ASP B 652 -11.39 -40.55 12.51
CA ASP B 652 -11.04 -41.70 13.33
C ASP B 652 -12.29 -42.44 13.79
N GLU B 653 -12.09 -43.73 14.10
CA GLU B 653 -13.20 -44.57 14.54
C GLU B 653 -13.58 -44.29 15.99
N GLY B 654 -12.60 -43.92 16.82
CA GLY B 654 -12.87 -43.64 18.24
C GLY B 654 -13.78 -42.43 18.45
N GLY B 655 -14.51 -42.39 19.57
CA GLY B 655 -15.37 -41.23 19.90
C GLY B 655 -16.45 -40.95 18.88
N THR B 656 -17.07 -41.98 18.30
CA THR B 656 -18.19 -41.78 17.35
C THR B 656 -19.38 -41.14 18.06
N LEU B 657 -19.69 -41.57 19.29
CA LEU B 657 -20.90 -41.08 20.02
C LEU B 657 -20.71 -39.64 20.54
N PRO B 658 -21.79 -38.83 20.63
CA PRO B 658 -21.73 -37.46 21.15
C PRO B 658 -21.52 -37.49 22.68
N PRO B 659 -21.10 -36.36 23.33
CA PRO B 659 -20.78 -36.36 24.78
C PRO B 659 -21.78 -36.89 25.84
N PRO B 660 -23.12 -36.65 25.78
CA PRO B 660 -24.00 -37.19 26.81
C PRO B 660 -23.96 -38.72 26.82
N PHE B 661 -23.95 -39.35 25.63
CA PHE B 661 -23.95 -40.84 25.53
C PHE B 661 -22.52 -41.38 25.59
N ASN B 662 -21.51 -40.50 25.53
CA ASN B 662 -20.11 -40.96 25.51
C ASN B 662 -19.78 -41.67 26.83
N ILE B 663 -20.22 -41.10 27.96
CA ILE B 663 -19.92 -41.68 29.30
C ILE B 663 -20.61 -43.06 29.43
N ILE B 664 -21.85 -43.19 28.94
CA ILE B 664 -22.61 -44.46 29.08
C ILE B 664 -22.09 -45.48 28.06
N SER B 706 3.86 -56.65 2.23
CA SER B 706 3.70 -55.22 2.05
C SER B 706 4.87 -54.63 1.27
N LEU B 707 4.99 -55.01 0.00
CA LEU B 707 6.06 -54.52 -0.85
C LEU B 707 5.49 -54.02 -2.18
N ILE B 708 4.32 -54.55 -2.57
CA ILE B 708 3.67 -54.12 -3.80
C ILE B 708 3.35 -52.63 -3.72
N GLN B 709 2.90 -52.17 -2.55
CA GLN B 709 2.64 -50.75 -2.35
C GLN B 709 3.92 -49.93 -2.53
N ASN B 710 5.04 -50.44 -2.02
CA ASN B 710 6.31 -49.74 -2.17
C ASN B 710 6.72 -49.64 -3.65
N GLN B 711 6.55 -50.74 -4.39
CA GLN B 711 6.88 -50.72 -5.82
C GLN B 711 6.00 -49.73 -6.58
N HIS B 712 4.69 -49.73 -6.27
CA HIS B 712 3.78 -48.79 -6.93
C HIS B 712 4.16 -47.35 -6.62
N TYR B 713 4.48 -47.06 -5.35
CA TYR B 713 4.90 -45.72 -4.97
C TYR B 713 6.19 -45.32 -5.70
N GLN B 714 7.13 -46.25 -5.82
CA GLN B 714 8.38 -45.95 -6.52
C GLN B 714 8.12 -45.63 -7.99
N GLU B 715 7.25 -46.40 -8.64
CA GLU B 715 6.94 -46.15 -10.05
C GLU B 715 6.27 -44.78 -10.22
N VAL B 716 5.30 -44.47 -9.36
CA VAL B 716 4.61 -43.18 -9.45
C VAL B 716 5.58 -42.04 -9.18
N ILE B 717 6.50 -42.21 -8.23
CA ILE B 717 7.48 -41.19 -7.93
C ILE B 717 8.42 -40.97 -9.12
N ARG B 718 8.81 -42.06 -9.79
CA ARG B 718 9.65 -41.93 -10.98
C ARG B 718 8.94 -41.14 -12.07
N ASN B 719 7.66 -41.45 -12.31
CA ASN B 719 6.91 -40.72 -13.32
C ASN B 719 6.79 -39.24 -12.97
N LEU B 720 6.48 -38.95 -11.70
CA LEU B 720 6.35 -37.56 -11.28
C LEU B 720 7.67 -36.81 -11.41
N VAL B 721 8.79 -37.48 -11.07
CA VAL B 721 10.09 -36.85 -11.18
C VAL B 721 10.41 -36.53 -12.63
N LYS B 722 10.11 -37.46 -13.55
CA LYS B 722 10.35 -37.20 -14.97
C LYS B 722 9.53 -36.00 -15.45
N ARG B 723 8.25 -35.97 -15.09
CA ARG B 723 7.40 -34.85 -15.51
C ARG B 723 7.90 -33.52 -14.95
N TYR B 724 8.28 -33.52 -13.66
CA TYR B 724 8.78 -32.29 -13.03
C TYR B 724 10.07 -31.83 -13.67
N VAL B 725 10.97 -32.76 -13.98
CA VAL B 725 12.24 -32.40 -14.62
C VAL B 725 11.97 -31.78 -16.00
N ALA B 726 11.06 -32.38 -16.77
CA ALA B 726 10.73 -31.82 -18.08
C ALA B 726 10.16 -30.41 -17.93
N ALA B 727 9.24 -30.23 -16.98
CA ALA B 727 8.59 -28.94 -16.81
C ALA B 727 9.59 -27.86 -16.37
N MET B 728 10.52 -28.21 -15.47
CA MET B 728 11.49 -27.23 -15.00
C MET B 728 12.56 -26.94 -16.05
N ILE B 729 12.94 -27.94 -16.86
CA ILE B 729 13.81 -27.67 -18.00
C ILE B 729 13.14 -26.69 -18.94
N ARG B 730 11.84 -26.87 -19.19
CA ARG B 730 11.13 -25.95 -20.09
C ARG B 730 11.04 -24.55 -19.48
N ASN B 731 10.78 -24.46 -18.17
CA ASN B 731 10.74 -23.16 -17.52
C ASN B 731 12.09 -22.47 -17.55
N SER B 732 13.18 -23.24 -17.54
CA SER B 732 14.49 -22.67 -17.78
C SER B 732 14.63 -22.21 -19.22
N LYS B 733 14.02 -22.93 -20.15
CA LYS B 733 14.02 -22.55 -21.57
C LYS B 733 12.98 -21.50 -21.90
N THR B 734 12.05 -21.20 -20.99
CA THR B 734 11.03 -20.19 -21.28
C THR B 734 11.66 -18.81 -21.44
N HIS B 735 12.60 -18.46 -20.57
CA HIS B 735 13.34 -17.21 -20.71
C HIS B 735 14.44 -17.39 -21.76
N GLU B 736 15.32 -16.40 -21.87
CA GLU B 736 16.40 -16.35 -22.87
C GLU B 736 15.92 -16.81 -24.23
N GLY B 737 14.72 -16.38 -24.64
CA GLY B 737 14.16 -16.80 -25.90
C GLY B 737 14.96 -16.37 -27.11
N LEU B 738 15.79 -15.34 -26.98
CA LEU B 738 16.67 -14.90 -28.06
C LEU B 738 17.96 -15.72 -28.05
N THR B 739 17.79 -17.02 -28.31
CA THR B 739 18.92 -17.93 -28.34
C THR B 739 19.85 -17.60 -29.50
N GLU B 740 21.12 -17.95 -29.33
CA GLU B 740 22.14 -17.61 -30.33
C GLU B 740 23.03 -18.81 -30.62
N GLU B 741 24.14 -18.55 -31.32
CA GLU B 741 25.14 -19.55 -31.69
C GLU B 741 24.62 -20.50 -32.77
N ASN B 742 23.33 -20.37 -33.12
CA ASN B 742 22.82 -21.11 -34.27
C ASN B 742 23.40 -20.55 -35.55
N PHE B 743 23.54 -19.22 -35.63
CA PHE B 743 24.19 -18.61 -36.78
C PHE B 743 25.67 -18.97 -36.82
N LYS B 744 26.32 -19.03 -35.65
CA LYS B 744 27.73 -19.39 -35.60
C LYS B 744 27.96 -20.81 -36.07
N GLU B 745 27.11 -21.75 -35.63
CA GLU B 745 27.26 -23.13 -36.04
C GLU B 745 27.01 -23.31 -37.53
N LEU B 746 25.99 -22.63 -38.06
CA LEU B 746 25.71 -22.72 -39.49
C LEU B 746 26.82 -22.06 -40.30
N LYS B 747 27.32 -20.91 -39.84
CA LYS B 747 28.40 -20.23 -40.55
C LYS B 747 29.65 -21.08 -40.56
N GLN B 748 29.97 -21.74 -39.45
CA GLN B 748 31.12 -22.62 -39.40
C GLN B 748 30.95 -23.81 -40.36
N ASP B 749 29.73 -24.35 -40.44
CA ASP B 749 29.49 -25.50 -41.30
C ASP B 749 29.61 -25.12 -42.78
N ILE B 750 28.99 -24.01 -43.17
CA ILE B 750 29.03 -23.61 -44.58
C ILE B 750 30.43 -23.16 -44.98
N SER B 751 31.18 -22.55 -44.04
CA SER B 751 32.56 -22.17 -44.34
C SER B 751 33.43 -23.40 -44.56
N SER B 752 33.24 -24.45 -43.75
CA SER B 752 33.98 -25.68 -43.94
C SER B 752 33.62 -26.34 -45.26
N PHE B 753 32.33 -26.33 -45.61
CA PHE B 753 31.90 -26.89 -46.89
C PHE B 753 32.48 -26.08 -48.05
N ARG B 754 32.50 -24.75 -47.92
CA ARG B 754 33.11 -23.92 -48.95
C ARG B 754 34.61 -24.19 -49.05
N TYR B 755 35.28 -24.37 -47.92
CA TYR B 755 36.71 -24.65 -47.88
C TYR B 755 37.03 -26.00 -48.50
N ARG C 17 -21.55 -32.76 -30.35
CA ARG C 17 -20.36 -32.59 -31.16
C ARG C 17 -20.48 -31.24 -31.86
N ILE C 18 -19.54 -30.34 -31.59
CA ILE C 18 -19.59 -28.95 -32.03
C ILE C 18 -19.03 -28.87 -33.45
N PRO C 19 -19.86 -28.62 -34.46
CA PRO C 19 -19.34 -28.52 -35.84
C PRO C 19 -18.56 -27.25 -36.07
N LEU C 20 -17.23 -27.32 -35.99
CA LEU C 20 -16.38 -26.16 -36.23
C LEU C 20 -16.19 -25.97 -37.72
N GLN C 21 -16.51 -24.78 -38.20
CA GLN C 21 -16.40 -24.44 -39.61
C GLN C 21 -16.05 -22.96 -39.72
N ILE C 22 -16.19 -22.41 -40.93
CA ILE C 22 -15.95 -20.99 -41.18
C ILE C 22 -17.30 -20.31 -41.36
N VAL C 23 -17.54 -19.25 -40.60
CA VAL C 23 -18.78 -18.50 -40.71
C VAL C 23 -18.64 -17.34 -41.69
N ARG C 24 -17.53 -16.61 -41.63
CA ARG C 24 -17.23 -15.53 -42.56
C ARG C 24 -16.09 -15.99 -43.46
N ALA C 25 -16.39 -16.24 -44.73
CA ALA C 25 -15.43 -16.80 -45.67
C ALA C 25 -14.88 -15.70 -46.56
N GLU C 26 -13.56 -15.68 -46.72
CA GLU C 26 -12.89 -14.72 -47.58
C GLU C 26 -12.71 -15.32 -48.98
N THR C 27 -11.91 -14.66 -49.81
CA THR C 27 -11.67 -15.14 -51.16
C THR C 27 -10.59 -16.21 -51.18
N GLU C 28 -10.55 -16.97 -52.27
CA GLU C 28 -9.57 -18.03 -52.44
C GLU C 28 -8.23 -17.45 -52.88
N LEU C 29 -7.21 -18.30 -52.87
CA LEU C 29 -5.84 -17.88 -53.17
C LEU C 29 -5.12 -19.08 -53.78
N SER C 30 -3.78 -19.04 -53.73
CA SER C 30 -2.87 -20.10 -54.20
C SER C 30 -2.74 -20.14 -55.71
N ALA C 31 -2.98 -19.04 -56.40
CA ALA C 31 -2.71 -18.93 -57.82
C ALA C 31 -1.31 -18.35 -58.02
N GLU C 32 -1.00 -17.91 -59.24
CA GLU C 32 0.25 -17.18 -59.46
C GLU C 32 0.27 -15.88 -58.68
N GLU C 33 -0.90 -15.28 -58.49
CA GLU C 33 -1.00 -14.06 -57.68
C GLU C 33 -0.62 -14.30 -56.22
N LYS C 34 -0.82 -15.51 -55.71
CA LYS C 34 -0.32 -15.85 -54.39
C LYS C 34 1.12 -16.35 -54.43
N ALA C 35 1.51 -16.96 -55.55
CA ALA C 35 2.89 -17.40 -55.71
C ALA C 35 3.84 -16.22 -55.61
N PHE C 36 3.50 -15.11 -56.26
CA PHE C 36 4.44 -13.98 -56.23
C PHE C 36 4.35 -13.20 -54.92
N LEU C 37 3.22 -13.23 -54.22
CA LEU C 37 3.20 -12.75 -52.83
C LEU C 37 4.14 -13.55 -51.94
N ASN C 38 4.07 -14.89 -51.99
CA ASN C 38 4.99 -15.64 -51.13
C ASN C 38 6.44 -15.52 -51.61
N ALA C 39 6.67 -15.27 -52.89
CA ALA C 39 8.01 -14.95 -53.35
C ALA C 39 8.52 -13.66 -52.72
N VAL C 40 7.69 -12.62 -52.71
CA VAL C 40 8.05 -11.36 -52.06
C VAL C 40 8.28 -11.59 -50.57
N GLU C 41 7.46 -12.45 -49.95
CA GLU C 41 7.66 -12.79 -48.55
C GLU C 41 9.02 -13.43 -48.32
N LYS C 42 9.42 -14.33 -49.21
CA LYS C 42 10.76 -14.89 -49.13
C LYS C 42 11.83 -13.80 -49.26
N GLY C 43 11.62 -12.87 -50.19
CA GLY C 43 12.46 -11.69 -50.29
C GLY C 43 13.71 -11.84 -51.15
N ASP C 44 13.94 -13.02 -51.73
CA ASP C 44 15.07 -13.19 -52.63
C ASP C 44 14.91 -12.31 -53.87
N TYR C 45 15.86 -11.39 -54.06
CA TYR C 45 15.69 -10.34 -55.07
C TYR C 45 15.59 -10.91 -56.47
N ALA C 46 16.48 -11.83 -56.82
CA ALA C 46 16.49 -12.37 -58.18
C ALA C 46 15.20 -13.13 -58.49
N THR C 47 14.78 -13.99 -57.56
CA THR C 47 13.56 -14.76 -57.77
C THR C 47 12.34 -13.84 -57.84
N VAL C 48 12.26 -12.85 -56.96
CA VAL C 48 11.13 -11.93 -56.98
C VAL C 48 11.08 -11.17 -58.30
N LYS C 49 12.25 -10.68 -58.75
CA LYS C 49 12.29 -9.91 -59.99
C LYS C 49 11.90 -10.77 -61.18
N GLN C 50 12.42 -11.99 -61.26
CA GLN C 50 12.10 -12.85 -62.41
C GLN C 50 10.63 -13.25 -62.39
N ALA C 51 10.08 -13.57 -61.22
CA ALA C 51 8.67 -13.93 -61.15
C ALA C 51 7.78 -12.74 -61.52
N LEU C 52 8.13 -11.55 -61.03
CA LEU C 52 7.33 -10.37 -61.33
C LEU C 52 7.37 -10.02 -62.81
N GLN C 53 8.56 -10.10 -63.43
CA GLN C 53 8.63 -9.78 -64.85
C GLN C 53 7.93 -10.84 -65.69
N GLU C 54 8.02 -12.11 -65.30
CA GLU C 54 7.28 -13.15 -66.01
C GLU C 54 5.79 -12.95 -65.91
N ALA C 55 5.30 -12.60 -64.71
CA ALA C 55 3.87 -12.35 -64.54
C ALA C 55 3.42 -11.12 -65.33
N GLU C 56 4.26 -10.08 -65.36
CA GLU C 56 3.92 -8.88 -66.13
C GLU C 56 3.85 -9.19 -67.62
N ILE C 57 4.79 -10.00 -68.13
CA ILE C 57 4.74 -10.38 -69.53
C ILE C 57 3.50 -11.23 -69.82
N TYR C 58 3.17 -12.14 -68.90
CA TYR C 58 2.01 -13.00 -69.10
C TYR C 58 0.70 -12.21 -69.06
N TYR C 59 0.65 -11.13 -68.26
CA TYR C 59 -0.52 -10.26 -68.17
C TYR C 59 -1.75 -11.05 -67.71
N ASN C 60 -1.61 -11.77 -66.60
CA ASN C 60 -2.72 -12.55 -66.06
C ASN C 60 -2.77 -12.52 -64.53
N VAL C 61 -2.03 -11.60 -63.88
CA VAL C 61 -1.99 -11.51 -62.43
C VAL C 61 -2.37 -10.09 -62.02
N ASN C 62 -2.64 -9.93 -60.73
CA ASN C 62 -2.96 -8.65 -60.13
C ASN C 62 -2.00 -8.36 -58.98
N ILE C 63 -2.23 -7.25 -58.29
CA ILE C 63 -1.40 -6.85 -57.16
C ILE C 63 -2.28 -6.48 -55.98
N ASN C 64 -3.56 -6.82 -56.05
CA ASN C 64 -4.53 -6.49 -55.02
C ASN C 64 -4.77 -7.62 -54.04
N CYS C 65 -4.05 -8.74 -54.17
CA CYS C 65 -4.27 -9.88 -53.30
C CYS C 65 -3.84 -9.58 -51.87
N MET C 66 -4.49 -10.27 -50.93
CA MET C 66 -4.29 -10.03 -49.51
C MET C 66 -4.06 -11.37 -48.81
N ASP C 67 -3.10 -11.41 -47.90
CA ASP C 67 -2.80 -12.64 -47.18
C ASP C 67 -3.83 -12.85 -46.07
N PRO C 68 -3.94 -14.08 -45.55
CA PRO C 68 -4.91 -14.33 -44.46
C PRO C 68 -4.62 -13.53 -43.20
N LEU C 69 -3.38 -13.11 -42.96
CA LEU C 69 -3.04 -12.37 -41.75
C LEU C 69 -3.25 -10.86 -41.89
N GLY C 70 -3.63 -10.38 -43.07
CA GLY C 70 -3.88 -8.97 -43.26
C GLY C 70 -2.70 -8.16 -43.75
N ARG C 71 -1.76 -8.78 -44.47
CA ARG C 71 -0.60 -8.08 -44.99
C ARG C 71 -0.47 -8.34 -46.49
N SER C 72 0.10 -7.38 -47.20
CA SER C 72 0.35 -7.48 -48.62
C SER C 72 1.86 -7.46 -48.86
N ALA C 73 2.26 -7.40 -50.13
CA ALA C 73 3.68 -7.38 -50.46
C ALA C 73 4.36 -6.13 -49.90
N LEU C 74 3.73 -4.97 -50.08
CA LEU C 74 4.32 -3.73 -49.57
C LEU C 74 4.34 -3.70 -48.05
N LEU C 75 3.29 -4.22 -47.41
CA LEU C 75 3.27 -4.25 -45.95
C LEU C 75 4.33 -5.19 -45.40
N ILE C 76 4.54 -6.34 -46.05
CA ILE C 76 5.57 -7.26 -45.61
C ILE C 76 6.96 -6.67 -45.86
N ALA C 77 7.13 -5.90 -46.94
CA ALA C 77 8.38 -5.19 -47.14
C ALA C 77 8.59 -4.13 -46.06
N ILE C 78 7.51 -3.47 -45.64
CA ILE C 78 7.58 -2.50 -44.54
C ILE C 78 8.06 -3.20 -43.28
N GLU C 79 7.48 -4.35 -42.96
CA GLU C 79 7.82 -5.04 -41.72
C GLU C 79 9.23 -5.61 -41.75
N ASN C 80 9.64 -6.15 -42.89
CA ASN C 80 10.96 -6.77 -43.00
C ASN C 80 12.09 -5.77 -43.15
N GLU C 81 11.79 -4.55 -43.58
CA GLU C 81 12.77 -3.47 -43.72
C GLU C 81 13.90 -3.88 -44.68
N ASN C 82 13.51 -4.01 -45.94
CA ASN C 82 14.44 -4.35 -47.02
C ASN C 82 14.30 -3.29 -48.11
N LEU C 83 15.29 -2.40 -48.19
CA LEU C 83 15.22 -1.27 -49.12
C LEU C 83 15.28 -1.74 -50.58
N GLU C 84 16.01 -2.82 -50.85
CA GLU C 84 16.11 -3.30 -52.23
C GLU C 84 14.77 -3.82 -52.72
N ILE C 85 14.12 -4.68 -51.95
CA ILE C 85 12.80 -5.16 -52.34
C ILE C 85 11.80 -4.01 -52.33
N MET C 86 12.01 -3.02 -51.46
CA MET C 86 11.14 -1.84 -51.45
C MET C 86 11.20 -1.10 -52.78
N GLU C 87 12.40 -0.76 -53.23
CA GLU C 87 12.54 -0.03 -54.48
C GLU C 87 12.11 -0.88 -55.68
N LEU C 88 12.38 -2.19 -55.63
CA LEU C 88 11.92 -3.06 -56.71
C LEU C 88 10.40 -3.06 -56.82
N LEU C 89 9.72 -3.25 -55.69
CA LEU C 89 8.25 -3.27 -55.71
C LEU C 89 7.68 -1.93 -56.12
N LEU C 90 8.26 -0.83 -55.64
CA LEU C 90 7.72 0.48 -55.97
C LEU C 90 7.96 0.83 -57.43
N ASN C 91 9.10 0.42 -57.99
CA ASN C 91 9.35 0.64 -59.41
C ASN C 91 8.57 -0.33 -60.28
N HIS C 92 8.05 -1.41 -59.72
CA HIS C 92 7.19 -2.33 -60.45
C HIS C 92 5.73 -1.87 -60.48
N SER C 93 5.44 -0.68 -59.97
CA SER C 93 4.12 -0.06 -60.04
C SER C 93 3.08 -0.90 -59.28
N VAL C 94 3.37 -1.15 -58.01
CA VAL C 94 2.41 -1.78 -57.10
C VAL C 94 1.51 -0.70 -56.53
N TYR C 95 0.43 -1.10 -55.85
CA TYR C 95 -0.46 -0.13 -55.24
C TYR C 95 0.28 0.69 -54.18
N VAL C 96 -0.04 1.97 -54.11
CA VAL C 96 0.68 2.91 -53.25
C VAL C 96 -0.18 3.48 -52.14
N GLY C 97 -1.50 3.26 -52.17
CA GLY C 97 -2.39 3.82 -51.17
C GLY C 97 -2.04 3.47 -49.74
N ASP C 98 -1.95 4.49 -48.89
CA ASP C 98 -1.64 4.40 -47.46
C ASP C 98 -0.22 3.92 -47.19
N ALA C 99 0.57 3.59 -48.21
CA ALA C 99 1.91 3.07 -47.97
C ALA C 99 2.79 4.09 -47.28
N LEU C 100 2.62 5.38 -47.59
CA LEU C 100 3.37 6.42 -46.89
C LEU C 100 3.03 6.42 -45.40
N LEU C 101 1.75 6.29 -45.06
CA LEU C 101 1.36 6.24 -43.66
C LEU C 101 1.94 5.01 -42.97
N TYR C 102 1.88 3.85 -43.63
CA TYR C 102 2.45 2.64 -43.05
C TYR C 102 3.95 2.78 -42.82
N ALA C 103 4.67 3.40 -43.77
CA ALA C 103 6.10 3.59 -43.60
C ALA C 103 6.42 4.55 -42.46
N ILE C 104 5.70 5.69 -42.42
CA ILE C 104 5.93 6.66 -41.35
C ILE C 104 5.65 6.04 -39.99
N ARG C 105 4.59 5.24 -39.90
CA ARG C 105 4.21 4.60 -38.66
C ARG C 105 5.17 3.47 -38.29
N LYS C 106 5.79 2.81 -39.29
CA LYS C 106 6.84 1.85 -39.03
C LYS C 106 8.13 2.54 -38.59
N GLU C 107 8.28 3.83 -38.89
CA GLU C 107 9.42 4.64 -38.45
C GLU C 107 10.74 4.14 -39.05
N VAL C 108 10.79 4.11 -40.37
CA VAL C 108 12.03 3.84 -41.10
C VAL C 108 12.26 4.98 -42.10
N VAL C 109 13.36 5.70 -41.91
CA VAL C 109 13.59 6.93 -42.65
C VAL C 109 13.89 6.65 -44.11
N GLY C 110 14.66 5.59 -44.40
CA GLY C 110 15.01 5.29 -45.77
C GLY C 110 13.79 4.99 -46.62
N ALA C 111 12.91 4.12 -46.12
CA ALA C 111 11.72 3.79 -46.90
C ALA C 111 10.70 4.92 -46.89
N VAL C 112 10.67 5.73 -45.82
CA VAL C 112 9.82 6.92 -45.85
C VAL C 112 10.24 7.85 -46.98
N GLU C 113 11.55 8.10 -47.09
CA GLU C 113 12.06 8.95 -48.15
C GLU C 113 11.82 8.32 -49.53
N LEU C 114 12.01 7.01 -49.64
CA LEU C 114 11.79 6.34 -50.92
C LEU C 114 10.34 6.44 -51.35
N LEU C 115 9.40 6.25 -50.42
CA LEU C 115 7.98 6.34 -50.75
C LEU C 115 7.58 7.76 -51.08
N LEU C 116 8.16 8.75 -50.38
CA LEU C 116 7.87 10.13 -50.70
C LEU C 116 8.39 10.51 -52.08
N SER C 117 9.54 9.95 -52.47
CA SER C 117 10.08 10.18 -53.80
C SER C 117 9.43 9.33 -54.87
N TYR C 118 8.63 8.33 -54.48
CA TYR C 118 7.93 7.46 -55.41
C TYR C 118 8.90 6.73 -56.35
N GLN C 135 -10.61 -0.66 -49.76
CA GLN C 135 -9.93 -1.82 -49.21
C GLN C 135 -9.92 -1.77 -47.69
N PHE C 136 -9.24 -2.74 -47.07
CA PHE C 136 -9.11 -2.81 -45.62
C PHE C 136 -7.86 -2.05 -45.19
N SER C 137 -8.03 -1.07 -44.32
CA SER C 137 -6.91 -0.30 -43.78
C SER C 137 -7.10 -0.13 -42.29
N GLU C 138 -6.02 -0.30 -41.53
CA GLU C 138 -6.04 -0.13 -40.09
C GLU C 138 -5.82 1.33 -39.67
N PHE C 139 -6.05 2.28 -40.58
CA PHE C 139 -5.85 3.69 -40.30
C PHE C 139 -7.17 4.44 -40.43
N THR C 140 -7.43 5.32 -39.48
CA THR C 140 -8.63 6.14 -39.53
C THR C 140 -8.59 7.06 -40.74
N PRO C 141 -9.71 7.24 -41.44
CA PRO C 141 -9.69 8.08 -42.66
C PRO C 141 -9.28 9.52 -42.41
N ASP C 142 -9.40 10.03 -41.18
CA ASP C 142 -9.00 11.41 -40.90
C ASP C 142 -7.50 11.56 -40.69
N ILE C 143 -6.75 10.47 -40.69
CA ILE C 143 -5.32 10.52 -40.39
C ILE C 143 -4.57 11.08 -41.60
N THR C 144 -3.73 12.07 -41.36
CA THR C 144 -2.82 12.73 -42.29
C THR C 144 -1.39 12.28 -42.00
N PRO C 145 -0.51 12.24 -43.01
CA PRO C 145 0.90 11.91 -42.72
C PRO C 145 1.53 12.79 -41.66
N ILE C 146 1.29 14.10 -41.69
CA ILE C 146 1.85 14.98 -40.66
C ILE C 146 1.24 14.68 -39.30
N MET C 147 -0.06 14.36 -39.27
CA MET C 147 -0.72 14.01 -38.02
C MET C 147 -0.13 12.74 -37.42
N LEU C 148 0.13 11.73 -38.26
CA LEU C 148 0.71 10.49 -37.77
C LEU C 148 2.15 10.71 -37.31
N ALA C 149 2.91 11.54 -38.03
CA ALA C 149 4.27 11.86 -37.59
C ALA C 149 4.26 12.56 -36.23
N ALA C 150 3.33 13.49 -36.04
CA ALA C 150 3.21 14.16 -34.75
C ALA C 150 2.78 13.19 -33.66
N HIS C 151 1.88 12.26 -33.98
CA HIS C 151 1.46 11.26 -33.01
C HIS C 151 2.64 10.39 -32.58
N THR C 152 3.44 9.95 -33.54
CA THR C 152 4.57 9.07 -33.24
C THR C 152 5.75 9.81 -32.62
N ASN C 153 5.83 11.13 -32.79
CA ASN C 153 6.84 11.97 -32.17
C ASN C 153 8.26 11.56 -32.58
N ASN C 154 8.51 11.65 -33.88
CA ASN C 154 9.82 11.39 -34.46
C ASN C 154 10.35 12.69 -35.05
N TYR C 155 11.45 13.20 -34.48
CA TYR C 155 11.96 14.52 -34.88
C TYR C 155 12.38 14.55 -36.34
N GLU C 156 13.11 13.52 -36.78
CA GLU C 156 13.67 13.52 -38.13
C GLU C 156 12.56 13.49 -39.18
N ILE C 157 11.63 12.54 -39.05
CA ILE C 157 10.56 12.43 -40.04
C ILE C 157 9.60 13.61 -39.94
N ILE C 158 9.40 14.15 -38.73
CA ILE C 158 8.57 15.33 -38.57
C ILE C 158 9.17 16.51 -39.34
N LYS C 159 10.48 16.71 -39.21
CA LYS C 159 11.14 17.77 -39.96
C LYS C 159 11.10 17.51 -41.46
N LEU C 160 11.28 16.26 -41.86
CA LEU C 160 11.26 15.91 -43.29
C LEU C 160 9.88 16.20 -43.89
N LEU C 161 8.82 15.91 -43.14
CA LEU C 161 7.48 16.18 -43.64
C LEU C 161 7.16 17.68 -43.61
N VAL C 162 7.61 18.37 -42.56
CA VAL C 162 7.28 19.79 -42.39
C VAL C 162 8.12 20.71 -43.27
N GLN C 163 9.20 20.20 -43.86
CA GLN C 163 9.95 21.02 -44.81
C GLN C 163 9.10 21.38 -46.01
N LYS C 164 8.13 20.54 -46.35
CA LYS C 164 7.10 20.91 -47.32
C LYS C 164 6.00 21.70 -46.64
N ARG C 165 5.28 22.48 -47.44
CA ARG C 165 4.23 23.35 -46.92
C ARG C 165 3.01 22.49 -46.57
N VAL C 166 3.02 21.94 -45.36
CA VAL C 166 1.91 21.14 -44.85
C VAL C 166 1.32 21.87 -43.66
N THR C 167 0.01 21.71 -43.48
CA THR C 167 -0.74 22.48 -42.49
C THR C 167 -1.67 21.56 -41.72
N ILE C 168 -2.35 22.13 -40.73
CA ILE C 168 -3.24 21.38 -39.84
C ILE C 168 -4.53 22.18 -39.66
N PRO C 169 -5.69 21.53 -39.65
CA PRO C 169 -6.95 22.27 -39.43
C PRO C 169 -7.04 22.84 -38.02
N ARG C 170 -7.93 23.84 -37.87
CA ARG C 170 -8.27 24.42 -36.56
C ARG C 170 -9.45 23.68 -35.95
N PRO C 171 -9.37 23.24 -34.66
CA PRO C 171 -10.56 22.76 -33.96
C PRO C 171 -11.19 24.07 -33.48
N HIS C 172 -12.52 24.13 -33.37
CA HIS C 172 -13.21 25.41 -32.99
C HIS C 172 -13.15 25.64 -31.48
N GLN C 173 -13.60 26.82 -31.02
CA GLN C 173 -13.59 27.15 -29.56
C GLN C 173 -14.28 26.05 -28.74
N ILE C 174 -14.09 26.06 -27.42
CA ILE C 174 -14.58 24.95 -26.60
C ILE C 174 -16.10 24.84 -26.68
N ARG C 175 -16.79 25.98 -26.59
CA ARG C 175 -18.28 25.95 -26.55
C ARG C 175 -18.85 26.49 -27.86
N CYS C 176 -18.27 26.09 -29.00
CA CYS C 176 -18.73 26.66 -30.30
C CYS C 176 -20.15 26.17 -30.59
N ASN C 177 -21.04 27.09 -30.95
CA ASN C 177 -22.44 26.72 -31.30
C ASN C 177 -22.67 27.05 -32.78
N CYS C 178 -21.59 27.23 -33.55
CA CYS C 178 -21.73 27.66 -34.97
C CYS C 178 -22.40 26.56 -35.81
N VAL C 179 -22.98 26.93 -36.95
CA VAL C 179 -23.74 25.93 -37.77
C VAL C 179 -22.80 24.80 -38.22
N GLU C 180 -21.55 25.10 -38.59
CA GLU C 180 -20.65 24.04 -39.10
C GLU C 180 -20.42 22.99 -38.00
N CYS C 181 -20.16 23.44 -36.77
CA CYS C 181 -19.92 22.50 -35.64
C CYS C 181 -21.18 21.70 -35.32
N VAL C 182 -22.34 22.37 -35.28
CA VAL C 182 -23.62 21.68 -34.93
C VAL C 182 -23.96 20.67 -36.02
N SER C 183 -23.74 21.04 -37.29
CA SER C 183 -24.07 20.14 -38.43
C SER C 183 -23.16 18.92 -38.41
N SER C 184 -21.84 19.13 -38.23
CA SER C 184 -20.90 18.02 -38.24
C SER C 184 -21.14 17.07 -37.08
N SER C 185 -21.52 17.61 -35.91
CA SER C 185 -21.88 16.76 -34.79
C SER C 185 -23.17 16.00 -35.05
N GLU C 186 -24.10 16.61 -35.79
CA GLU C 186 -25.38 15.95 -36.05
C GLU C 186 -25.22 14.80 -37.03
N VAL C 187 -24.44 14.97 -38.09
CA VAL C 187 -24.30 13.90 -39.06
C VAL C 187 -23.54 12.72 -38.45
N ASP C 188 -22.49 13.00 -37.69
CA ASP C 188 -21.71 11.94 -37.04
C ASP C 188 -20.95 12.56 -35.88
N SER C 189 -21.27 12.12 -34.66
CA SER C 189 -20.66 12.69 -33.46
C SER C 189 -19.39 11.94 -33.04
N LEU C 190 -19.36 10.61 -33.20
CA LEU C 190 -18.18 9.85 -32.85
C LEU C 190 -16.99 10.25 -33.70
N ARG C 191 -17.21 10.41 -35.02
CA ARG C 191 -16.13 10.83 -35.91
C ARG C 191 -15.67 12.24 -35.56
N HIS C 192 -16.60 13.13 -35.21
CA HIS C 192 -16.23 14.49 -34.82
C HIS C 192 -15.36 14.50 -33.58
N SER C 193 -15.77 13.75 -32.56
CA SER C 193 -14.97 13.68 -31.33
C SER C 193 -13.60 13.08 -31.58
N ARG C 194 -13.54 12.01 -32.40
CA ARG C 194 -12.26 11.40 -32.72
C ARG C 194 -11.35 12.38 -33.47
N SER C 195 -11.92 13.13 -34.42
CA SER C 195 -11.13 14.10 -35.17
C SER C 195 -10.59 15.19 -34.26
N ARG C 196 -11.42 15.69 -33.34
CA ARG C 196 -10.95 16.70 -32.40
C ARG C 196 -9.82 16.15 -31.53
N LEU C 197 -10.00 14.94 -31.01
CA LEU C 197 -8.97 14.34 -30.15
C LEU C 197 -7.68 14.12 -30.91
N ASN C 198 -7.76 13.65 -32.16
CA ASN C 198 -6.57 13.42 -32.96
C ASN C 198 -5.86 14.73 -33.29
N ILE C 199 -6.63 15.77 -33.60
CA ILE C 199 -6.03 17.08 -33.90
C ILE C 199 -5.29 17.60 -32.68
N TYR C 200 -5.89 17.51 -31.50
CA TYR C 200 -5.23 18.02 -30.30
C TYR C 200 -4.03 17.16 -29.93
N LYS C 201 -4.11 15.85 -30.13
CA LYS C 201 -2.97 14.98 -29.85
C LYS C 201 -1.81 15.28 -30.79
N ALA C 202 -2.09 15.58 -32.05
CA ALA C 202 -1.04 15.98 -32.98
C ALA C 202 -0.46 17.33 -32.60
N LEU C 203 -1.31 18.27 -32.16
CA LEU C 203 -0.83 19.60 -31.83
C LEU C 203 0.00 19.61 -30.55
N ALA C 204 -0.25 18.69 -29.63
CA ALA C 204 0.43 18.66 -28.35
C ALA C 204 1.74 17.87 -28.38
N SER C 205 2.36 17.74 -29.55
CA SER C 205 3.59 16.98 -29.66
C SER C 205 4.79 17.84 -29.26
N PRO C 206 5.68 17.34 -28.38
CA PRO C 206 6.86 18.15 -28.00
C PRO C 206 7.75 18.50 -29.18
N SER C 207 7.93 17.59 -30.13
CA SER C 207 8.74 17.91 -31.30
C SER C 207 8.05 18.95 -32.19
N LEU C 208 6.74 18.78 -32.41
CA LEU C 208 6.00 19.74 -33.21
C LEU C 208 5.88 21.09 -32.52
N ILE C 209 6.15 21.15 -31.22
CA ILE C 209 6.29 22.44 -30.53
C ILE C 209 7.70 22.98 -30.65
N ALA C 210 8.72 22.10 -30.61
CA ALA C 210 10.09 22.54 -30.80
C ALA C 210 10.28 23.19 -32.17
N LEU C 211 9.69 22.60 -33.21
CA LEU C 211 9.66 23.23 -34.52
C LEU C 211 8.39 24.06 -34.68
N SER C 212 8.45 25.03 -35.59
CA SER C 212 7.29 25.83 -35.97
C SER C 212 6.63 26.52 -34.78
N SER C 213 7.45 27.09 -33.90
CA SER C 213 6.93 27.83 -32.75
C SER C 213 7.97 28.83 -32.29
N GLU C 214 7.56 30.09 -32.14
CA GLU C 214 8.48 31.13 -31.70
C GLU C 214 8.76 31.04 -30.20
N ASP C 215 7.74 30.76 -29.39
CA ASP C 215 7.88 30.66 -27.94
C ASP C 215 7.36 29.30 -27.48
N PRO C 216 8.22 28.28 -27.47
CA PRO C 216 7.76 26.94 -27.07
C PRO C 216 7.23 26.89 -25.64
N ILE C 217 7.81 27.66 -24.73
CA ILE C 217 7.37 27.62 -23.33
C ILE C 217 5.96 28.17 -23.20
N LEU C 218 5.70 29.33 -23.80
CA LEU C 218 4.36 29.91 -23.75
C LEU C 218 3.36 29.03 -24.49
N THR C 219 3.78 28.44 -25.62
CA THR C 219 2.89 27.54 -26.35
C THR C 219 2.51 26.34 -25.50
N ALA C 220 3.49 25.76 -24.79
CA ALA C 220 3.20 24.62 -23.92
C ALA C 220 2.29 25.02 -22.78
N PHE C 221 2.51 26.20 -22.19
CA PHE C 221 1.63 26.68 -21.13
C PHE C 221 0.18 26.76 -21.61
N ARG C 222 -0.02 27.46 -22.73
CA ARG C 222 -1.38 27.64 -23.25
C ARG C 222 -2.01 26.31 -23.66
N LEU C 223 -1.22 25.42 -24.28
CA LEU C 223 -1.77 24.13 -24.70
C LEU C 223 -2.17 23.28 -23.50
N GLY C 224 -1.35 23.27 -22.45
CA GLY C 224 -1.71 22.53 -21.24
C GLY C 224 -2.96 23.08 -20.59
N TRP C 225 -3.07 24.41 -20.51
CA TRP C 225 -4.28 25.01 -19.95
C TRP C 225 -5.51 24.64 -20.78
N GLU C 226 -5.40 24.72 -22.11
CA GLU C 226 -6.53 24.40 -22.97
C GLU C 226 -6.94 22.94 -22.85
N LEU C 227 -5.97 22.03 -22.79
CA LEU C 227 -6.30 20.62 -22.66
C LEU C 227 -6.92 20.31 -21.30
N LYS C 228 -6.43 20.95 -20.23
CA LYS C 228 -7.04 20.77 -18.93
C LYS C 228 -8.48 21.27 -18.91
N GLU C 229 -8.74 22.39 -19.59
CA GLU C 229 -10.11 22.87 -19.70
C GLU C 229 -10.98 21.91 -20.53
N LEU C 230 -10.41 21.36 -21.60
CA LEU C 230 -11.15 20.44 -22.47
C LEU C 230 -11.50 19.14 -21.74
N SER C 231 -10.65 18.72 -20.80
CA SER C 231 -10.90 17.45 -20.11
C SER C 231 -12.23 17.48 -19.37
N LYS C 232 -12.57 18.60 -18.73
CA LYS C 232 -13.82 18.68 -17.99
C LYS C 232 -15.03 18.67 -18.93
N VAL C 233 -14.93 19.38 -20.06
CA VAL C 233 -16.05 19.45 -20.99
C VAL C 233 -16.30 18.09 -21.63
N GLU C 234 -15.23 17.42 -22.06
CA GLU C 234 -15.35 16.08 -22.64
C GLU C 234 -15.29 15.07 -21.50
N ASN C 235 -16.46 14.74 -20.94
CA ASN C 235 -16.50 13.86 -19.78
C ASN C 235 -16.07 12.45 -20.13
N GLU C 236 -16.49 11.94 -21.30
CA GLU C 236 -16.15 10.57 -21.67
C GLU C 236 -14.65 10.43 -21.94
N PHE C 237 -14.04 11.41 -22.60
CA PHE C 237 -12.62 11.39 -22.90
C PHE C 237 -11.92 12.35 -21.94
N LYS C 238 -11.45 11.80 -20.81
CA LYS C 238 -10.78 12.58 -19.77
C LYS C 238 -9.33 12.21 -19.60
N ALA C 239 -9.03 10.90 -19.56
CA ALA C 239 -7.65 10.46 -19.31
C ALA C 239 -6.71 10.89 -20.43
N GLU C 240 -7.18 10.85 -21.67
CA GLU C 240 -6.34 11.24 -22.80
C GLU C 240 -5.94 12.71 -22.70
N TYR C 241 -6.93 13.58 -22.45
CA TYR C 241 -6.64 15.00 -22.34
C TYR C 241 -5.76 15.30 -21.12
N GLU C 242 -6.00 14.60 -20.01
CA GLU C 242 -5.17 14.81 -18.82
C GLU C 242 -3.73 14.39 -19.08
N GLU C 243 -3.52 13.26 -19.77
CA GLU C 243 -2.17 12.83 -20.08
C GLU C 243 -1.50 13.75 -21.09
N LEU C 244 -2.27 14.33 -22.01
CA LEU C 244 -1.69 15.31 -22.93
C LEU C 244 -1.24 16.57 -22.19
N SER C 245 -2.06 17.04 -21.24
CA SER C 245 -1.66 18.20 -20.44
C SER C 245 -0.42 17.89 -19.61
N GLN C 246 -0.37 16.70 -19.01
CA GLN C 246 0.81 16.31 -18.24
C GLN C 246 2.05 16.24 -19.13
N GLN C 247 1.89 15.74 -20.36
CA GLN C 247 3.01 15.68 -21.29
C GLN C 247 3.50 17.08 -21.64
N CYS C 248 2.58 18.02 -21.84
CA CYS C 248 2.97 19.40 -22.12
C CYS C 248 3.73 20.01 -20.95
N LYS C 249 3.23 19.79 -19.73
CA LYS C 249 3.93 20.32 -18.55
C LYS C 249 5.32 19.71 -18.42
N LEU C 250 5.44 18.40 -18.65
CA LEU C 250 6.74 17.74 -18.57
C LEU C 250 7.70 18.27 -19.63
N PHE C 251 7.19 18.53 -20.83
CA PHE C 251 8.04 19.10 -21.87
C PHE C 251 8.54 20.48 -21.49
N ALA C 252 7.65 21.31 -20.92
CA ALA C 252 8.08 22.63 -20.47
C ALA C 252 9.16 22.53 -19.40
N LYS C 253 8.96 21.65 -18.41
CA LYS C 253 9.95 21.50 -17.35
C LYS C 253 11.28 20.99 -17.90
N ASP C 254 11.23 20.02 -18.82
CA ASP C 254 12.47 19.50 -19.40
C ASP C 254 13.19 20.55 -20.22
N LEU C 255 12.44 21.39 -20.94
CA LEU C 255 13.06 22.48 -21.69
C LEU C 255 13.74 23.48 -20.75
N LEU C 256 13.09 23.78 -19.62
CA LEU C 256 13.72 24.66 -18.64
C LEU C 256 14.97 24.02 -18.02
N ASP C 257 14.97 22.69 -17.90
CA ASP C 257 16.07 22.01 -17.22
C ASP C 257 17.41 22.21 -17.92
N GLN C 258 17.40 22.51 -19.22
CA GLN C 258 18.64 22.56 -19.99
C GLN C 258 19.41 23.87 -19.83
N ALA C 259 18.86 24.86 -19.12
CA ALA C 259 19.58 26.09 -18.89
C ALA C 259 20.84 25.82 -18.06
N ARG C 260 21.97 26.38 -18.51
CA ARG C 260 23.26 26.08 -17.88
C ARG C 260 24.02 27.35 -17.52
N SER C 261 23.33 28.45 -17.28
CA SER C 261 23.98 29.66 -16.79
C SER C 261 22.96 30.57 -16.14
N SER C 262 23.43 31.35 -15.17
CA SER C 262 22.55 32.28 -14.47
C SER C 262 22.02 33.34 -15.42
N ARG C 263 22.84 33.79 -16.38
CA ARG C 263 22.41 34.78 -17.35
C ARG C 263 21.26 34.24 -18.20
N GLU C 264 21.41 33.02 -18.72
CA GLU C 264 20.33 32.40 -19.48
C GLU C 264 19.09 32.22 -18.63
N LEU C 265 19.27 31.80 -17.36
CA LEU C 265 18.13 31.58 -16.48
C LEU C 265 17.35 32.88 -16.26
N GLU C 266 18.06 33.98 -15.97
CA GLU C 266 17.35 35.23 -15.72
C GLU C 266 16.75 35.78 -17.00
N ILE C 267 17.40 35.58 -18.15
CA ILE C 267 16.81 36.01 -19.42
C ILE C 267 15.49 35.28 -19.66
N ILE C 268 15.48 33.96 -19.45
CA ILE C 268 14.28 33.17 -19.65
C ILE C 268 13.18 33.61 -18.68
N LEU C 269 13.54 33.79 -17.41
CA LEU C 269 12.54 34.13 -16.40
C LEU C 269 12.07 35.57 -16.47
N ASN C 270 12.81 36.45 -17.15
CA ASN C 270 12.44 37.85 -17.24
C ASN C 270 11.92 38.27 -18.60
N HIS C 271 11.98 37.39 -19.61
CA HIS C 271 11.45 37.74 -20.92
C HIS C 271 9.95 38.03 -20.85
N ARG C 272 9.52 39.07 -21.56
CA ARG C 272 8.13 39.47 -21.59
C ARG C 272 7.74 39.80 -23.02
N ASP C 273 6.45 39.65 -23.31
CA ASP C 273 5.93 39.94 -24.64
C ASP C 273 4.42 40.22 -24.59
N ASP C 286 9.49 42.74 -13.33
CA ASP C 286 10.35 41.61 -13.63
C ASP C 286 9.64 40.29 -13.37
N LEU C 287 10.27 39.20 -13.78
CA LEU C 287 9.74 37.84 -13.58
C LEU C 287 8.35 37.70 -14.21
N ALA C 288 8.18 38.27 -15.40
CA ALA C 288 6.89 38.17 -16.09
C ALA C 288 6.58 36.73 -16.47
N LYS C 289 7.57 36.00 -16.97
CA LYS C 289 7.37 34.60 -17.32
C LYS C 289 7.05 33.77 -16.09
N LEU C 290 7.70 34.06 -14.96
CA LEU C 290 7.39 33.36 -13.72
C LEU C 290 5.96 33.66 -13.26
N LYS C 291 5.53 34.91 -13.39
CA LYS C 291 4.15 35.25 -13.06
C LYS C 291 3.17 34.51 -13.95
N VAL C 292 3.46 34.43 -15.24
CA VAL C 292 2.59 33.70 -16.17
C VAL C 292 2.54 32.22 -15.80
N ALA C 293 3.69 31.63 -15.47
CA ALA C 293 3.72 30.22 -15.08
C ALA C 293 2.93 29.98 -13.80
N ILE C 294 3.02 30.91 -12.85
CA ILE C 294 2.23 30.79 -11.62
C ILE C 294 0.75 30.89 -11.93
N LYS C 295 0.37 31.79 -12.85
CA LYS C 295 -1.02 31.93 -13.23
C LYS C 295 -1.55 30.66 -13.90
N TYR C 296 -0.72 30.02 -14.73
CA TYR C 296 -1.13 28.83 -15.48
C TYR C 296 -0.97 27.55 -14.69
N HIS C 297 -0.62 27.63 -13.40
CA HIS C 297 -0.51 26.45 -12.53
C HIS C 297 0.52 25.45 -13.05
N GLN C 298 1.74 25.95 -13.28
CA GLN C 298 2.86 25.11 -13.71
C GLN C 298 3.73 24.83 -12.49
N LYS C 299 3.24 23.91 -11.64
CA LYS C 299 3.93 23.62 -10.36
C LYS C 299 5.28 22.95 -10.59
N GLU C 300 5.39 22.07 -11.58
CA GLU C 300 6.68 21.45 -11.87
C GLU C 300 7.68 22.47 -12.39
N PHE C 301 7.23 23.38 -13.24
CA PHE C 301 8.10 24.43 -13.74
C PHE C 301 8.55 25.36 -12.61
N VAL C 302 7.63 25.69 -11.70
CA VAL C 302 7.95 26.63 -10.62
C VAL C 302 8.92 25.99 -9.63
N ALA C 303 8.73 24.72 -9.32
CA ALA C 303 9.52 24.04 -8.29
C ALA C 303 10.88 23.56 -8.79
N GLN C 304 11.38 24.10 -9.89
CA GLN C 304 12.69 23.71 -10.38
C GLN C 304 13.77 24.20 -9.40
N PRO C 305 14.83 23.41 -9.19
CA PRO C 305 15.88 23.84 -8.25
C PRO C 305 16.54 25.16 -8.61
N ASN C 306 16.79 25.41 -9.90
CA ASN C 306 17.42 26.66 -10.29
C ASN C 306 16.52 27.86 -10.05
N CYS C 307 15.24 27.74 -10.41
CA CYS C 307 14.29 28.82 -10.15
C CYS C 307 14.13 29.06 -8.65
N GLN C 308 14.10 27.98 -7.86
CA GLN C 308 13.98 28.13 -6.41
C GLN C 308 15.23 28.80 -5.84
N GLN C 309 16.40 28.47 -6.37
CA GLN C 309 17.63 29.12 -5.90
C GLN C 309 17.63 30.61 -6.23
N LEU C 310 17.19 30.96 -7.44
CA LEU C 310 17.11 32.38 -7.80
C LEU C 310 16.10 33.11 -6.92
N LEU C 311 14.95 32.48 -6.66
CA LEU C 311 13.94 33.10 -5.81
C LEU C 311 14.45 33.27 -4.39
N ALA C 312 15.20 32.29 -3.87
CA ALA C 312 15.77 32.42 -2.54
C ALA C 312 16.81 33.53 -2.49
N THR C 313 17.62 33.66 -3.54
CA THR C 313 18.59 34.76 -3.62
C THR C 313 17.88 36.11 -3.59
N LEU C 314 16.79 36.23 -4.35
CA LEU C 314 16.03 37.48 -4.34
C LEU C 314 15.35 37.72 -3.00
N TRP C 315 14.91 36.65 -2.32
CA TRP C 315 14.18 36.79 -1.07
C TRP C 315 15.11 37.20 0.07
N TYR C 316 16.29 36.58 0.15
CA TYR C 316 17.26 36.90 1.20
C TYR C 316 18.21 37.99 0.72
N ASP C 317 17.63 39.16 0.42
CA ASP C 317 18.40 40.27 -0.14
C ASP C 317 19.35 40.86 0.90
N GLY C 318 18.83 41.16 2.09
CA GLY C 318 19.65 41.83 3.09
C GLY C 318 20.75 40.95 3.66
N PHE C 319 20.43 39.68 3.92
CA PHE C 319 21.38 38.78 4.55
C PHE C 319 22.01 37.87 3.51
N PRO C 320 23.32 37.94 3.30
CA PRO C 320 23.98 37.04 2.34
C PRO C 320 24.54 35.75 2.94
N GLY C 321 24.62 35.67 4.27
CA GLY C 321 25.10 34.48 4.93
C GLY C 321 24.00 33.74 5.66
N TRP C 322 22.75 34.00 5.26
CA TRP C 322 21.62 33.37 5.94
C TRP C 322 21.61 31.86 5.76
N ARG C 323 22.15 31.37 4.63
CA ARG C 323 22.25 29.93 4.43
C ARG C 323 23.17 29.29 5.45
N ARG C 324 24.31 29.91 5.74
CA ARG C 324 25.28 29.39 6.69
C ARG C 324 25.16 30.20 7.98
N LYS C 325 24.20 29.82 8.81
CA LYS C 325 23.99 30.48 10.09
C LYS C 325 23.40 29.47 11.07
N HIS C 326 23.58 29.76 12.36
CA HIS C 326 23.07 28.91 13.41
C HIS C 326 21.59 29.19 13.66
N TRP C 327 20.89 28.18 14.18
CA TRP C 327 19.49 28.36 14.54
C TRP C 327 19.33 29.42 15.61
N VAL C 328 20.23 29.44 16.60
CA VAL C 328 20.13 30.42 17.67
C VAL C 328 20.30 31.83 17.15
N VAL C 329 21.29 32.06 16.28
CA VAL C 329 21.51 33.40 15.77
C VAL C 329 20.40 33.81 14.81
N LYS C 330 19.85 32.86 14.04
CA LYS C 330 18.70 33.16 13.20
C LYS C 330 17.51 33.60 14.05
N LEU C 331 17.26 32.88 15.15
CA LEU C 331 16.16 33.23 16.04
C LEU C 331 16.39 34.61 16.68
N LEU C 332 17.62 34.86 17.13
CA LEU C 332 17.95 36.14 17.75
C LEU C 332 17.74 37.29 16.78
N THR C 333 18.21 37.14 15.53
CA THR C 333 18.01 38.22 14.57
C THR C 333 16.55 38.35 14.18
N CYS C 334 15.79 37.26 14.20
CA CYS C 334 14.36 37.34 13.93
C CYS C 334 13.65 38.22 14.95
N MET C 335 13.87 37.95 16.25
CA MET C 335 13.31 38.85 17.26
C MET C 335 13.88 40.27 17.17
N THR C 336 15.18 40.42 16.88
CA THR C 336 15.74 41.76 16.89
C THR C 336 15.26 42.59 15.70
N ILE C 337 14.77 41.97 14.64
CA ILE C 337 14.18 42.75 13.55
C ILE C 337 12.68 42.93 13.79
N GLY C 338 12.01 41.93 14.37
CA GLY C 338 10.58 42.06 14.60
C GLY C 338 10.23 43.02 15.71
N PHE C 339 11.16 43.28 16.63
CA PHE C 339 10.86 44.16 17.75
C PHE C 339 10.83 45.63 17.33
N LEU C 340 11.61 46.02 16.33
CA LEU C 340 11.72 47.41 15.92
C LEU C 340 10.85 47.74 14.70
N PHE C 341 9.74 47.02 14.52
CA PHE C 341 8.86 47.33 13.38
C PHE C 341 8.27 48.73 13.43
N PRO C 342 7.80 49.27 14.56
CA PRO C 342 7.27 50.65 14.49
C PRO C 342 8.34 51.68 14.22
N MET C 343 9.54 51.49 14.79
CA MET C 343 10.65 52.40 14.49
C MET C 343 11.01 52.36 13.02
N LEU C 344 11.07 51.16 12.42
CA LEU C 344 11.39 51.05 11.01
C LEU C 344 10.31 51.69 10.14
N SER C 345 9.04 51.46 10.50
CA SER C 345 7.95 52.05 9.73
C SER C 345 7.99 53.58 9.81
N ILE C 346 8.24 54.13 11.00
CA ILE C 346 8.31 55.57 11.15
C ILE C 346 9.50 56.13 10.37
N ALA C 347 10.63 55.44 10.41
CA ALA C 347 11.81 55.89 9.67
C ALA C 347 11.55 55.90 8.17
N TYR C 348 10.90 54.86 7.64
CA TYR C 348 10.58 54.84 6.22
C TYR C 348 9.57 55.94 5.87
N LEU C 349 8.58 56.17 6.73
CA LEU C 349 7.59 57.20 6.47
C LEU C 349 8.22 58.58 6.45
N ILE C 350 9.18 58.84 7.35
CA ILE C 350 9.80 60.15 7.41
C ILE C 350 10.79 60.34 6.27
N SER C 351 11.77 59.44 6.16
CA SER C 351 12.82 59.54 5.15
C SER C 351 12.83 58.27 4.30
N PRO C 352 12.13 58.27 3.16
CA PRO C 352 12.15 57.08 2.28
C PRO C 352 13.52 56.77 1.72
N ARG C 353 14.42 57.76 1.64
CA ARG C 353 15.77 57.57 1.10
C ARG C 353 16.75 57.83 2.22
N SER C 354 17.10 56.77 2.95
CA SER C 354 18.04 56.85 4.05
C SER C 354 18.55 55.44 4.36
N ASN C 355 19.50 55.35 5.30
CA ASN C 355 20.02 54.05 5.69
C ASN C 355 18.93 53.19 6.30
N LEU C 356 18.09 53.76 7.15
CA LEU C 356 16.97 53.04 7.74
C LEU C 356 15.72 53.07 6.87
N GLY C 357 15.65 53.99 5.90
CA GLY C 357 14.47 54.07 5.06
C GLY C 357 14.30 52.86 4.15
N LEU C 358 15.39 52.43 3.51
CA LEU C 358 15.33 51.33 2.57
C LEU C 358 15.48 49.96 3.23
N PHE C 359 15.65 49.92 4.55
CA PHE C 359 15.79 48.64 5.24
C PHE C 359 14.48 47.84 5.26
N ILE C 360 13.35 48.50 5.00
CA ILE C 360 12.06 47.80 4.99
C ILE C 360 11.65 47.36 3.59
N LYS C 361 12.33 47.85 2.55
CA LYS C 361 12.02 47.43 1.19
C LYS C 361 12.31 45.96 0.95
N LYS C 362 13.18 45.35 1.75
CA LYS C 362 13.52 43.95 1.55
C LYS C 362 12.32 43.06 1.88
N PRO C 363 12.04 42.05 1.06
CA PRO C 363 10.85 41.22 1.28
C PRO C 363 10.84 40.51 2.62
N PHE C 364 11.99 40.00 3.07
CA PHE C 364 12.04 39.31 4.35
C PHE C 364 11.74 40.25 5.50
N ILE C 365 12.33 41.45 5.47
CA ILE C 365 12.06 42.44 6.51
C ILE C 365 10.60 42.85 6.51
N LYS C 366 10.03 43.03 5.32
CA LYS C 366 8.62 43.39 5.22
C LYS C 366 7.73 42.29 5.80
N PHE C 367 8.04 41.04 5.49
CA PHE C 367 7.26 39.92 6.03
C PHE C 367 7.36 39.86 7.54
N ILE C 368 8.57 40.05 8.09
CA ILE C 368 8.75 40.02 9.53
C ILE C 368 7.97 41.16 10.19
N CYS C 369 8.01 42.35 9.59
CA CYS C 369 7.28 43.49 10.16
C CYS C 369 5.78 43.24 10.15
N HIS C 370 5.26 42.71 9.04
CA HIS C 370 3.82 42.42 8.98
C HIS C 370 3.42 41.37 10.00
N THR C 371 4.24 40.32 10.14
CA THR C 371 3.95 39.29 11.13
C THR C 371 3.96 39.85 12.55
N ALA C 372 4.95 40.71 12.86
CA ALA C 372 5.01 41.31 14.18
C ALA C 372 3.81 42.21 14.44
N SER C 373 3.38 42.97 13.42
CA SER C 373 2.20 43.81 13.58
C SER C 373 0.96 42.98 13.85
N TYR C 374 0.79 41.88 13.12
CA TYR C 374 -0.37 41.01 13.35
C TYR C 374 -0.31 40.38 14.74
N LEU C 375 0.88 39.99 15.19
CA LEU C 375 1.01 39.43 16.54
C LEU C 375 0.67 40.47 17.60
N THR C 376 1.08 41.72 17.39
CA THR C 376 0.74 42.78 18.33
C THR C 376 -0.77 43.01 18.35
N PHE C 377 -1.42 42.97 17.18
CA PHE C 377 -2.87 43.11 17.13
C PHE C 377 -3.56 41.98 17.88
N LEU C 378 -3.08 40.74 17.71
CA LEU C 378 -3.67 39.62 18.43
C LEU C 378 -3.45 39.73 19.92
N PHE C 379 -2.28 40.22 20.34
CA PHE C 379 -2.03 40.43 21.76
C PHE C 379 -2.95 41.50 22.34
N MET C 380 -3.21 42.56 21.57
CA MET C 380 -4.18 43.57 22.01
C MET C 380 -5.58 42.98 22.14
N LEU C 381 -5.97 42.14 21.18
CA LEU C 381 -7.27 41.48 21.27
C LEU C 381 -7.35 40.60 22.50
N LEU C 382 -6.28 39.87 22.81
CA LEU C 382 -6.27 39.03 24.02
C LEU C 382 -6.35 39.88 25.28
N LEU C 383 -5.62 41.00 25.30
CA LEU C 383 -5.65 41.89 26.47
C LEU C 383 -7.01 42.54 26.66
N ALA C 384 -7.77 42.70 25.57
CA ALA C 384 -9.08 43.32 25.68
C ALA C 384 -10.02 42.53 26.60
N SER C 385 -9.96 41.20 26.51
CA SER C 385 -10.90 40.38 27.29
C SER C 385 -10.58 40.40 28.77
N GLN C 386 -9.32 40.60 29.14
CA GLN C 386 -8.92 40.61 30.54
C GLN C 386 -9.44 41.86 31.25
N ASP C 392 -16.61 49.00 34.05
CA ASP C 392 -17.95 48.71 34.53
C ASP C 392 -18.77 47.98 33.46
N LEU C 393 -19.48 46.93 33.87
CA LEU C 393 -20.31 46.14 32.98
C LEU C 393 -21.79 46.33 33.24
N HIS C 394 -22.17 47.34 34.01
CA HIS C 394 -23.56 47.56 34.39
C HIS C 394 -24.23 48.68 33.61
N VAL C 395 -23.53 49.31 32.66
CA VAL C 395 -24.05 50.44 31.92
C VAL C 395 -24.62 49.97 30.59
N GLN C 396 -25.59 50.72 30.07
CA GLN C 396 -26.24 50.41 28.81
C GLN C 396 -25.59 51.24 27.72
N GLY C 397 -24.87 50.58 26.82
CA GLY C 397 -24.18 51.26 25.74
C GLY C 397 -23.07 52.15 26.23
N PRO C 398 -22.00 51.56 26.75
CA PRO C 398 -20.90 52.35 27.30
C PRO C 398 -20.02 52.91 26.19
N PRO C 399 -19.30 53.99 26.44
CA PRO C 399 -18.35 54.48 25.45
C PRO C 399 -17.18 53.53 25.31
N PRO C 400 -16.53 53.49 24.15
CA PRO C 400 -15.41 52.57 23.96
C PRO C 400 -14.25 52.88 24.90
N THR C 401 -13.55 51.84 25.33
CA THR C 401 -12.44 51.96 26.25
C THR C 401 -11.14 52.19 25.49
N VAL C 402 -10.04 52.30 26.24
CA VAL C 402 -8.74 52.58 25.64
C VAL C 402 -8.31 51.44 24.74
N VAL C 403 -8.57 50.20 25.15
CA VAL C 403 -8.17 49.05 24.34
C VAL C 403 -8.87 49.07 22.99
N GLU C 404 -10.17 49.34 22.99
CA GLU C 404 -10.90 49.44 21.73
C GLU C 404 -10.44 50.65 20.91
N TRP C 405 -10.07 51.75 21.59
CA TRP C 405 -9.55 52.91 20.87
C TRP C 405 -8.27 52.58 20.13
N MET C 406 -7.39 51.79 20.75
CA MET C 406 -6.18 51.37 20.05
C MET C 406 -6.48 50.30 19.00
N ILE C 407 -7.52 49.49 19.21
CA ILE C 407 -7.82 48.38 18.27
C ILE C 407 -8.43 48.94 16.97
N LEU C 408 -9.14 50.07 17.06
CA LEU C 408 -9.86 50.61 15.87
C LEU C 408 -8.91 50.96 14.71
N PRO C 409 -7.74 51.63 14.87
CA PRO C 409 -6.89 51.95 13.72
C PRO C 409 -6.43 50.70 12.96
N TRP C 410 -6.08 49.63 13.69
CA TRP C 410 -5.66 48.35 13.04
C TRP C 410 -6.82 47.82 12.20
N VAL C 411 -8.03 47.83 12.75
CA VAL C 411 -9.23 47.28 12.03
C VAL C 411 -9.48 48.12 10.77
N LEU C 412 -9.39 49.44 10.88
CA LEU C 412 -9.61 50.33 9.72
C LEU C 412 -8.53 50.06 8.67
N GLY C 413 -7.28 49.88 9.12
CA GLY C 413 -6.16 49.62 8.19
C GLY C 413 -6.37 48.31 7.44
N PHE C 414 -6.83 47.27 8.14
CA PHE C 414 -7.11 45.99 7.51
C PHE C 414 -8.13 46.14 6.39
N ILE C 415 -9.21 46.88 6.65
CA ILE C 415 -10.24 47.07 5.63
C ILE C 415 -9.68 47.84 4.44
N TRP C 416 -8.89 48.89 4.71
CA TRP C 416 -8.31 49.68 3.63
C TRP C 416 -7.38 48.85 2.76
N GLY C 417 -6.53 48.05 3.40
CA GLY C 417 -5.65 47.17 2.63
C GLY C 417 -6.42 46.13 1.84
N GLU C 418 -7.55 45.66 2.38
CA GLU C 418 -8.38 44.67 1.65
C GLU C 418 -8.95 45.27 0.36
N ILE C 419 -9.59 46.44 0.46
CA ILE C 419 -10.25 47.03 -0.74
C ILE C 419 -9.21 47.36 -1.82
N LYS C 420 -8.04 47.86 -1.43
CA LYS C 420 -7.01 48.23 -2.43
C LYS C 420 -6.63 46.98 -3.23
N GLU C 421 -6.44 45.85 -2.54
CA GLU C 421 -6.04 44.58 -3.21
C GLU C 421 -7.13 44.09 -4.16
N MET C 422 -8.41 44.15 -3.77
CA MET C 422 -9.48 43.74 -4.71
C MET C 422 -9.52 44.68 -5.91
N TRP C 423 -9.33 45.99 -5.68
CA TRP C 423 -9.31 46.98 -6.79
C TRP C 423 -8.14 46.68 -7.71
N ASP C 424 -6.98 46.36 -7.14
CA ASP C 424 -5.76 46.11 -7.96
C ASP C 424 -5.83 44.70 -8.58
N GLY C 425 -6.23 43.70 -7.79
CA GLY C 425 -6.24 42.36 -8.33
C GLY C 425 -7.39 42.04 -9.25
N GLY C 426 -8.61 42.32 -8.81
CA GLY C 426 -9.80 41.94 -9.55
C GLY C 426 -10.60 40.88 -8.82
N PHE C 427 -11.82 40.67 -9.31
CA PHE C 427 -12.76 39.78 -8.63
C PHE C 427 -12.27 38.34 -8.66
N THR C 428 -11.83 37.85 -9.82
CA THR C 428 -11.41 36.46 -9.94
C THR C 428 -10.19 36.17 -9.07
N GLU C 429 -9.18 37.04 -9.13
CA GLU C 429 -7.98 36.84 -8.32
C GLU C 429 -8.31 36.96 -6.84
N TYR C 430 -9.23 37.85 -6.47
CA TYR C 430 -9.62 38.01 -5.08
C TYR C 430 -10.32 36.75 -4.56
N ILE C 431 -11.21 36.17 -5.36
CA ILE C 431 -11.96 35.00 -4.90
C ILE C 431 -11.20 33.69 -5.05
N HIS C 432 -10.12 33.67 -5.84
CA HIS C 432 -9.37 32.43 -6.02
C HIS C 432 -8.54 32.06 -4.79
N ASP C 433 -8.21 33.04 -3.93
CA ASP C 433 -7.33 32.76 -2.81
C ASP C 433 -8.03 31.97 -1.71
N TRP C 434 -9.35 32.17 -1.55
CA TRP C 434 -10.18 31.47 -0.56
C TRP C 434 -9.83 31.87 0.87
N TRP C 435 -8.79 32.69 1.04
CA TRP C 435 -8.54 33.34 2.33
C TRP C 435 -9.21 34.70 2.40
N ASN C 436 -9.39 35.35 1.24
CA ASN C 436 -10.09 36.62 1.19
C ASN C 436 -11.53 36.47 1.65
N LEU C 437 -12.10 35.26 1.54
CA LEU C 437 -13.44 35.03 2.07
C LEU C 437 -13.46 35.22 3.60
N MET C 438 -12.49 34.61 4.29
CA MET C 438 -12.41 34.78 5.73
C MET C 438 -12.07 36.22 6.10
N ASP C 439 -11.19 36.86 5.32
CA ASP C 439 -10.87 38.26 5.58
C ASP C 439 -12.11 39.14 5.47
N PHE C 440 -12.90 38.94 4.41
CA PHE C 440 -14.13 39.71 4.22
C PHE C 440 -15.13 39.44 5.33
N ALA C 441 -15.28 38.17 5.74
CA ALA C 441 -16.21 37.86 6.82
C ALA C 441 -15.79 38.55 8.11
N MET C 442 -14.50 38.52 8.43
CA MET C 442 -14.01 39.16 9.65
C MET C 442 -14.21 40.67 9.60
N ASN C 443 -13.91 41.29 8.46
CA ASN C 443 -14.07 42.73 8.34
C ASN C 443 -15.54 43.14 8.42
N SER C 444 -16.43 42.37 7.79
CA SER C 444 -17.86 42.66 7.88
C SER C 444 -18.37 42.51 9.30
N LEU C 445 -17.90 41.48 10.02
CA LEU C 445 -18.30 41.31 11.40
C LEU C 445 -17.82 42.46 12.27
N TYR C 446 -16.58 42.92 12.04
CA TYR C 446 -16.07 44.07 12.79
C TYR C 446 -16.87 45.34 12.50
N LEU C 447 -17.22 45.56 11.23
CA LEU C 447 -18.02 46.72 10.87
C LEU C 447 -19.39 46.66 11.53
N ALA C 448 -20.02 45.48 11.53
CA ALA C 448 -21.32 45.33 12.18
C ALA C 448 -21.21 45.57 13.68
N THR C 449 -20.12 45.10 14.29
CA THR C 449 -19.91 45.32 15.72
C THR C 449 -19.81 46.82 16.02
N ILE C 450 -19.01 47.54 15.21
CA ILE C 450 -18.85 48.98 15.44
C ILE C 450 -20.18 49.70 15.25
N SER C 451 -20.94 49.34 14.21
CA SER C 451 -22.23 49.99 13.96
C SER C 451 -23.19 49.73 15.11
N LEU C 452 -23.27 48.48 15.59
CA LEU C 452 -24.17 48.16 16.69
C LEU C 452 -23.76 48.88 17.96
N LYS C 453 -22.45 48.98 18.22
CA LYS C 453 -21.99 49.70 19.41
C LYS C 453 -22.37 51.17 19.34
N ILE C 454 -22.18 51.80 18.18
CA ILE C 454 -22.53 53.21 18.05
C ILE C 454 -24.03 53.41 18.17
N VAL C 455 -24.82 52.48 17.64
CA VAL C 455 -26.28 52.58 17.74
C VAL C 455 -26.71 52.46 19.20
N ALA C 456 -26.13 51.50 19.93
CA ALA C 456 -26.48 51.35 21.34
C ALA C 456 -26.07 52.58 22.15
N TYR C 457 -24.90 53.13 21.86
CA TYR C 457 -24.46 54.33 22.58
C TYR C 457 -25.39 55.51 22.30
N VAL C 458 -25.83 55.66 21.05
CA VAL C 458 -26.72 56.76 20.72
C VAL C 458 -28.09 56.57 21.38
N LYS C 459 -28.61 55.34 21.37
CA LYS C 459 -29.98 55.11 21.83
C LYS C 459 -30.05 55.02 23.35
N TYR C 460 -29.40 54.03 23.94
CA TYR C 460 -29.55 53.73 25.36
C TYR C 460 -28.56 54.53 26.20
N ASN C 461 -29.04 55.06 27.33
CA ASN C 461 -28.21 55.84 28.22
C ASN C 461 -28.47 55.52 29.69
N GLY C 462 -29.26 54.50 30.00
CA GLY C 462 -29.58 54.17 31.38
C GLY C 462 -28.58 53.20 32.00
N SER C 463 -28.95 52.72 33.19
CA SER C 463 -28.14 51.78 33.95
C SER C 463 -29.07 50.70 34.50
N ARG C 464 -29.22 49.61 33.76
CA ARG C 464 -30.09 48.50 34.12
C ARG C 464 -29.29 47.21 34.09
N PRO C 465 -29.65 46.22 34.89
CA PRO C 465 -28.86 44.98 34.94
C PRO C 465 -29.11 44.08 33.74
N ARG C 466 -28.07 43.30 33.41
CA ARG C 466 -28.18 42.36 32.31
C ARG C 466 -29.21 41.27 32.59
N GLU C 467 -29.48 41.00 33.87
CA GLU C 467 -30.54 40.06 34.21
C GLU C 467 -31.92 40.59 33.85
N GLU C 468 -32.05 41.90 33.64
CA GLU C 468 -33.30 42.50 33.18
C GLU C 468 -33.25 42.94 31.73
N TRP C 469 -32.06 43.03 31.13
CA TRP C 469 -31.96 43.35 29.72
C TRP C 469 -32.65 42.29 28.86
N GLU C 470 -33.12 42.71 27.69
CA GLU C 470 -33.78 41.80 26.77
C GLU C 470 -32.77 40.90 26.07
N MET C 471 -33.28 39.87 25.40
CA MET C 471 -32.42 38.90 24.73
C MET C 471 -31.87 39.41 23.41
N TRP C 472 -32.52 40.38 22.78
CA TRP C 472 -32.08 40.95 21.50
C TRP C 472 -31.43 42.32 21.69
N HIS C 473 -30.66 42.49 22.76
CA HIS C 473 -30.06 43.79 23.02
C HIS C 473 -28.91 44.06 22.06
N PRO C 474 -28.79 45.28 21.55
CA PRO C 474 -27.67 45.59 20.64
C PRO C 474 -26.31 45.38 21.29
N THR C 475 -26.19 45.65 22.59
CA THR C 475 -24.92 45.41 23.28
C THR C 475 -24.55 43.93 23.26
N LEU C 476 -25.51 43.06 23.60
CA LEU C 476 -25.24 41.63 23.59
C LEU C 476 -24.90 41.14 22.18
N ILE C 477 -25.63 41.62 21.18
CA ILE C 477 -25.32 41.25 19.80
C ILE C 477 -23.90 41.68 19.44
N ALA C 478 -23.50 42.88 19.85
CA ALA C 478 -22.17 43.38 19.56
C ALA C 478 -21.10 42.52 20.23
N GLU C 479 -21.32 42.12 21.49
CA GLU C 479 -20.35 41.27 22.15
C GLU C 479 -20.23 39.91 21.48
N ALA C 480 -21.36 39.33 21.06
CA ALA C 480 -21.32 38.05 20.35
C ALA C 480 -20.53 38.17 19.04
N LEU C 481 -20.82 39.23 18.27
CA LEU C 481 -20.10 39.43 17.02
C LEU C 481 -18.61 39.67 17.26
N PHE C 482 -18.28 40.38 18.34
CA PHE C 482 -16.87 40.61 18.67
C PHE C 482 -16.16 39.30 19.02
N ALA C 483 -16.84 38.42 19.76
CA ALA C 483 -16.24 37.12 20.07
C ALA C 483 -16.01 36.30 18.81
N ILE C 484 -16.99 36.29 17.89
CA ILE C 484 -16.82 35.55 16.65
C ILE C 484 -15.67 36.15 15.83
N SER C 485 -15.57 37.48 15.80
CA SER C 485 -14.48 38.13 15.09
C SER C 485 -13.12 37.77 15.71
N ASN C 486 -13.05 37.69 17.04
CA ASN C 486 -11.82 37.29 17.69
C ASN C 486 -11.44 35.87 17.29
N ILE C 487 -12.42 34.96 17.26
CA ILE C 487 -12.14 33.58 16.85
C ILE C 487 -11.57 33.56 15.43
N LEU C 488 -12.22 34.28 14.51
CA LEU C 488 -11.77 34.27 13.13
C LEU C 488 -10.38 34.88 12.99
N SER C 489 -10.13 36.00 13.67
CA SER C 489 -8.83 36.66 13.58
C SER C 489 -7.72 35.77 14.13
N SER C 490 -7.99 35.07 15.23
CA SER C 490 -6.99 34.14 15.76
C SER C 490 -6.78 32.96 14.83
N LEU C 491 -7.85 32.51 14.16
CA LEU C 491 -7.70 31.40 13.21
C LEU C 491 -7.00 31.82 11.92
N ARG C 492 -6.91 33.12 11.65
CA ARG C 492 -6.25 33.60 10.44
C ARG C 492 -4.76 33.28 10.41
N LEU C 493 -4.16 32.95 11.56
CA LEU C 493 -2.71 32.75 11.64
C LEU C 493 -2.24 31.48 10.95
N ILE C 494 -3.15 30.61 10.49
CA ILE C 494 -2.74 29.35 9.89
C ILE C 494 -1.96 29.58 8.59
N SER C 495 -2.28 30.66 7.86
CA SER C 495 -1.69 30.91 6.56
C SER C 495 -0.18 31.16 6.62
N LEU C 496 0.38 31.42 7.80
CA LEU C 496 1.81 31.67 7.92
C LEU C 496 2.64 30.39 8.01
N PHE C 497 1.98 29.22 8.03
CA PHE C 497 2.73 27.97 8.13
C PHE C 497 3.43 27.60 6.84
N THR C 498 3.05 28.21 5.71
CA THR C 498 3.67 27.87 4.43
C THR C 498 5.12 28.33 4.35
N ALA C 499 5.51 29.32 5.16
CA ALA C 499 6.89 29.80 5.15
C ALA C 499 7.85 28.87 5.87
N ASN C 500 7.34 27.87 6.59
CA ASN C 500 8.18 26.94 7.32
C ASN C 500 8.36 25.65 6.52
N SER C 501 9.50 24.99 6.73
CA SER C 501 9.81 23.77 6.00
C SER C 501 9.07 22.56 6.53
N HIS C 502 8.73 22.55 7.83
CA HIS C 502 8.15 21.37 8.45
C HIS C 502 6.63 21.36 8.45
N LEU C 503 5.99 22.53 8.39
CA LEU C 503 4.54 22.62 8.54
C LEU C 503 3.81 22.84 7.22
N GLY C 504 4.51 23.28 6.18
CA GLY C 504 3.89 23.58 4.89
C GLY C 504 3.20 22.40 4.24
N PRO C 505 3.95 21.31 4.01
CA PRO C 505 3.31 20.12 3.44
C PRO C 505 2.16 19.57 4.27
N LEU C 506 2.29 19.64 5.61
CA LEU C 506 1.21 19.18 6.47
C LEU C 506 -0.05 20.01 6.26
N GLN C 507 0.13 21.34 6.27
CA GLN C 507 -1.01 22.27 6.05
C GLN C 507 -1.58 22.00 4.66
N ILE C 508 -0.72 21.81 3.67
CA ILE C 508 -1.18 21.56 2.27
C ILE C 508 -1.97 20.24 2.25
N SER C 509 -1.48 19.21 2.95
CA SER C 509 -2.18 17.90 3.02
C SER C 509 -3.54 18.05 3.69
N LEU C 510 -3.60 18.81 4.79
CA LEU C 510 -4.88 19.02 5.52
C LEU C 510 -5.85 19.75 4.60
N GLY C 511 -5.37 20.74 3.85
CA GLY C 511 -6.22 21.52 2.93
C GLY C 511 -6.81 20.63 1.85
N ARG C 512 -6.01 19.70 1.33
CA ARG C 512 -6.50 18.76 0.28
C ARG C 512 -7.60 17.86 0.85
N MET C 513 -7.47 17.42 2.10
CA MET C 513 -8.45 16.48 2.71
C MET C 513 -9.78 17.18 3.06
N LEU C 514 -9.78 18.49 3.32
CA LEU C 514 -11.02 19.22 3.58
C LEU C 514 -12.09 18.91 2.55
N LEU C 515 -11.70 18.59 1.30
CA LEU C 515 -12.68 18.28 0.27
C LEU C 515 -13.42 16.98 0.58
N ASP C 516 -12.70 15.95 1.01
CA ASP C 516 -13.35 14.70 1.40
C ASP C 516 -14.25 14.91 2.61
N ILE C 517 -13.80 15.75 3.55
CA ILE C 517 -14.66 16.10 4.69
C ILE C 517 -15.98 16.69 4.20
N LEU C 518 -15.89 17.67 3.29
CA LEU C 518 -17.09 18.30 2.75
C LEU C 518 -17.98 17.30 2.02
N LYS C 519 -17.37 16.32 1.33
CA LYS C 519 -18.17 15.35 0.61
C LYS C 519 -18.92 14.42 1.55
N PHE C 520 -18.29 14.03 2.67
CA PHE C 520 -18.98 13.14 3.62
C PHE C 520 -20.05 13.88 4.41
N LEU C 521 -19.89 15.20 4.59
CA LEU C 521 -20.86 15.97 5.35
C LEU C 521 -22.28 15.86 4.77
N PHE C 522 -22.40 15.72 3.45
CA PHE C 522 -23.72 15.64 2.82
C PHE C 522 -24.46 14.38 3.25
N ILE C 523 -23.78 13.23 3.18
CA ILE C 523 -24.40 11.98 3.60
C ILE C 523 -24.75 12.02 5.08
N TYR C 524 -23.85 12.55 5.90
CA TYR C 524 -24.16 12.65 7.32
C TYR C 524 -25.39 13.52 7.57
N CYS C 525 -25.48 14.65 6.85
CA CYS C 525 -26.62 15.54 7.02
C CYS C 525 -27.92 14.87 6.60
N LEU C 526 -27.90 14.10 5.50
CA LEU C 526 -29.11 13.41 5.07
C LEU C 526 -29.57 12.41 6.12
N VAL C 527 -28.64 11.61 6.65
CA VAL C 527 -29.01 10.63 7.67
C VAL C 527 -29.56 11.32 8.91
N LEU C 528 -28.90 12.41 9.34
CA LEU C 528 -29.35 13.14 10.52
C LEU C 528 -30.75 13.72 10.31
N LEU C 529 -31.02 14.28 9.12
CA LEU C 529 -32.33 14.84 8.86
C LEU C 529 -33.41 13.76 8.90
N ALA C 530 -33.13 12.60 8.29
CA ALA C 530 -34.11 11.52 8.30
C ALA C 530 -34.44 11.10 9.74
N PHE C 531 -33.40 10.83 10.54
CA PHE C 531 -33.65 10.33 11.90
C PHE C 531 -34.30 11.39 12.77
N ALA C 532 -33.93 12.66 12.58
CA ALA C 532 -34.55 13.73 13.35
C ALA C 532 -36.02 13.88 13.00
N ASN C 533 -36.36 13.80 11.71
CA ASN C 533 -37.76 13.83 11.31
C ASN C 533 -38.54 12.71 11.99
N GLY C 534 -38.00 11.49 11.94
CA GLY C 534 -38.70 10.38 12.56
C GLY C 534 -38.90 10.56 14.06
N LEU C 535 -37.83 10.94 14.75
CA LEU C 535 -37.90 11.08 16.21
C LEU C 535 -38.85 12.20 16.61
N ASN C 536 -38.82 13.33 15.90
CA ASN C 536 -39.74 14.42 16.22
C ASN C 536 -41.19 14.00 15.96
N GLN C 537 -41.44 13.32 14.85
CA GLN C 537 -42.79 12.83 14.58
C GLN C 537 -43.28 11.90 15.67
N LEU C 538 -42.39 11.08 16.22
CA LEU C 538 -42.81 10.16 17.28
C LEU C 538 -43.04 10.89 18.60
N TYR C 539 -42.15 11.82 18.96
CA TYR C 539 -42.10 12.34 20.32
C TYR C 539 -42.76 13.71 20.50
N PHE C 540 -43.30 14.31 19.43
CA PHE C 540 -43.83 15.67 19.56
C PHE C 540 -45.15 15.74 20.33
N TYR C 541 -45.75 14.59 20.66
CA TYR C 541 -47.03 14.60 21.36
C TYR C 541 -46.92 15.03 22.82
N TYR C 542 -45.79 14.74 23.47
CA TYR C 542 -45.66 14.91 24.92
C TYR C 542 -44.84 16.14 25.29
N GLU C 543 -45.02 17.25 24.58
CA GLU C 543 -44.33 18.49 24.93
C GLU C 543 -44.84 19.04 26.25
N THR C 544 -43.92 19.53 27.08
CA THR C 544 -44.25 20.09 28.38
C THR C 544 -43.72 21.51 28.49
N ARG C 545 -44.41 22.32 29.28
CA ARG C 545 -44.00 23.71 29.46
C ARG C 545 -42.83 23.82 30.44
N ALA C 546 -42.14 24.95 30.37
CA ALA C 546 -40.96 25.16 31.20
C ALA C 546 -41.31 25.38 32.67
N ILE C 547 -42.56 25.73 32.97
CA ILE C 547 -42.94 25.99 34.36
C ILE C 547 -42.94 24.69 35.16
N ASP C 548 -43.37 23.59 34.54
CA ASP C 548 -43.46 22.31 35.24
C ASP C 548 -42.10 21.68 35.51
N GLU C 549 -41.02 22.20 34.93
CA GLU C 549 -39.70 21.62 35.11
C GLU C 549 -39.12 22.04 36.46
N PRO C 550 -38.24 21.20 37.04
CA PRO C 550 -37.73 21.50 38.40
C PRO C 550 -37.04 22.85 38.52
N ASN C 551 -36.28 23.26 37.51
CA ASN C 551 -35.50 24.50 37.59
C ASN C 551 -35.95 25.52 36.54
N ASN C 552 -37.17 25.39 36.02
CA ASN C 552 -37.69 26.26 34.97
C ASN C 552 -36.78 26.27 33.75
N CYS C 553 -36.16 25.13 33.46
CA CYS C 553 -35.23 24.99 32.35
C CYS C 553 -35.78 23.95 31.38
N LYS C 554 -35.83 24.30 30.10
CA LYS C 554 -36.32 23.41 29.06
C LYS C 554 -35.23 23.19 28.01
N GLY C 555 -35.04 21.94 27.62
CA GLY C 555 -34.05 21.61 26.62
C GLY C 555 -33.02 20.62 27.10
N ILE C 556 -31.90 20.52 26.38
CA ILE C 556 -30.83 19.59 26.73
C ILE C 556 -29.63 20.28 27.38
N ARG C 557 -29.62 21.60 27.43
CA ARG C 557 -28.52 22.35 28.05
C ARG C 557 -28.76 22.58 29.54
N CYS C 558 -29.61 21.79 30.18
CA CYS C 558 -29.87 21.87 31.61
C CYS C 558 -29.46 20.56 32.26
N GLU C 559 -29.37 20.58 33.60
CA GLU C 559 -29.10 19.36 34.34
C GLU C 559 -30.23 18.36 34.18
N LYS C 560 -31.48 18.82 34.24
CA LYS C 560 -32.65 18.00 33.98
C LYS C 560 -32.90 18.04 32.47
N GLN C 561 -32.23 17.15 31.74
CA GLN C 561 -32.38 17.10 30.29
C GLN C 561 -33.78 16.60 29.95
N ASN C 562 -34.56 17.46 29.30
CA ASN C 562 -35.96 17.16 29.01
C ASN C 562 -36.35 17.80 27.68
N ASN C 563 -37.44 17.29 27.11
CA ASN C 563 -37.96 17.79 25.83
C ASN C 563 -36.90 17.76 24.73
N ALA C 564 -36.12 16.68 24.70
CA ALA C 564 -35.06 16.57 23.71
C ALA C 564 -35.60 16.44 22.30
N PHE C 565 -36.76 15.80 22.13
CA PHE C 565 -37.35 15.58 20.82
C PHE C 565 -38.71 16.24 20.70
N SER C 566 -38.98 17.27 21.49
CA SER C 566 -40.29 17.92 21.43
C SER C 566 -40.44 18.77 20.17
N THR C 567 -39.37 19.43 19.74
CA THR C 567 -39.37 20.24 18.54
C THR C 567 -38.29 19.77 17.58
N LEU C 568 -38.43 20.17 16.31
CA LEU C 568 -37.49 19.75 15.29
C LEU C 568 -36.09 20.31 15.55
N PHE C 569 -36.00 21.59 15.96
CA PHE C 569 -34.71 22.19 16.25
C PHE C 569 -34.02 21.48 17.41
N GLU C 570 -34.76 21.18 18.48
CA GLU C 570 -34.19 20.48 19.62
C GLU C 570 -33.80 19.05 19.23
N THR C 571 -34.57 18.41 18.36
CA THR C 571 -34.21 17.08 17.89
C THR C 571 -32.90 17.12 17.11
N LEU C 572 -32.74 18.12 16.23
CA LEU C 572 -31.49 18.26 15.50
C LEU C 572 -30.32 18.48 16.45
N GLN C 573 -30.50 19.36 17.45
CA GLN C 573 -29.43 19.62 18.40
C GLN C 573 -29.06 18.38 19.20
N SER C 574 -30.07 17.63 19.65
CA SER C 574 -29.81 16.41 20.42
C SER C 574 -29.11 15.36 19.57
N LEU C 575 -29.54 15.18 18.32
CA LEU C 575 -28.88 14.21 17.46
C LEU C 575 -27.46 14.62 17.12
N PHE C 576 -27.20 15.93 17.04
CA PHE C 576 -25.83 16.39 16.84
C PHE C 576 -24.97 16.10 18.07
N TRP C 577 -25.49 16.43 19.25
CA TRP C 577 -24.72 16.24 20.48
C TRP C 577 -24.58 14.77 20.87
N SER C 578 -25.39 13.89 20.27
CA SER C 578 -25.28 12.47 20.58
C SER C 578 -24.02 11.83 20.01
N VAL C 579 -23.38 12.48 19.04
CA VAL C 579 -22.17 11.92 18.46
C VAL C 579 -21.03 11.91 19.47
N PHE C 580 -20.96 12.94 20.31
CA PHE C 580 -19.90 13.06 21.30
C PHE C 580 -20.27 12.48 22.66
N GLY C 581 -21.44 11.85 22.77
CA GLY C 581 -21.82 11.21 24.01
C GLY C 581 -22.22 12.16 25.12
N LEU C 582 -22.66 13.37 24.79
CA LEU C 582 -23.06 14.36 25.77
C LEU C 582 -24.57 14.35 26.04
N LEU C 583 -25.30 13.40 25.44
CA LEU C 583 -26.73 13.26 25.66
C LEU C 583 -26.99 12.03 26.51
N ASN C 584 -27.81 12.19 27.55
CA ASN C 584 -28.08 11.11 28.47
C ASN C 584 -29.09 10.13 27.86
N LEU C 585 -29.34 9.04 28.60
CA LEU C 585 -30.20 7.97 28.10
C LEU C 585 -31.65 8.09 28.55
N TYR C 586 -31.92 8.84 29.63
CA TYR C 586 -33.28 8.96 30.11
C TYR C 586 -34.10 10.00 29.36
N VAL C 587 -33.51 10.67 28.36
CA VAL C 587 -34.27 11.61 27.55
C VAL C 587 -35.31 10.91 26.70
N THR C 588 -35.16 9.61 26.46
CA THR C 588 -36.14 8.82 25.72
C THR C 588 -37.18 8.22 26.65
N ASN C 589 -37.80 9.07 27.47
CA ASN C 589 -38.79 8.65 28.45
C ASN C 589 -39.90 9.68 28.51
N VAL C 590 -41.09 9.23 28.90
CA VAL C 590 -42.25 10.10 29.04
C VAL C 590 -42.82 9.93 30.44
N LYS C 591 -43.56 10.96 30.87
CA LYS C 591 -44.18 10.90 32.19
C LYS C 591 -45.25 9.82 32.27
N ALA C 592 -45.94 9.55 31.18
CA ALA C 592 -46.92 8.48 31.14
C ALA C 592 -46.23 7.13 31.00
N ARG C 593 -46.99 6.07 31.23
CA ARG C 593 -46.46 4.70 31.17
C ARG C 593 -46.72 4.09 29.79
N HIS C 594 -46.12 4.69 28.77
CA HIS C 594 -46.21 4.20 27.40
C HIS C 594 -44.92 3.45 27.09
N GLU C 595 -44.85 2.22 27.58
CA GLU C 595 -43.63 1.41 27.44
C GLU C 595 -43.35 1.09 25.98
N PHE C 596 -44.39 0.87 25.18
CA PHE C 596 -44.20 0.59 23.76
C PHE C 596 -43.57 1.80 23.05
N THR C 597 -44.09 2.99 23.32
CA THR C 597 -43.53 4.20 22.72
C THR C 597 -42.10 4.43 23.18
N GLU C 598 -41.83 4.22 24.47
CA GLU C 598 -40.47 4.39 24.97
C GLU C 598 -39.51 3.41 24.31
N PHE C 599 -39.93 2.15 24.15
CA PHE C 599 -39.07 1.16 23.51
C PHE C 599 -38.83 1.50 22.04
N VAL C 600 -39.85 1.97 21.33
CA VAL C 600 -39.68 2.34 19.93
C VAL C 600 -38.71 3.52 19.81
N GLY C 601 -38.85 4.52 20.69
CA GLY C 601 -37.92 5.63 20.66
C GLY C 601 -36.50 5.21 20.98
N ALA C 602 -36.33 4.32 21.96
CA ALA C 602 -35.00 3.83 22.29
C ALA C 602 -34.40 3.04 21.13
N THR C 603 -35.22 2.27 20.42
CA THR C 603 -34.73 1.53 19.27
C THR C 603 -34.29 2.48 18.16
N MET C 604 -35.07 3.52 17.89
CA MET C 604 -34.65 4.52 16.89
C MET C 604 -33.34 5.18 17.30
N PHE C 605 -33.22 5.56 18.58
CA PHE C 605 -32.00 6.21 19.05
C PHE C 605 -30.79 5.28 18.91
N GLY C 606 -30.96 4.01 19.26
CA GLY C 606 -29.86 3.06 19.13
C GLY C 606 -29.46 2.82 17.70
N THR C 607 -30.45 2.72 16.80
CA THR C 607 -30.14 2.55 15.38
C THR C 607 -29.38 3.76 14.84
N TYR C 608 -29.82 4.97 15.20
CA TYR C 608 -29.10 6.16 14.77
C TYR C 608 -27.68 6.18 15.30
N ASN C 609 -27.50 5.83 16.59
CA ASN C 609 -26.17 5.81 17.17
C ASN C 609 -25.27 4.81 16.45
N VAL C 610 -25.78 3.61 16.18
CA VAL C 610 -24.98 2.60 15.49
C VAL C 610 -24.58 3.10 14.11
N ILE C 611 -25.55 3.59 13.34
CA ILE C 611 -25.26 4.03 11.98
C ILE C 611 -24.26 5.18 11.97
N SER C 612 -24.41 6.13 12.90
CA SER C 612 -23.56 7.31 12.88
C SER C 612 -22.14 7.01 13.38
N LEU C 613 -22.00 6.20 14.43
CA LEU C 613 -20.70 6.02 15.07
C LEU C 613 -19.95 4.79 14.56
N VAL C 614 -20.62 3.64 14.49
CA VAL C 614 -19.90 2.39 14.13
C VAL C 614 -19.63 2.33 12.63
N VAL C 615 -20.59 2.75 11.80
CA VAL C 615 -20.40 2.57 10.31
C VAL C 615 -19.84 3.83 9.66
N LEU C 616 -20.53 4.97 9.74
CA LEU C 616 -20.09 6.19 9.00
C LEU C 616 -18.74 6.72 9.48
N LEU C 617 -18.51 6.77 10.79
CA LEU C 617 -17.24 7.35 11.30
C LEU C 617 -16.05 6.51 10.86
N ASN C 618 -16.18 5.18 10.94
CA ASN C 618 -15.08 4.26 10.51
C ASN C 618 -14.84 4.40 9.01
N MET C 619 -15.91 4.57 8.21
CA MET C 619 -15.77 4.72 6.75
C MET C 619 -15.01 6.00 6.40
N LEU C 620 -15.25 7.10 7.13
CA LEU C 620 -14.50 8.35 6.90
C LEU C 620 -13.00 8.09 7.08
N ILE C 621 -12.62 7.35 8.12
CA ILE C 621 -11.22 7.09 8.41
C ILE C 621 -10.55 6.38 7.23
N ALA C 622 -11.22 5.35 6.68
CA ALA C 622 -10.67 4.64 5.54
C ALA C 622 -10.45 5.58 4.36
N MET C 623 -11.42 6.47 4.11
CA MET C 623 -11.27 7.44 3.03
C MET C 623 -10.09 8.36 3.27
N MET C 624 -9.91 8.82 4.51
CA MET C 624 -8.77 9.69 4.80
C MET C 624 -7.44 8.99 4.54
N ASN C 625 -7.31 7.73 4.96
CA ASN C 625 -6.08 6.99 4.68
C ASN C 625 -5.87 6.83 3.17
N ASN C 626 -6.91 6.44 2.44
CA ASN C 626 -6.75 6.23 1.00
C ASN C 626 -6.37 7.53 0.29
N SER C 627 -6.97 8.65 0.72
CA SER C 627 -6.66 9.93 0.10
C SER C 627 -5.24 10.39 0.46
N TYR C 628 -4.85 10.25 1.72
CA TYR C 628 -3.53 10.72 2.14
C TYR C 628 -2.42 9.91 1.51
N GLN C 629 -2.65 8.61 1.28
CA GLN C 629 -1.61 7.79 0.60
C GLN C 629 -1.24 8.45 -0.73
N LEU C 630 -2.24 8.82 -1.54
CA LEU C 630 -1.95 9.47 -2.81
C LEU C 630 -1.50 10.91 -2.64
N ILE C 631 -1.95 11.57 -1.57
CA ILE C 631 -1.64 12.99 -1.36
C ILE C 631 -0.16 13.17 -1.04
N ALA C 632 0.41 12.24 -0.27
CA ALA C 632 1.77 12.41 0.24
C ALA C 632 2.84 12.40 -0.86
N ASP C 633 2.48 12.05 -2.10
CA ASP C 633 3.49 11.95 -3.14
C ASP C 633 4.01 13.31 -3.58
N HIS C 634 3.10 14.27 -3.81
CA HIS C 634 3.45 15.57 -4.37
C HIS C 634 3.46 16.68 -3.32
N ALA C 635 3.65 16.33 -2.05
CA ALA C 635 3.62 17.33 -0.99
C ALA C 635 4.71 18.38 -1.18
N ASP C 636 5.91 17.95 -1.59
CA ASP C 636 6.99 18.90 -1.81
C ASP C 636 6.65 19.89 -2.93
N ILE C 637 6.08 19.40 -4.02
CA ILE C 637 5.76 20.27 -5.15
C ILE C 637 4.68 21.27 -4.77
N GLU C 638 3.62 20.79 -4.11
CA GLU C 638 2.55 21.71 -3.68
C GLU C 638 3.07 22.74 -2.68
N TRP C 639 3.88 22.31 -1.72
CA TRP C 639 4.39 23.26 -0.73
C TRP C 639 5.30 24.29 -1.39
N LYS C 640 6.13 23.86 -2.34
CA LYS C 640 7.03 24.81 -3.00
C LYS C 640 6.25 25.80 -3.85
N PHE C 641 5.18 25.34 -4.52
CA PHE C 641 4.34 26.27 -5.28
C PHE C 641 3.69 27.29 -4.35
N ALA C 642 3.14 26.83 -3.22
CA ALA C 642 2.51 27.75 -2.28
C ALA C 642 3.51 28.75 -1.72
N ARG C 643 4.71 28.28 -1.38
CA ARG C 643 5.72 29.17 -0.83
C ARG C 643 6.21 30.16 -1.87
N THR C 644 6.31 29.74 -3.14
CA THR C 644 6.67 30.66 -4.20
C THR C 644 5.62 31.76 -4.35
N LYS C 645 4.34 31.39 -4.31
CA LYS C 645 3.29 32.39 -4.37
C LYS C 645 3.38 33.36 -3.19
N LEU C 646 3.58 32.83 -1.99
CA LEU C 646 3.68 33.68 -0.81
C LEU C 646 4.88 34.62 -0.90
N TRP C 647 6.01 34.12 -1.39
CA TRP C 647 7.20 34.96 -1.54
C TRP C 647 6.96 36.07 -2.56
N MET C 648 6.40 35.72 -3.72
CA MET C 648 6.14 36.73 -4.75
C MET C 648 5.05 37.70 -4.33
N SER C 649 4.24 37.36 -3.32
CA SER C 649 3.26 38.30 -2.81
C SER C 649 3.88 39.51 -2.13
N TYR C 650 5.18 39.47 -1.82
CA TYR C 650 5.85 40.56 -1.12
C TYR C 650 6.85 41.31 -1.99
N PHE C 651 6.93 40.98 -3.29
CA PHE C 651 7.91 41.62 -4.16
C PHE C 651 7.45 42.96 -4.71
N ASP C 652 6.15 43.23 -4.68
CA ASP C 652 5.64 44.47 -5.27
C ASP C 652 6.00 45.68 -4.40
N GLU C 653 6.04 46.84 -5.05
CA GLU C 653 6.38 48.07 -4.35
C GLU C 653 5.22 48.58 -3.50
N GLY C 654 3.99 48.35 -3.95
CA GLY C 654 2.81 48.82 -3.20
C GLY C 654 2.66 48.15 -1.84
N GLY C 655 2.02 48.83 -0.88
CA GLY C 655 1.77 48.24 0.46
C GLY C 655 3.02 47.87 1.22
N THR C 656 4.09 48.68 1.13
CA THR C 656 5.32 48.41 1.92
C THR C 656 5.03 48.54 3.42
N LEU C 657 4.25 49.53 3.83
CA LEU C 657 3.98 49.79 5.28
C LEU C 657 3.06 48.75 5.90
N PRO C 658 3.21 48.42 7.20
CA PRO C 658 2.32 47.48 7.91
C PRO C 658 0.94 48.10 8.13
N PRO C 659 -0.13 47.31 8.45
CA PRO C 659 -1.51 47.86 8.60
C PRO C 659 -1.82 49.06 9.50
N PRO C 660 -1.27 49.23 10.74
CA PRO C 660 -1.61 50.41 11.54
C PRO C 660 -1.18 51.71 10.83
N PHE C 661 0.01 51.70 10.21
CA PHE C 661 0.55 52.91 9.52
C PHE C 661 0.03 52.99 8.08
N ASN C 662 -0.60 51.91 7.59
CA ASN C 662 -1.07 51.88 6.18
C ASN C 662 -2.12 52.97 5.96
N ILE C 663 -3.06 53.11 6.90
CA ILE C 663 -4.16 54.11 6.77
C ILE C 663 -3.58 55.54 6.78
N ILE C 664 -2.58 55.79 7.65
CA ILE C 664 -2.01 57.16 7.77
C ILE C 664 -1.05 57.42 6.59
N SER C 706 13.09 47.86 -27.67
CA SER C 706 12.89 46.61 -26.95
C SER C 706 12.87 45.42 -27.90
N LEU C 707 14.02 45.16 -28.53
CA LEU C 707 14.15 44.04 -29.46
C LEU C 707 15.38 43.20 -29.13
N ILE C 708 16.36 43.82 -28.48
CA ILE C 708 17.56 43.10 -28.07
C ILE C 708 17.20 41.98 -27.11
N GLN C 709 16.26 42.24 -26.20
CA GLN C 709 15.78 41.20 -25.30
C GLN C 709 15.14 40.06 -26.08
N ASN C 710 14.37 40.37 -27.12
CA ASN C 710 13.75 39.33 -27.94
C ASN C 710 14.81 38.49 -28.65
N GLN C 711 15.84 39.14 -29.21
CA GLN C 711 16.90 38.39 -29.87
C GLN C 711 17.64 37.49 -28.89
N HIS C 712 17.95 38.00 -27.70
CA HIS C 712 18.62 37.18 -26.69
C HIS C 712 17.76 35.98 -26.29
N TYR C 713 16.47 36.21 -26.09
CA TYR C 713 15.58 35.10 -25.74
C TYR C 713 15.51 34.08 -26.86
N GLN C 714 15.48 34.53 -28.12
CA GLN C 714 15.46 33.59 -29.24
C GLN C 714 16.72 32.76 -29.28
N GLU C 715 17.89 33.38 -29.07
CA GLU C 715 19.14 32.63 -29.08
C GLU C 715 19.17 31.59 -27.96
N VAL C 716 18.76 32.00 -26.75
CA VAL C 716 18.76 31.07 -25.62
C VAL C 716 17.78 29.92 -25.87
N ILE C 717 16.63 30.23 -26.47
CA ILE C 717 15.65 29.20 -26.77
C ILE C 717 16.19 28.22 -27.80
N ARG C 718 16.92 28.73 -28.80
CA ARG C 718 17.53 27.85 -29.79
C ARG C 718 18.53 26.90 -29.15
N ASN C 719 19.38 27.44 -28.26
CA ASN C 719 20.35 26.60 -27.57
C ASN C 719 19.67 25.54 -26.73
N LEU C 720 18.64 25.93 -25.98
CA LEU C 720 17.92 24.98 -25.13
C LEU C 720 17.24 23.91 -25.97
N VAL C 721 16.68 24.29 -27.12
CA VAL C 721 16.02 23.32 -27.99
C VAL C 721 17.03 22.32 -28.52
N LYS C 722 18.21 22.80 -28.93
CA LYS C 722 19.24 21.88 -29.42
C LYS C 722 19.65 20.90 -28.33
N ARG C 723 19.88 21.40 -27.11
CA ARG C 723 20.29 20.51 -26.02
C ARG C 723 19.19 19.49 -25.70
N TYR C 724 17.94 19.94 -25.66
CA TYR C 724 16.83 19.04 -25.37
C TYR C 724 16.67 17.98 -26.45
N VAL C 725 16.82 18.36 -27.71
CA VAL C 725 16.73 17.40 -28.81
C VAL C 725 17.82 16.36 -28.70
N ALA C 726 19.06 16.79 -28.41
CA ALA C 726 20.14 15.83 -28.23
C ALA C 726 19.85 14.87 -27.08
N ALA C 727 19.39 15.41 -25.94
CA ALA C 727 19.14 14.57 -24.78
C ALA C 727 18.02 13.57 -25.05
N MET C 728 16.96 13.99 -25.74
CA MET C 728 15.86 13.07 -26.00
C MET C 728 16.20 12.05 -27.08
N ILE C 729 17.01 12.43 -28.05
CA ILE C 729 17.53 11.44 -29.01
C ILE C 729 18.33 10.38 -28.27
N ARG C 730 19.16 10.81 -27.31
CA ARG C 730 19.95 9.85 -26.54
C ARG C 730 19.07 8.96 -25.69
N ASN C 731 18.05 9.54 -25.05
CA ASN C 731 17.11 8.73 -24.26
C ASN C 731 16.36 7.73 -25.13
N SER C 732 16.11 8.08 -26.39
CA SER C 732 15.57 7.09 -27.32
C SER C 732 16.61 6.02 -27.64
N LYS C 733 17.89 6.42 -27.69
CA LYS C 733 18.97 5.47 -27.92
C LYS C 733 19.40 4.72 -26.67
N THR C 734 18.94 5.15 -25.48
CA THR C 734 19.32 4.47 -24.25
C THR C 734 18.78 3.04 -24.22
N HIS C 735 17.53 2.86 -24.63
CA HIS C 735 16.97 1.52 -24.75
C HIS C 735 17.45 0.89 -26.05
N GLU C 736 16.86 -0.26 -26.41
CA GLU C 736 17.24 -1.07 -27.57
C GLU C 736 18.75 -1.14 -27.76
N GLY C 737 19.48 -1.32 -26.65
CA GLY C 737 20.93 -1.36 -26.71
C GLY C 737 21.49 -2.50 -27.55
N LEU C 738 20.71 -3.56 -27.76
CA LEU C 738 21.12 -4.67 -28.62
C LEU C 738 20.81 -4.35 -30.07
N THR C 739 21.47 -3.31 -30.58
CA THR C 739 21.28 -2.89 -31.95
C THR C 739 21.78 -3.94 -32.92
N GLU C 740 21.19 -3.96 -34.11
CA GLU C 740 21.50 -4.98 -35.11
C GLU C 740 21.73 -4.36 -36.48
N GLU C 741 21.76 -5.21 -37.51
CA GLU C 741 21.94 -4.81 -38.90
C GLU C 741 23.36 -4.34 -39.18
N ASN C 742 24.18 -4.22 -38.12
CA ASN C 742 25.60 -3.95 -38.32
C ASN C 742 26.29 -5.17 -38.93
N PHE C 743 25.90 -6.36 -38.49
CA PHE C 743 26.42 -7.58 -39.10
C PHE C 743 25.92 -7.73 -40.53
N LYS C 744 24.66 -7.36 -40.78
CA LYS C 744 24.11 -7.45 -42.14
C LYS C 744 24.83 -6.51 -43.09
N GLU C 745 25.09 -5.28 -42.66
CA GLU C 745 25.79 -4.32 -43.51
C GLU C 745 27.21 -4.77 -43.78
N LEU C 746 27.92 -5.27 -42.76
CA LEU C 746 29.28 -5.74 -42.97
C LEU C 746 29.31 -6.99 -43.84
N LYS C 747 28.36 -7.90 -43.63
CA LYS C 747 28.30 -9.10 -44.45
C LYS C 747 28.01 -8.77 -45.91
N GLN C 748 27.11 -7.80 -46.15
CA GLN C 748 26.84 -7.37 -47.52
C GLN C 748 28.08 -6.74 -48.16
N ASP C 749 28.84 -5.96 -47.38
CA ASP C 749 30.02 -5.29 -47.92
C ASP C 749 31.11 -6.31 -48.27
N ILE C 750 31.39 -7.24 -47.35
CA ILE C 750 32.45 -8.21 -47.62
C ILE C 750 32.06 -9.18 -48.71
N SER C 751 30.76 -9.50 -48.82
CA SER C 751 30.31 -10.36 -49.91
C SER C 751 30.48 -9.68 -51.26
N SER C 752 30.18 -8.38 -51.33
CA SER C 752 30.38 -7.63 -52.57
C SER C 752 31.87 -7.54 -52.91
N PHE C 753 32.72 -7.32 -51.91
CA PHE C 753 34.16 -7.29 -52.15
C PHE C 753 34.66 -8.65 -52.60
N ARG C 754 34.15 -9.73 -52.01
CA ARG C 754 34.52 -11.07 -52.45
C ARG C 754 34.03 -11.33 -53.87
N TYR C 755 32.84 -10.87 -54.21
CA TYR C 755 32.28 -11.05 -55.53
C TYR C 755 33.06 -10.27 -56.58
N ARG D 17 29.44 -39.43 5.97
CA ARG D 17 29.74 -39.26 4.57
C ARG D 17 28.53 -39.77 3.78
N ILE D 18 27.91 -38.88 3.01
CA ILE D 18 26.64 -39.14 2.33
C ILE D 18 26.94 -39.84 1.01
N PRO D 19 26.63 -41.12 0.86
CA PRO D 19 26.89 -41.81 -0.41
C PRO D 19 25.94 -41.37 -1.51
N LEU D 20 26.38 -40.45 -2.36
CA LEU D 20 25.56 -39.99 -3.48
C LEU D 20 25.66 -40.98 -4.62
N GLN D 21 24.50 -41.46 -5.08
CA GLN D 21 24.43 -42.43 -6.17
C GLN D 21 23.14 -42.17 -6.94
N ILE D 22 22.76 -43.12 -7.79
CA ILE D 22 21.52 -43.06 -8.56
C ILE D 22 20.53 -44.01 -7.95
N VAL D 23 19.35 -43.52 -7.62
CA VAL D 23 18.29 -44.36 -7.06
C VAL D 23 17.39 -44.91 -8.14
N ARG D 24 17.01 -44.09 -9.11
CA ARG D 24 16.21 -44.51 -10.26
C ARG D 24 17.09 -44.48 -11.49
N ALA D 25 17.44 -45.66 -12.00
CA ALA D 25 18.38 -45.78 -13.11
C ALA D 25 17.63 -46.01 -14.42
N GLU D 26 18.02 -45.27 -15.44
CA GLU D 26 17.42 -45.40 -16.77
C GLU D 26 18.26 -46.38 -17.60
N THR D 27 17.98 -46.44 -18.90
CA THR D 27 18.71 -47.35 -19.78
C THR D 27 20.03 -46.73 -20.22
N GLU D 28 20.93 -47.59 -20.70
CA GLU D 28 22.24 -47.15 -21.17
C GLU D 28 22.14 -46.57 -22.58
N LEU D 29 23.23 -45.96 -23.02
CA LEU D 29 23.27 -45.26 -24.30
C LEU D 29 24.70 -45.34 -24.83
N SER D 30 25.03 -44.42 -25.75
CA SER D 30 26.36 -44.26 -26.36
C SER D 30 26.67 -45.32 -27.40
N ALA D 31 25.66 -45.91 -28.02
CA ALA D 31 25.85 -46.81 -29.15
C ALA D 31 25.74 -45.99 -30.44
N GLU D 32 25.59 -46.68 -31.57
CA GLU D 32 25.29 -45.98 -32.82
C GLU D 32 23.95 -45.27 -32.75
N GLU D 33 23.00 -45.84 -31.99
CA GLU D 33 21.71 -45.21 -31.78
C GLU D 33 21.82 -43.89 -31.04
N LYS D 34 22.83 -43.72 -30.20
CA LYS D 34 23.10 -42.42 -29.60
C LYS D 34 23.98 -41.56 -30.48
N ALA D 35 24.85 -42.18 -31.27
CA ALA D 35 25.68 -41.44 -32.21
C ALA D 35 24.82 -40.66 -33.18
N PHE D 36 23.76 -41.28 -33.71
CA PHE D 36 22.96 -40.57 -34.70
C PHE D 36 22.00 -39.57 -34.05
N LEU D 37 21.60 -39.79 -32.79
CA LEU D 37 20.94 -38.71 -32.04
C LEU D 37 21.83 -37.49 -31.89
N ASN D 38 23.08 -37.67 -31.45
CA ASN D 38 23.92 -36.48 -31.31
C ASN D 38 24.29 -35.89 -32.67
N ALA D 39 24.31 -36.69 -33.73
CA ALA D 39 24.47 -36.13 -35.07
C ALA D 39 23.29 -35.22 -35.43
N VAL D 40 22.07 -35.69 -35.16
CA VAL D 40 20.88 -34.86 -35.39
C VAL D 40 20.94 -33.60 -34.53
N GLU D 41 21.42 -33.73 -33.29
CA GLU D 41 21.59 -32.57 -32.42
C GLU D 41 22.55 -31.56 -33.03
N LYS D 42 23.65 -32.04 -33.61
CA LYS D 42 24.56 -31.15 -34.32
C LYS D 42 23.85 -30.48 -35.49
N GLY D 43 23.04 -31.24 -36.23
CA GLY D 43 22.19 -30.67 -37.26
C GLY D 43 22.81 -30.53 -38.63
N ASP D 44 24.07 -30.90 -38.80
CA ASP D 44 24.69 -30.84 -40.12
C ASP D 44 24.00 -31.82 -41.07
N TYR D 45 23.42 -31.29 -42.15
CA TYR D 45 22.54 -32.06 -43.00
C TYR D 45 23.26 -33.24 -43.65
N ALA D 46 24.44 -32.99 -44.21
CA ALA D 46 25.16 -34.04 -44.92
C ALA D 46 25.56 -35.17 -43.97
N THR D 47 26.11 -34.81 -42.81
CA THR D 47 26.53 -35.83 -41.85
C THR D 47 25.32 -36.61 -41.32
N VAL D 48 24.23 -35.92 -41.01
CA VAL D 48 23.03 -36.61 -40.52
C VAL D 48 22.50 -37.57 -41.57
N LYS D 49 22.44 -37.12 -42.83
CA LYS D 49 21.91 -37.96 -43.89
C LYS D 49 22.79 -39.18 -44.11
N GLN D 50 24.11 -38.99 -44.15
CA GLN D 50 25.00 -40.13 -44.39
C GLN D 50 24.96 -41.12 -43.22
N ALA D 51 24.94 -40.61 -41.99
CA ALA D 51 24.86 -41.50 -40.83
C ALA D 51 23.54 -42.27 -40.82
N LEU D 52 22.43 -41.59 -41.13
CA LEU D 52 21.14 -42.24 -41.12
C LEU D 52 21.04 -43.30 -42.21
N GLN D 53 21.54 -43.01 -43.41
CA GLN D 53 21.49 -44.01 -44.48
C GLN D 53 22.41 -45.19 -44.18
N GLU D 54 23.58 -44.92 -43.60
CA GLU D 54 24.47 -46.02 -43.22
C GLU D 54 23.83 -46.90 -42.16
N ALA D 55 23.18 -46.30 -41.16
CA ALA D 55 22.51 -47.08 -40.13
C ALA D 55 21.34 -47.86 -40.70
N GLU D 56 20.60 -47.27 -41.63
CA GLU D 56 19.48 -47.97 -42.26
C GLU D 56 19.97 -49.17 -43.08
N ILE D 57 21.08 -49.00 -43.80
CA ILE D 57 21.64 -50.12 -44.55
C ILE D 57 22.14 -51.21 -43.60
N TYR D 58 22.77 -50.80 -42.48
CA TYR D 58 23.28 -51.78 -41.53
C TYR D 58 22.15 -52.53 -40.83
N TYR D 59 21.01 -51.89 -40.63
CA TYR D 59 19.83 -52.52 -40.01
C TYR D 59 20.14 -53.04 -38.61
N ASN D 60 20.71 -52.15 -37.77
CA ASN D 60 21.05 -52.53 -36.40
C ASN D 60 20.78 -51.41 -35.41
N VAL D 61 20.02 -50.38 -35.79
CA VAL D 61 19.73 -49.25 -34.93
C VAL D 61 18.21 -49.08 -34.84
N ASN D 62 17.79 -48.27 -33.87
CA ASN D 62 16.39 -47.93 -33.67
C ASN D 62 16.23 -46.41 -33.70
N ILE D 63 15.00 -45.95 -33.44
CA ILE D 63 14.70 -44.53 -33.42
C ILE D 63 13.91 -44.18 -32.17
N ASN D 64 13.89 -45.11 -31.21
CA ASN D 64 13.14 -44.93 -29.97
C ASN D 64 13.99 -44.44 -28.82
N CYS D 65 15.27 -44.14 -29.07
CA CYS D 65 16.16 -43.73 -27.99
C CYS D 65 15.78 -42.35 -27.47
N MET D 66 16.10 -42.11 -26.20
CA MET D 66 15.73 -40.88 -25.51
C MET D 66 16.95 -40.32 -24.80
N ASP D 67 17.13 -39.00 -24.89
CA ASP D 67 18.27 -38.36 -24.25
C ASP D 67 18.00 -38.21 -22.75
N PRO D 68 19.06 -37.99 -21.96
CA PRO D 68 18.85 -37.81 -20.51
C PRO D 68 17.99 -36.62 -20.15
N LEU D 69 17.92 -35.60 -21.00
CA LEU D 69 17.12 -34.40 -20.70
C LEU D 69 15.66 -34.54 -21.11
N GLY D 70 15.28 -35.63 -21.75
CA GLY D 70 13.89 -35.83 -22.14
C GLY D 70 13.54 -35.37 -23.54
N ARG D 71 14.49 -35.33 -24.46
CA ARG D 71 14.25 -34.92 -25.83
C ARG D 71 14.76 -35.99 -26.78
N SER D 72 14.11 -36.07 -27.95
CA SER D 72 14.50 -36.99 -29.00
C SER D 72 14.94 -36.18 -30.22
N ALA D 73 15.19 -36.88 -31.33
CA ALA D 73 15.62 -36.21 -32.55
C ALA D 73 14.56 -35.24 -33.05
N LEU D 74 13.30 -35.70 -33.10
CA LEU D 74 12.22 -34.85 -33.57
C LEU D 74 11.97 -33.69 -32.62
N LEU D 75 12.07 -33.92 -31.31
CA LEU D 75 11.87 -32.84 -30.35
C LEU D 75 12.97 -31.79 -30.46
N ILE D 76 14.22 -32.24 -30.65
CA ILE D 76 15.32 -31.30 -30.81
C ILE D 76 15.19 -30.54 -32.13
N ALA D 77 14.68 -31.19 -33.18
CA ALA D 77 14.38 -30.46 -34.42
C ALA D 77 13.28 -29.44 -34.20
N ILE D 78 12.29 -29.78 -33.38
CA ILE D 78 11.23 -28.83 -33.02
C ILE D 78 11.83 -27.61 -32.34
N GLU D 79 12.71 -27.84 -31.36
CA GLU D 79 13.27 -26.74 -30.59
C GLU D 79 14.21 -25.89 -31.43
N ASN D 80 15.02 -26.51 -32.28
CA ASN D 80 16.00 -25.79 -33.08
C ASN D 80 15.39 -25.08 -34.28
N GLU D 81 14.21 -25.52 -34.73
CA GLU D 81 13.49 -24.90 -35.85
C GLU D 81 14.35 -24.92 -37.12
N ASN D 82 14.56 -26.14 -37.61
CA ASN D 82 15.30 -26.37 -38.85
C ASN D 82 14.43 -27.19 -39.78
N LEU D 83 13.87 -26.53 -40.81
CA LEU D 83 12.93 -27.20 -41.71
C LEU D 83 13.61 -28.29 -42.53
N GLU D 84 14.87 -28.11 -42.89
CA GLU D 84 15.56 -29.12 -43.69
C GLU D 84 15.76 -30.40 -42.89
N ILE D 85 16.27 -30.30 -41.67
CA ILE D 85 16.41 -31.50 -40.84
C ILE D 85 15.04 -32.06 -40.50
N MET D 86 14.02 -31.20 -40.40
CA MET D 86 12.65 -31.66 -40.15
C MET D 86 12.18 -32.58 -41.27
N GLU D 87 12.27 -32.10 -42.52
CA GLU D 87 11.79 -32.90 -43.63
C GLU D 87 12.66 -34.14 -43.83
N LEU D 88 13.96 -34.03 -43.59
CA LEU D 88 14.82 -35.21 -43.68
C LEU D 88 14.41 -36.28 -42.69
N LEU D 89 14.22 -35.90 -41.42
CA LEU D 89 13.84 -36.87 -40.40
C LEU D 89 12.46 -37.45 -40.68
N LEU D 90 11.51 -36.62 -41.13
CA LEU D 90 10.16 -37.12 -41.37
C LEU D 90 10.12 -38.05 -42.57
N ASN D 91 10.91 -37.75 -43.61
CA ASN D 91 11.00 -38.65 -44.76
C ASN D 91 11.84 -39.89 -44.47
N HIS D 92 12.62 -39.88 -43.40
CA HIS D 92 13.35 -41.07 -42.98
C HIS D 92 12.51 -42.00 -42.12
N SER D 93 11.21 -41.71 -41.96
CA SER D 93 10.27 -42.58 -41.26
C SER D 93 10.65 -42.75 -39.79
N VAL D 94 10.78 -41.62 -39.10
CA VAL D 94 10.97 -41.62 -37.65
C VAL D 94 9.59 -41.70 -36.99
N TYR D 95 9.57 -41.91 -35.68
CA TYR D 95 8.31 -41.96 -34.96
C TYR D 95 7.58 -40.62 -35.05
N VAL D 96 6.25 -40.68 -35.19
CA VAL D 96 5.46 -39.48 -35.45
C VAL D 96 4.49 -39.17 -34.31
N GLY D 97 4.34 -40.06 -33.33
CA GLY D 97 3.40 -39.86 -32.24
C GLY D 97 3.62 -38.57 -31.46
N ASP D 98 2.56 -37.79 -31.30
CA ASP D 98 2.51 -36.51 -30.57
C ASP D 98 3.32 -35.42 -31.25
N ALA D 99 4.02 -35.71 -32.35
CA ALA D 99 4.86 -34.70 -32.99
C ALA D 99 4.03 -33.51 -33.47
N LEU D 100 2.81 -33.76 -33.96
CA LEU D 100 1.94 -32.67 -34.36
C LEU D 100 1.62 -31.76 -33.18
N LEU D 101 1.33 -32.35 -32.02
CA LEU D 101 1.05 -31.56 -30.83
C LEU D 101 2.27 -30.75 -30.40
N TYR D 102 3.46 -31.38 -30.42
CA TYR D 102 4.67 -30.65 -30.08
C TYR D 102 4.93 -29.50 -31.03
N ALA D 103 4.70 -29.70 -32.33
CA ALA D 103 4.90 -28.62 -33.29
C ALA D 103 3.91 -27.48 -33.08
N ILE D 104 2.63 -27.82 -32.92
CA ILE D 104 1.59 -26.81 -32.70
C ILE D 104 1.90 -26.01 -31.44
N ARG D 105 2.34 -26.70 -30.38
CA ARG D 105 2.66 -26.04 -29.12
C ARG D 105 3.95 -25.24 -29.20
N LYS D 106 4.89 -25.63 -30.08
CA LYS D 106 6.06 -24.81 -30.35
C LYS D 106 5.71 -23.59 -31.19
N GLU D 107 4.58 -23.63 -31.89
CA GLU D 107 4.07 -22.49 -32.65
C GLU D 107 5.01 -22.12 -33.81
N VAL D 108 5.25 -23.09 -34.69
CA VAL D 108 5.97 -22.85 -35.93
C VAL D 108 5.11 -23.37 -37.10
N VAL D 109 4.71 -22.45 -37.97
CA VAL D 109 3.72 -22.76 -38.99
C VAL D 109 4.29 -23.70 -40.05
N GLY D 110 5.55 -23.47 -40.45
CA GLY D 110 6.15 -24.31 -41.47
C GLY D 110 6.22 -25.77 -41.07
N ALA D 111 6.72 -26.04 -39.86
CA ALA D 111 6.80 -27.43 -39.41
C ALA D 111 5.44 -27.99 -39.05
N VAL D 112 4.51 -27.16 -38.58
CA VAL D 112 3.14 -27.64 -38.38
C VAL D 112 2.55 -28.14 -39.70
N GLU D 113 2.71 -27.36 -40.76
CA GLU D 113 2.21 -27.76 -42.07
C GLU D 113 2.94 -29.00 -42.57
N LEU D 114 4.25 -29.05 -42.38
CA LEU D 114 5.02 -30.22 -42.83
C LEU D 114 4.57 -31.49 -42.11
N LEU D 115 4.35 -31.40 -40.80
CA LEU D 115 3.92 -32.58 -40.05
C LEU D 115 2.50 -32.97 -40.42
N LEU D 116 1.62 -31.99 -40.68
CA LEU D 116 0.27 -32.31 -41.12
C LEU D 116 0.28 -32.99 -42.48
N SER D 117 1.19 -32.58 -43.37
CA SER D 117 1.32 -33.20 -44.68
C SER D 117 2.10 -34.51 -44.63
N TYR D 118 2.77 -34.81 -43.52
CA TYR D 118 3.54 -36.03 -43.33
C TYR D 118 4.64 -36.16 -44.39
N GLN D 135 5.09 -44.49 -24.16
CA GLN D 135 6.30 -43.72 -23.92
C GLN D 135 6.03 -42.55 -22.97
N PHE D 136 7.05 -41.73 -22.75
CA PHE D 136 6.92 -40.56 -21.89
C PHE D 136 6.51 -39.36 -22.74
N SER D 137 5.40 -38.73 -22.37
CA SER D 137 4.90 -37.54 -23.04
C SER D 137 4.46 -36.52 -22.01
N GLU D 138 4.82 -35.26 -22.24
CA GLU D 138 4.43 -34.16 -21.36
C GLU D 138 3.06 -33.60 -21.69
N PHE D 139 2.23 -34.36 -22.41
CA PHE D 139 0.91 -33.92 -22.82
C PHE D 139 -0.16 -34.83 -22.20
N THR D 140 -1.22 -34.20 -21.70
CA THR D 140 -2.32 -34.96 -21.14
C THR D 140 -2.99 -35.79 -22.24
N PRO D 141 -3.38 -37.03 -21.96
CA PRO D 141 -4.00 -37.88 -23.00
C PRO D 141 -5.27 -37.30 -23.59
N ASP D 142 -5.98 -36.42 -22.88
CA ASP D 142 -7.20 -35.85 -23.41
C ASP D 142 -6.96 -34.69 -24.38
N ILE D 143 -5.71 -34.29 -24.56
CA ILE D 143 -5.40 -33.13 -25.40
C ILE D 143 -5.53 -33.50 -26.86
N THR D 144 -6.28 -32.70 -27.61
CA THR D 144 -6.49 -32.76 -29.04
C THR D 144 -5.71 -31.64 -29.73
N PRO D 145 -5.27 -31.83 -30.97
CA PRO D 145 -4.60 -30.72 -31.67
C PRO D 145 -5.40 -29.43 -31.72
N ILE D 146 -6.71 -29.52 -31.97
CA ILE D 146 -7.53 -28.31 -31.99
C ILE D 146 -7.63 -27.71 -30.60
N MET D 147 -7.71 -28.56 -29.57
CA MET D 147 -7.75 -28.06 -28.19
C MET D 147 -6.48 -27.33 -27.83
N LEU D 148 -5.32 -27.87 -28.24
CA LEU D 148 -4.05 -27.22 -27.95
C LEU D 148 -3.91 -25.91 -28.73
N ALA D 149 -4.38 -25.90 -29.97
CA ALA D 149 -4.36 -24.66 -30.75
C ALA D 149 -5.22 -23.59 -30.10
N ALA D 150 -6.41 -23.98 -29.61
CA ALA D 150 -7.27 -23.02 -28.91
C ALA D 150 -6.63 -22.55 -27.61
N HIS D 151 -5.96 -23.46 -26.88
CA HIS D 151 -5.28 -23.08 -25.66
C HIS D 151 -4.19 -22.04 -25.94
N THR D 152 -3.40 -22.28 -26.98
CA THR D 152 -2.29 -21.39 -27.30
C THR D 152 -2.74 -20.10 -27.97
N ASN D 153 -3.94 -20.08 -28.55
CA ASN D 153 -4.55 -18.87 -29.12
C ASN D 153 -3.69 -18.30 -30.25
N ASN D 154 -3.52 -19.10 -31.30
CA ASN D 154 -2.82 -18.70 -32.50
C ASN D 154 -3.80 -18.71 -33.66
N TYR D 155 -4.06 -17.53 -34.23
CA TYR D 155 -5.10 -17.39 -35.24
C TYR D 155 -4.78 -18.22 -36.49
N GLU D 156 -3.54 -18.15 -36.96
CA GLU D 156 -3.19 -18.81 -38.22
C GLU D 156 -3.30 -20.32 -38.10
N ILE D 157 -2.70 -20.90 -37.07
CA ILE D 157 -2.74 -22.35 -36.91
C ILE D 157 -4.14 -22.81 -36.54
N ILE D 158 -4.89 -21.98 -35.80
CA ILE D 158 -6.28 -22.33 -35.48
C ILE D 158 -7.10 -22.42 -36.76
N LYS D 159 -6.93 -21.46 -37.67
CA LYS D 159 -7.64 -21.50 -38.94
C LYS D 159 -7.19 -22.69 -39.79
N LEU D 160 -5.88 -22.97 -39.79
CA LEU D 160 -5.36 -24.08 -40.57
C LEU D 160 -5.91 -25.41 -40.09
N LEU D 161 -6.06 -25.57 -38.77
CA LEU D 161 -6.63 -26.80 -38.22
C LEU D 161 -8.13 -26.86 -38.45
N VAL D 162 -8.83 -25.73 -38.31
CA VAL D 162 -10.29 -25.71 -38.41
C VAL D 162 -10.78 -25.75 -39.85
N GLN D 163 -9.90 -25.52 -40.84
CA GLN D 163 -10.32 -25.69 -42.23
C GLN D 163 -10.74 -27.13 -42.51
N LYS D 164 -10.16 -28.09 -41.79
CA LYS D 164 -10.65 -29.45 -41.80
C LYS D 164 -11.82 -29.61 -40.83
N ARG D 165 -12.64 -30.62 -41.08
CA ARG D 165 -13.84 -30.84 -40.28
C ARG D 165 -13.44 -31.44 -38.94
N VAL D 166 -13.09 -30.56 -37.99
CA VAL D 166 -12.72 -30.96 -36.65
C VAL D 166 -13.76 -30.39 -35.68
N THR D 167 -14.01 -31.12 -34.60
CA THR D 167 -15.10 -30.82 -33.69
C THR D 167 -14.61 -30.90 -32.25
N ILE D 168 -15.49 -30.57 -31.32
CA ILE D 168 -15.18 -30.52 -29.90
C ILE D 168 -16.32 -31.17 -29.13
N PRO D 169 -16.04 -31.97 -28.09
CA PRO D 169 -17.12 -32.57 -27.31
C PRO D 169 -17.92 -31.52 -26.52
N ARG D 170 -19.14 -31.91 -26.12
CA ARG D 170 -19.98 -31.11 -25.22
C ARG D 170 -19.71 -31.47 -23.76
N PRO D 171 -19.47 -30.48 -22.85
CA PRO D 171 -19.45 -30.76 -21.43
C PRO D 171 -20.95 -30.72 -21.08
N HIS D 172 -21.40 -31.50 -20.10
CA HIS D 172 -22.85 -31.56 -19.78
C HIS D 172 -23.29 -30.37 -18.92
N GLN D 173 -24.60 -30.22 -18.69
CA GLN D 173 -25.13 -29.09 -17.86
C GLN D 173 -24.41 -29.01 -16.51
N ILE D 174 -24.56 -27.89 -15.80
CA ILE D 174 -23.78 -27.67 -14.58
C ILE D 174 -24.10 -28.73 -13.53
N ARG D 175 -25.38 -29.03 -13.34
CA ARG D 175 -25.78 -29.98 -12.27
C ARG D 175 -26.26 -31.29 -12.88
N CYS D 176 -25.55 -31.80 -13.88
CA CYS D 176 -26.01 -33.04 -14.57
C CYS D 176 -25.91 -34.21 -13.60
N ASN D 177 -26.99 -35.00 -13.49
CA ASN D 177 -26.98 -36.21 -12.62
C ASN D 177 -27.13 -37.45 -13.51
N CYS D 178 -26.87 -37.32 -14.82
CA CYS D 178 -27.11 -38.45 -15.76
C CYS D 178 -26.13 -39.58 -15.49
N VAL D 179 -26.47 -40.80 -15.92
CA VAL D 179 -25.63 -42.00 -15.61
C VAL D 179 -24.22 -41.80 -16.19
N GLU D 180 -24.10 -41.25 -17.40
CA GLU D 180 -22.75 -41.12 -18.02
C GLU D 180 -21.87 -40.23 -17.15
N CYS D 181 -22.39 -39.09 -16.70
CA CYS D 181 -21.61 -38.16 -15.84
C CYS D 181 -21.26 -38.80 -14.50
N VAL D 182 -22.23 -39.47 -13.87
CA VAL D 182 -22.00 -40.10 -12.53
C VAL D 182 -20.97 -41.23 -12.68
N SER D 183 -21.07 -42.00 -13.75
CA SER D 183 -20.15 -43.15 -13.97
C SER D 183 -18.72 -42.62 -14.23
N SER D 184 -18.57 -41.62 -15.10
CA SER D 184 -17.25 -41.10 -15.42
C SER D 184 -16.60 -40.45 -14.20
N SER D 185 -17.39 -39.78 -13.37
CA SER D 185 -16.86 -39.22 -12.13
C SER D 185 -16.48 -40.32 -11.15
N GLU D 186 -17.20 -41.44 -11.15
CA GLU D 186 -16.91 -42.52 -10.23
C GLU D 186 -15.62 -43.25 -10.59
N VAL D 187 -15.41 -43.52 -11.88
CA VAL D 187 -14.19 -44.25 -12.27
C VAL D 187 -12.96 -43.39 -12.03
N ASP D 188 -13.04 -42.10 -12.37
CA ASP D 188 -11.92 -41.18 -12.18
C ASP D 188 -12.45 -39.76 -12.16
N SER D 189 -12.32 -39.08 -11.03
CA SER D 189 -12.86 -37.74 -10.86
C SER D 189 -11.86 -36.65 -11.26
N LEU D 190 -10.57 -36.86 -10.95
CA LEU D 190 -9.56 -35.88 -11.32
C LEU D 190 -9.47 -35.72 -12.84
N ARG D 191 -9.48 -36.83 -13.56
CA ARG D 191 -9.45 -36.77 -15.02
C ARG D 191 -10.70 -36.11 -15.57
N HIS D 192 -11.85 -36.38 -14.96
CA HIS D 192 -13.10 -35.75 -15.41
C HIS D 192 -13.05 -34.24 -15.23
N SER D 193 -12.60 -33.78 -14.06
CA SER D 193 -12.51 -32.35 -13.80
C SER D 193 -11.50 -31.69 -14.75
N ARG D 194 -10.36 -32.34 -14.97
CA ARG D 194 -9.37 -31.81 -15.89
C ARG D 194 -9.92 -31.70 -17.31
N SER D 195 -10.65 -32.73 -17.75
CA SER D 195 -11.23 -32.71 -19.09
C SER D 195 -12.24 -31.59 -19.23
N ARG D 196 -13.09 -31.39 -18.22
CA ARG D 196 -14.06 -30.30 -18.26
C ARG D 196 -13.35 -28.94 -18.33
N LEU D 197 -12.33 -28.76 -17.49
CA LEU D 197 -11.61 -27.50 -17.48
C LEU D 197 -10.91 -27.24 -18.80
N ASN D 198 -10.30 -28.27 -19.39
CA ASN D 198 -9.62 -28.11 -20.67
C ASN D 198 -10.61 -27.80 -21.78
N ILE D 199 -11.77 -28.46 -21.77
CA ILE D 199 -12.79 -28.20 -22.79
C ILE D 199 -13.25 -26.75 -22.71
N TYR D 200 -13.52 -26.27 -21.49
CA TYR D 200 -13.99 -24.89 -21.34
C TYR D 200 -12.90 -23.88 -21.70
N LYS D 201 -11.64 -24.20 -21.34
CA LYS D 201 -10.53 -23.31 -21.69
C LYS D 201 -10.35 -23.23 -23.20
N ALA D 202 -10.53 -24.35 -23.91
CA ALA D 202 -10.46 -24.32 -25.36
C ALA D 202 -11.64 -23.56 -25.96
N LEU D 203 -12.83 -23.71 -25.36
CA LEU D 203 -14.01 -23.05 -25.92
C LEU D 203 -13.98 -21.55 -25.69
N ALA D 204 -13.31 -21.08 -24.63
CA ALA D 204 -13.29 -19.67 -24.28
C ALA D 204 -12.15 -18.91 -24.97
N SER D 205 -11.68 -19.39 -26.11
CA SER D 205 -10.59 -18.72 -26.81
C SER D 205 -11.13 -17.57 -27.66
N PRO D 206 -10.54 -16.37 -27.57
CA PRO D 206 -11.02 -15.26 -28.40
C PRO D 206 -10.92 -15.53 -29.89
N SER D 207 -9.87 -16.21 -30.34
CA SER D 207 -9.77 -16.54 -31.76
C SER D 207 -10.80 -17.58 -32.17
N LEU D 208 -10.98 -18.61 -31.35
CA LEU D 208 -11.99 -19.63 -31.63
C LEU D 208 -13.40 -19.07 -31.53
N ILE D 209 -13.58 -17.91 -30.91
CA ILE D 209 -14.87 -17.21 -30.97
C ILE D 209 -14.96 -16.34 -32.22
N ALA D 210 -13.85 -15.71 -32.62
CA ALA D 210 -13.83 -14.93 -33.84
C ALA D 210 -14.19 -15.79 -35.05
N LEU D 211 -13.64 -16.99 -35.11
CA LEU D 211 -14.06 -17.95 -36.14
C LEU D 211 -15.17 -18.84 -35.60
N SER D 212 -15.94 -19.41 -36.53
CA SER D 212 -16.98 -20.40 -36.21
C SER D 212 -17.99 -19.88 -35.21
N SER D 213 -18.44 -18.64 -35.39
CA SER D 213 -19.45 -18.06 -34.52
C SER D 213 -20.17 -16.95 -35.27
N GLU D 214 -21.51 -17.02 -35.28
CA GLU D 214 -22.30 -16.00 -35.97
C GLU D 214 -22.35 -14.69 -35.19
N ASP D 215 -22.49 -14.77 -33.87
CA ASP D 215 -22.59 -13.58 -33.00
C ASP D 215 -21.52 -13.70 -31.93
N PRO D 216 -20.30 -13.20 -32.20
CA PRO D 216 -19.23 -13.30 -31.19
C PRO D 216 -19.56 -12.57 -29.89
N ILE D 217 -20.25 -11.44 -29.96
CA ILE D 217 -20.56 -10.68 -28.75
C ILE D 217 -21.49 -11.46 -27.84
N LEU D 218 -22.58 -12.00 -28.41
CA LEU D 218 -23.50 -12.79 -27.61
C LEU D 218 -22.84 -14.07 -27.10
N THR D 219 -22.00 -14.69 -27.94
CA THR D 219 -21.29 -15.88 -27.52
C THR D 219 -20.38 -15.59 -26.32
N ALA D 220 -19.66 -14.45 -26.36
CA ALA D 220 -18.80 -14.07 -25.26
C ALA D 220 -19.62 -13.78 -24.00
N PHE D 221 -20.75 -13.10 -24.15
CA PHE D 221 -21.62 -12.84 -23.00
C PHE D 221 -22.04 -14.13 -22.33
N ARG D 222 -22.58 -15.07 -23.12
CA ARG D 222 -23.07 -16.33 -22.55
C ARG D 222 -21.92 -17.15 -21.95
N LEU D 223 -20.77 -17.17 -22.63
CA LEU D 223 -19.64 -17.94 -22.11
C LEU D 223 -19.13 -17.36 -20.79
N GLY D 224 -19.04 -16.03 -20.70
CA GLY D 224 -18.64 -15.42 -19.44
C GLY D 224 -19.60 -15.70 -18.31
N TRP D 225 -20.91 -15.62 -18.60
CA TRP D 225 -21.90 -15.93 -17.58
C TRP D 225 -21.78 -17.38 -17.13
N GLU D 226 -21.62 -18.31 -18.08
CA GLU D 226 -21.52 -19.72 -17.74
C GLU D 226 -20.27 -20.01 -16.92
N LEU D 227 -19.14 -19.40 -17.28
CA LEU D 227 -17.91 -19.62 -16.52
C LEU D 227 -18.01 -19.03 -15.12
N LYS D 228 -18.64 -17.86 -14.99
CA LYS D 228 -18.82 -17.27 -13.66
C LYS D 228 -19.71 -18.17 -12.81
N GLU D 229 -20.74 -18.77 -13.40
CA GLU D 229 -21.57 -19.71 -12.65
C GLU D 229 -20.79 -20.98 -12.28
N LEU D 230 -19.95 -21.45 -13.19
CA LEU D 230 -19.15 -22.66 -12.94
C LEU D 230 -18.13 -22.44 -11.83
N SER D 231 -17.63 -21.21 -11.68
CA SER D 231 -16.61 -20.95 -10.67
C SER D 231 -17.12 -21.25 -9.27
N LYS D 232 -18.37 -20.90 -8.97
CA LYS D 232 -18.92 -21.16 -7.64
C LYS D 232 -19.12 -22.66 -7.40
N VAL D 233 -19.58 -23.39 -8.41
CA VAL D 233 -19.83 -24.82 -8.24
C VAL D 233 -18.51 -25.57 -8.05
N GLU D 234 -17.51 -25.24 -8.86
CA GLU D 234 -16.19 -25.86 -8.73
C GLU D 234 -15.38 -25.04 -7.74
N ASN D 235 -15.50 -25.39 -6.45
CA ASN D 235 -14.85 -24.62 -5.40
C ASN D 235 -13.34 -24.71 -5.48
N GLU D 236 -12.81 -25.90 -5.78
CA GLU D 236 -11.36 -26.07 -5.83
C GLU D 236 -10.75 -25.31 -7.00
N PHE D 237 -11.40 -25.33 -8.16
CA PHE D 237 -10.94 -24.62 -9.36
C PHE D 237 -11.78 -23.37 -9.53
N LYS D 238 -11.31 -22.27 -8.97
CA LYS D 238 -12.02 -20.99 -9.01
C LYS D 238 -11.27 -19.92 -9.81
N ALA D 239 -9.96 -19.80 -9.59
CA ALA D 239 -9.18 -18.75 -10.24
C ALA D 239 -9.15 -18.95 -11.76
N GLU D 240 -9.06 -20.20 -12.21
CA GLU D 240 -9.02 -20.46 -13.65
C GLU D 240 -10.31 -20.03 -14.32
N TYR D 241 -11.46 -20.42 -13.74
CA TYR D 241 -12.74 -20.02 -14.32
C TYR D 241 -12.95 -18.52 -14.25
N GLU D 242 -12.53 -17.88 -13.16
CA GLU D 242 -12.66 -16.44 -13.04
C GLU D 242 -11.82 -15.73 -14.10
N GLU D 243 -10.59 -16.19 -14.32
CA GLU D 243 -9.75 -15.57 -15.34
C GLU D 243 -10.28 -15.82 -16.74
N LEU D 244 -10.91 -16.99 -16.97
CA LEU D 244 -11.54 -17.22 -18.28
C LEU D 244 -12.71 -16.28 -18.50
N SER D 245 -13.53 -16.06 -17.48
CA SER D 245 -14.63 -15.11 -17.60
C SER D 245 -14.12 -13.70 -17.85
N GLN D 246 -13.06 -13.30 -17.13
CA GLN D 246 -12.46 -11.99 -17.35
C GLN D 246 -11.92 -11.85 -18.76
N GLN D 247 -11.30 -12.92 -19.28
CA GLN D 247 -10.80 -12.89 -20.65
C GLN D 247 -11.93 -12.73 -21.65
N CYS D 248 -13.06 -13.42 -21.42
CA CYS D 248 -14.21 -13.27 -22.31
C CYS D 248 -14.74 -11.83 -22.28
N LYS D 249 -14.86 -11.25 -21.09
CA LYS D 249 -15.33 -9.88 -20.98
C LYS D 249 -14.38 -8.92 -21.69
N LEU D 250 -13.07 -9.11 -21.51
CA LEU D 250 -12.09 -8.25 -22.17
C LEU D 250 -12.16 -8.39 -23.67
N PHE D 251 -12.37 -9.61 -24.17
CA PHE D 251 -12.51 -9.80 -25.61
C PHE D 251 -13.74 -9.08 -26.15
N ALA D 252 -14.86 -9.15 -25.43
CA ALA D 252 -16.05 -8.45 -25.86
C ALA D 252 -15.82 -6.93 -25.90
N LYS D 253 -15.19 -6.39 -24.86
CA LYS D 253 -14.92 -4.96 -24.82
C LYS D 253 -13.99 -4.55 -25.94
N ASP D 254 -12.94 -5.33 -26.20
CA ASP D 254 -12.00 -5.01 -27.27
C ASP D 254 -12.67 -5.08 -28.63
N LEU D 255 -13.57 -6.04 -28.83
CA LEU D 255 -14.31 -6.11 -30.08
C LEU D 255 -15.20 -4.89 -30.26
N LEU D 256 -15.85 -4.44 -29.19
CA LEU D 256 -16.64 -3.21 -29.28
C LEU D 256 -15.78 -1.99 -29.56
N ASP D 257 -14.53 -2.00 -29.06
CA ASP D 257 -13.68 -0.82 -29.19
C ASP D 257 -13.38 -0.46 -30.64
N GLN D 258 -13.47 -1.42 -31.56
CA GLN D 258 -13.06 -1.19 -32.94
C GLN D 258 -14.10 -0.48 -33.79
N ALA D 259 -15.29 -0.22 -33.25
CA ALA D 259 -16.30 0.53 -34.01
C ALA D 259 -15.80 1.94 -34.28
N ARG D 260 -15.94 2.38 -35.53
CA ARG D 260 -15.40 3.68 -35.94
C ARG D 260 -16.43 4.55 -36.64
N SER D 261 -17.71 4.35 -36.34
CA SER D 261 -18.73 5.25 -36.88
C SER D 261 -19.99 5.14 -36.01
N SER D 262 -20.74 6.25 -35.98
CA SER D 262 -21.98 6.27 -35.21
C SER D 262 -22.99 5.28 -35.77
N ARG D 263 -23.03 5.14 -37.10
CA ARG D 263 -23.95 4.18 -37.72
C ARG D 263 -23.63 2.76 -37.29
N GLU D 264 -22.35 2.37 -37.34
CA GLU D 264 -21.97 1.05 -36.89
C GLU D 264 -22.27 0.86 -35.40
N LEU D 265 -22.01 1.90 -34.60
CA LEU D 265 -22.27 1.80 -33.16
C LEU D 265 -23.75 1.56 -32.88
N GLU D 266 -24.63 2.33 -33.53
CA GLU D 266 -26.05 2.15 -33.27
C GLU D 266 -26.56 0.83 -33.83
N ILE D 267 -26.01 0.38 -34.97
CA ILE D 267 -26.40 -0.93 -35.50
C ILE D 267 -26.04 -2.02 -34.50
N ILE D 268 -24.83 -1.97 -33.95
CA ILE D 268 -24.40 -2.98 -32.98
C ILE D 268 -25.27 -2.93 -31.73
N LEU D 269 -25.54 -1.72 -31.22
CA LEU D 269 -26.28 -1.58 -29.98
C LEU D 269 -27.77 -1.84 -30.14
N ASN D 270 -28.30 -1.80 -31.37
CA ASN D 270 -29.72 -2.00 -31.61
C ASN D 270 -30.05 -3.34 -32.26
N HIS D 271 -29.05 -4.13 -32.66
CA HIS D 271 -29.33 -5.43 -33.23
C HIS D 271 -30.04 -6.32 -32.23
N ARG D 272 -31.04 -7.06 -32.70
CA ARG D 272 -31.81 -7.96 -31.87
C ARG D 272 -32.02 -9.28 -32.62
N ASP D 273 -32.20 -10.35 -31.85
CA ASP D 273 -32.43 -11.67 -32.43
C ASP D 273 -33.13 -12.60 -31.42
N ASP D 286 -35.77 -0.61 -28.57
CA ASP D 286 -34.41 -0.36 -29.02
C ASP D 286 -33.40 -0.73 -27.93
N LEU D 287 -32.12 -0.71 -28.30
CA LEU D 287 -31.02 -1.01 -27.39
C LEU D 287 -31.17 -2.40 -26.76
N ALA D 288 -31.60 -3.37 -27.57
CA ALA D 288 -31.76 -4.72 -27.07
C ALA D 288 -30.43 -5.34 -26.66
N LYS D 289 -29.37 -5.11 -27.45
CA LYS D 289 -28.06 -5.62 -27.08
C LYS D 289 -27.55 -4.96 -25.81
N LEU D 290 -27.82 -3.66 -25.64
CA LEU D 290 -27.43 -2.99 -24.41
C LEU D 290 -28.17 -3.55 -23.21
N LYS D 291 -29.47 -3.83 -23.38
CA LYS D 291 -30.24 -4.46 -22.30
C LYS D 291 -29.68 -5.82 -21.94
N VAL D 292 -29.31 -6.62 -22.96
CA VAL D 292 -28.74 -7.94 -22.71
C VAL D 292 -27.41 -7.81 -21.97
N ALA D 293 -26.58 -6.85 -22.39
CA ALA D 293 -25.29 -6.65 -21.72
C ALA D 293 -25.48 -6.21 -20.27
N ILE D 294 -26.48 -5.37 -20.02
CA ILE D 294 -26.78 -4.96 -18.64
C ILE D 294 -27.24 -6.16 -17.82
N LYS D 295 -28.07 -7.02 -18.43
CA LYS D 295 -28.54 -8.21 -17.74
C LYS D 295 -27.39 -9.15 -17.40
N TYR D 296 -26.42 -9.28 -18.31
CA TYR D 296 -25.30 -10.21 -18.13
C TYR D 296 -24.14 -9.62 -17.34
N HIS D 297 -24.32 -8.41 -16.79
CA HIS D 297 -23.32 -7.77 -15.94
C HIS D 297 -22.00 -7.55 -16.68
N GLN D 298 -22.09 -6.90 -17.85
CA GLN D 298 -20.91 -6.56 -18.63
C GLN D 298 -20.58 -5.10 -18.38
N LYS D 299 -19.98 -4.84 -17.21
CA LYS D 299 -19.70 -3.45 -16.79
C LYS D 299 -18.64 -2.79 -17.67
N GLU D 300 -17.63 -3.53 -18.11
CA GLU D 300 -16.62 -2.96 -19.00
C GLU D 300 -17.22 -2.62 -20.36
N PHE D 301 -18.09 -3.49 -20.88
CA PHE D 301 -18.77 -3.20 -22.13
C PHE D 301 -19.69 -2.00 -22.01
N VAL D 302 -20.40 -1.89 -20.89
CA VAL D 302 -21.36 -0.79 -20.72
C VAL D 302 -20.64 0.54 -20.57
N ALA D 303 -19.52 0.56 -19.83
CA ALA D 303 -18.82 1.79 -19.51
C ALA D 303 -17.89 2.27 -20.63
N GLN D 304 -18.11 1.80 -21.87
CA GLN D 304 -17.29 2.26 -22.98
C GLN D 304 -17.59 3.74 -23.27
N PRO D 305 -16.57 4.53 -23.62
CA PRO D 305 -16.82 5.96 -23.89
C PRO D 305 -17.83 6.21 -25.00
N ASN D 306 -17.80 5.42 -26.07
CA ASN D 306 -18.74 5.64 -27.18
C ASN D 306 -20.17 5.32 -26.75
N CYS D 307 -20.36 4.21 -26.04
CA CYS D 307 -21.69 3.87 -25.55
C CYS D 307 -22.20 4.91 -24.56
N GLN D 308 -21.31 5.40 -23.69
CA GLN D 308 -21.70 6.43 -22.73
C GLN D 308 -22.07 7.73 -23.45
N GLN D 309 -21.34 8.08 -24.51
CA GLN D 309 -21.68 9.27 -25.27
C GLN D 309 -23.03 9.14 -25.95
N LEU D 310 -23.32 7.97 -26.53
CA LEU D 310 -24.63 7.75 -27.14
C LEU D 310 -25.74 7.81 -26.10
N LEU D 311 -25.50 7.21 -24.92
CA LEU D 311 -26.50 7.24 -23.86
C LEU D 311 -26.74 8.65 -23.37
N ALA D 312 -25.67 9.45 -23.26
CA ALA D 312 -25.84 10.85 -22.85
C ALA D 312 -26.60 11.64 -23.90
N THR D 313 -26.33 11.39 -25.18
CA THR D 313 -27.08 12.04 -26.25
C THR D 313 -28.56 11.70 -26.16
N LEU D 314 -28.88 10.43 -25.92
CA LEU D 314 -30.28 10.04 -25.76
C LEU D 314 -30.90 10.63 -24.50
N TRP D 315 -30.12 10.77 -23.43
CA TRP D 315 -30.65 11.25 -22.16
C TRP D 315 -30.94 12.74 -22.21
N TYR D 316 -30.04 13.52 -22.80
CA TYR D 316 -30.22 14.97 -22.91
C TYR D 316 -30.91 15.32 -24.23
N ASP D 317 -32.14 14.80 -24.38
CA ASP D 317 -32.88 14.97 -25.62
C ASP D 317 -33.33 16.41 -25.81
N GLY D 318 -33.94 17.00 -24.78
CA GLY D 318 -34.49 18.34 -24.92
C GLY D 318 -33.43 19.41 -25.06
N PHE D 319 -32.36 19.31 -24.27
CA PHE D 319 -31.32 20.34 -24.25
C PHE D 319 -30.14 19.89 -25.08
N PRO D 320 -29.80 20.59 -26.15
CA PRO D 320 -28.61 20.23 -26.94
C PRO D 320 -27.32 20.95 -26.55
N GLY D 321 -27.43 22.00 -25.74
CA GLY D 321 -26.25 22.71 -25.27
C GLY D 321 -25.98 22.49 -23.80
N TRP D 322 -26.52 21.40 -23.26
CA TRP D 322 -26.35 21.12 -21.84
C TRP D 322 -24.90 20.88 -21.48
N ARG D 323 -24.10 20.34 -22.42
CA ARG D 323 -22.68 20.13 -22.16
C ARG D 323 -21.96 21.46 -21.95
N ARG D 324 -22.27 22.46 -22.77
CA ARG D 324 -21.66 23.78 -22.68
C ARG D 324 -22.64 24.74 -22.03
N LYS D 325 -22.69 24.70 -20.70
CA LYS D 325 -23.56 25.58 -19.94
C LYS D 325 -22.93 25.86 -18.59
N HIS D 326 -23.34 26.97 -17.99
CA HIS D 326 -22.83 27.36 -16.68
C HIS D 326 -23.57 26.61 -15.57
N TRP D 327 -22.88 26.46 -14.43
CA TRP D 327 -23.51 25.83 -13.28
C TRP D 327 -24.72 26.62 -12.80
N VAL D 328 -24.63 27.95 -12.82
CA VAL D 328 -25.74 28.78 -12.36
C VAL D 328 -26.96 28.60 -13.27
N VAL D 329 -26.76 28.60 -14.59
CA VAL D 329 -27.90 28.46 -15.49
C VAL D 329 -28.46 27.05 -15.45
N LYS D 330 -27.59 26.04 -15.26
CA LYS D 330 -28.08 24.68 -15.07
C LYS D 330 -28.96 24.57 -13.84
N LEU D 331 -28.52 25.19 -12.73
CA LEU D 331 -29.30 25.17 -11.50
C LEU D 331 -30.63 25.90 -11.68
N LEU D 332 -30.59 27.06 -12.34
CA LEU D 332 -31.79 27.85 -12.57
C LEU D 332 -32.80 27.06 -13.41
N THR D 333 -32.33 26.42 -14.49
CA THR D 333 -33.27 25.65 -15.31
C THR D 333 -33.75 24.41 -14.56
N CYS D 334 -32.94 23.84 -13.68
CA CYS D 334 -33.38 22.71 -12.87
C CYS D 334 -34.57 23.09 -11.99
N MET D 335 -34.45 24.19 -11.24
CA MET D 335 -35.61 24.65 -10.48
C MET D 335 -36.78 25.06 -11.38
N THR D 336 -36.50 25.71 -12.52
CA THR D 336 -37.62 26.19 -13.33
C THR D 336 -38.36 25.04 -14.02
N ILE D 337 -37.74 23.87 -14.15
CA ILE D 337 -38.49 22.73 -14.68
C ILE D 337 -39.13 21.93 -13.53
N GLY D 338 -38.46 21.86 -12.38
CA GLY D 338 -39.02 21.11 -11.27
C GLY D 338 -40.20 21.80 -10.61
N PHE D 339 -40.31 23.12 -10.76
CA PHE D 339 -41.41 23.84 -10.11
C PHE D 339 -42.74 23.61 -10.81
N LEU D 340 -42.74 23.39 -12.12
CA LEU D 340 -43.96 23.26 -12.90
C LEU D 340 -44.35 21.80 -13.17
N PHE D 341 -43.95 20.88 -12.28
CA PHE D 341 -44.32 19.47 -12.48
C PHE D 341 -45.82 19.22 -12.48
N PRO D 342 -46.64 19.82 -11.60
CA PRO D 342 -48.08 19.52 -11.70
C PRO D 342 -48.71 20.10 -12.95
N MET D 343 -48.28 21.29 -13.37
CA MET D 343 -48.78 21.86 -14.62
C MET D 343 -48.41 20.98 -15.81
N LEU D 344 -47.17 20.49 -15.85
CA LEU D 344 -46.76 19.61 -16.95
C LEU D 344 -47.54 18.31 -16.93
N SER D 345 -47.75 17.73 -15.75
CA SER D 345 -48.50 16.49 -15.66
C SER D 345 -49.93 16.68 -16.12
N ILE D 346 -50.57 17.78 -15.70
CA ILE D 346 -51.94 18.05 -16.12
C ILE D 346 -52.01 18.29 -17.62
N ALA D 347 -51.04 19.00 -18.18
CA ALA D 347 -51.02 19.24 -19.62
C ALA D 347 -50.88 17.95 -20.39
N TYR D 348 -50.00 17.05 -19.94
CA TYR D 348 -49.85 15.77 -20.61
C TYR D 348 -51.13 14.93 -20.49
N LEU D 349 -51.76 14.95 -19.30
CA LEU D 349 -52.98 14.18 -19.10
C LEU D 349 -54.11 14.68 -19.99
N ILE D 350 -54.21 16.00 -20.17
CA ILE D 350 -55.29 16.56 -20.98
C ILE D 350 -55.01 16.35 -22.46
N SER D 351 -53.86 16.85 -22.93
CA SER D 351 -53.50 16.77 -24.36
C SER D 351 -52.18 16.05 -24.50
N PRO D 352 -52.21 14.73 -24.74
CA PRO D 352 -50.95 13.99 -24.94
C PRO D 352 -50.17 14.45 -26.17
N ARG D 353 -50.84 15.03 -27.17
CA ARG D 353 -50.20 15.50 -28.39
C ARG D 353 -50.33 17.02 -28.45
N SER D 354 -49.34 17.70 -27.90
CA SER D 354 -49.31 19.15 -27.88
C SER D 354 -47.88 19.61 -27.60
N ASN D 355 -47.67 20.93 -27.64
CA ASN D 355 -46.35 21.47 -27.34
C ASN D 355 -45.92 21.15 -25.91
N LEU D 356 -46.85 21.28 -24.96
CA LEU D 356 -46.57 20.94 -23.58
C LEU D 356 -46.82 19.47 -23.27
N GLY D 357 -47.56 18.77 -24.12
CA GLY D 357 -47.84 17.37 -23.87
C GLY D 357 -46.61 16.49 -23.94
N LEU D 358 -45.81 16.68 -24.98
CA LEU D 358 -44.63 15.84 -25.21
C LEU D 358 -43.40 16.33 -24.46
N PHE D 359 -43.50 17.44 -23.71
CA PHE D 359 -42.36 17.95 -22.97
C PHE D 359 -41.98 17.06 -21.78
N ILE D 360 -42.88 16.17 -21.35
CA ILE D 360 -42.59 15.27 -20.25
C ILE D 360 -42.07 13.91 -20.72
N LYS D 361 -42.19 13.61 -22.01
CA LYS D 361 -41.68 12.35 -22.54
C LYS D 361 -40.15 12.25 -22.43
N LYS D 362 -39.47 13.37 -22.34
CA LYS D 362 -38.01 13.33 -22.26
C LYS D 362 -37.56 12.74 -20.94
N PRO D 363 -36.56 11.86 -20.95
CA PRO D 363 -36.15 11.18 -19.71
C PRO D 363 -35.68 12.13 -18.62
N PHE D 364 -34.94 13.18 -18.98
CA PHE D 364 -34.45 14.13 -17.98
C PHE D 364 -35.61 14.87 -17.33
N ILE D 365 -36.57 15.32 -18.14
CA ILE D 365 -37.74 16.01 -17.59
C ILE D 365 -38.55 15.09 -16.70
N LYS D 366 -38.70 13.83 -17.12
CA LYS D 366 -39.43 12.86 -16.30
C LYS D 366 -38.73 12.63 -14.96
N PHE D 367 -37.41 12.50 -14.99
CA PHE D 367 -36.65 12.32 -13.74
C PHE D 367 -36.80 13.52 -12.83
N ILE D 368 -36.71 14.74 -13.39
CA ILE D 368 -36.85 15.94 -12.59
C ILE D 368 -38.25 16.02 -11.98
N CYS D 369 -39.27 15.68 -12.76
CA CYS D 369 -40.64 15.72 -12.24
C CYS D 369 -40.84 14.71 -11.12
N HIS D 370 -40.32 13.50 -11.28
CA HIS D 370 -40.44 12.49 -10.23
C HIS D 370 -39.71 12.92 -8.96
N THR D 371 -38.50 13.49 -9.11
CA THR D 371 -37.76 13.96 -7.96
C THR D 371 -38.50 15.08 -7.24
N ALA D 372 -39.08 16.02 -8.00
CA ALA D 372 -39.84 17.10 -7.39
C ALA D 372 -41.07 16.59 -6.67
N SER D 373 -41.76 15.60 -7.25
CA SER D 373 -42.91 15.02 -6.58
C SER D 373 -42.52 14.34 -5.27
N TYR D 374 -41.41 13.59 -5.28
CA TYR D 374 -40.96 12.95 -4.05
C TYR D 374 -40.56 13.98 -3.00
N LEU D 375 -39.91 15.07 -3.43
CA LEU D 375 -39.55 16.13 -2.48
C LEU D 375 -40.79 16.79 -1.89
N THR D 376 -41.82 16.99 -2.71
CA THR D 376 -43.07 17.55 -2.19
C THR D 376 -43.72 16.60 -1.19
N PHE D 377 -43.69 15.30 -1.47
CA PHE D 377 -44.22 14.32 -0.53
C PHE D 377 -43.47 14.36 0.79
N LEU D 378 -42.13 14.44 0.73
CA LEU D 378 -41.34 14.51 1.96
C LEU D 378 -41.61 15.80 2.72
N PHE D 379 -41.81 16.91 2.01
CA PHE D 379 -42.15 18.16 2.67
C PHE D 379 -43.51 18.07 3.36
N MET D 380 -44.48 17.41 2.72
CA MET D 380 -45.77 17.19 3.37
C MET D 380 -45.63 16.33 4.61
N LEU D 381 -44.80 15.28 4.54
CA LEU D 381 -44.55 14.45 5.71
C LEU D 381 -43.93 15.25 6.84
N LEU D 382 -42.98 16.14 6.52
CA LEU D 382 -42.37 16.98 7.54
C LEU D 382 -43.39 17.96 8.13
N LEU D 383 -44.25 18.52 7.29
CA LEU D 383 -45.26 19.46 7.77
C LEU D 383 -46.30 18.76 8.65
N ALA D 384 -46.50 17.46 8.44
CA ALA D 384 -47.49 16.74 9.24
C ALA D 384 -47.14 16.76 10.72
N SER D 385 -45.85 16.63 11.05
CA SER D 385 -45.46 16.53 12.46
C SER D 385 -45.61 17.86 13.18
N GLN D 386 -45.49 18.98 12.46
CA GLN D 386 -45.60 20.30 13.08
C GLN D 386 -47.04 20.59 13.51
N ASP D 392 -56.26 18.57 18.09
CA ASP D 392 -56.44 18.02 19.44
C ASP D 392 -55.83 16.63 19.55
N LEU D 393 -55.09 16.40 20.65
CA LEU D 393 -54.45 15.12 20.90
C LEU D 393 -55.08 14.37 22.05
N HIS D 394 -56.27 14.78 22.50
CA HIS D 394 -56.93 14.18 23.65
C HIS D 394 -58.06 13.23 23.26
N VAL D 395 -58.31 13.03 21.98
CA VAL D 395 -59.42 12.21 21.51
C VAL D 395 -58.94 10.80 21.21
N GLN D 396 -59.85 9.84 21.32
CA GLN D 396 -59.55 8.44 21.07
C GLN D 396 -59.99 8.10 19.64
N GLY D 397 -59.02 7.85 18.78
CA GLY D 397 -59.30 7.52 17.39
C GLY D 397 -59.90 8.70 16.64
N PRO D 398 -59.12 9.74 16.42
CA PRO D 398 -59.63 10.93 15.74
C PRO D 398 -59.75 10.71 14.24
N PRO D 399 -60.61 11.46 13.56
CA PRO D 399 -60.65 11.37 12.10
C PRO D 399 -59.39 11.94 11.49
N PRO D 400 -59.00 11.50 10.30
CA PRO D 400 -57.78 12.02 9.68
C PRO D 400 -57.90 13.50 9.37
N THR D 401 -56.76 14.19 9.48
CA THR D 401 -56.72 15.63 9.25
C THR D 401 -56.44 15.93 7.78
N VAL D 402 -56.35 17.22 7.46
CA VAL D 402 -56.15 17.63 6.07
C VAL D 402 -54.81 17.15 5.55
N VAL D 403 -53.77 17.20 6.38
CA VAL D 403 -52.44 16.76 5.95
C VAL D 403 -52.46 15.28 5.57
N GLU D 404 -53.09 14.45 6.40
CA GLU D 404 -53.20 13.03 6.06
C GLU D 404 -54.09 12.82 4.84
N TRP D 405 -55.12 13.64 4.67
CA TRP D 405 -55.97 13.53 3.49
C TRP D 405 -55.18 13.79 2.22
N MET D 406 -54.28 14.77 2.24
CA MET D 406 -53.43 15.00 1.08
C MET D 406 -52.34 13.93 0.95
N ILE D 407 -51.90 13.35 2.07
CA ILE D 407 -50.79 12.35 2.03
C ILE D 407 -51.30 11.02 1.45
N LEU D 408 -52.59 10.71 1.64
CA LEU D 408 -53.12 9.39 1.23
C LEU D 408 -53.02 9.15 -0.29
N PRO D 409 -53.34 10.09 -1.22
CA PRO D 409 -53.23 9.80 -2.66
C PRO D 409 -51.80 9.44 -3.07
N TRP D 410 -50.80 10.13 -2.51
CA TRP D 410 -49.37 9.82 -2.83
C TRP D 410 -49.07 8.39 -2.38
N VAL D 411 -49.50 8.01 -1.18
CA VAL D 411 -49.21 6.64 -0.64
C VAL D 411 -49.89 5.59 -1.52
N LEU D 412 -51.14 5.84 -1.92
CA LEU D 412 -51.87 4.88 -2.79
C LEU D 412 -51.14 4.78 -4.14
N GLY D 413 -50.68 5.92 -4.68
CA GLY D 413 -49.97 5.93 -5.98
C GLY D 413 -48.69 5.13 -5.90
N PHE D 414 -47.94 5.27 -4.80
CA PHE D 414 -46.71 4.52 -4.61
C PHE D 414 -46.97 3.02 -4.65
N ILE D 415 -48.02 2.57 -3.95
CA ILE D 415 -48.34 1.14 -3.94
C ILE D 415 -48.73 0.67 -5.34
N TRP D 416 -49.53 1.47 -6.05
CA TRP D 416 -49.97 1.09 -7.39
C TRP D 416 -48.77 0.98 -8.34
N GLY D 417 -47.87 1.96 -8.29
CA GLY D 417 -46.67 1.89 -9.11
C GLY D 417 -45.79 0.72 -8.76
N GLU D 418 -45.75 0.34 -7.47
CA GLU D 418 -44.93 -0.82 -7.04
C GLU D 418 -45.47 -2.12 -7.65
N ILE D 419 -46.78 -2.38 -7.51
CA ILE D 419 -47.34 -3.68 -8.00
C ILE D 419 -47.20 -3.78 -9.52
N LYS D 420 -47.39 -2.68 -10.25
CA LYS D 420 -47.31 -2.74 -11.73
C LYS D 420 -45.89 -3.19 -12.11
N GLU D 421 -44.87 -2.63 -11.45
CA GLU D 421 -43.45 -2.97 -11.78
C GLU D 421 -43.14 -4.43 -11.46
N MET D 422 -43.64 -4.97 -10.33
CA MET D 422 -43.41 -6.41 -10.04
C MET D 422 -44.13 -7.27 -11.09
N TRP D 423 -45.35 -6.87 -11.47
CA TRP D 423 -46.12 -7.62 -12.50
C TRP D 423 -45.37 -7.57 -13.83
N ASP D 424 -44.80 -6.41 -14.18
CA ASP D 424 -44.11 -6.25 -15.48
C ASP D 424 -42.70 -6.87 -15.39
N GLY D 425 -41.98 -6.61 -14.29
CA GLY D 425 -40.63 -7.13 -14.22
C GLY D 425 -40.53 -8.60 -13.89
N GLY D 426 -41.20 -9.04 -12.85
CA GLY D 426 -41.08 -10.40 -12.36
C GLY D 426 -40.41 -10.45 -10.99
N PHE D 427 -40.49 -11.64 -10.39
CA PHE D 427 -40.00 -11.81 -9.02
C PHE D 427 -38.49 -11.61 -8.92
N THR D 428 -37.74 -12.24 -9.82
CA THR D 428 -36.29 -12.16 -9.75
C THR D 428 -35.79 -10.73 -9.96
N GLU D 429 -36.32 -10.06 -10.99
CA GLU D 429 -35.91 -8.68 -11.25
C GLU D 429 -36.34 -7.76 -10.11
N TYR D 430 -37.51 -8.02 -9.51
CA TYR D 430 -37.96 -7.22 -8.39
C TYR D 430 -37.06 -7.37 -7.17
N ILE D 431 -36.63 -8.60 -6.87
CA ILE D 431 -35.81 -8.83 -5.68
C ILE D 431 -34.34 -8.55 -5.91
N HIS D 432 -33.89 -8.45 -7.17
CA HIS D 432 -32.48 -8.18 -7.42
C HIS D 432 -32.08 -6.75 -7.10
N ASP D 433 -33.03 -5.81 -7.10
CA ASP D 433 -32.69 -4.40 -6.90
C ASP D 433 -32.31 -4.10 -5.47
N TRP D 434 -32.88 -4.82 -4.50
CA TRP D 434 -32.61 -4.67 -3.07
C TRP D 434 -33.12 -3.33 -2.52
N TRP D 435 -33.62 -2.46 -3.39
CA TRP D 435 -34.36 -1.28 -2.96
C TRP D 435 -35.85 -1.56 -2.87
N ASN D 436 -36.33 -2.50 -3.69
CA ASN D 436 -37.73 -2.90 -3.62
C ASN D 436 -38.07 -3.50 -2.26
N LEU D 437 -37.08 -4.05 -1.56
CA LEU D 437 -37.32 -4.54 -0.20
C LEU D 437 -37.73 -3.39 0.72
N MET D 438 -36.98 -2.28 0.68
CA MET D 438 -37.34 -1.13 1.49
C MET D 438 -38.65 -0.52 1.03
N ASP D 439 -38.90 -0.49 -0.28
CA ASP D 439 -40.17 0.03 -0.78
C ASP D 439 -41.34 -0.80 -0.25
N PHE D 440 -41.21 -2.13 -0.30
CA PHE D 440 -42.26 -3.02 0.19
C PHE D 440 -42.47 -2.86 1.68
N ALA D 441 -41.38 -2.74 2.45
CA ALA D 441 -41.50 -2.55 3.89
C ALA D 441 -42.23 -1.25 4.20
N MET D 442 -41.88 -0.17 3.51
CA MET D 442 -42.53 1.12 3.75
C MET D 442 -44.01 1.06 3.38
N ASN D 443 -44.34 0.44 2.25
CA ASN D 443 -45.73 0.36 1.83
C ASN D 443 -46.55 -0.51 2.79
N SER D 444 -45.97 -1.62 3.26
CA SER D 444 -46.67 -2.46 4.22
C SER D 444 -46.89 -1.73 5.54
N LEU D 445 -45.88 -0.97 5.99
CA LEU D 445 -46.05 -0.20 7.21
C LEU D 445 -47.13 0.86 7.06
N TYR D 446 -47.18 1.52 5.91
CA TYR D 446 -48.24 2.51 5.67
C TYR D 446 -49.62 1.87 5.65
N LEU D 447 -49.74 0.70 5.00
CA LEU D 447 -51.01 0.00 4.98
C LEU D 447 -51.44 -0.41 6.38
N ALA D 448 -50.51 -0.91 7.19
CA ALA D 448 -50.83 -1.28 8.57
C ALA D 448 -51.25 -0.05 9.37
N THR D 449 -50.59 1.08 9.15
CA THR D 449 -50.96 2.31 9.84
C THR D 449 -52.39 2.72 9.49
N ILE D 450 -52.73 2.67 8.20
CA ILE D 450 -54.07 3.05 7.77
C ILE D 450 -55.11 2.12 8.37
N SER D 451 -54.83 0.80 8.34
CA SER D 451 -55.77 -0.17 8.89
C SER D 451 -55.97 0.05 10.38
N LEU D 452 -54.88 0.26 11.13
CA LEU D 452 -55.00 0.48 12.57
C LEU D 452 -55.76 1.77 12.87
N LYS D 453 -55.52 2.82 12.09
CA LYS D 453 -56.25 4.06 12.29
C LYS D 453 -57.74 3.89 12.05
N ILE D 454 -58.10 3.18 10.98
CA ILE D 454 -59.52 2.96 10.70
C ILE D 454 -60.16 2.09 11.78
N VAL D 455 -59.42 1.10 12.28
CA VAL D 455 -59.94 0.24 13.33
C VAL D 455 -60.18 1.04 14.61
N ALA D 456 -59.21 1.89 14.97
CA ALA D 456 -59.38 2.73 16.17
C ALA D 456 -60.55 3.69 16.02
N TYR D 457 -60.70 4.29 14.83
CA TYR D 457 -61.82 5.20 14.61
C TYR D 457 -63.15 4.48 14.72
N VAL D 458 -63.23 3.26 14.17
CA VAL D 458 -64.48 2.50 14.25
C VAL D 458 -64.78 2.10 15.69
N LYS D 459 -63.77 1.65 16.43
CA LYS D 459 -64.01 1.10 17.76
C LYS D 459 -64.18 2.18 18.82
N TYR D 460 -63.14 2.99 19.03
CA TYR D 460 -63.11 3.93 20.14
C TYR D 460 -63.72 5.26 19.73
N ASN D 461 -64.52 5.84 20.64
CA ASN D 461 -65.16 7.12 20.37
C ASN D 461 -65.16 8.04 21.60
N GLY D 462 -64.46 7.67 22.67
CA GLY D 462 -64.45 8.48 23.88
C GLY D 462 -63.34 9.52 23.88
N SER D 463 -63.17 10.14 25.04
CA SER D 463 -62.15 11.18 25.25
C SER D 463 -61.49 10.90 26.61
N ARG D 464 -60.39 10.16 26.58
CA ARG D 464 -59.63 9.79 27.76
C ARG D 464 -58.17 10.18 27.58
N PRO D 465 -57.46 10.48 28.66
CA PRO D 465 -56.08 10.94 28.52
C PRO D 465 -55.12 9.80 28.21
N ARG D 466 -54.03 10.17 27.52
CA ARG D 466 -53.00 9.19 27.18
C ARG D 466 -52.32 8.65 28.43
N GLU D 467 -52.32 9.42 29.52
CA GLU D 467 -51.79 8.92 30.79
C GLU D 467 -52.62 7.78 31.35
N GLU D 468 -53.88 7.64 30.90
CA GLU D 468 -54.73 6.53 31.29
C GLU D 468 -54.90 5.49 30.19
N TRP D 469 -54.57 5.83 28.95
CA TRP D 469 -54.63 4.84 27.87
C TRP D 469 -53.69 3.68 28.15
N GLU D 470 -54.05 2.52 27.60
CA GLU D 470 -53.24 1.32 27.76
C GLU D 470 -51.99 1.39 26.87
N MET D 471 -51.06 0.47 27.13
CA MET D 471 -49.80 0.45 26.41
C MET D 471 -49.92 -0.14 25.00
N TRP D 472 -50.93 -0.97 24.76
CA TRP D 472 -51.15 -1.60 23.46
C TRP D 472 -52.29 -0.93 22.69
N HIS D 473 -52.39 0.39 22.77
CA HIS D 473 -53.50 1.08 22.12
C HIS D 473 -53.27 1.13 20.61
N PRO D 474 -54.33 0.91 19.81
CA PRO D 474 -54.16 0.99 18.36
C PRO D 474 -53.67 2.34 17.88
N THR D 475 -54.08 3.42 18.54
CA THR D 475 -53.61 4.74 18.16
C THR D 475 -52.10 4.87 18.36
N LEU D 476 -51.60 4.42 19.52
CA LEU D 476 -50.17 4.49 19.78
C LEU D 476 -49.39 3.61 18.80
N ILE D 477 -49.91 2.42 18.50
CA ILE D 477 -49.25 1.55 17.52
C ILE D 477 -49.21 2.23 16.17
N ALA D 478 -50.29 2.89 15.78
CA ALA D 478 -50.34 3.59 14.50
C ALA D 478 -49.32 4.72 14.43
N GLU D 479 -49.20 5.50 15.52
CA GLU D 479 -48.21 6.57 15.53
C GLU D 479 -46.79 6.03 15.45
N ALA D 480 -46.51 4.93 16.15
CA ALA D 480 -45.17 4.33 16.06
C ALA D 480 -44.87 3.87 14.65
N LEU D 481 -45.83 3.18 14.02
CA LEU D 481 -45.63 2.72 12.65
C LEU D 481 -45.47 3.88 11.69
N PHE D 482 -46.21 4.98 11.92
CA PHE D 482 -46.08 6.15 11.08
C PHE D 482 -44.69 6.79 11.21
N ALA D 483 -44.16 6.84 12.42
CA ALA D 483 -42.81 7.36 12.61
C ALA D 483 -41.77 6.50 11.90
N ILE D 484 -41.90 5.17 12.01
CA ILE D 484 -40.97 4.28 11.33
C ILE D 484 -41.08 4.47 9.81
N SER D 485 -42.31 4.61 9.30
CA SER D 485 -42.51 4.84 7.88
C SER D 485 -41.87 6.14 7.43
N ASN D 486 -41.98 7.19 8.26
CA ASN D 486 -41.35 8.47 7.93
C ASN D 486 -39.83 8.31 7.86
N ILE D 487 -39.25 7.58 8.81
CA ILE D 487 -37.80 7.34 8.78
C ILE D 487 -37.40 6.64 7.49
N LEU D 488 -38.14 5.58 7.13
CA LEU D 488 -37.79 4.83 5.93
C LEU D 488 -37.95 5.68 4.67
N SER D 489 -39.04 6.44 4.58
CA SER D 489 -39.28 7.27 3.41
C SER D 489 -38.21 8.34 3.25
N SER D 490 -37.78 8.94 4.37
CA SER D 490 -36.71 9.92 4.30
C SER D 490 -35.38 9.27 3.93
N LEU D 491 -35.14 8.03 4.38
CA LEU D 491 -33.93 7.33 4.02
C LEU D 491 -33.93 6.84 2.57
N ARG D 492 -35.10 6.80 1.93
CA ARG D 492 -35.18 6.35 0.54
C ARG D 492 -34.44 7.28 -0.43
N LEU D 493 -34.14 8.51 -0.01
CA LEU D 493 -33.54 9.50 -0.90
C LEU D 493 -32.10 9.19 -1.29
N ILE D 494 -31.47 8.19 -0.67
CA ILE D 494 -30.07 7.90 -0.95
C ILE D 494 -29.87 7.44 -2.40
N SER D 495 -30.88 6.77 -2.97
CA SER D 495 -30.75 6.20 -4.30
C SER D 495 -30.56 7.25 -5.40
N LEU D 496 -30.83 8.52 -5.12
CA LEU D 496 -30.68 9.57 -6.13
C LEU D 496 -29.25 10.07 -6.25
N PHE D 497 -28.33 9.57 -5.41
CA PHE D 497 -26.94 10.04 -5.48
C PHE D 497 -26.19 9.49 -6.68
N THR D 498 -26.72 8.45 -7.33
CA THR D 498 -26.02 7.86 -8.48
C THR D 498 -26.03 8.79 -9.69
N ALA D 499 -26.99 9.71 -9.76
CA ALA D 499 -27.05 10.64 -10.88
C ALA D 499 -26.00 11.75 -10.80
N ASN D 500 -25.31 11.88 -9.68
CA ASN D 500 -24.29 12.90 -9.50
C ASN D 500 -22.90 12.32 -9.73
N SER D 501 -21.99 13.17 -10.20
CA SER D 501 -20.63 12.73 -10.50
C SER D 501 -19.77 12.56 -9.26
N HIS D 502 -20.06 13.31 -8.19
CA HIS D 502 -19.20 13.32 -7.02
C HIS D 502 -19.63 12.32 -5.95
N LEU D 503 -20.90 11.95 -5.90
CA LEU D 503 -21.42 11.12 -4.82
C LEU D 503 -21.64 9.67 -5.21
N GLY D 504 -21.70 9.37 -6.51
CA GLY D 504 -21.96 8.04 -6.99
C GLY D 504 -20.95 6.99 -6.55
N PRO D 505 -19.66 7.22 -6.88
CA PRO D 505 -18.63 6.28 -6.43
C PRO D 505 -18.57 6.12 -4.92
N LEU D 506 -18.80 7.21 -4.17
CA LEU D 506 -18.81 7.13 -2.72
C LEU D 506 -19.92 6.21 -2.24
N GLN D 507 -21.13 6.44 -2.77
CA GLN D 507 -22.29 5.60 -2.39
C GLN D 507 -22.00 4.16 -2.80
N ILE D 508 -21.41 3.96 -3.98
CA ILE D 508 -21.09 2.59 -4.47
C ILE D 508 -20.07 1.96 -3.52
N SER D 509 -19.08 2.73 -3.08
CA SER D 509 -18.03 2.22 -2.15
C SER D 509 -18.67 1.85 -0.81
N LEU D 510 -19.57 2.70 -0.31
CA LEU D 510 -20.25 2.43 0.99
C LEU D 510 -21.07 1.16 0.86
N GLY D 511 -21.76 0.98 -0.27
CA GLY D 511 -22.59 -0.21 -0.49
C GLY D 511 -21.76 -1.48 -0.50
N ARG D 512 -20.58 -1.42 -1.10
CA ARG D 512 -19.66 -2.60 -1.14
C ARG D 512 -19.22 -2.95 0.28
N MET D 513 -18.95 -1.96 1.13
CA MET D 513 -18.43 -2.22 2.50
C MET D 513 -19.52 -2.77 3.44
N LEU D 514 -20.80 -2.47 3.20
CA LEU D 514 -21.89 -3.02 4.00
C LEU D 514 -21.74 -4.53 4.20
N LEU D 515 -21.14 -5.24 3.22
CA LEU D 515 -20.97 -6.68 3.35
C LEU D 515 -20.00 -7.03 4.48
N ASP D 516 -18.88 -6.31 4.57
CA ASP D 516 -17.95 -6.54 5.67
C ASP D 516 -18.58 -6.19 7.00
N ILE D 517 -19.39 -5.13 7.03
CA ILE D 517 -20.14 -4.81 8.25
C ILE D 517 -21.00 -5.99 8.67
N LEU D 518 -21.76 -6.55 7.73
CA LEU D 518 -22.62 -7.69 8.03
C LEU D 518 -21.81 -8.89 8.49
N LYS D 519 -20.61 -9.09 7.93
CA LYS D 519 -19.81 -10.23 8.34
C LYS D 519 -19.28 -10.08 9.76
N PHE D 520 -18.90 -8.85 10.16
CA PHE D 520 -18.40 -8.65 11.52
C PHE D 520 -19.52 -8.70 12.55
N LEU D 521 -20.75 -8.37 12.14
CA LEU D 521 -21.87 -8.37 13.07
C LEU D 521 -22.09 -9.73 13.73
N PHE D 522 -21.79 -10.81 13.01
CA PHE D 522 -21.99 -12.15 13.56
C PHE D 522 -21.08 -12.41 14.75
N ILE D 523 -19.79 -12.11 14.59
CA ILE D 523 -18.83 -12.30 15.68
C ILE D 523 -19.20 -11.41 16.87
N TYR D 524 -19.58 -10.15 16.58
CA TYR D 524 -19.97 -9.27 17.68
C TYR D 524 -21.17 -9.83 18.43
N CYS D 525 -22.16 -10.35 17.69
CA CYS D 525 -23.36 -10.89 18.32
C CYS D 525 -23.04 -12.11 19.16
N LEU D 526 -22.14 -12.98 18.69
CA LEU D 526 -21.76 -14.15 19.48
C LEU D 526 -21.10 -13.73 20.79
N VAL D 527 -20.16 -12.78 20.73
CA VAL D 527 -19.49 -12.33 21.95
C VAL D 527 -20.49 -11.71 22.91
N LEU D 528 -21.40 -10.87 22.38
CA LEU D 528 -22.40 -10.22 23.22
C LEU D 528 -23.31 -11.25 23.89
N LEU D 529 -23.74 -12.27 23.14
CA LEU D 529 -24.60 -13.29 23.72
C LEU D 529 -23.89 -14.04 24.84
N ALA D 530 -22.62 -14.40 24.62
CA ALA D 530 -21.87 -15.11 25.66
C ALA D 530 -21.79 -14.28 26.94
N PHE D 531 -21.36 -13.02 26.80
CA PHE D 531 -21.16 -12.20 28.00
C PHE D 531 -22.48 -11.88 28.68
N ALA D 532 -23.55 -11.68 27.90
CA ALA D 532 -24.86 -11.43 28.50
C ALA D 532 -25.37 -12.65 29.26
N ASN D 533 -25.19 -13.84 28.70
CA ASN D 533 -25.55 -15.06 29.41
C ASN D 533 -24.83 -15.14 30.75
N GLY D 534 -23.51 -14.91 30.72
CA GLY D 534 -22.75 -15.00 31.96
C GLY D 534 -23.20 -13.97 33.00
N LEU D 535 -23.36 -12.72 32.57
CA LEU D 535 -23.73 -11.66 33.50
C LEU D 535 -25.12 -11.89 34.08
N ASN D 536 -26.08 -12.33 33.25
CA ASN D 536 -27.42 -12.60 33.76
C ASN D 536 -27.39 -13.77 34.74
N GLN D 537 -26.65 -14.83 34.42
CA GLN D 537 -26.55 -15.96 35.35
C GLN D 537 -25.97 -15.52 36.68
N LEU D 538 -25.01 -14.58 36.66
CA LEU D 538 -24.42 -14.13 37.92
C LEU D 538 -25.37 -13.23 38.70
N TYR D 539 -26.05 -12.31 38.02
CA TYR D 539 -26.74 -11.21 38.69
C TYR D 539 -28.25 -11.41 38.85
N PHE D 540 -28.82 -12.51 38.34
CA PHE D 540 -30.27 -12.65 38.38
C PHE D 540 -30.82 -12.93 39.77
N TYR D 541 -29.96 -13.15 40.77
CA TYR D 541 -30.44 -13.47 42.11
C TYR D 541 -31.03 -12.26 42.84
N TYR D 542 -30.54 -11.06 42.55
CA TYR D 542 -30.88 -9.87 43.32
C TYR D 542 -31.87 -8.96 42.60
N GLU D 543 -32.86 -9.53 41.94
CA GLU D 543 -33.89 -8.72 41.28
C GLU D 543 -34.75 -8.02 42.32
N THR D 544 -35.09 -6.75 42.04
CA THR D 544 -35.90 -5.95 42.94
C THR D 544 -37.11 -5.40 42.18
N ARG D 545 -38.20 -5.19 42.92
CA ARG D 545 -39.42 -4.70 42.32
C ARG D 545 -39.34 -3.19 42.08
N ALA D 546 -40.20 -2.70 41.20
CA ALA D 546 -40.20 -1.28 40.84
C ALA D 546 -40.72 -0.39 41.95
N ILE D 547 -41.46 -0.95 42.91
CA ILE D 547 -42.02 -0.12 43.99
C ILE D 547 -40.91 0.37 44.91
N ASP D 548 -39.89 -0.45 45.16
CA ASP D 548 -38.82 -0.09 46.06
C ASP D 548 -37.88 0.96 45.48
N GLU D 549 -37.97 1.26 44.18
CA GLU D 549 -37.08 2.21 43.57
C GLU D 549 -37.50 3.65 43.89
N PRO D 550 -36.56 4.59 43.89
CA PRO D 550 -36.90 5.96 44.32
C PRO D 550 -37.99 6.61 43.49
N ASN D 551 -38.01 6.39 42.18
CA ASN D 551 -38.98 7.04 41.29
C ASN D 551 -39.92 6.04 40.61
N ASN D 552 -40.05 4.84 41.18
CA ASN D 552 -40.87 3.78 40.61
C ASN D 552 -40.43 3.45 39.18
N CYS D 553 -39.13 3.55 38.92
CA CYS D 553 -38.58 3.30 37.60
C CYS D 553 -37.59 2.14 37.69
N LYS D 554 -37.75 1.17 36.80
CA LYS D 554 -36.89 -0.01 36.75
C LYS D 554 -36.22 -0.10 35.39
N GLY D 555 -34.92 -0.37 35.40
CA GLY D 555 -34.18 -0.51 34.17
C GLY D 555 -33.01 0.46 34.06
N ILE D 556 -32.50 0.65 32.84
CA ILE D 556 -31.36 1.53 32.60
C ILE D 556 -31.77 2.85 31.96
N ARG D 557 -33.04 3.01 31.57
CA ARG D 557 -33.52 4.25 30.97
C ARG D 557 -34.04 5.23 32.01
N CYS D 558 -33.62 5.09 33.27
CA CYS D 558 -33.98 6.01 34.34
C CYS D 558 -32.73 6.68 34.88
N GLU D 559 -32.93 7.74 35.66
CA GLU D 559 -31.80 8.38 36.33
C GLU D 559 -31.15 7.44 37.33
N LYS D 560 -31.95 6.71 38.10
CA LYS D 560 -31.47 5.68 39.02
C LYS D 560 -31.35 4.39 38.22
N GLN D 561 -30.22 4.21 37.55
CA GLN D 561 -29.98 3.02 36.75
C GLN D 561 -29.86 1.81 37.68
N ASN D 562 -30.79 0.87 37.54
CA ASN D 562 -30.87 -0.28 38.42
C ASN D 562 -31.38 -1.49 37.65
N ASN D 563 -31.12 -2.67 38.20
CA ASN D 563 -31.55 -3.94 37.60
C ASN D 563 -31.06 -4.07 36.16
N ALA D 564 -29.81 -3.67 35.94
CA ALA D 564 -29.25 -3.73 34.59
C ALA D 564 -29.07 -5.16 34.10
N PHE D 565 -28.77 -6.09 35.02
CA PHE D 565 -28.53 -7.48 34.66
C PHE D 565 -29.53 -8.42 35.34
N SER D 566 -30.71 -7.93 35.70
CA SER D 566 -31.69 -8.77 36.38
C SER D 566 -32.34 -9.75 35.42
N THR D 567 -32.58 -9.33 34.19
CA THR D 567 -33.19 -10.17 33.16
C THR D 567 -32.28 -10.22 31.93
N LEU D 568 -32.51 -11.24 31.10
CA LEU D 568 -31.68 -11.42 29.92
C LEU D 568 -31.86 -10.27 28.93
N PHE D 569 -33.10 -9.81 28.73
CA PHE D 569 -33.35 -8.70 27.82
C PHE D 569 -32.65 -7.43 28.30
N GLU D 570 -32.75 -7.14 29.59
CA GLU D 570 -32.09 -5.95 30.14
C GLU D 570 -30.57 -6.10 30.06
N THR D 571 -30.05 -7.31 30.25
CA THR D 571 -28.62 -7.54 30.11
C THR D 571 -28.16 -7.26 28.68
N LEU D 572 -28.93 -7.74 27.70
CA LEU D 572 -28.60 -7.47 26.31
C LEU D 572 -28.62 -5.97 26.02
N GLN D 573 -29.65 -5.27 26.51
CA GLN D 573 -29.74 -3.83 26.28
C GLN D 573 -28.58 -3.09 26.93
N SER D 574 -28.22 -3.47 28.16
CA SER D 574 -27.11 -2.80 28.84
C SER D 574 -25.79 -3.06 28.14
N LEU D 575 -25.55 -4.30 27.70
CA LEU D 575 -24.31 -4.61 26.99
C LEU D 575 -24.26 -3.90 25.65
N PHE D 576 -25.40 -3.68 25.00
CA PHE D 576 -25.42 -2.91 23.77
C PHE D 576 -25.09 -1.44 24.05
N TRP D 577 -25.72 -0.86 25.06
CA TRP D 577 -25.51 0.55 25.37
C TRP D 577 -24.14 0.81 25.98
N SER D 578 -23.44 -0.22 26.44
CA SER D 578 -22.11 -0.04 27.01
C SER D 578 -21.07 0.31 25.96
N VAL D 579 -21.35 0.05 24.68
CA VAL D 579 -20.39 0.36 23.63
C VAL D 579 -20.21 1.86 23.49
N PHE D 580 -21.29 2.63 23.65
CA PHE D 580 -21.26 4.07 23.50
C PHE D 580 -21.01 4.81 24.81
N GLY D 581 -20.76 4.09 25.90
CA GLY D 581 -20.46 4.72 27.17
C GLY D 581 -21.64 5.37 27.86
N LEU D 582 -22.85 4.93 27.57
CA LEU D 582 -24.05 5.48 28.18
C LEU D 582 -24.51 4.69 29.41
N LEU D 583 -23.74 3.69 29.83
CA LEU D 583 -24.05 2.91 31.02
C LEU D 583 -23.08 3.29 32.13
N ASN D 584 -23.62 3.56 33.32
CA ASN D 584 -22.81 3.99 34.45
C ASN D 584 -22.08 2.80 35.07
N LEU D 585 -21.24 3.10 36.05
CA LEU D 585 -20.38 2.09 36.67
C LEU D 585 -20.98 1.50 37.94
N TYR D 586 -21.93 2.18 38.59
CA TYR D 586 -22.50 1.68 39.81
C TYR D 586 -23.61 0.64 39.58
N VAL D 587 -23.92 0.33 38.32
CA VAL D 587 -24.91 -0.71 38.04
C VAL D 587 -24.41 -2.08 38.45
N THR D 588 -23.10 -2.25 38.60
CA THR D 588 -22.52 -3.51 39.06
C THR D 588 -22.39 -3.54 40.58
N ASN D 589 -23.50 -3.26 41.27
CA ASN D 589 -23.53 -3.21 42.72
C ASN D 589 -24.84 -3.80 43.21
N VAL D 590 -24.81 -4.32 44.44
CA VAL D 590 -25.97 -4.91 45.07
C VAL D 590 -26.19 -4.24 46.42
N LYS D 591 -27.44 -4.31 46.89
CA LYS D 591 -27.77 -3.72 48.19
C LYS D 591 -27.05 -4.44 49.33
N ALA D 592 -26.84 -5.75 49.20
CA ALA D 592 -26.09 -6.49 50.21
C ALA D 592 -24.59 -6.25 50.05
N ARG D 593 -23.83 -6.65 51.07
CA ARG D 593 -22.39 -6.45 51.08
C ARG D 593 -21.67 -7.71 50.58
N HIS D 594 -21.93 -8.04 49.31
CA HIS D 594 -21.27 -9.17 48.65
C HIS D 594 -20.15 -8.62 47.78
N GLU D 595 -19.03 -8.30 48.44
CA GLU D 595 -17.91 -7.68 47.75
C GLU D 595 -17.30 -8.61 46.71
N PHE D 596 -17.26 -9.91 47.00
CA PHE D 596 -16.74 -10.88 46.04
C PHE D 596 -17.59 -10.91 44.77
N THR D 597 -18.91 -10.96 44.93
CA THR D 597 -19.81 -10.96 43.78
C THR D 597 -19.68 -9.65 42.99
N GLU D 598 -19.60 -8.52 43.69
CA GLU D 598 -19.45 -7.24 43.01
C GLU D 598 -18.15 -7.18 42.22
N PHE D 599 -17.06 -7.68 42.80
CA PHE D 599 -15.77 -7.68 42.11
C PHE D 599 -15.81 -8.60 40.89
N VAL D 600 -16.44 -9.76 41.01
CA VAL D 600 -16.53 -10.68 39.87
C VAL D 600 -17.34 -10.05 38.75
N GLY D 601 -18.46 -9.41 39.09
CA GLY D 601 -19.25 -8.73 38.07
C GLY D 601 -18.50 -7.60 37.41
N ALA D 602 -17.75 -6.82 38.20
CA ALA D 602 -16.96 -5.74 37.63
C ALA D 602 -15.87 -6.28 36.71
N THR D 603 -15.26 -7.41 37.08
CA THR D 603 -14.24 -8.01 36.22
C THR D 603 -14.86 -8.49 34.91
N MET D 604 -16.02 -9.13 34.96
CA MET D 604 -16.70 -9.53 33.72
C MET D 604 -17.02 -8.31 32.85
N PHE D 605 -17.53 -7.24 33.46
CA PHE D 605 -17.87 -6.04 32.70
C PHE D 605 -16.62 -5.44 32.06
N GLY D 606 -15.52 -5.37 32.80
CA GLY D 606 -14.29 -4.82 32.24
C GLY D 606 -13.73 -5.66 31.12
N THR D 607 -13.80 -6.99 31.27
CA THR D 607 -13.33 -7.87 30.20
C THR D 607 -14.17 -7.69 28.94
N TYR D 608 -15.49 -7.62 29.10
CA TYR D 608 -16.36 -7.39 27.95
C TYR D 608 -16.05 -6.05 27.29
N ASN D 609 -15.86 -5.00 28.09
CA ASN D 609 -15.55 -3.69 27.53
C ASN D 609 -14.24 -3.71 26.75
N VAL D 610 -13.21 -4.34 27.32
CA VAL D 610 -11.92 -4.43 26.63
C VAL D 610 -12.07 -5.16 25.31
N ILE D 611 -12.71 -6.33 25.34
CA ILE D 611 -12.82 -7.14 24.13
C ILE D 611 -13.63 -6.40 23.06
N SER D 612 -14.71 -5.73 23.46
CA SER D 612 -15.58 -5.10 22.49
C SER D 612 -14.97 -3.83 21.90
N LEU D 613 -14.32 -3.01 22.73
CA LEU D 613 -13.87 -1.69 22.29
C LEU D 613 -12.42 -1.67 21.82
N VAL D 614 -11.51 -2.25 22.60
CA VAL D 614 -10.06 -2.14 22.26
C VAL D 614 -9.71 -3.11 21.13
N VAL D 615 -10.25 -4.33 21.13
CA VAL D 615 -9.82 -5.34 20.12
C VAL D 615 -10.74 -5.37 18.90
N LEU D 616 -12.03 -5.67 19.09
CA LEU D 616 -12.95 -5.85 17.92
C LEU D 616 -13.14 -4.57 17.11
N LEU D 617 -13.32 -3.42 17.77
CA LEU D 617 -13.58 -2.16 17.03
C LEU D 617 -12.38 -1.78 16.17
N ASN D 618 -11.17 -1.91 16.72
CA ASN D 618 -9.92 -1.60 15.97
C ASN D 618 -9.76 -2.55 14.79
N MET D 619 -10.10 -3.84 14.98
CA MET D 619 -9.99 -4.84 13.91
C MET D 619 -10.93 -4.51 12.75
N LEU D 620 -12.15 -4.04 13.04
CA LEU D 620 -13.09 -3.62 11.97
C LEU D 620 -12.44 -2.53 11.11
N ILE D 621 -11.78 -1.55 11.75
CA ILE D 621 -11.18 -0.44 11.03
C ILE D 621 -10.14 -0.94 10.03
N ALA D 622 -9.29 -1.87 10.47
CA ALA D 622 -8.28 -2.43 9.57
C ALA D 622 -8.92 -3.11 8.38
N MET D 623 -10.01 -3.86 8.61
CA MET D 623 -10.71 -4.50 7.52
C MET D 623 -11.30 -3.48 6.55
N MET D 624 -11.86 -2.39 7.07
CA MET D 624 -12.41 -1.36 6.19
C MET D 624 -11.32 -0.75 5.31
N ASN D 625 -10.15 -0.44 5.89
CA ASN D 625 -9.06 0.09 5.07
C ASN D 625 -8.63 -0.91 4.00
N ASN D 626 -8.44 -2.18 4.39
CA ASN D 626 -7.99 -3.17 3.42
C ASN D 626 -9.00 -3.36 2.30
N SER D 627 -10.30 -3.34 2.64
CA SER D 627 -11.32 -3.51 1.62
C SER D 627 -11.41 -2.28 0.72
N TYR D 628 -11.36 -1.08 1.29
CA TYR D 628 -11.49 0.13 0.48
C TYR D 628 -10.31 0.32 -0.45
N GLN D 629 -9.12 -0.11 -0.03
CA GLN D 629 -7.93 -0.01 -0.92
C GLN D 629 -8.26 -0.72 -2.25
N LEU D 630 -8.76 -1.95 -2.18
CA LEU D 630 -9.10 -2.67 -3.40
C LEU D 630 -10.38 -2.13 -4.06
N ILE D 631 -11.29 -1.57 -3.26
CA ILE D 631 -12.57 -1.11 -3.78
C ILE D 631 -12.37 0.11 -4.67
N ALA D 632 -11.44 1.00 -4.30
CA ALA D 632 -11.29 2.28 -4.98
C ALA D 632 -10.81 2.15 -6.43
N ASP D 633 -10.40 0.95 -6.87
CA ASP D 633 -9.86 0.81 -8.21
C ASP D 633 -10.94 0.93 -9.28
N HIS D 634 -12.06 0.24 -9.09
CA HIS D 634 -13.11 0.14 -10.10
C HIS D 634 -14.32 1.03 -9.78
N ALA D 635 -14.12 2.09 -8.99
CA ALA D 635 -15.24 2.94 -8.60
C ALA D 635 -15.90 3.58 -9.82
N ASP D 636 -15.09 4.03 -10.79
CA ASP D 636 -15.64 4.63 -12.00
C ASP D 636 -16.51 3.65 -12.77
N ILE D 637 -16.04 2.41 -12.92
CA ILE D 637 -16.79 1.41 -13.69
C ILE D 637 -18.10 1.08 -12.99
N GLU D 638 -18.05 0.85 -11.68
CA GLU D 638 -19.28 0.54 -10.94
C GLU D 638 -20.26 1.71 -10.99
N TRP D 639 -19.78 2.94 -10.82
CA TRP D 639 -20.68 4.09 -10.84
C TRP D 639 -21.30 4.26 -12.22
N LYS D 640 -20.51 4.06 -13.28
CA LYS D 640 -21.05 4.21 -14.63
C LYS D 640 -22.08 3.13 -14.93
N PHE D 641 -21.85 1.90 -14.47
CA PHE D 641 -22.85 0.85 -14.65
C PHE D 641 -24.15 1.20 -13.92
N ALA D 642 -24.04 1.67 -12.67
CA ALA D 642 -25.22 2.03 -11.91
C ALA D 642 -25.97 3.18 -12.57
N ARG D 643 -25.25 4.19 -13.05
CA ARG D 643 -25.88 5.33 -13.69
C ARG D 643 -26.52 4.94 -15.01
N THR D 644 -25.90 4.01 -15.75
CA THR D 644 -26.52 3.52 -16.98
C THR D 644 -27.83 2.81 -16.68
N LYS D 645 -27.84 1.97 -15.63
CA LYS D 645 -29.09 1.31 -15.25
C LYS D 645 -30.15 2.34 -14.85
N LEU D 646 -29.77 3.34 -14.07
CA LEU D 646 -30.73 4.35 -13.64
C LEU D 646 -31.26 5.15 -14.84
N TRP D 647 -30.40 5.47 -15.80
CA TRP D 647 -30.83 6.19 -16.99
C TRP D 647 -31.80 5.36 -17.82
N MET D 648 -31.45 4.08 -18.06
CA MET D 648 -32.32 3.22 -18.85
C MET D 648 -33.61 2.90 -18.12
N SER D 649 -33.68 3.11 -16.80
CA SER D 649 -34.93 2.92 -16.08
C SER D 649 -36.00 3.94 -16.46
N TYR D 650 -35.64 5.02 -17.16
CA TYR D 650 -36.58 6.06 -17.53
C TYR D 650 -36.87 6.11 -19.02
N PHE D 651 -36.35 5.16 -19.80
CA PHE D 651 -36.53 5.19 -21.25
C PHE D 651 -37.85 4.58 -21.69
N ASP D 652 -38.49 3.77 -20.85
CA ASP D 652 -39.72 3.09 -21.26
C ASP D 652 -40.88 4.07 -21.33
N GLU D 653 -41.89 3.69 -22.14
CA GLU D 653 -43.06 4.54 -22.31
C GLU D 653 -43.99 4.46 -21.12
N GLY D 654 -44.06 3.31 -20.46
CA GLY D 654 -44.96 3.14 -19.30
C GLY D 654 -44.57 4.01 -18.12
N GLY D 655 -45.54 4.37 -17.26
CA GLY D 655 -45.25 5.17 -16.05
C GLY D 655 -44.66 6.53 -16.33
N THR D 656 -45.10 7.22 -17.38
CA THR D 656 -44.62 8.60 -17.66
C THR D 656 -45.06 9.55 -16.54
N LEU D 657 -46.28 9.43 -16.04
CA LEU D 657 -46.81 10.37 -15.02
C LEU D 657 -46.18 10.15 -13.64
N PRO D 658 -46.03 11.20 -12.81
CA PRO D 658 -45.50 11.09 -11.44
C PRO D 658 -46.51 10.40 -10.52
N PRO D 659 -46.12 9.89 -9.32
CA PRO D 659 -47.05 9.14 -8.43
C PRO D 659 -48.41 9.71 -8.01
N PRO D 660 -48.60 11.02 -7.66
CA PRO D 660 -49.94 11.48 -7.28
C PRO D 660 -50.93 11.33 -8.44
N PHE D 661 -50.50 11.63 -9.66
CA PHE D 661 -51.39 11.56 -10.86
C PHE D 661 -51.39 10.14 -11.44
N ASN D 662 -50.48 9.28 -10.97
CA ASN D 662 -50.37 7.91 -11.54
C ASN D 662 -51.67 7.14 -11.28
N ILE D 663 -52.21 7.25 -10.07
CA ILE D 663 -53.45 6.50 -9.70
C ILE D 663 -54.63 7.00 -10.54
N ILE D 664 -54.73 8.32 -10.76
CA ILE D 664 -55.88 8.90 -11.52
C ILE D 664 -55.67 8.65 -13.02
N SER D 706 -37.43 -8.68 -41.87
CA SER D 706 -36.41 -8.36 -40.87
C SER D 706 -35.15 -9.19 -41.11
N LEU D 707 -34.47 -8.93 -42.23
CA LEU D 707 -33.24 -9.63 -42.56
C LEU D 707 -32.15 -8.65 -42.95
N ILE D 708 -32.56 -7.46 -43.42
CA ILE D 708 -31.60 -6.42 -43.78
C ILE D 708 -30.77 -6.02 -42.56
N GLN D 709 -31.43 -5.93 -41.39
CA GLN D 709 -30.71 -5.65 -40.16
C GLN D 709 -29.69 -6.74 -39.85
N ASN D 710 -30.06 -8.00 -40.08
CA ASN D 710 -29.13 -9.09 -39.84
C ASN D 710 -27.92 -9.01 -40.77
N GLN D 711 -28.15 -8.71 -42.05
CA GLN D 711 -27.05 -8.57 -43.00
C GLN D 711 -26.12 -7.42 -42.60
N HIS D 712 -26.70 -6.28 -42.21
CA HIS D 712 -25.90 -5.15 -41.79
C HIS D 712 -25.06 -5.49 -40.56
N TYR D 713 -25.67 -6.17 -39.58
CA TYR D 713 -24.94 -6.58 -38.39
C TYR D 713 -23.82 -7.54 -38.74
N GLN D 714 -24.06 -8.47 -39.67
CA GLN D 714 -23.02 -9.41 -40.07
C GLN D 714 -21.85 -8.68 -40.73
N GLU D 715 -22.14 -7.71 -41.60
CA GLU D 715 -21.08 -6.96 -42.25
C GLU D 715 -20.26 -6.17 -41.24
N VAL D 716 -20.94 -5.49 -40.30
CA VAL D 716 -20.22 -4.72 -39.29
C VAL D 716 -19.39 -5.63 -38.40
N ILE D 717 -19.91 -6.80 -38.07
CA ILE D 717 -19.17 -7.76 -37.25
C ILE D 717 -17.93 -8.24 -37.98
N ARG D 718 -18.06 -8.49 -39.29
CA ARG D 718 -16.90 -8.91 -40.09
C ARG D 718 -15.82 -7.83 -40.08
N ASN D 719 -16.22 -6.58 -40.28
CA ASN D 719 -15.25 -5.49 -40.26
C ASN D 719 -14.56 -5.37 -38.90
N LEU D 720 -15.35 -5.45 -37.82
CA LEU D 720 -14.78 -5.36 -36.48
C LEU D 720 -13.83 -6.51 -36.20
N VAL D 721 -14.18 -7.72 -36.66
CA VAL D 721 -13.32 -8.88 -36.45
C VAL D 721 -12.01 -8.70 -37.19
N LYS D 722 -12.05 -8.20 -38.43
CA LYS D 722 -10.82 -7.96 -39.17
C LYS D 722 -9.93 -6.95 -38.46
N ARG D 723 -10.52 -5.83 -38.01
CA ARG D 723 -9.74 -4.82 -37.31
C ARG D 723 -9.13 -5.37 -36.01
N TYR D 724 -9.92 -6.13 -35.25
CA TYR D 724 -9.42 -6.70 -34.00
C TYR D 724 -8.30 -7.69 -34.25
N VAL D 725 -8.44 -8.51 -35.29
CA VAL D 725 -7.38 -9.48 -35.62
C VAL D 725 -6.10 -8.76 -35.99
N ALA D 726 -6.20 -7.71 -36.80
CA ALA D 726 -5.01 -6.95 -37.16
C ALA D 726 -4.36 -6.33 -35.92
N ALA D 727 -5.17 -5.74 -35.05
CA ALA D 727 -4.63 -5.09 -33.85
C ALA D 727 -3.95 -6.09 -32.92
N MET D 728 -4.55 -7.27 -32.75
CA MET D 728 -3.96 -8.26 -31.86
C MET D 728 -2.73 -8.92 -32.47
N ILE D 729 -2.71 -9.11 -33.79
CA ILE D 729 -1.48 -9.57 -34.44
C ILE D 729 -0.37 -8.55 -34.21
N ARG D 730 -0.68 -7.26 -34.31
CA ARG D 730 0.34 -6.25 -34.07
C ARG D 730 0.80 -6.25 -32.62
N ASN D 731 -0.13 -6.39 -31.69
CA ASN D 731 0.25 -6.45 -30.27
C ASN D 731 1.12 -7.68 -29.98
N SER D 732 0.90 -8.77 -30.72
CA SER D 732 1.82 -9.90 -30.64
C SER D 732 3.17 -9.54 -31.23
N LYS D 733 3.18 -8.72 -32.29
CA LYS D 733 4.42 -8.26 -32.90
C LYS D 733 5.05 -7.09 -32.16
N THR D 734 4.34 -6.46 -31.22
CA THR D 734 4.90 -5.34 -30.48
C THR D 734 6.10 -5.77 -29.64
N HIS D 735 5.98 -6.92 -28.96
CA HIS D 735 7.11 -7.48 -28.22
C HIS D 735 8.04 -8.19 -29.19
N GLU D 736 9.02 -8.93 -28.65
CA GLU D 736 10.06 -9.62 -29.41
C GLU D 736 10.58 -8.78 -30.56
N GLY D 737 10.81 -7.48 -30.32
CA GLY D 737 11.26 -6.58 -31.36
C GLY D 737 12.62 -6.94 -31.93
N LEU D 738 13.44 -7.68 -31.19
CA LEU D 738 14.73 -8.14 -31.68
C LEU D 738 14.55 -9.43 -32.49
N THR D 739 13.84 -9.29 -33.61
CA THR D 739 13.59 -10.43 -34.48
C THR D 739 14.88 -10.92 -35.12
N GLU D 740 14.90 -12.20 -35.46
CA GLU D 740 16.11 -12.82 -35.99
C GLU D 740 15.79 -13.66 -37.23
N GLU D 741 16.76 -14.48 -37.65
CA GLU D 741 16.65 -15.38 -38.78
C GLU D 741 16.64 -14.62 -40.10
N ASN D 742 16.61 -13.29 -40.05
CA ASN D 742 16.79 -12.50 -41.25
C ASN D 742 18.23 -12.60 -41.74
N PHE D 743 19.18 -12.61 -40.82
CA PHE D 743 20.58 -12.82 -41.19
C PHE D 743 20.79 -14.24 -41.71
N LYS D 744 20.12 -15.22 -41.10
CA LYS D 744 20.26 -16.60 -41.55
C LYS D 744 19.71 -16.78 -42.96
N GLU D 745 18.54 -16.18 -43.25
CA GLU D 745 17.97 -16.30 -44.58
C GLU D 745 18.84 -15.61 -45.63
N LEU D 746 19.36 -14.43 -45.31
CA LEU D 746 20.23 -13.72 -46.25
C LEU D 746 21.55 -14.47 -46.43
N LYS D 747 22.12 -15.00 -45.35
CA LYS D 747 23.36 -15.74 -45.45
C LYS D 747 23.17 -17.00 -46.29
N GLN D 748 22.05 -17.69 -46.12
CA GLN D 748 21.77 -18.87 -46.94
C GLN D 748 21.62 -18.49 -48.41
N ASP D 749 20.98 -17.36 -48.69
CA ASP D 749 20.76 -16.95 -50.07
C ASP D 749 22.08 -16.57 -50.75
N ILE D 750 22.92 -15.77 -50.07
CA ILE D 750 24.17 -15.35 -50.68
C ILE D 750 25.14 -16.51 -50.79
N SER D 751 25.09 -17.47 -49.86
CA SER D 751 25.94 -18.65 -49.97
C SER D 751 25.55 -19.50 -51.16
N SER D 752 24.24 -19.65 -51.40
CA SER D 752 23.78 -20.39 -52.57
C SER D 752 24.17 -19.67 -53.86
N PHE D 753 24.05 -18.34 -53.89
CA PHE D 753 24.47 -17.59 -55.05
C PHE D 753 25.97 -17.71 -55.28
N ARG D 754 26.76 -17.67 -54.20
CA ARG D 754 28.20 -17.87 -54.32
C ARG D 754 28.52 -19.27 -54.81
N TYR D 755 27.80 -20.27 -54.33
CA TYR D 755 28.01 -21.66 -54.72
C TYR D 755 27.65 -21.86 -56.19
C1 PTY E . 13.39 8.75 24.12
C2 PTY E . 18.82 8.56 20.23
C3 PTY E . 18.58 7.62 21.38
O4 PTY E . 12.67 8.88 25.38
C5 PTY E . 13.43 7.39 22.00
C6 PTY E . 12.88 7.51 23.40
O7 PTY E . 11.43 7.56 23.39
C8 PTY E . 10.74 6.40 23.35
O10 PTY E . 11.08 5.45 22.69
C11 PTY E . 9.51 6.41 24.21
C12 PTY E . 9.82 6.44 25.67
C13 PTY E . 9.33 7.71 26.35
C14 PTY E . 9.54 7.71 27.84
C15 PTY E . 9.35 9.06 28.49
C16 PTY E . 7.99 9.67 28.31
C17 PTY E . 7.75 10.93 29.09
C18 PTY E . 6.36 11.50 28.98
C19 PTY E . 6.05 12.61 29.94
C20 PTY E . 6.21 12.23 31.39
C21 PTY E . 5.77 13.29 32.37
C22 PTY E . 5.94 12.92 33.82
C23 PTY E . 5.35 13.89 34.80
C24 PTY E . 3.85 14.01 34.72
C25 PTY E . 3.25 14.91 35.76
C26 PTY E . 3.75 16.33 35.73
C27 PTY E . 3.20 17.21 36.81
C28 PTY E . 3.68 18.64 36.74
C29 PTY E . 3.07 19.53 37.80
C30 PTY E . 12.07 10.05 25.57
C31 PTY E . 12.79 10.89 26.58
O30 PTY E . 11.06 10.37 25.00
C32 PTY E . 12.11 12.20 26.83
C33 PTY E . 12.60 12.86 28.11
C34 PTY E . 11.72 13.99 28.59
C35 PTY E . 11.99 14.42 30.02
C36 PTY E . 10.98 15.40 30.55
C37 PTY E . 11.17 15.73 32.02
P1 PTY E . 15.97 8.02 21.57
O11 PTY E . 17.23 7.07 21.33
O12 PTY E . 16.30 8.92 22.73
O13 PTY E . 15.52 8.61 20.26
O14 PTY E . 14.83 6.99 22.04
N1 PTY E . 20.18 9.10 20.24
P POV F . 5.35 31.79 46.64
C1 POV F . 6.55 29.46 46.65
C2 POV F . 7.35 28.53 45.78
C3 POV F . 6.58 28.01 44.58
C210 POV F . 13.34 21.34 39.04
C310 POV F . 8.65 17.74 35.68
O11 POV F . 6.19 30.65 45.91
C211 POV F . 13.22 20.13 38.17
C311 POV F . 8.65 17.36 34.22
O12 POV F . 5.33 32.99 45.55
C212 POV F . 12.81 20.45 36.77
C312 POV F . 7.30 17.51 33.55
O13 POV F . 3.93 31.31 46.80
C213 POV F . 12.45 19.25 35.92
O14 POV F . 6.13 32.26 47.84
C214 POV F . 12.08 19.57 34.50
C215 POV F . 13.17 20.27 33.72
C216 POV F . 12.77 20.65 32.32
C217 POV F . 12.37 19.48 31.45
C21 POV F . 8.92 27.51 47.29
O21 POV F . 7.80 27.38 46.56
C22 POV F . 10.15 27.18 46.49
O22 POV F . 8.92 27.84 48.44
C23 POV F . 10.13 25.79 45.93
C24 POV F . 11.14 25.60 44.81
C25 POV F . 11.01 24.31 44.05
C26 POV F . 11.91 24.23 42.85
C27 POV F . 11.79 22.94 42.05
C28 POV F . 12.69 22.89 40.85
C29 POV F . 12.64 21.59 40.11
C31 POV F . 6.71 26.27 42.99
O31 POV F . 7.25 26.83 44.07
C32 POV F . 7.51 25.08 42.54
O32 POV F . 5.70 26.66 42.47
C33 POV F . 6.99 24.46 41.29
C34 POV F . 7.80 23.26 40.83
C35 POV F . 7.41 22.73 39.48
C36 POV F . 8.12 21.45 39.09
C37 POV F . 7.79 20.94 37.71
C38 POV F . 8.34 19.57 37.40
C39 POV F . 8.15 19.13 35.97
CAA Y01 G . 4.52 -5.93 33.55
CBA Y01 G . 5.04 -4.53 33.26
CAB Y01 G . 5.70 -4.49 31.88
CAN Y01 G . 6.01 -4.06 34.34
CAJ Y01 G . 7.23 -4.92 34.53
CAO Y01 G . 8.44 -4.13 34.99
CBB Y01 G . 9.76 -4.91 35.01
CAC Y01 G . 9.60 -6.18 35.84
CBE Y01 G . 10.24 -5.18 33.57
CAP Y01 G . 10.02 -3.95 32.64
CAQ Y01 G . 11.06 -4.05 31.51
CBG Y01 G . 11.70 -5.42 31.74
CBI Y01 G . 11.72 -5.55 33.27
CAE Y01 G . 12.67 -4.53 33.93
CAU Y01 G . 12.16 -6.99 33.60
CAS Y01 G . 13.51 -7.32 32.96
CBF Y01 G . 13.51 -7.14 31.44
CBD Y01 G . 13.01 -5.74 31.02
CAK Y01 G . 12.79 -5.70 29.51
CAI Y01 G . 13.83 -6.47 28.75
CAZ Y01 G . 14.83 -7.14 29.30
CAV Y01 G . 15.97 -7.66 28.46
CBH Y01 G . 14.88 -7.49 30.78
CAD Y01 G . 16.04 -6.69 31.42
CAT Y01 G . 15.14 -9.00 30.92
CAR Y01 G . 16.30 -9.51 30.05
CBC Y01 G . 16.09 -9.16 28.60
OAW Y01 G . 17.25 -9.59 27.82
CAY Y01 G . 17.23 -10.80 27.31
OAG Y01 G . 16.25 -11.50 27.27
CAM Y01 G . 18.58 -11.21 26.77
CAL Y01 G . 18.67 -12.58 26.13
CAX Y01 G . 18.15 -12.67 24.70
OAH Y01 G . 18.95 -13.06 23.82
OAF Y01 G . 16.97 -12.36 24.47
ZN ZN H . 36.53 29.66 0.18
CA CA I . 22.20 7.79 31.40
O1 YZY J . -27.24 24.86 19.78
C1 YZY J . -26.20 23.90 19.55
C2 YZY J . -25.71 23.94 18.13
O2 YZY J . -26.80 23.51 17.24
C3 YZY J . -26.98 24.20 16.10
O3 YZY J . -26.65 25.35 15.99
C4 YZY J . -27.64 23.40 15.01
C5 YZY J . -27.98 22.01 15.44
C6 YZY J . -27.99 21.03 14.28
C7 YZY J . -26.62 20.74 13.71
C8 YZY J . -26.56 19.49 12.87
C9 YZY J . -25.16 19.09 12.46
C10 YZY J . -24.55 19.95 11.39
C11 YZY J . -23.06 19.84 11.28
C12 YZY J . -22.53 18.43 11.28
C13 YZY J . -21.03 18.33 11.15
C14 YZY J . -20.47 16.94 11.31
C15 YZY J . -20.63 16.37 12.69
C19 YZY J . -24.49 23.07 17.90
O4 YZY J . -24.21 23.01 16.48
C20 YZY J . -22.96 23.28 16.12
O5 YZY J . -22.19 23.84 16.84
C21 YZY J . -22.67 22.80 14.73
C22 YZY J . -21.27 23.08 14.31
C23 YZY J . -20.92 22.44 12.99
C24 YZY J . -19.58 22.83 12.43
C25 YZY J . -19.31 22.29 11.04
C26 YZY J . -18.09 22.90 10.36
C27 YZY J . -16.78 22.50 10.93
C28 YZY J . -15.61 23.11 10.23
C29 YZY J . -14.66 22.46 9.60
C30 YZY J . -13.38 23.06 9.12
C31 YZY J . -12.17 22.40 9.72
C32 YZY J . -10.88 23.15 9.53
C33 YZY J . -9.68 22.51 10.19
C34 YZY J . -8.44 23.35 10.18
O1 YZY K . -5.44 21.46 35.47
C1 YZY K . -5.62 20.48 34.45
C2 YZY K . -4.46 20.47 33.49
O2 YZY K . -4.40 21.73 32.77
C3 YZY K . -3.21 22.32 32.59
O3 YZY K . -2.29 22.12 33.34
C4 YZY K . -3.16 23.22 31.39
C5 YZY K . -4.46 23.31 30.67
C6 YZY K . -4.28 23.61 29.18
C7 YZY K . -3.68 22.47 28.40
C8 YZY K . -3.89 22.58 26.91
C9 YZY K . -3.46 21.36 26.14
C10 YZY K . -1.98 21.18 26.02
C11 YZY K . -1.54 19.79 25.63
C12 YZY K . -2.31 19.19 24.49
C13 YZY K . -1.85 17.80 24.10
C14 YZY K . -2.71 17.12 23.06
C15 YZY K . -4.10 16.79 23.54
C19 YZY K . -4.50 19.31 32.51
O4 YZY K . -3.47 19.49 31.51
C20 YZY K . -2.69 18.44 31.30
O5 YZY K . -2.60 17.52 32.07
C21 YZY K . -1.94 18.56 30.01
C22 YZY K . -1.04 17.38 29.74
C23 YZY K . -0.44 17.42 28.35
C24 YZY K . 0.59 16.36 28.10
C25 YZY K . 1.30 16.50 26.77
C26 YZY K . 2.52 15.62 26.60
C27 YZY K . 2.22 14.16 26.46
C28 YZY K . 3.46 13.32 26.30
C29 YZY K . 3.75 12.58 25.27
C30 YZY K . 4.83 11.55 25.22
C31 YZY K . 4.32 10.17 24.92
C32 YZY K . 5.32 9.06 25.18
C33 YZY K . 4.78 7.68 24.93
C34 YZY K . 5.69 6.56 25.37
C1 PTY L . -7.44 -19.56 20.01
C2 PTY L . -3.28 -23.49 16.55
C3 PTY L . -4.77 -23.70 16.62
O4 PTY L . -8.43 -19.28 21.02
C5 PTY L . -6.83 -19.04 17.61
C6 PTY L . -7.89 -18.95 18.70
O7 PTY L . -8.27 -17.57 18.94
C8 PTY L . -9.19 -17.00 18.14
O10 PTY L . -9.24 -17.19 16.95
C11 PTY L . -10.14 -16.11 18.88
C12 PTY L . -11.06 -16.86 19.80
C13 PTY L . -10.85 -16.50 21.26
C14 PTY L . -11.82 -17.17 22.20
C15 PTY L . -11.45 -17.10 23.65
C16 PTY L . -11.31 -15.70 24.20
C17 PTY L . -11.11 -15.63 25.70
C18 PTY L . -11.06 -14.23 26.25
C19 PTY L . -11.09 -14.16 27.76
C20 PTY L . -12.32 -14.80 28.37
C21 PTY L . -12.43 -14.60 29.86
C22 PTY L . -13.64 -15.26 30.47
C23 PTY L . -13.85 -14.93 31.93
C24 PTY L . -14.15 -13.47 32.20
C25 PTY L . -14.47 -13.17 33.64
C26 PTY L . -13.37 -13.53 34.61
C27 PTY L . -13.72 -13.27 36.05
C28 PTY L . -12.60 -13.60 37.01
C29 PTY L . -12.92 -13.29 38.45
C30 PTY L . -7.99 -18.67 22.11
C31 PTY L . -7.93 -19.61 23.28
O30 PTY L . -7.66 -17.51 22.14
C32 PTY L . -7.45 -18.95 24.53
C33 PTY L . -7.77 -19.77 25.78
C34 PTY L . -7.63 -18.99 27.07
C35 PTY L . -8.25 -19.66 28.26
C36 PTY L . -8.29 -18.81 29.50
C37 PTY L . -9.04 -19.41 30.65
P1 PTY L . -5.39 -21.26 17.44
O11 PTY L . -5.49 -22.45 16.37
O12 PTY L . -5.52 -21.86 18.80
O13 PTY L . -4.21 -20.38 17.12
O14 PTY L . -6.72 -20.41 17.13
N1 PTY L . -2.54 -24.75 16.75
P POV M . -10.45 -17.29 53.00
C1 POV M . -11.66 -18.61 51.06
C2 POV M . -11.42 -19.16 49.67
C3 POV M . -11.13 -18.10 48.64
C210 POV M . -9.67 -23.26 39.05
C310 POV M . -11.02 -18.03 34.89
O11 POV M . -10.45 -17.95 51.54
C211 POV M . -9.89 -22.95 37.59
C311 POV M . -10.25 -17.60 33.68
O12 POV M . -8.93 -16.84 53.21
C212 POV M . -8.82 -22.10 37.00
C312 POV M . -10.06 -16.10 33.56
O13 POV M . -11.29 -16.04 52.96
C213 POV M . -9.12 -21.59 35.61
O14 POV M . -10.77 -18.37 54.00
C214 POV M . -8.01 -20.77 35.00
C215 POV M . -6.71 -21.50 34.86
C216 POV M . -5.58 -20.66 34.30
C217 POV M . -5.85 -20.09 32.94
C21 POV M . -12.69 -21.20 49.64
O21 POV M . -12.58 -19.92 49.25
C22 POV M . -12.00 -22.14 48.69
O22 POV M . -13.28 -21.54 50.64
C23 POV M . -12.51 -22.04 47.28
C24 POV M . -11.56 -22.67 46.29
C25 POV M . -11.92 -22.41 44.85
C26 POV M . -10.86 -22.88 43.87
C27 POV M . -11.18 -22.61 42.41
C28 POV M . -10.12 -23.09 41.47
C29 POV M . -10.46 -22.92 40.03
C31 POV M . -11.12 -17.86 46.29
O31 POV M . -11.35 -18.66 47.33
C32 POV M . -11.35 -18.56 44.99
O32 POV M . -10.78 -16.71 46.41
C33 POV M . -11.03 -17.71 43.80
C34 POV M . -11.25 -18.43 42.48
C35 POV M . -10.77 -17.68 41.26
C36 POV M . -11.13 -18.33 39.95
C37 POV M . -10.59 -17.61 38.73
C38 POV M . -11.11 -18.14 37.42
C39 POV M . -10.45 -17.55 36.20
CAA Y01 N . -26.17 -15.27 16.33
CBA Y01 N . -24.90 -15.56 17.12
CAB Y01 N . -23.72 -15.74 16.18
CAN Y01 N . -25.08 -16.78 18.03
CAJ Y01 N . -25.43 -18.06 17.32
CAO Y01 N . -24.89 -19.28 18.02
CBB Y01 N . -25.03 -20.60 17.24
CAC Y01 N . -26.49 -20.81 16.84
CBE Y01 N . -24.06 -20.62 16.04
CAP Y01 N . -22.68 -20.02 16.41
CAQ Y01 N . -21.66 -20.67 15.45
CBG Y01 N . -22.52 -21.44 14.47
CBI Y01 N . -23.68 -21.96 15.34
CAE Y01 N . -23.20 -22.98 16.39
CAU Y01 N . -24.72 -22.58 14.41
CAS Y01 N . -24.10 -23.69 13.55
CBF Y01 N . -22.91 -23.19 12.70
CBD Y01 N . -21.85 -22.48 13.57
CAK Y01 N . -20.83 -21.80 12.66
CAI Y01 N . -20.50 -22.60 11.45
CAZ Y01 N . -21.04 -23.76 11.14
CAV Y01 N . -20.47 -24.63 10.03
CBH Y01 N . -22.29 -24.31 11.82
CAD Y01 N . -21.90 -25.54 12.64
CAT Y01 N . -23.30 -24.71 10.72
CAR Y01 N . -22.70 -25.58 9.61
CBC Y01 N . -21.51 -24.90 8.98
OAW Y01 N . -20.92 -25.78 7.99
CAY Y01 N . -21.35 -25.69 6.73
OAG Y01 N . -22.06 -24.82 6.34
CAM Y01 N . -20.85 -26.83 5.88
CAL Y01 N . -21.28 -26.81 4.42
CAX Y01 N . -20.49 -25.89 3.52
OAH Y01 N . -19.89 -26.40 2.54
OAF Y01 N . -20.45 -24.68 3.79
ZN ZN O . 29.62 -32.33 16.90
CA CA P . -10.65 -30.27 22.60
C1 PTY Q . -8.12 27.58 3.29
C2 PTY Q . -5.81 28.17 -2.96
C3 PTY Q . -5.16 28.81 -1.76
O4 PTY Q . -8.65 28.08 4.54
C5 PTY Q . -6.50 25.91 2.33
C6 PTY Q . -6.99 26.63 3.57
O7 PTY Q . -7.44 25.67 4.58
C8 PTY Q . -6.53 25.10 5.38
O10 PTY Q . -5.44 24.76 5.02
C11 PTY Q . -7.02 24.95 6.80
C12 PTY Q . -7.18 26.26 7.51
C13 PTY Q . -8.63 26.55 7.90
C14 PTY Q . -8.81 27.81 8.69
C15 PTY Q . -10.23 28.28 8.81
C16 PTY Q . -11.17 27.30 9.47
C17 PTY Q . -12.55 27.84 9.74
C18 PTY Q . -13.46 26.88 10.46
C19 PTY Q . -14.75 27.51 10.94
C20 PTY Q . -14.56 28.67 11.88
C21 PTY Q . -15.84 29.19 12.48
C22 PTY Q . -15.66 30.38 13.39
C23 PTY Q . -16.90 30.81 14.13
C24 PTY Q . -17.42 29.78 15.10
C25 PTY Q . -18.60 30.24 15.90
C26 PTY Q . -19.80 30.65 15.08
C27 PTY Q . -20.96 31.17 15.89
C28 PTY Q . -22.16 31.55 15.06
C29 PTY Q . -23.34 32.02 15.87
C30 PTY Q . -9.95 27.92 4.73
C31 PTY Q . -10.69 29.22 4.60
O30 PTY Q . -10.45 26.86 4.97
C32 PTY Q . -12.16 29.07 4.83
C33 PTY Q . -12.84 30.40 5.09
C34 PTY Q . -14.23 30.27 5.66
C35 PTY Q . -14.78 31.55 6.24
C36 PTY Q . -16.08 31.38 6.99
C37 PTY Q . -16.55 32.62 7.68
P1 PTY Q . -6.32 27.28 0.07
O11 PTY Q . -5.01 27.85 -0.67
O12 PTY Q . -7.24 28.44 0.30
O13 PTY Q . -6.81 26.05 -0.63
O14 PTY Q . -5.72 26.82 1.50
N1 PTY Q . -5.93 29.10 -4.08
P POV R . -35.64 41.10 16.06
C1 POV R . -33.09 41.72 15.95
C2 POV R . -31.83 41.50 15.12
C3 POV R . -31.39 40.06 15.06
C210 POV R . -22.31 39.77 8.86
C310 POV R . -19.73 33.91 11.17
O11 POV R . -34.20 41.01 15.35
C211 POV R . -21.07 38.94 8.78
C311 POV R . -19.15 32.78 10.36
O12 POV R . -36.61 40.36 15.01
C212 POV R . -21.28 37.64 8.07
C312 POV R . -19.57 31.41 10.82
O13 POV R . -35.61 40.27 17.31
C213 POV R . -20.11 36.68 8.17
O14 POV R . -36.03 42.55 16.12
C214 POV R . -20.31 35.39 7.42
C215 POV R . -20.55 35.56 5.94
C216 POV R . -20.80 34.28 5.20
C217 POV R . -19.68 33.26 5.30
C21 POV R . -30.66 43.59 15.30
O21 POV R . -30.75 42.30 15.67
C22 POV R . -29.87 43.76 14.02
O22 POV R . -31.15 44.49 15.93
C23 POV R . -28.48 43.21 14.12
C24 POV R . -27.85 43.03 12.75
C25 POV R . -26.54 42.27 12.77
C26 POV R . -26.03 41.93 11.39
C27 POV R . -24.72 41.15 11.38
C28 POV R . -24.24 40.84 10.00
C29 POV R . -22.91 40.15 9.96
C31 POV R . -29.46 38.82 14.50
O31 POV R . -30.02 40.02 14.63
C32 POV R . -28.04 38.91 14.02
O32 POV R . -30.05 37.80 14.75
C33 POV R . -27.42 37.57 13.80
C34 POV R . -25.99 37.66 13.31
C35 POV R . -25.38 36.35 12.89
C36 POV R . -23.91 36.42 12.54
C37 POV R . -23.32 35.12 12.05
C38 POV R . -21.82 35.14 11.90
C39 POV R . -21.23 33.90 11.26
CAA Y01 S . 1.82 27.83 20.14
CBA Y01 S . 0.69 28.06 19.14
CAB Y01 S . 1.03 27.45 17.80
CAN Y01 S . 0.34 29.54 19.02
CAJ Y01 S . 1.48 30.42 18.55
CAO Y01 S . 1.01 31.60 17.74
CBB Y01 S . 2.12 32.43 17.07
CAC Y01 S . 3.15 32.85 18.11
CBE Y01 S . 2.73 31.63 15.90
CAP Y01 S . 1.64 30.87 15.07
CAQ Y01 S . 2.21 30.69 13.65
CBG Y01 S . 3.65 31.18 13.78
CBI Y01 S . 3.55 32.35 14.79
CAE Y01 S . 2.76 33.53 14.22
CAU Y01 S . 4.99 32.76 15.14
CAS Y01 S . 5.78 33.13 13.88
CBF Y01 S . 5.84 32.00 12.85
CBD Y01 S . 4.44 31.46 12.51
CAK Y01 S . 4.57 30.18 11.67
CAI Y01 S . 5.70 30.22 10.70
CAZ Y01 S . 6.54 31.24 10.56
CAV Y01 S . 7.49 31.31 9.39
CBH Y01 S . 6.65 32.37 11.58
CAD Y01 S . 6.15 33.67 10.93
CAT Y01 S . 8.14 32.53 11.96
CAR Y01 S . 9.09 32.59 10.75
CBC Y01 S . 8.92 31.38 9.87
OAW Y01 S . 9.77 31.52 8.69
CAY Y01 S . 11.00 31.03 8.75
OAG Y01 S . 11.38 30.31 9.63
CAM Y01 S . 11.84 31.46 7.59
CAL Y01 S . 13.27 30.94 7.55
CAX Y01 S . 13.43 29.52 7.03
OAH Y01 S . 14.15 29.34 6.04
OAF Y01 S . 12.82 28.60 7.62
ZN ZN T . -17.68 26.13 -34.83
CA CA U . -5.80 38.75 2.02
O1 YZY V . -34.28 -0.97 23.99
C1 YZY V . -33.05 -0.54 23.41
C2 YZY V . -32.72 -1.30 22.15
O2 YZY V . -32.50 -2.70 22.47
C3 YZY V . -33.03 -3.62 21.66
O3 YZY V . -34.01 -3.40 21.00
C4 YZY V . -32.29 -4.93 21.68
C5 YZY V . -31.14 -4.94 22.63
C6 YZY V . -30.04 -5.89 22.20
C7 YZY V . -29.29 -5.46 20.96
C8 YZY V . -27.96 -6.14 20.77
C9 YZY V . -27.13 -5.57 19.66
C10 YZY V . -27.61 -5.91 18.28
C11 YZY V . -27.06 -5.03 17.19
C12 YZY V . -25.57 -4.80 17.27
C13 YZY V . -25.03 -3.92 16.16
C14 YZY V . -23.59 -3.55 16.31
C15 YZY V . -23.29 -2.64 17.48
C19 YZY V . -31.53 -0.73 21.42
O4 YZY V . -31.17 -1.62 20.34
C20 YZY V . -31.02 -1.06 19.15
O5 YZY V . -31.44 0.04 18.88
C21 YZY V . -30.27 -1.94 18.20
C22 YZY V . -30.07 -1.33 16.85
C23 YZY V . -29.16 -2.15 15.97
C24 YZY V . -29.07 -1.66 14.54
C25 YZY V . -28.28 -2.58 13.64
C26 YZY V . -28.41 -2.26 12.16
C27 YZY V . -27.74 -0.99 11.73
C28 YZY V . -27.88 -0.72 10.27
C29 YZY V . -26.90 -0.63 9.40
C30 YZY V . -27.03 -0.09 8.00
C31 YZY V . -26.14 1.09 7.75
C32 YZY V . -26.47 1.85 6.48
C33 YZY V . -25.62 3.08 6.26
C34 YZY V . -26.06 3.94 5.12
O1 YZY W . -12.47 -4.35 39.71
C1 YZY W . -12.44 -3.94 38.34
C2 YZY W . -11.45 -4.74 37.54
O2 YZY W . -10.10 -4.46 38.02
C3 YZY W . -9.25 -5.49 38.17
O3 YZY W . -9.64 -6.61 38.37
C4 YZY W . -7.80 -5.09 38.08
C5 YZY W . -7.61 -3.63 37.88
C6 YZY W . -6.33 -3.30 37.13
C7 YZY W . -6.34 -3.72 35.67
C8 YZY W . -5.29 -3.05 34.83
C9 YZY W . -5.43 -3.30 33.35
C10 YZY W . -5.03 -4.68 32.92
C11 YZY W . -5.55 -5.08 31.56
C12 YZY W . -5.36 -4.03 30.48
C13 YZY W . -5.87 -4.45 29.13
C14 YZY W . -5.83 -3.36 28.09
C15 YZY W . -6.77 -2.21 28.35
C19 YZY W . -11.52 -4.47 36.06
O4 YZY W . -10.42 -5.13 35.39
C20 YZY W . -10.73 -5.88 34.34
O5 YZY W . -11.84 -6.27 34.14
C21 YZY W . -9.53 -6.17 33.49
C22 YZY W . -9.85 -7.01 32.31
C23 YZY W . -8.69 -7.14 31.35
C24 YZY W . -8.90 -8.13 30.22
C25 YZY W . -7.69 -8.36 29.38
C26 YZY W . -7.79 -9.54 28.42
C27 YZY W . -8.73 -9.33 27.28
C28 YZY W . -8.82 -10.50 26.36
C29 YZY W . -8.50 -10.51 25.09
C30 YZY W . -8.83 -11.61 24.12
C31 YZY W . -9.65 -11.13 22.96
C32 YZY W . -10.28 -12.24 22.14
C33 YZY W . -11.16 -11.76 21.02
C34 YZY W . -11.94 -12.84 20.33
C1 PTY X . -28.94 -0.72 -0.83
C2 PTY X . -27.89 -3.88 -6.64
C3 PTY X . -28.49 -2.50 -6.52
O4 PTY X . -29.74 -0.08 0.17
C5 PTY X . -26.75 -0.51 -2.06
C6 PTY X . -27.75 0.16 -1.14
O7 PTY X . -27.13 0.55 0.11
C8 PTY X . -26.45 1.71 0.17
O10 PTY X . -25.76 2.12 -0.73
C11 PTY X . -26.66 2.45 1.46
C12 PTY X . -28.06 2.98 1.62
C13 PTY X . -28.79 2.35 2.80
C14 PTY X . -30.16 2.92 3.03
C15 PTY X . -31.03 2.12 3.96
C16 PTY X . -30.46 1.93 5.35
C17 PTY X . -31.42 1.27 6.32
C18 PTY X . -30.87 1.15 7.72
C19 PTY X . -31.89 0.72 8.74
C20 PTY X . -33.09 1.64 8.84
C21 PTY X . -34.04 1.29 9.96
C22 PTY X . -35.25 2.19 10.04
C23 PTY X . -36.12 1.97 11.25
C24 PTY X . -35.45 2.28 12.56
C25 PTY X . -36.34 2.16 13.76
C26 PTY X . -36.94 0.79 13.94
C27 PTY X . -37.89 0.68 15.11
C28 PTY X . -38.46 -0.71 15.31
C29 PTY X . -39.36 -0.83 16.51
C30 PTY X . -29.99 -0.79 1.27
C31 PTY X . -31.41 -1.29 1.29
O30 PTY X . -29.16 -1.02 2.11
C32 PTY X . -31.72 -2.08 2.52
C33 PTY X . -33.22 -2.23 2.75
C34 PTY X . -33.58 -2.71 4.14
C35 PTY X . -35.03 -2.54 4.49
C36 PTY X . -35.36 -2.84 5.93
C37 PTY X . -36.77 -2.52 6.32
P1 PTY X . -27.65 -1.99 -4.07
O11 PTY X . -27.71 -1.65 -5.63
O12 PTY X . -29.04 -2.33 -3.62
O13 PTY X . -26.52 -2.94 -3.78
O14 PTY X . -27.27 -0.56 -3.42
N1 PTY X . -28.64 -4.73 -7.56
P POV Y . -51.48 -8.03 22.43
C1 POV Y . -51.33 -6.38 20.38
C2 POV Y . -50.65 -6.22 19.04
C3 POV Y . -49.14 -6.08 19.13
C210 POV Y . -45.36 -4.85 8.89
C310 POV Y . -39.41 -1.87 10.38
O11 POV Y . -50.89 -7.61 21.00
C211 POV Y . -44.20 -4.16 8.22
C311 POV Y . -38.06 -2.19 9.81
O12 POV Y . -50.90 -9.50 22.66
C212 POV Y . -42.92 -4.93 8.32
C312 POV Y . -36.95 -2.22 10.84
O13 POV Y . -50.87 -7.12 23.46
C213 POV Y . -41.70 -4.17 7.86
O14 POV Y . -52.98 -8.11 22.30
C214 POV Y . -40.42 -4.97 7.93
C215 POV Y . -40.42 -6.22 7.10
C216 POV Y . -39.16 -7.04 7.19
C217 POV Y . -37.91 -6.31 6.79
C21 POV Y . -52.31 -5.15 17.67
O21 POV Y . -51.17 -5.03 18.36
C22 POV Y . -52.06 -5.58 16.25
O22 POV Y . -53.40 -4.92 18.14
C23 POV Y . -51.16 -4.65 15.50
C24 POV Y . -50.60 -5.28 14.24
C25 POV Y . -49.51 -4.47 13.57
C26 POV Y . -48.83 -5.20 12.44
C27 POV Y . -47.72 -4.42 11.75
C28 POV Y . -47.08 -5.17 10.63
C29 POV Y . -46.05 -4.38 9.89
C31 POV Y . -47.34 -5.34 17.81
O31 POV Y . -48.65 -5.51 17.90
C32 POV Y . -46.94 -4.77 16.48
O32 POV Y . -46.57 -5.61 18.70
C33 POV Y . -45.46 -4.63 16.32
C34 POV Y . -45.07 -4.06 14.96
C35 POV Y . -43.58 -4.08 14.68
C36 POV Y . -43.19 -3.37 13.40
C37 POV Y . -41.71 -3.45 13.09
C38 POV Y . -41.28 -2.59 11.93
C39 POV Y . -39.86 -2.79 11.49
CAA Y01 Z . -28.88 18.49 2.88
CBA Y01 Z . -29.27 17.02 2.97
CAB Y01 Z . -28.39 16.18 2.06
CAN Y01 Z . -30.75 16.81 2.66
CAJ Y01 Z . -31.19 17.27 1.29
CAO Y01 Z . -32.32 16.44 0.73
CBB Y01 Z . -32.68 16.72 -0.73
CAC Y01 Z . -32.95 18.21 -0.92
CBE Y01 Z . -31.58 16.17 -1.66
CAP Y01 Z . -31.04 14.79 -1.19
CAQ Y01 Z . -30.50 14.07 -2.44
CBG Y01 Z . -30.57 15.14 -3.52
CBI Y01 Z . -31.86 15.93 -3.17
CAE Y01 Z . -33.12 15.07 -3.34
CAU Y01 Z . -31.89 17.16 -4.08
CAS Y01 Z . -31.83 16.76 -5.57
CBF Y01 Z . -30.59 15.94 -5.90
CBD Y01 Z . -30.42 14.72 -4.97
CAK Y01 Z . -29.05 14.08 -5.20
CAI Y01 Z . -28.62 14.08 -6.63
CAZ Y01 Z . -29.32 14.61 -7.63
CAV Y01 Z . -28.94 14.35 -9.06
CBH Y01 Z . -30.51 15.54 -7.41
CAD Y01 Z . -31.79 14.82 -7.87
CAT Y01 Z . -30.29 16.81 -8.26
CAR Y01 Z . -29.90 16.52 -9.71
CBC Y01 Z . -28.68 15.65 -9.78
OAW Y01 Z . -28.39 15.32 -11.18
CAY Y01 Z . -27.58 16.14 -11.85
OAG Y01 Z . -26.92 17.00 -11.33
CAM Y01 Z . -27.58 15.85 -13.32
CAL Y01 Z . -26.67 16.71 -14.19
CAX Y01 Z . -25.20 16.31 -14.18
OAH Y01 Z . -24.68 16.02 -15.27
OAF Y01 Z . -24.59 16.28 -13.09
ZN ZN AA . -24.54 -35.80 -18.03
CA CA BA . -38.66 0.69 -6.77
#